data_1Y9J
#
_entry.id   1Y9J
#
_entity_poly.entity_id   1
_entity_poly.type   'polypeptide(L)'
_entity_poly.pdbx_seq_one_letter_code
;GSPGISGGGGGILVGSKMAASIRERQTVALKRMLNFNVPHVKNSPGEPVWKVLIYDRFGQDIISPLLSVKELRDMGITLH
LLLHSDRDPIRDVPAVYFVMPTEENIDRLCQDLRNQLYESYYLNFISAISRSKLEDIANAALAANAVTQVAKVFDQYLN
;
_entity_poly.pdbx_strand_id   A
#
# COMPACT_ATOMS: atom_id res chain seq x y z
N ALA A 20 21.37 9.87 -2.85
CA ALA A 20 21.04 10.44 -4.18
C ALA A 20 19.69 11.16 -4.14
N SER A 21 19.57 12.22 -4.94
CA SER A 21 18.33 12.99 -5.00
C SER A 21 17.19 12.10 -5.47
N ILE A 22 17.53 11.12 -6.32
CA ILE A 22 16.55 10.18 -6.84
C ILE A 22 16.06 9.24 -5.76
N ARG A 23 16.99 8.48 -5.17
CA ARG A 23 16.65 7.54 -4.10
C ARG A 23 15.82 8.22 -3.03
N GLU A 24 16.02 9.53 -2.87
CA GLU A 24 15.28 10.30 -1.89
C GLU A 24 13.80 10.31 -2.22
N ARG A 25 13.47 10.67 -3.46
CA ARG A 25 12.08 10.70 -3.92
C ARG A 25 11.38 9.39 -3.59
N GLN A 26 12.13 8.29 -3.66
CA GLN A 26 11.59 6.97 -3.37
C GLN A 26 11.03 6.93 -1.95
N THR A 27 11.83 7.39 -0.99
CA THR A 27 11.43 7.42 0.40
C THR A 27 10.33 8.44 0.64
N VAL A 28 10.32 9.50 -0.18
CA VAL A 28 9.31 10.55 -0.04
C VAL A 28 7.91 9.93 -0.01
N ALA A 29 7.58 9.17 -1.06
CA ALA A 29 6.28 8.52 -1.13
C ALA A 29 6.11 7.54 0.03
N LEU A 30 7.17 6.78 0.28
CA LEU A 30 7.17 5.79 1.35
C LEU A 30 6.87 6.42 2.71
N LYS A 31 7.79 7.27 3.18
CA LYS A 31 7.63 7.94 4.46
C LYS A 31 6.22 8.53 4.60
N ARG A 32 5.62 8.89 3.47
CA ARG A 32 4.28 9.47 3.47
C ARG A 32 3.23 8.38 3.69
N MET A 33 3.26 7.33 2.87
CA MET A 33 2.31 6.24 2.99
C MET A 33 2.47 5.51 4.31
N LEU A 34 3.71 5.29 4.71
CA LEU A 34 4.02 4.59 5.95
C LEU A 34 3.54 5.37 7.17
N ASN A 35 3.23 6.66 6.98
CA ASN A 35 2.76 7.50 8.07
C ASN A 35 1.40 8.12 7.76
N PHE A 36 0.93 7.94 6.53
CA PHE A 36 -0.35 8.50 6.12
C PHE A 36 -1.49 8.09 7.04
N ASN A 37 -1.83 8.97 7.97
CA ASN A 37 -2.93 8.71 8.89
C ASN A 37 -4.25 9.10 8.23
N VAL A 38 -4.90 8.13 7.61
CA VAL A 38 -6.17 8.40 6.94
C VAL A 38 -7.36 8.15 7.87
N PRO A 39 -8.51 8.78 7.57
CA PRO A 39 -9.72 8.64 8.39
C PRO A 39 -9.98 7.22 8.85
N HIS A 40 -9.53 6.89 10.05
CA HIS A 40 -9.72 5.57 10.62
C HIS A 40 -10.49 5.64 11.94
N VAL A 41 -11.22 4.58 12.26
CA VAL A 41 -11.99 4.53 13.50
C VAL A 41 -11.11 4.18 14.68
N LYS A 42 -11.34 4.83 15.82
CA LYS A 42 -10.56 4.59 17.02
C LYS A 42 -11.36 3.76 18.03
N ASN A 43 -10.85 2.58 18.34
CA ASN A 43 -11.52 1.69 19.29
C ASN A 43 -10.90 1.82 20.68
N SER A 44 -9.58 1.94 20.73
CA SER A 44 -8.87 2.08 21.99
C SER A 44 -8.25 3.47 22.13
N PRO A 45 -8.98 4.41 22.76
CA PRO A 45 -8.51 5.78 22.95
C PRO A 45 -7.11 5.83 23.56
N GLY A 46 -6.21 6.57 22.91
CA GLY A 46 -4.85 6.69 23.41
C GLY A 46 -3.90 5.70 22.74
N GLU A 47 -4.23 5.31 21.51
CA GLU A 47 -3.39 4.37 20.76
C GLU A 47 -2.97 4.98 19.43
N PRO A 48 -1.71 4.76 19.02
CA PRO A 48 -1.18 5.29 17.75
C PRO A 48 -2.06 4.87 16.56
N VAL A 49 -1.60 5.22 15.36
CA VAL A 49 -2.33 4.89 14.14
C VAL A 49 -1.71 3.70 13.43
N TRP A 50 -2.29 2.52 13.65
CA TRP A 50 -1.79 1.29 13.02
C TRP A 50 -2.17 1.25 11.55
N LYS A 51 -1.17 1.18 10.68
CA LYS A 51 -1.40 1.13 9.24
C LYS A 51 -0.74 -0.11 8.63
N VAL A 52 -1.46 -0.76 7.72
CA VAL A 52 -0.95 -1.95 7.07
C VAL A 52 -0.28 -1.59 5.74
N LEU A 53 0.55 -2.50 5.23
CA LEU A 53 1.24 -2.26 3.96
C LEU A 53 1.34 -3.56 3.15
N ILE A 54 1.18 -3.43 1.84
CA ILE A 54 1.26 -4.57 0.93
C ILE A 54 2.20 -4.23 -0.21
N TYR A 55 3.39 -4.84 -0.18
CA TYR A 55 4.37 -4.57 -1.21
C TYR A 55 4.60 -5.78 -2.11
N ASP A 56 5.17 -5.51 -3.27
CA ASP A 56 5.47 -6.53 -4.26
C ASP A 56 6.97 -6.69 -4.43
N ARG A 57 7.39 -7.44 -5.44
CA ARG A 57 8.81 -7.66 -5.71
C ARG A 57 9.54 -6.32 -5.76
N PHE A 58 8.93 -5.33 -6.39
CA PHE A 58 9.52 -4.00 -6.50
C PHE A 58 9.30 -3.24 -5.21
N GLY A 59 8.10 -3.38 -4.65
CA GLY A 59 7.78 -2.71 -3.39
C GLY A 59 8.81 -3.00 -2.32
N GLN A 60 9.20 -4.28 -2.24
CA GLN A 60 10.22 -4.69 -1.28
C GLN A 60 11.59 -4.21 -1.74
N ASP A 61 11.74 -4.06 -3.05
CA ASP A 61 12.98 -3.60 -3.64
C ASP A 61 13.24 -2.14 -3.31
N ILE A 62 12.23 -1.48 -2.75
CA ILE A 62 12.33 -0.06 -2.40
C ILE A 62 12.13 0.16 -0.91
N ILE A 63 11.14 -0.52 -0.35
CA ILE A 63 10.83 -0.38 1.07
C ILE A 63 11.99 -0.87 1.94
N SER A 64 12.53 -2.03 1.59
CA SER A 64 13.64 -2.61 2.35
C SER A 64 14.86 -1.69 2.37
N PRO A 65 15.42 -1.34 1.19
CA PRO A 65 16.59 -0.47 1.11
C PRO A 65 16.46 0.79 1.98
N LEU A 66 15.23 1.19 2.24
CA LEU A 66 14.97 2.37 3.06
C LEU A 66 14.11 2.03 4.27
N LEU A 67 14.05 0.74 4.61
CA LEU A 67 13.24 0.28 5.73
C LEU A 67 13.52 -1.19 6.05
N SER A 68 13.25 -1.59 7.29
CA SER A 68 13.47 -2.98 7.71
C SER A 68 12.24 -3.55 8.41
N VAL A 69 12.34 -4.81 8.82
CA VAL A 69 11.25 -5.48 9.51
C VAL A 69 10.97 -4.84 10.86
N LYS A 70 12.02 -4.66 11.64
CA LYS A 70 11.88 -4.06 12.97
C LYS A 70 11.48 -2.59 12.88
N GLU A 71 11.93 -1.92 11.84
CA GLU A 71 11.58 -0.51 11.65
C GLU A 71 10.14 -0.42 11.16
N LEU A 72 9.72 -1.44 10.42
CA LEU A 72 8.37 -1.51 9.90
C LEU A 72 7.36 -1.46 11.04
N ARG A 73 7.55 -2.33 12.02
CA ARG A 73 6.66 -2.39 13.17
C ARG A 73 6.94 -1.24 14.14
N ASP A 74 8.17 -0.72 14.08
CA ASP A 74 8.58 0.36 14.95
C ASP A 74 7.97 1.69 14.52
N MET A 75 7.46 1.74 13.29
CA MET A 75 6.85 2.96 12.77
C MET A 75 5.35 2.97 13.03
N GLY A 76 4.78 1.80 13.27
CA GLY A 76 3.36 1.70 13.53
C GLY A 76 2.64 0.88 12.49
N ILE A 77 3.29 -0.17 11.99
CA ILE A 77 2.68 -1.02 10.99
C ILE A 77 1.97 -2.21 11.63
N THR A 78 0.70 -2.39 11.27
CA THR A 78 -0.10 -3.48 11.81
C THR A 78 0.20 -4.79 11.10
N LEU A 79 0.67 -4.71 9.86
CA LEU A 79 0.99 -5.92 9.09
C LEU A 79 1.57 -5.56 7.73
N HIS A 80 2.62 -6.28 7.35
CA HIS A 80 3.29 -6.07 6.08
C HIS A 80 3.56 -7.41 5.40
N LEU A 81 2.86 -7.66 4.29
CA LEU A 81 3.03 -8.93 3.58
C LEU A 81 3.03 -8.74 2.06
N LEU A 82 3.40 -9.81 1.37
CA LEU A 82 3.47 -9.83 -0.09
C LEU A 82 2.13 -10.15 -0.72
N LEU A 83 1.71 -9.35 -1.70
CA LEU A 83 0.45 -9.59 -2.38
C LEU A 83 0.38 -11.04 -2.87
N HIS A 84 1.54 -11.64 -3.07
CA HIS A 84 1.65 -13.01 -3.54
C HIS A 84 1.77 -13.97 -2.36
N SER A 85 1.05 -13.68 -1.30
CA SER A 85 1.08 -14.51 -0.10
C SER A 85 -0.29 -14.55 0.58
N ASP A 86 -0.38 -15.25 1.71
CA ASP A 86 -1.62 -15.37 2.44
C ASP A 86 -1.86 -14.11 3.29
N ARG A 87 -2.76 -13.25 2.83
CA ARG A 87 -3.08 -12.03 3.55
C ARG A 87 -4.02 -12.29 4.71
N ASP A 88 -3.76 -11.65 5.84
CA ASP A 88 -4.60 -11.80 7.02
C ASP A 88 -5.76 -10.81 6.98
N PRO A 89 -6.89 -11.15 7.63
CA PRO A 89 -8.05 -10.27 7.65
C PRO A 89 -7.97 -9.21 8.74
N ILE A 90 -7.80 -7.96 8.33
CA ILE A 90 -7.72 -6.84 9.26
C ILE A 90 -8.56 -5.67 8.78
N ARG A 91 -9.85 -5.94 8.56
CA ARG A 91 -10.77 -4.92 8.08
C ARG A 91 -10.93 -3.78 9.09
N ASP A 92 -10.52 -4.03 10.33
CA ASP A 92 -10.62 -3.02 11.39
C ASP A 92 -9.37 -2.13 11.43
N VAL A 93 -8.52 -2.22 10.42
CA VAL A 93 -7.30 -1.43 10.37
C VAL A 93 -6.99 -0.99 8.94
N PRO A 94 -6.60 0.29 8.74
CA PRO A 94 -6.26 0.82 7.41
C PRO A 94 -5.08 0.08 6.79
N ALA A 95 -5.12 -0.14 5.48
CA ALA A 95 -4.05 -0.84 4.80
C ALA A 95 -3.43 0.01 3.68
N VAL A 96 -2.20 -0.36 3.32
CA VAL A 96 -1.46 0.31 2.26
C VAL A 96 -0.98 -0.71 1.24
N TYR A 97 -1.07 -0.37 -0.04
CA TYR A 97 -0.63 -1.30 -1.08
C TYR A 97 0.40 -0.65 -2.00
N PHE A 98 1.65 -0.59 -1.53
CA PHE A 98 2.75 -0.02 -2.30
C PHE A 98 3.34 -1.08 -3.22
N VAL A 99 2.78 -1.20 -4.42
CA VAL A 99 3.24 -2.21 -5.37
C VAL A 99 3.22 -1.68 -6.80
N MET A 100 3.71 -2.50 -7.74
CA MET A 100 3.75 -2.13 -9.15
C MET A 100 2.41 -2.38 -9.81
N PRO A 101 1.93 -1.43 -10.63
CA PRO A 101 0.65 -1.56 -11.33
C PRO A 101 0.73 -2.52 -12.52
N THR A 102 1.31 -3.70 -12.30
CA THR A 102 1.44 -4.69 -13.36
C THR A 102 0.16 -5.51 -13.48
N GLU A 103 -0.04 -6.09 -14.66
CA GLU A 103 -1.23 -6.91 -14.93
C GLU A 103 -1.59 -7.79 -13.74
N GLU A 104 -0.59 -8.50 -13.22
CA GLU A 104 -0.80 -9.38 -12.08
C GLU A 104 -1.21 -8.60 -10.84
N ASN A 105 -0.52 -7.49 -10.58
CA ASN A 105 -0.83 -6.66 -9.42
C ASN A 105 -2.27 -6.16 -9.49
N ILE A 106 -2.63 -5.60 -10.64
CA ILE A 106 -3.98 -5.09 -10.85
C ILE A 106 -5.02 -6.13 -10.44
N ASP A 107 -4.68 -7.41 -10.64
CA ASP A 107 -5.57 -8.49 -10.29
C ASP A 107 -5.61 -8.68 -8.77
N ARG A 108 -4.47 -8.42 -8.12
CA ARG A 108 -4.38 -8.55 -6.67
C ARG A 108 -5.17 -7.42 -6.00
N LEU A 109 -5.26 -6.29 -6.67
CA LEU A 109 -5.98 -5.14 -6.14
C LEU A 109 -7.46 -5.47 -6.02
N CYS A 110 -8.02 -6.02 -7.10
CA CYS A 110 -9.43 -6.41 -7.12
C CYS A 110 -9.66 -7.65 -6.27
N GLN A 111 -8.58 -8.39 -6.01
CA GLN A 111 -8.65 -9.59 -5.20
C GLN A 111 -8.73 -9.23 -3.72
N ASP A 112 -7.92 -8.25 -3.31
CA ASP A 112 -7.91 -7.81 -1.92
C ASP A 112 -9.04 -6.83 -1.65
N LEU A 113 -9.44 -6.09 -2.68
CA LEU A 113 -10.51 -5.11 -2.56
C LEU A 113 -11.85 -5.79 -2.34
N ARG A 114 -12.02 -6.97 -2.93
CA ARG A 114 -13.27 -7.72 -2.80
C ARG A 114 -13.28 -8.52 -1.49
N ASN A 115 -12.11 -8.95 -1.06
CA ASN A 115 -11.98 -9.72 0.18
C ASN A 115 -12.20 -8.83 1.39
N GLN A 116 -11.96 -7.53 1.24
CA GLN A 116 -12.12 -6.58 2.33
C GLN A 116 -11.19 -6.93 3.48
N LEU A 117 -10.00 -7.44 3.14
CA LEU A 117 -9.01 -7.83 4.14
C LEU A 117 -8.64 -6.66 5.04
N TYR A 118 -8.72 -5.45 4.50
CA TYR A 118 -8.37 -4.26 5.28
C TYR A 118 -9.37 -3.13 5.02
N GLU A 119 -9.58 -2.30 6.04
CA GLU A 119 -10.51 -1.18 5.95
C GLU A 119 -10.15 -0.22 4.83
N SER A 120 -8.88 0.17 4.79
CA SER A 120 -8.40 1.10 3.77
C SER A 120 -7.47 0.40 2.79
N TYR A 121 -7.06 1.12 1.75
CA TYR A 121 -6.17 0.56 0.74
C TYR A 121 -5.33 1.64 0.08
N TYR A 122 -4.44 2.26 0.86
CA TYR A 122 -3.57 3.30 0.33
C TYR A 122 -2.61 2.70 -0.70
N LEU A 123 -3.00 2.76 -1.97
CA LEU A 123 -2.21 2.19 -3.06
C LEU A 123 -1.02 3.07 -3.42
N ASN A 124 0.03 2.43 -3.91
CA ASN A 124 1.25 3.13 -4.33
C ASN A 124 1.91 2.36 -5.46
N PHE A 125 1.87 2.94 -6.66
CA PHE A 125 2.45 2.31 -7.84
C PHE A 125 3.93 2.65 -8.01
N ILE A 126 4.70 1.65 -8.38
CA ILE A 126 6.14 1.82 -8.61
C ILE A 126 6.42 2.36 -10.00
N SER A 127 5.61 1.94 -10.97
CA SER A 127 5.76 2.38 -12.35
C SER A 127 4.65 3.32 -12.75
N ALA A 128 4.75 3.88 -13.96
CA ALA A 128 3.75 4.80 -14.47
C ALA A 128 2.55 4.05 -15.07
N ILE A 129 1.54 3.82 -14.25
CA ILE A 129 0.35 3.11 -14.71
C ILE A 129 -0.47 3.98 -15.66
N SER A 130 -1.32 3.35 -16.46
CA SER A 130 -2.16 4.06 -17.41
C SER A 130 -3.62 4.06 -16.99
N ARG A 131 -4.42 4.91 -17.62
CA ARG A 131 -5.84 5.01 -17.31
C ARG A 131 -6.52 3.64 -17.41
N SER A 132 -6.14 2.87 -18.42
CA SER A 132 -6.71 1.55 -18.62
C SER A 132 -6.45 0.66 -17.40
N LYS A 133 -5.17 0.48 -17.08
CA LYS A 133 -4.79 -0.33 -15.93
C LYS A 133 -5.29 0.30 -14.62
N LEU A 134 -5.32 1.63 -14.60
CA LEU A 134 -5.78 2.36 -13.42
C LEU A 134 -7.26 2.10 -13.18
N GLU A 135 -8.05 2.18 -14.26
CA GLU A 135 -9.48 1.95 -14.17
C GLU A 135 -9.77 0.58 -13.55
N ASP A 136 -8.88 -0.36 -13.83
CA ASP A 136 -9.03 -1.71 -13.28
C ASP A 136 -8.96 -1.69 -11.77
N ILE A 137 -7.96 -0.99 -11.23
CA ILE A 137 -7.80 -0.87 -9.79
C ILE A 137 -8.87 0.04 -9.19
N ALA A 138 -9.18 1.12 -9.89
CA ALA A 138 -10.21 2.05 -9.42
C ALA A 138 -11.52 1.30 -9.26
N ASN A 139 -11.86 0.51 -10.27
CA ASN A 139 -13.07 -0.28 -10.23
C ASN A 139 -12.87 -1.52 -9.39
N ALA A 140 -11.61 -1.98 -9.31
CA ALA A 140 -11.30 -3.14 -8.50
C ALA A 140 -11.89 -2.96 -7.09
N ALA A 141 -11.96 -1.71 -6.67
CA ALA A 141 -12.52 -1.36 -5.35
C ALA A 141 -14.03 -1.17 -5.44
N LEU A 142 -14.47 -0.50 -6.50
CA LEU A 142 -15.88 -0.23 -6.71
C LEU A 142 -16.72 -1.49 -6.56
N ALA A 143 -16.11 -2.64 -6.83
CA ALA A 143 -16.80 -3.91 -6.72
C ALA A 143 -17.24 -4.17 -5.28
N ALA A 144 -16.43 -3.69 -4.33
CA ALA A 144 -16.74 -3.86 -2.91
C ALA A 144 -16.93 -2.50 -2.23
N ASN A 145 -16.64 -1.43 -2.95
CA ASN A 145 -16.77 -0.07 -2.41
C ASN A 145 -15.78 0.15 -1.27
N ALA A 146 -14.55 -0.31 -1.46
CA ALA A 146 -13.52 -0.15 -0.45
C ALA A 146 -12.78 1.18 -0.62
N VAL A 147 -12.56 1.87 0.49
CA VAL A 147 -11.85 3.15 0.46
C VAL A 147 -10.40 2.97 0.03
N THR A 148 -10.08 3.43 -1.18
CA THR A 148 -8.74 3.32 -1.71
C THR A 148 -8.23 4.65 -2.25
N GLN A 149 -6.92 4.74 -2.42
CA GLN A 149 -6.30 5.96 -2.94
C GLN A 149 -4.94 5.66 -3.53
N VAL A 150 -4.80 5.91 -4.83
CA VAL A 150 -3.53 5.65 -5.52
C VAL A 150 -2.56 6.79 -5.32
N ALA A 151 -1.47 6.51 -4.59
CA ALA A 151 -0.44 7.49 -4.31
C ALA A 151 0.44 7.75 -5.53
N LYS A 152 1.42 8.64 -5.37
CA LYS A 152 2.34 8.97 -6.45
C LYS A 152 3.36 7.86 -6.66
N VAL A 153 4.06 7.92 -7.79
CA VAL A 153 5.06 6.92 -8.12
C VAL A 153 6.47 7.49 -7.98
N PHE A 154 7.44 6.62 -7.68
CA PHE A 154 8.82 7.04 -7.52
C PHE A 154 9.73 6.36 -8.54
N ASP A 155 9.56 5.05 -8.66
CA ASP A 155 10.37 4.25 -9.58
C ASP A 155 10.06 4.55 -11.04
N GLN A 156 9.12 5.45 -11.29
CA GLN A 156 8.76 5.80 -12.66
C GLN A 156 9.97 6.34 -13.41
N TYR A 157 10.99 6.79 -12.68
CA TYR A 157 12.20 7.33 -13.30
C TYR A 157 13.40 6.41 -13.07
N LEU A 158 13.38 5.65 -11.98
CA LEU A 158 14.48 4.75 -11.65
C LEU A 158 13.99 3.35 -11.29
N ASN A 159 14.90 2.49 -10.86
CA ASN A 159 14.55 1.13 -10.48
C ASN A 159 13.96 0.37 -11.66
N ALA A 20 20.71 11.11 -2.36
CA ALA A 20 20.26 11.57 -3.71
C ALA A 20 18.83 12.08 -3.68
N SER A 21 18.56 13.10 -4.49
CA SER A 21 17.22 13.67 -4.56
C SER A 21 16.22 12.63 -5.01
N ILE A 22 16.58 11.89 -6.06
CA ILE A 22 15.73 10.85 -6.61
C ILE A 22 15.40 9.80 -5.54
N ARG A 23 16.43 9.14 -5.02
CA ARG A 23 16.25 8.12 -3.99
C ARG A 23 15.41 8.68 -2.85
N GLU A 24 15.59 9.97 -2.56
CA GLU A 24 14.85 10.63 -1.51
C GLU A 24 13.36 10.61 -1.83
N ARG A 25 13.02 11.00 -3.06
CA ARG A 25 11.64 11.02 -3.52
C ARG A 25 10.97 9.68 -3.25
N GLN A 26 11.72 8.60 -3.46
CA GLN A 26 11.21 7.25 -3.23
C GLN A 26 10.65 7.13 -1.82
N THR A 27 11.46 7.53 -0.84
CA THR A 27 11.05 7.47 0.56
C THR A 27 9.89 8.42 0.84
N VAL A 28 9.77 9.47 0.05
CA VAL A 28 8.68 10.44 0.23
C VAL A 28 7.33 9.74 0.13
N ALA A 29 7.14 8.98 -0.94
CA ALA A 29 5.89 8.26 -1.14
C ALA A 29 5.72 7.16 -0.10
N LEU A 30 6.85 6.59 0.32
CA LEU A 30 6.84 5.53 1.31
C LEU A 30 6.57 6.07 2.71
N LYS A 31 7.51 6.85 3.22
CA LYS A 31 7.38 7.45 4.55
C LYS A 31 5.99 8.03 4.77
N ARG A 32 5.48 8.70 3.75
CA ARG A 32 4.15 9.30 3.84
C ARG A 32 3.09 8.25 4.14
N MET A 33 3.09 7.17 3.36
CA MET A 33 2.12 6.10 3.54
C MET A 33 2.51 5.20 4.72
N LEU A 34 3.78 5.26 5.10
CA LEU A 34 4.30 4.46 6.20
C LEU A 34 4.22 5.20 7.53
N ASN A 35 3.97 6.51 7.48
CA ASN A 35 3.89 7.32 8.69
C ASN A 35 2.60 8.15 8.73
N PHE A 36 2.22 8.72 7.60
CA PHE A 36 1.01 9.54 7.55
C PHE A 36 -0.23 8.67 7.37
N ASN A 37 -0.94 8.44 8.48
CA ASN A 37 -2.14 7.61 8.44
C ASN A 37 -3.29 8.39 7.82
N VAL A 38 -4.05 7.73 6.94
CA VAL A 38 -5.18 8.37 6.28
C VAL A 38 -6.34 8.58 7.25
N PRO A 39 -7.14 9.65 7.02
CA PRO A 39 -8.28 9.98 7.88
C PRO A 39 -9.14 8.75 8.20
N HIS A 40 -8.93 8.18 9.38
CA HIS A 40 -9.68 7.02 9.82
C HIS A 40 -10.51 7.33 11.07
N VAL A 41 -11.52 6.51 11.33
CA VAL A 41 -12.37 6.70 12.49
C VAL A 41 -11.67 6.26 13.77
N LYS A 42 -11.13 7.23 14.51
CA LYS A 42 -10.44 6.94 15.77
C LYS A 42 -11.24 7.45 16.96
N ASN A 43 -11.64 6.54 17.83
CA ASN A 43 -12.40 6.89 19.02
C ASN A 43 -11.49 7.32 20.16
N SER A 44 -10.40 6.57 20.35
CA SER A 44 -9.45 6.87 21.41
C SER A 44 -8.23 7.62 20.86
N PRO A 45 -8.21 8.96 20.99
CA PRO A 45 -7.10 9.78 20.50
C PRO A 45 -5.84 9.59 21.33
N GLY A 46 -4.69 9.82 20.70
CA GLY A 46 -3.43 9.67 21.41
C GLY A 46 -2.79 8.31 21.18
N GLU A 47 -3.62 7.32 20.87
CA GLU A 47 -3.13 5.96 20.62
C GLU A 47 -2.63 5.82 19.19
N PRO A 48 -1.60 4.98 18.98
CA PRO A 48 -1.02 4.77 17.64
C PRO A 48 -2.01 4.09 16.69
N VAL A 49 -1.95 4.49 15.42
CA VAL A 49 -2.85 3.93 14.41
C VAL A 49 -2.14 2.85 13.60
N TRP A 50 -2.47 1.59 13.89
CA TRP A 50 -1.87 0.46 13.19
C TRP A 50 -2.15 0.55 11.69
N LYS A 51 -1.12 0.39 10.88
CA LYS A 51 -1.26 0.44 9.43
C LYS A 51 -0.63 -0.78 8.77
N VAL A 52 -1.30 -1.29 7.75
CA VAL A 52 -0.82 -2.46 7.02
C VAL A 52 -0.17 -2.03 5.70
N LEU A 53 0.66 -2.90 5.14
CA LEU A 53 1.32 -2.60 3.89
C LEU A 53 1.44 -3.86 3.02
N ILE A 54 1.29 -3.68 1.72
CA ILE A 54 1.39 -4.76 0.76
C ILE A 54 2.30 -4.34 -0.37
N TYR A 55 3.46 -4.99 -0.47
CA TYR A 55 4.42 -4.64 -1.51
C TYR A 55 4.70 -5.81 -2.44
N ASP A 56 5.16 -5.49 -3.64
CA ASP A 56 5.49 -6.49 -4.65
C ASP A 56 7.00 -6.67 -4.72
N ARG A 57 7.47 -7.39 -5.73
CA ARG A 57 8.90 -7.60 -5.90
C ARG A 57 9.64 -6.26 -5.90
N PHE A 58 9.03 -5.27 -6.54
CA PHE A 58 9.63 -3.94 -6.60
C PHE A 58 9.44 -3.21 -5.27
N GLY A 59 8.24 -3.36 -4.69
CA GLY A 59 7.96 -2.72 -3.42
C GLY A 59 9.04 -3.01 -2.39
N GLN A 60 9.46 -4.27 -2.34
CA GLN A 60 10.51 -4.67 -1.42
C GLN A 60 11.85 -4.11 -1.90
N ASP A 61 11.97 -3.95 -3.21
CA ASP A 61 13.18 -3.41 -3.81
C ASP A 61 13.37 -1.94 -3.43
N ILE A 62 12.34 -1.34 -2.84
CA ILE A 62 12.40 0.07 -2.45
C ILE A 62 12.15 0.26 -0.96
N ILE A 63 11.20 -0.51 -0.42
CA ILE A 63 10.86 -0.41 1.00
C ILE A 63 12.03 -0.82 1.89
N SER A 64 12.66 -1.95 1.57
CA SER A 64 13.78 -2.46 2.35
C SER A 64 14.96 -1.48 2.36
N PRO A 65 15.45 -1.07 1.17
CA PRO A 65 16.58 -0.15 1.07
C PRO A 65 16.44 1.06 1.99
N LEU A 66 15.20 1.41 2.33
CA LEU A 66 14.94 2.54 3.20
C LEU A 66 14.11 2.12 4.42
N LEU A 67 14.08 0.82 4.69
CA LEU A 67 13.32 0.29 5.82
C LEU A 67 13.69 -1.17 6.11
N SER A 68 13.47 -1.61 7.34
CA SER A 68 13.78 -2.98 7.73
C SER A 68 12.59 -3.66 8.39
N VAL A 69 12.67 -4.97 8.56
CA VAL A 69 11.59 -5.75 9.17
C VAL A 69 11.28 -5.26 10.57
N LYS A 70 12.30 -5.19 11.40
CA LYS A 70 12.13 -4.75 12.79
C LYS A 70 11.62 -3.32 12.86
N GLU A 71 12.04 -2.49 11.93
CA GLU A 71 11.59 -1.10 11.91
C GLU A 71 10.15 -1.05 11.45
N LEU A 72 9.81 -1.96 10.53
CA LEU A 72 8.46 -2.04 10.00
C LEU A 72 7.46 -2.24 11.12
N ARG A 73 7.74 -3.21 11.97
CA ARG A 73 6.86 -3.51 13.10
C ARG A 73 7.06 -2.49 14.23
N ASP A 74 8.22 -1.84 14.23
CA ASP A 74 8.55 -0.87 15.26
C ASP A 74 8.09 0.55 14.89
N MET A 75 7.60 0.73 13.66
CA MET A 75 7.14 2.06 13.23
C MET A 75 5.64 2.20 13.43
N GLY A 76 4.95 1.07 13.53
CA GLY A 76 3.51 1.10 13.72
C GLY A 76 2.76 0.29 12.68
N ILE A 77 3.36 -0.82 12.24
CA ILE A 77 2.73 -1.68 11.25
C ILE A 77 2.14 -2.93 11.90
N THR A 78 0.87 -3.19 11.62
CA THR A 78 0.19 -4.35 12.19
C THR A 78 0.40 -5.60 11.34
N LEU A 79 0.81 -5.40 10.07
CA LEU A 79 1.04 -6.53 9.18
C LEU A 79 1.60 -6.05 7.85
N HIS A 80 2.59 -6.78 7.35
CA HIS A 80 3.23 -6.46 6.08
C HIS A 80 3.60 -7.74 5.35
N LEU A 81 2.99 -7.96 4.19
CA LEU A 81 3.27 -9.17 3.43
C LEU A 81 3.34 -8.92 1.92
N LEU A 82 3.78 -9.94 1.20
CA LEU A 82 3.93 -9.88 -0.25
C LEU A 82 2.66 -10.33 -0.95
N LEU A 83 2.20 -9.56 -1.94
CA LEU A 83 1.01 -9.93 -2.69
C LEU A 83 1.12 -11.37 -3.18
N HIS A 84 2.36 -11.84 -3.29
CA HIS A 84 2.65 -13.20 -3.73
C HIS A 84 2.80 -14.12 -2.53
N SER A 85 2.04 -13.83 -1.48
CA SER A 85 2.08 -14.62 -0.26
C SER A 85 0.70 -14.74 0.37
N ASP A 86 0.63 -15.39 1.52
CA ASP A 86 -0.64 -15.57 2.23
C ASP A 86 -1.01 -14.31 3.00
N ARG A 87 -2.14 -13.72 2.65
CA ARG A 87 -2.61 -12.50 3.31
C ARG A 87 -3.56 -12.82 4.45
N ASP A 88 -3.47 -12.04 5.52
CA ASP A 88 -4.34 -12.23 6.68
C ASP A 88 -5.51 -11.25 6.62
N PRO A 89 -6.68 -11.65 7.13
CA PRO A 89 -7.87 -10.80 7.12
C PRO A 89 -7.92 -9.85 8.31
N ILE A 90 -7.74 -8.56 8.02
CA ILE A 90 -7.77 -7.54 9.07
C ILE A 90 -8.66 -6.37 8.66
N ARG A 91 -9.97 -6.59 8.71
CA ARG A 91 -10.94 -5.58 8.34
C ARG A 91 -10.97 -4.41 9.31
N ASP A 92 -10.48 -4.64 10.52
CA ASP A 92 -10.46 -3.61 11.55
C ASP A 92 -9.15 -2.83 11.56
N VAL A 93 -8.44 -2.83 10.43
CA VAL A 93 -7.17 -2.14 10.34
C VAL A 93 -6.89 -1.64 8.92
N PRO A 94 -6.56 -0.35 8.75
CA PRO A 94 -6.25 0.23 7.43
C PRO A 94 -5.04 -0.44 6.81
N ALA A 95 -5.06 -0.61 5.48
CA ALA A 95 -3.96 -1.26 4.80
C ALA A 95 -3.35 -0.39 3.70
N VAL A 96 -2.13 -0.73 3.32
CA VAL A 96 -1.40 -0.03 2.27
C VAL A 96 -0.93 -1.04 1.23
N TYR A 97 -0.99 -0.66 -0.05
CA TYR A 97 -0.57 -1.57 -1.11
C TYR A 97 0.45 -0.93 -2.04
N PHE A 98 1.68 -0.74 -1.54
CA PHE A 98 2.74 -0.16 -2.33
C PHE A 98 3.31 -1.20 -3.28
N VAL A 99 2.64 -1.38 -4.41
CA VAL A 99 3.06 -2.38 -5.40
C VAL A 99 3.08 -1.81 -6.82
N MET A 100 3.52 -2.61 -7.77
CA MET A 100 3.60 -2.18 -9.16
C MET A 100 2.27 -2.40 -9.87
N PRO A 101 1.80 -1.40 -10.64
CA PRO A 101 0.54 -1.51 -11.37
C PRO A 101 0.63 -2.45 -12.57
N THR A 102 1.21 -3.62 -12.36
CA THR A 102 1.35 -4.60 -13.42
C THR A 102 0.06 -5.39 -13.59
N GLU A 103 -0.15 -5.94 -14.78
CA GLU A 103 -1.35 -6.71 -15.08
C GLU A 103 -1.74 -7.61 -13.91
N GLU A 104 -0.78 -8.34 -13.39
CA GLU A 104 -1.03 -9.24 -12.27
C GLU A 104 -1.42 -8.47 -11.01
N ASN A 105 -0.78 -7.33 -10.78
CA ASN A 105 -1.09 -6.52 -9.61
C ASN A 105 -2.51 -5.97 -9.71
N ILE A 106 -2.87 -5.49 -10.89
CA ILE A 106 -4.21 -4.94 -11.10
C ILE A 106 -5.26 -5.96 -10.70
N ASP A 107 -4.95 -7.23 -10.90
CA ASP A 107 -5.86 -8.31 -10.53
C ASP A 107 -5.85 -8.50 -9.01
N ARG A 108 -4.73 -8.15 -8.38
CA ARG A 108 -4.60 -8.27 -6.94
C ARG A 108 -5.50 -7.29 -6.20
N LEU A 109 -5.59 -6.07 -6.73
CA LEU A 109 -6.44 -5.05 -6.11
C LEU A 109 -7.90 -5.47 -6.20
N CYS A 110 -8.29 -5.98 -7.37
CA CYS A 110 -9.65 -6.44 -7.58
C CYS A 110 -9.95 -7.66 -6.72
N GLN A 111 -8.97 -8.55 -6.60
CA GLN A 111 -9.14 -9.76 -5.80
C GLN A 111 -9.16 -9.42 -4.31
N ASP A 112 -8.29 -8.50 -3.90
CA ASP A 112 -8.22 -8.09 -2.50
C ASP A 112 -9.41 -7.21 -2.14
N LEU A 113 -9.66 -6.19 -2.96
CA LEU A 113 -10.77 -5.27 -2.73
C LEU A 113 -12.07 -6.04 -2.52
N ARG A 114 -12.19 -7.18 -3.18
CA ARG A 114 -13.40 -8.00 -3.07
C ARG A 114 -13.35 -8.87 -1.81
N ASN A 115 -12.15 -9.28 -1.43
CA ASN A 115 -11.96 -10.11 -0.25
C ASN A 115 -12.18 -9.30 1.03
N GLN A 116 -11.92 -8.00 0.95
CA GLN A 116 -12.08 -7.11 2.11
C GLN A 116 -11.08 -7.49 3.20
N LEU A 117 -9.89 -7.90 2.77
CA LEU A 117 -8.83 -8.29 3.69
C LEU A 117 -8.51 -7.17 4.68
N TYR A 118 -8.54 -5.93 4.20
CA TYR A 118 -8.25 -4.78 5.05
C TYR A 118 -9.25 -3.66 4.83
N GLU A 119 -9.49 -2.87 5.88
CA GLU A 119 -10.45 -1.77 5.81
C GLU A 119 -10.07 -0.76 4.73
N SER A 120 -8.81 -0.34 4.74
CA SER A 120 -8.31 0.62 3.78
C SER A 120 -7.36 -0.04 2.79
N TYR A 121 -6.96 0.70 1.77
CA TYR A 121 -6.05 0.18 0.76
C TYR A 121 -5.18 1.28 0.17
N TYR A 122 -4.32 1.87 0.99
CA TYR A 122 -3.42 2.92 0.52
C TYR A 122 -2.55 2.37 -0.61
N LEU A 123 -3.02 2.52 -1.83
CA LEU A 123 -2.30 2.02 -3.00
C LEU A 123 -1.12 2.89 -3.37
N ASN A 124 -0.08 2.27 -3.92
CA ASN A 124 1.13 2.97 -4.33
C ASN A 124 1.79 2.23 -5.49
N PHE A 125 1.84 2.87 -6.65
CA PHE A 125 2.41 2.26 -7.83
C PHE A 125 3.87 2.67 -8.07
N ILE A 126 4.73 1.68 -8.30
CA ILE A 126 6.15 1.94 -8.55
C ILE A 126 6.37 2.50 -9.96
N SER A 127 5.61 1.97 -10.92
CA SER A 127 5.73 2.40 -12.31
C SER A 127 4.61 3.37 -12.67
N ALA A 128 4.66 3.91 -13.88
CA ALA A 128 3.65 4.85 -14.35
C ALA A 128 2.47 4.11 -14.98
N ILE A 129 1.39 4.00 -14.22
CA ILE A 129 0.18 3.32 -14.69
C ILE A 129 -0.69 4.27 -15.50
N SER A 130 -1.58 3.72 -16.33
CA SER A 130 -2.46 4.51 -17.17
C SER A 130 -3.88 4.53 -16.61
N ARG A 131 -4.67 5.51 -17.05
CA ARG A 131 -6.05 5.65 -16.61
C ARG A 131 -6.81 4.33 -16.81
N SER A 132 -6.54 3.66 -17.92
CA SER A 132 -7.19 2.39 -18.21
C SER A 132 -6.92 1.36 -17.12
N LYS A 133 -5.64 1.13 -16.85
CA LYS A 133 -5.24 0.18 -15.82
C LYS A 133 -5.65 0.68 -14.44
N LEU A 134 -5.55 2.00 -14.25
CA LEU A 134 -5.92 2.60 -12.97
C LEU A 134 -7.39 2.36 -12.66
N GLU A 135 -8.26 2.73 -13.60
CA GLU A 135 -9.70 2.54 -13.42
C GLU A 135 -9.99 1.11 -13.01
N ASP A 136 -9.19 0.17 -13.53
CA ASP A 136 -9.35 -1.24 -13.20
C ASP A 136 -9.26 -1.43 -11.69
N ILE A 137 -8.23 -0.84 -11.09
CA ILE A 137 -8.03 -0.93 -9.65
C ILE A 137 -9.09 -0.12 -8.91
N ALA A 138 -9.29 1.11 -9.34
CA ALA A 138 -10.30 1.98 -8.73
C ALA A 138 -11.65 1.29 -8.77
N ASN A 139 -11.99 0.74 -9.92
CA ASN A 139 -13.24 0.02 -10.08
C ASN A 139 -13.17 -1.31 -9.37
N ALA A 140 -11.97 -1.88 -9.28
CA ALA A 140 -11.79 -3.14 -8.59
C ALA A 140 -12.37 -3.04 -7.18
N ALA A 141 -12.40 -1.81 -6.65
CA ALA A 141 -12.94 -1.55 -5.33
C ALA A 141 -14.45 -1.33 -5.40
N LEU A 142 -14.89 -0.63 -6.44
CA LEU A 142 -16.31 -0.35 -6.63
C LEU A 142 -17.16 -1.61 -6.46
N ALA A 143 -16.55 -2.75 -6.76
CA ALA A 143 -17.25 -4.03 -6.64
C ALA A 143 -17.60 -4.34 -5.19
N ALA A 144 -16.65 -4.11 -4.29
CA ALA A 144 -16.86 -4.35 -2.87
C ALA A 144 -17.08 -3.05 -2.10
N ASN A 145 -17.04 -1.93 -2.82
CA ASN A 145 -17.24 -0.62 -2.20
C ASN A 145 -16.16 -0.34 -1.15
N ALA A 146 -14.93 -0.72 -1.47
CA ALA A 146 -13.82 -0.52 -0.55
C ALA A 146 -13.19 0.87 -0.75
N VAL A 147 -12.37 1.29 0.20
CA VAL A 147 -11.72 2.59 0.11
C VAL A 147 -10.27 2.45 -0.37
N THR A 148 -10.06 2.77 -1.64
CA THR A 148 -8.73 2.68 -2.24
C THR A 148 -8.21 4.05 -2.65
N GLN A 149 -6.89 4.20 -2.59
CA GLN A 149 -6.26 5.46 -2.98
C GLN A 149 -4.90 5.19 -3.61
N VAL A 150 -4.75 5.57 -4.87
CA VAL A 150 -3.50 5.37 -5.59
C VAL A 150 -2.54 6.54 -5.39
N ALA A 151 -1.55 6.34 -4.51
CA ALA A 151 -0.57 7.36 -4.20
C ALA A 151 0.31 7.67 -5.42
N LYS A 152 1.24 8.60 -5.24
CA LYS A 152 2.14 9.00 -6.31
C LYS A 152 3.18 7.92 -6.59
N VAL A 153 3.87 8.04 -7.73
CA VAL A 153 4.89 7.08 -8.12
C VAL A 153 6.29 7.65 -7.93
N PHE A 154 7.25 6.77 -7.68
CA PHE A 154 8.64 7.19 -7.49
C PHE A 154 9.58 6.47 -8.45
N ASP A 155 9.40 5.16 -8.56
CA ASP A 155 10.23 4.33 -9.42
C ASP A 155 10.10 4.70 -10.90
N GLN A 156 9.12 5.53 -11.23
CA GLN A 156 8.89 5.93 -12.61
C GLN A 156 10.14 6.58 -13.22
N TYR A 157 11.01 7.15 -12.38
CA TYR A 157 12.21 7.80 -12.87
C TYR A 157 13.50 7.11 -12.40
N LEU A 158 13.38 5.91 -11.83
CA LEU A 158 14.54 5.18 -11.35
C LEU A 158 14.20 3.72 -11.03
N ASN A 159 15.17 3.01 -10.45
CA ASN A 159 14.98 1.61 -10.08
C ASN A 159 14.41 0.80 -11.25
N ALA A 20 20.96 10.73 -3.15
CA ALA A 20 20.58 11.21 -4.50
C ALA A 20 19.17 11.78 -4.50
N SER A 21 18.93 12.77 -5.37
CA SER A 21 17.62 13.39 -5.47
C SER A 21 16.57 12.37 -5.89
N ILE A 22 16.94 11.50 -6.82
CA ILE A 22 16.04 10.48 -7.31
C ILE A 22 15.66 9.50 -6.19
N ARG A 23 16.67 8.85 -5.62
CA ARG A 23 16.43 7.89 -4.54
C ARG A 23 15.59 8.52 -3.44
N GLU A 24 15.76 9.82 -3.25
CA GLU A 24 15.00 10.54 -2.23
C GLU A 24 13.51 10.47 -2.54
N ARG A 25 13.14 10.86 -3.77
CA ARG A 25 11.74 10.83 -4.19
C ARG A 25 11.10 9.50 -3.85
N GLN A 26 11.88 8.44 -3.94
CA GLN A 26 11.39 7.10 -3.64
C GLN A 26 10.86 7.04 -2.21
N THR A 27 11.69 7.49 -1.28
CA THR A 27 11.32 7.49 0.14
C THR A 27 10.19 8.49 0.39
N VAL A 28 10.11 9.53 -0.44
CA VAL A 28 9.07 10.54 -0.28
C VAL A 28 7.69 9.90 -0.29
N ALA A 29 7.41 9.10 -1.31
CA ALA A 29 6.13 8.42 -1.42
C ALA A 29 5.99 7.35 -0.35
N LEU A 30 7.11 6.77 0.04
CA LEU A 30 7.13 5.72 1.06
C LEU A 30 6.89 6.30 2.45
N LYS A 31 7.82 7.12 2.92
CA LYS A 31 7.71 7.74 4.23
C LYS A 31 6.32 8.33 4.45
N ARG A 32 5.73 8.86 3.38
CA ARG A 32 4.40 9.44 3.46
C ARG A 32 3.37 8.40 3.87
N MET A 33 3.33 7.30 3.13
CA MET A 33 2.38 6.23 3.40
C MET A 33 2.86 5.33 4.55
N LEU A 34 4.12 5.49 4.94
CA LEU A 34 4.68 4.69 6.01
C LEU A 34 4.65 5.43 7.35
N ASN A 35 4.26 6.70 7.33
CA ASN A 35 4.19 7.50 8.55
C ASN A 35 2.86 8.22 8.68
N PHE A 36 2.39 8.82 7.59
CA PHE A 36 1.13 9.53 7.61
C PHE A 36 -0.04 8.56 7.44
N ASN A 37 -0.68 8.24 8.56
CA ASN A 37 -1.82 7.32 8.56
C ASN A 37 -3.10 8.06 8.26
N VAL A 38 -3.96 7.44 7.45
CA VAL A 38 -5.24 8.05 7.08
C VAL A 38 -6.21 8.04 8.27
N PRO A 39 -7.13 9.02 8.32
CA PRO A 39 -8.11 9.13 9.41
C PRO A 39 -9.02 7.92 9.49
N HIS A 40 -9.02 7.26 10.66
CA HIS A 40 -9.85 6.09 10.87
C HIS A 40 -10.81 6.30 12.04
N VAL A 41 -11.72 5.36 12.24
CA VAL A 41 -12.69 5.45 13.32
C VAL A 41 -12.01 5.30 14.68
N LYS A 42 -11.85 6.42 15.37
CA LYS A 42 -11.22 6.42 16.70
C LYS A 42 -12.20 5.98 17.77
N ASN A 43 -11.97 4.79 18.33
CA ASN A 43 -12.84 4.26 19.37
C ASN A 43 -12.61 4.98 20.69
N SER A 44 -11.41 4.86 21.23
CA SER A 44 -11.06 5.50 22.50
C SER A 44 -9.85 6.42 22.33
N PRO A 45 -9.77 7.49 23.13
CA PRO A 45 -8.66 8.45 23.07
C PRO A 45 -7.37 7.87 23.64
N GLY A 46 -6.26 8.17 22.99
CA GLY A 46 -4.98 7.67 23.45
C GLY A 46 -4.66 6.30 22.90
N GLU A 47 -5.16 6.01 21.70
CA GLU A 47 -4.93 4.72 21.07
C GLU A 47 -4.04 4.88 19.84
N PRO A 48 -3.08 3.95 19.64
CA PRO A 48 -2.16 4.00 18.50
C PRO A 48 -2.85 3.61 17.19
N VAL A 49 -2.47 4.27 16.11
CA VAL A 49 -3.04 4.00 14.80
C VAL A 49 -2.16 3.05 13.99
N TRP A 50 -2.51 1.77 14.00
CA TRP A 50 -1.75 0.76 13.27
C TRP A 50 -2.04 0.86 11.76
N LYS A 51 -1.09 0.41 10.95
CA LYS A 51 -1.26 0.45 9.50
C LYS A 51 -0.67 -0.80 8.85
N VAL A 52 -1.32 -1.25 7.78
CA VAL A 52 -0.87 -2.42 7.06
C VAL A 52 -0.21 -2.01 5.75
N LEU A 53 0.60 -2.90 5.18
CA LEU A 53 1.28 -2.61 3.94
C LEU A 53 1.38 -3.86 3.05
N ILE A 54 1.15 -3.67 1.76
CA ILE A 54 1.22 -4.75 0.79
C ILE A 54 2.15 -4.34 -0.35
N TYR A 55 3.32 -4.96 -0.41
CA TYR A 55 4.28 -4.64 -1.44
C TYR A 55 4.55 -5.84 -2.35
N ASP A 56 5.08 -5.55 -3.53
CA ASP A 56 5.39 -6.58 -4.51
C ASP A 56 6.90 -6.76 -4.63
N ARG A 57 7.33 -7.52 -5.64
CA ARG A 57 8.75 -7.75 -5.87
C ARG A 57 9.51 -6.42 -5.88
N PHE A 58 8.89 -5.41 -6.49
CA PHE A 58 9.51 -4.09 -6.55
C PHE A 58 9.26 -3.33 -5.26
N GLY A 59 8.01 -3.29 -4.82
CA GLY A 59 7.67 -2.60 -3.57
C GLY A 59 8.65 -2.92 -2.46
N GLN A 60 9.26 -4.10 -2.53
CA GLN A 60 10.24 -4.52 -1.54
C GLN A 60 11.62 -4.02 -1.96
N ASP A 61 11.84 -4.03 -3.27
CA ASP A 61 13.09 -3.57 -3.86
C ASP A 61 13.31 -2.09 -3.58
N ILE A 62 12.28 -1.42 -3.08
CA ILE A 62 12.36 0.01 -2.78
C ILE A 62 12.14 0.31 -1.30
N ILE A 63 11.26 -0.46 -0.67
CA ILE A 63 10.99 -0.26 0.76
C ILE A 63 12.18 -0.68 1.62
N SER A 64 12.75 -1.84 1.30
CA SER A 64 13.89 -2.36 2.05
C SER A 64 15.09 -1.41 2.02
N PRO A 65 15.59 -1.04 0.82
CA PRO A 65 16.74 -0.16 0.69
C PRO A 65 16.62 1.10 1.56
N LEU A 66 15.40 1.49 1.87
CA LEU A 66 15.16 2.67 2.69
C LEU A 66 14.35 2.34 3.94
N LEU A 67 14.21 1.04 4.24
CA LEU A 67 13.44 0.61 5.38
C LEU A 67 13.78 -0.83 5.78
N SER A 68 13.49 -1.18 7.03
CA SER A 68 13.76 -2.53 7.53
C SER A 68 12.54 -3.11 8.22
N VAL A 69 12.66 -4.36 8.66
CA VAL A 69 11.55 -5.05 9.34
C VAL A 69 11.25 -4.43 10.69
N LYS A 70 12.30 -4.23 11.48
CA LYS A 70 12.15 -3.66 12.82
C LYS A 70 11.63 -2.23 12.74
N GLU A 71 12.03 -1.50 11.71
CA GLU A 71 11.56 -0.13 11.55
C GLU A 71 10.12 -0.14 11.04
N LEU A 72 9.76 -1.21 10.32
CA LEU A 72 8.41 -1.36 9.81
C LEU A 72 7.41 -1.41 10.95
N ARG A 73 7.68 -2.28 11.91
CA ARG A 73 6.80 -2.44 13.06
C ARG A 73 6.95 -1.25 14.02
N ASP A 74 8.13 -0.61 13.98
CA ASP A 74 8.40 0.53 14.85
C ASP A 74 7.71 1.80 14.33
N MET A 75 7.44 1.83 13.03
CA MET A 75 6.78 2.99 12.42
C MET A 75 5.29 2.96 12.68
N GLY A 76 4.76 1.79 13.01
CA GLY A 76 3.36 1.65 13.28
C GLY A 76 2.67 0.70 12.32
N ILE A 77 3.37 -0.35 11.91
CA ILE A 77 2.81 -1.33 10.99
C ILE A 77 2.33 -2.57 11.74
N THR A 78 1.08 -2.94 11.51
CA THR A 78 0.50 -4.10 12.17
C THR A 78 0.67 -5.37 11.32
N LEU A 79 1.04 -5.21 10.05
CA LEU A 79 1.22 -6.35 9.17
C LEU A 79 1.75 -5.93 7.81
N HIS A 80 2.70 -6.70 7.30
CA HIS A 80 3.30 -6.44 5.99
C HIS A 80 3.54 -7.75 5.26
N LEU A 81 2.94 -7.91 4.09
CA LEU A 81 3.10 -9.14 3.33
C LEU A 81 3.08 -8.90 1.82
N LEU A 82 3.48 -9.95 1.08
CA LEU A 82 3.55 -9.90 -0.38
C LEU A 82 2.21 -10.24 -1.03
N LEU A 83 1.81 -9.46 -2.01
CA LEU A 83 0.55 -9.74 -2.72
C LEU A 83 0.53 -11.19 -3.18
N HIS A 84 1.71 -11.76 -3.36
CA HIS A 84 1.85 -13.14 -3.79
C HIS A 84 2.03 -14.06 -2.60
N SER A 85 1.30 -13.76 -1.53
CA SER A 85 1.38 -14.56 -0.31
C SER A 85 0.03 -14.54 0.43
N ASP A 86 -0.14 -15.47 1.36
CA ASP A 86 -1.37 -15.55 2.13
C ASP A 86 -1.54 -14.29 2.97
N ARG A 87 -2.41 -13.39 2.51
CA ARG A 87 -2.66 -12.15 3.21
C ARG A 87 -3.42 -12.39 4.51
N ASP A 88 -3.37 -11.41 5.41
CA ASP A 88 -4.04 -11.50 6.69
C ASP A 88 -5.29 -10.62 6.70
N PRO A 89 -6.39 -11.08 7.32
CA PRO A 89 -7.64 -10.33 7.39
C PRO A 89 -7.67 -9.34 8.55
N ILE A 90 -7.63 -8.05 8.21
CA ILE A 90 -7.67 -6.99 9.22
C ILE A 90 -8.55 -5.83 8.74
N ARG A 91 -9.85 -6.10 8.62
CA ARG A 91 -10.80 -5.10 8.17
C ARG A 91 -10.92 -3.94 9.17
N ASP A 92 -10.44 -4.17 10.39
CA ASP A 92 -10.51 -3.13 11.42
C ASP A 92 -9.24 -2.27 11.44
N VAL A 93 -8.47 -2.30 10.36
CA VAL A 93 -7.24 -1.52 10.29
C VAL A 93 -6.96 -1.05 8.86
N PRO A 94 -6.51 0.20 8.69
CA PRO A 94 -6.18 0.75 7.37
C PRO A 94 -4.96 0.06 6.77
N ALA A 95 -5.09 -0.39 5.53
CA ALA A 95 -4.00 -1.09 4.85
C ALA A 95 -3.35 -0.25 3.75
N VAL A 96 -2.13 -0.63 3.39
CA VAL A 96 -1.39 0.04 2.34
C VAL A 96 -0.97 -0.97 1.28
N TYR A 97 -1.03 -0.58 0.02
CA TYR A 97 -0.67 -1.49 -1.06
C TYR A 97 0.32 -0.86 -2.03
N PHE A 98 1.57 -0.69 -1.59
CA PHE A 98 2.60 -0.12 -2.44
C PHE A 98 3.21 -1.23 -3.29
N VAL A 99 2.62 -1.47 -4.46
CA VAL A 99 3.08 -2.54 -5.34
C VAL A 99 3.22 -2.08 -6.78
N MET A 100 3.72 -2.98 -7.63
CA MET A 100 3.93 -2.68 -9.04
C MET A 100 2.59 -2.46 -9.74
N PRO A 101 2.57 -1.57 -10.75
CA PRO A 101 1.37 -1.28 -11.52
C PRO A 101 1.26 -2.20 -12.73
N THR A 102 1.50 -3.49 -12.51
CA THR A 102 1.45 -4.46 -13.58
C THR A 102 0.09 -5.16 -13.63
N GLU A 103 -0.23 -5.73 -14.78
CA GLU A 103 -1.50 -6.42 -14.97
C GLU A 103 -1.78 -7.38 -13.81
N GLU A 104 -0.76 -8.17 -13.46
CA GLU A 104 -0.89 -9.12 -12.38
C GLU A 104 -1.26 -8.41 -11.07
N ASN A 105 -0.64 -7.27 -10.82
CA ASN A 105 -0.91 -6.50 -9.62
C ASN A 105 -2.34 -5.98 -9.64
N ILE A 106 -2.77 -5.49 -10.80
CA ILE A 106 -4.12 -4.98 -10.96
C ILE A 106 -5.14 -6.04 -10.59
N ASP A 107 -4.79 -7.29 -10.84
CA ASP A 107 -5.67 -8.42 -10.53
C ASP A 107 -5.72 -8.64 -9.02
N ARG A 108 -4.59 -8.39 -8.35
CA ARG A 108 -4.52 -8.56 -6.90
C ARG A 108 -5.28 -7.46 -6.20
N LEU A 109 -5.32 -6.28 -6.81
CA LEU A 109 -6.03 -5.15 -6.24
C LEU A 109 -7.53 -5.45 -6.18
N CYS A 110 -8.02 -6.11 -7.23
CA CYS A 110 -9.42 -6.48 -7.31
C CYS A 110 -9.70 -7.71 -6.45
N GLN A 111 -8.66 -8.47 -6.15
CA GLN A 111 -8.79 -9.65 -5.34
C GLN A 111 -8.75 -9.29 -3.85
N ASP A 112 -7.83 -8.39 -3.48
CA ASP A 112 -7.70 -7.96 -2.10
C ASP A 112 -8.82 -6.97 -1.74
N LEU A 113 -9.28 -6.24 -2.74
CA LEU A 113 -10.34 -5.26 -2.54
C LEU A 113 -11.69 -5.96 -2.40
N ARG A 114 -11.84 -7.08 -3.07
CA ARG A 114 -13.09 -7.85 -3.03
C ARG A 114 -13.19 -8.65 -1.72
N ASN A 115 -12.06 -9.22 -1.30
CA ASN A 115 -12.01 -10.00 -0.07
C ASN A 115 -12.28 -9.12 1.15
N GLN A 116 -11.93 -7.84 1.03
CA GLN A 116 -12.13 -6.91 2.13
C GLN A 116 -11.22 -7.27 3.31
N LEU A 117 -10.00 -7.69 2.98
CA LEU A 117 -9.03 -8.08 3.99
C LEU A 117 -8.80 -6.95 4.98
N TYR A 118 -8.60 -5.75 4.46
CA TYR A 118 -8.36 -4.57 5.31
C TYR A 118 -9.37 -3.47 5.00
N GLU A 119 -9.59 -2.58 5.98
CA GLU A 119 -10.54 -1.48 5.82
C GLU A 119 -10.09 -0.49 4.75
N SER A 120 -8.83 -0.08 4.82
CA SER A 120 -8.29 0.88 3.85
C SER A 120 -7.41 0.17 2.83
N TYR A 121 -6.99 0.91 1.81
CA TYR A 121 -6.15 0.36 0.76
C TYR A 121 -5.24 1.42 0.14
N TYR A 122 -4.35 1.98 0.97
CA TYR A 122 -3.41 2.99 0.50
C TYR A 122 -2.54 2.42 -0.62
N LEU A 123 -3.01 2.52 -1.86
CA LEU A 123 -2.27 1.97 -3.00
C LEU A 123 -1.09 2.85 -3.37
N ASN A 124 -0.06 2.20 -3.92
CA ASN A 124 1.15 2.89 -4.35
C ASN A 124 1.83 2.12 -5.47
N PHE A 125 1.93 2.75 -6.64
CA PHE A 125 2.55 2.10 -7.79
C PHE A 125 3.98 2.59 -8.01
N ILE A 126 4.92 1.64 -8.00
CA ILE A 126 6.33 1.98 -8.20
C ILE A 126 6.53 2.60 -9.58
N SER A 127 5.93 1.98 -10.59
CA SER A 127 6.04 2.46 -11.96
C SER A 127 4.86 3.36 -12.31
N ALA A 128 4.94 4.02 -13.47
CA ALA A 128 3.87 4.91 -13.92
C ALA A 128 2.74 4.13 -14.57
N ILE A 129 1.60 4.07 -13.88
CA ILE A 129 0.43 3.37 -14.40
C ILE A 129 -0.43 4.31 -15.24
N SER A 130 -1.28 3.74 -16.08
CA SER A 130 -2.15 4.53 -16.96
C SER A 130 -3.58 4.56 -16.43
N ARG A 131 -4.34 5.56 -16.85
CA ARG A 131 -5.73 5.72 -16.43
C ARG A 131 -6.51 4.43 -16.65
N SER A 132 -6.24 3.75 -17.76
CA SER A 132 -6.90 2.50 -18.08
C SER A 132 -6.65 1.46 -16.99
N LYS A 133 -5.37 1.21 -16.72
CA LYS A 133 -4.98 0.25 -15.70
C LYS A 133 -5.42 0.74 -14.32
N LEU A 134 -5.33 2.05 -14.10
CA LEU A 134 -5.73 2.64 -12.83
C LEU A 134 -7.22 2.41 -12.58
N GLU A 135 -8.02 2.56 -13.62
CA GLU A 135 -9.45 2.37 -13.52
C GLU A 135 -9.76 0.96 -13.03
N ASP A 136 -8.98 -0.01 -13.48
CA ASP A 136 -9.15 -1.40 -13.08
C ASP A 136 -9.05 -1.53 -11.57
N ILE A 137 -8.05 -0.88 -10.99
CA ILE A 137 -7.85 -0.92 -9.55
C ILE A 137 -8.91 -0.08 -8.83
N ALA A 138 -9.18 1.11 -9.36
CA ALA A 138 -10.18 1.98 -8.78
C ALA A 138 -11.51 1.26 -8.70
N ASN A 139 -11.84 0.55 -9.77
CA ASN A 139 -13.07 -0.22 -9.83
C ASN A 139 -12.94 -1.50 -9.03
N ALA A 140 -11.72 -2.03 -8.95
CA ALA A 140 -11.48 -3.23 -8.19
C ALA A 140 -12.07 -3.10 -6.80
N ALA A 141 -12.08 -1.86 -6.29
CA ALA A 141 -12.62 -1.56 -4.97
C ALA A 141 -14.12 -1.31 -5.05
N LEU A 142 -14.54 -0.60 -6.08
CA LEU A 142 -15.95 -0.28 -6.28
C LEU A 142 -16.82 -1.54 -6.21
N ALA A 143 -16.22 -2.68 -6.52
CA ALA A 143 -16.92 -3.95 -6.49
C ALA A 143 -17.22 -4.35 -5.06
N ALA A 144 -16.33 -3.96 -4.14
CA ALA A 144 -16.49 -4.28 -2.73
C ALA A 144 -16.61 -3.01 -1.89
N ASN A 145 -16.78 -1.86 -2.54
CA ASN A 145 -16.91 -0.58 -1.86
C ASN A 145 -15.82 -0.42 -0.80
N ALA A 146 -14.64 -0.94 -1.10
CA ALA A 146 -13.50 -0.85 -0.19
C ALA A 146 -12.78 0.48 -0.33
N VAL A 147 -12.60 1.19 0.78
CA VAL A 147 -11.92 2.47 0.78
C VAL A 147 -10.52 2.36 0.20
N THR A 148 -10.35 2.88 -1.02
CA THR A 148 -9.05 2.83 -1.70
C THR A 148 -8.51 4.23 -1.95
N GLN A 149 -7.20 4.28 -2.22
CA GLN A 149 -6.53 5.54 -2.50
C GLN A 149 -5.16 5.28 -3.13
N VAL A 150 -4.98 5.75 -4.36
CA VAL A 150 -3.71 5.55 -5.07
C VAL A 150 -2.74 6.68 -4.79
N ALA A 151 -1.50 6.32 -4.51
CA ALA A 151 -0.46 7.29 -4.20
C ALA A 151 0.38 7.61 -5.45
N LYS A 152 1.35 8.49 -5.29
CA LYS A 152 2.23 8.89 -6.39
C LYS A 152 3.23 7.79 -6.74
N VAL A 153 3.86 7.92 -7.90
CA VAL A 153 4.83 6.94 -8.38
C VAL A 153 6.25 7.50 -8.30
N PHE A 154 7.20 6.65 -7.89
CA PHE A 154 8.59 7.06 -7.76
C PHE A 154 9.52 6.22 -8.65
N ASP A 155 9.12 4.99 -8.91
CA ASP A 155 9.92 4.08 -9.72
C ASP A 155 9.70 4.25 -11.22
N GLN A 156 9.25 5.43 -11.63
CA GLN A 156 9.01 5.68 -13.05
C GLN A 156 10.28 6.17 -13.75
N TYR A 157 11.19 6.79 -13.00
CA TYR A 157 12.43 7.30 -13.57
C TYR A 157 13.65 6.57 -13.01
N LEU A 158 13.44 5.46 -12.32
CA LEU A 158 14.54 4.69 -11.76
C LEU A 158 14.12 3.29 -11.36
N ASN A 159 15.04 2.54 -10.76
CA ASN A 159 14.77 1.17 -10.31
C ASN A 159 14.20 0.32 -11.44
N ALA A 20 21.73 9.92 -3.23
CA ALA A 20 21.31 10.55 -4.51
C ALA A 20 19.97 11.26 -4.37
N SER A 21 19.80 12.34 -5.11
CA SER A 21 18.56 13.10 -5.07
C SER A 21 17.40 12.23 -5.53
N ILE A 22 17.71 11.28 -6.41
CA ILE A 22 16.70 10.36 -6.93
C ILE A 22 16.23 9.42 -5.85
N ARG A 23 17.16 8.61 -5.32
CA ARG A 23 16.83 7.66 -4.26
C ARG A 23 16.06 8.36 -3.14
N GLU A 24 16.31 9.65 -2.98
CA GLU A 24 15.64 10.44 -1.96
C GLU A 24 14.14 10.48 -2.20
N ARG A 25 13.75 10.79 -3.44
CA ARG A 25 12.33 10.86 -3.79
C ARG A 25 11.64 9.53 -3.51
N GLN A 26 12.36 8.44 -3.74
CA GLN A 26 11.84 7.10 -3.51
C GLN A 26 11.30 6.99 -2.08
N THR A 27 12.10 7.50 -1.14
CA THR A 27 11.72 7.47 0.26
C THR A 27 10.56 8.42 0.55
N VAL A 28 10.47 9.49 -0.23
CA VAL A 28 9.39 10.46 -0.05
C VAL A 28 8.03 9.77 -0.03
N ALA A 29 7.67 9.16 -1.15
CA ALA A 29 6.39 8.44 -1.23
C ALA A 29 6.30 7.37 -0.16
N LEU A 30 7.44 6.73 0.12
CA LEU A 30 7.52 5.69 1.13
C LEU A 30 7.18 6.23 2.52
N LYS A 31 8.05 7.09 3.02
CA LYS A 31 7.86 7.69 4.35
C LYS A 31 6.45 8.26 4.49
N ARG A 32 5.90 8.76 3.40
CA ARG A 32 4.56 9.32 3.40
C ARG A 32 3.55 8.30 3.90
N MET A 33 3.60 7.10 3.33
CA MET A 33 2.68 6.03 3.72
C MET A 33 3.24 5.21 4.88
N LEU A 34 4.53 5.37 5.15
CA LEU A 34 5.17 4.62 6.23
C LEU A 34 5.26 5.45 7.51
N ASN A 35 4.91 6.73 7.43
CA ASN A 35 4.96 7.60 8.60
C ASN A 35 3.62 8.28 8.84
N PHE A 36 2.94 8.70 7.77
CA PHE A 36 1.65 9.34 7.91
C PHE A 36 0.53 8.31 7.78
N ASN A 37 0.00 7.88 8.90
CA ASN A 37 -1.07 6.89 8.92
C ASN A 37 -2.43 7.57 8.78
N VAL A 38 -3.26 7.04 7.89
CA VAL A 38 -4.59 7.60 7.66
C VAL A 38 -5.51 7.29 8.84
N PRO A 39 -5.88 8.32 9.63
CA PRO A 39 -6.75 8.14 10.80
C PRO A 39 -8.18 7.77 10.42
N HIS A 40 -8.82 6.98 11.27
CA HIS A 40 -10.20 6.55 11.03
C HIS A 40 -11.10 6.99 12.18
N VAL A 41 -12.41 6.80 12.02
CA VAL A 41 -13.35 7.18 13.05
C VAL A 41 -13.21 6.30 14.28
N LYS A 42 -12.49 6.81 15.28
CA LYS A 42 -12.27 6.07 16.52
C LYS A 42 -13.02 6.71 17.68
N ASN A 43 -13.94 5.95 18.28
CA ASN A 43 -14.72 6.45 19.40
C ASN A 43 -14.05 6.10 20.73
N SER A 44 -13.32 4.99 20.75
CA SER A 44 -12.63 4.55 21.95
C SER A 44 -11.13 4.85 21.86
N PRO A 45 -10.67 5.92 22.53
CA PRO A 45 -9.26 6.30 22.52
C PRO A 45 -8.38 5.30 23.27
N GLY A 46 -7.06 5.51 23.20
CA GLY A 46 -6.14 4.61 23.87
C GLY A 46 -5.27 3.84 22.90
N GLU A 47 -5.89 3.34 21.82
CA GLU A 47 -5.17 2.57 20.82
C GLU A 47 -4.78 3.46 19.63
N PRO A 48 -3.48 3.61 19.36
CA PRO A 48 -2.99 4.44 18.25
C PRO A 48 -3.56 3.99 16.91
N VAL A 49 -2.94 4.44 15.83
CA VAL A 49 -3.39 4.09 14.49
C VAL A 49 -2.43 3.11 13.81
N TRP A 50 -2.87 1.87 13.66
CA TRP A 50 -2.05 0.85 13.03
C TRP A 50 -2.43 0.70 11.56
N LYS A 51 -1.48 0.95 10.66
CA LYS A 51 -1.74 0.83 9.23
C LYS A 51 -0.97 -0.35 8.65
N VAL A 52 -1.52 -0.96 7.60
CA VAL A 52 -0.90 -2.11 6.96
C VAL A 52 -0.19 -1.71 5.67
N LEU A 53 0.67 -2.59 5.17
CA LEU A 53 1.40 -2.34 3.94
C LEU A 53 1.50 -3.60 3.09
N ILE A 54 1.39 -3.44 1.78
CA ILE A 54 1.48 -4.55 0.85
C ILE A 54 2.42 -4.18 -0.29
N TYR A 55 3.58 -4.81 -0.32
CA TYR A 55 4.56 -4.52 -1.36
C TYR A 55 4.74 -5.70 -2.30
N ASP A 56 5.22 -5.40 -3.51
CA ASP A 56 5.45 -6.41 -4.53
C ASP A 56 6.94 -6.51 -4.84
N ARG A 57 7.27 -7.23 -5.92
CA ARG A 57 8.66 -7.40 -6.33
C ARG A 57 9.46 -6.10 -6.17
N PHE A 58 8.96 -5.03 -6.76
CA PHE A 58 9.62 -3.73 -6.67
C PHE A 58 9.40 -3.13 -5.29
N GLY A 59 8.20 -3.33 -4.74
CA GLY A 59 7.89 -2.81 -3.42
C GLY A 59 8.98 -3.10 -2.42
N GLN A 60 9.43 -4.34 -2.38
CA GLN A 60 10.50 -4.75 -1.47
C GLN A 60 11.83 -4.21 -1.98
N ASP A 61 11.92 -4.06 -3.30
CA ASP A 61 13.12 -3.54 -3.94
C ASP A 61 13.35 -2.08 -3.58
N ILE A 62 12.36 -1.45 -2.96
CA ILE A 62 12.46 -0.05 -2.59
C ILE A 62 12.27 0.16 -1.09
N ILE A 63 11.32 -0.57 -0.50
CA ILE A 63 11.04 -0.44 0.92
C ILE A 63 12.25 -0.83 1.78
N SER A 64 12.83 -1.99 1.49
CA SER A 64 13.98 -2.48 2.25
C SER A 64 15.17 -1.53 2.19
N PRO A 65 15.63 -1.18 0.98
CA PRO A 65 16.77 -0.28 0.79
C PRO A 65 16.68 0.99 1.65
N LEU A 66 15.47 1.38 1.99
CA LEU A 66 15.26 2.58 2.81
C LEU A 66 14.42 2.27 4.04
N LEU A 67 14.26 0.99 4.36
CA LEU A 67 13.45 0.59 5.50
C LEU A 67 13.78 -0.84 5.94
N SER A 68 13.45 -1.16 7.18
CA SER A 68 13.69 -2.49 7.72
C SER A 68 12.43 -3.05 8.36
N VAL A 69 12.51 -4.28 8.86
CA VAL A 69 11.37 -4.95 9.49
C VAL A 69 11.04 -4.32 10.84
N LYS A 70 12.07 -4.10 11.64
CA LYS A 70 11.90 -3.53 12.96
C LYS A 70 11.42 -2.08 12.88
N GLU A 71 11.85 -1.37 11.84
CA GLU A 71 11.43 0.02 11.66
C GLU A 71 9.99 0.04 11.16
N LEU A 72 9.60 -1.01 10.46
CA LEU A 72 8.24 -1.14 9.94
C LEU A 72 7.24 -1.14 11.08
N ARG A 73 7.46 -2.03 12.04
CA ARG A 73 6.58 -2.14 13.19
C ARG A 73 6.75 -0.95 14.13
N ASP A 74 7.92 -0.32 14.07
CA ASP A 74 8.21 0.83 14.92
C ASP A 74 7.57 2.11 14.37
N MET A 75 7.29 2.11 13.07
CA MET A 75 6.68 3.28 12.43
C MET A 75 5.16 3.28 12.63
N GLY A 76 4.61 2.12 12.94
CA GLY A 76 3.18 2.01 13.13
C GLY A 76 2.52 1.03 12.19
N ILE A 77 3.21 -0.06 11.88
CA ILE A 77 2.69 -1.06 10.98
C ILE A 77 2.18 -2.28 11.75
N THR A 78 0.96 -2.69 11.46
CA THR A 78 0.36 -3.85 12.13
C THR A 78 0.60 -5.13 11.33
N LEU A 79 0.97 -4.99 10.06
CA LEU A 79 1.21 -6.15 9.21
C LEU A 79 1.78 -5.72 7.86
N HIS A 80 2.78 -6.46 7.40
CA HIS A 80 3.42 -6.18 6.13
C HIS A 80 3.74 -7.50 5.40
N LEU A 81 3.10 -7.72 4.26
CA LEU A 81 3.33 -8.95 3.51
C LEU A 81 3.35 -8.72 2.00
N LEU A 82 3.76 -9.76 1.28
CA LEU A 82 3.86 -9.73 -0.18
C LEU A 82 2.56 -10.16 -0.84
N LEU A 83 2.06 -9.35 -1.77
CA LEU A 83 0.82 -9.70 -2.47
C LEU A 83 0.92 -11.11 -3.03
N HIS A 84 2.15 -11.52 -3.31
CA HIS A 84 2.42 -12.85 -3.84
C HIS A 84 2.60 -13.84 -2.70
N SER A 85 1.87 -13.62 -1.62
CA SER A 85 1.95 -14.49 -0.46
C SER A 85 0.61 -14.54 0.28
N ASP A 86 0.59 -15.24 1.42
CA ASP A 86 -0.62 -15.37 2.22
C ASP A 86 -0.91 -14.07 2.98
N ARG A 87 -2.04 -13.44 2.66
CA ARG A 87 -2.42 -12.20 3.32
C ARG A 87 -3.30 -12.48 4.53
N ASP A 88 -3.21 -11.60 5.53
CA ASP A 88 -4.01 -11.75 6.74
C ASP A 88 -5.26 -10.86 6.67
N PRO A 89 -6.41 -11.36 7.16
CA PRO A 89 -7.65 -10.61 7.13
C PRO A 89 -7.79 -9.65 8.31
N ILE A 90 -7.72 -8.35 8.03
CA ILE A 90 -7.84 -7.34 9.07
C ILE A 90 -8.77 -6.20 8.61
N ARG A 91 -10.06 -6.50 8.56
CA ARG A 91 -11.07 -5.54 8.13
C ARG A 91 -11.14 -4.32 9.04
N ASP A 92 -10.59 -4.44 10.24
CA ASP A 92 -10.62 -3.35 11.21
C ASP A 92 -9.29 -2.60 11.28
N VAL A 93 -8.54 -2.61 10.20
CA VAL A 93 -7.25 -1.92 10.17
C VAL A 93 -6.91 -1.40 8.77
N PRO A 94 -6.55 -0.10 8.66
CA PRO A 94 -6.19 0.50 7.37
C PRO A 94 -5.00 -0.20 6.74
N ALA A 95 -5.00 -0.32 5.42
CA ALA A 95 -3.90 -0.99 4.72
C ALA A 95 -3.27 -0.13 3.63
N VAL A 96 -2.07 -0.50 3.23
CA VAL A 96 -1.32 0.20 2.20
C VAL A 96 -0.81 -0.80 1.16
N TYR A 97 -0.91 -0.47 -0.11
CA TYR A 97 -0.45 -1.38 -1.16
C TYR A 97 0.56 -0.71 -2.08
N PHE A 98 1.81 -0.62 -1.62
CA PHE A 98 2.88 -0.03 -2.41
C PHE A 98 3.45 -1.07 -3.37
N VAL A 99 2.81 -1.22 -4.53
CA VAL A 99 3.22 -2.20 -5.51
C VAL A 99 3.19 -1.64 -6.93
N MET A 100 3.65 -2.45 -7.88
CA MET A 100 3.69 -2.05 -9.29
C MET A 100 2.34 -2.29 -9.96
N PRO A 101 1.93 -1.40 -10.88
CA PRO A 101 0.66 -1.55 -11.58
C PRO A 101 0.74 -2.55 -12.74
N THR A 102 1.35 -3.70 -12.47
CA THR A 102 1.49 -4.72 -13.49
C THR A 102 0.19 -5.52 -13.61
N GLU A 103 -0.05 -6.05 -14.81
CA GLU A 103 -1.26 -6.84 -15.06
C GLU A 103 -1.60 -7.75 -13.88
N GLU A 104 -0.57 -8.38 -13.33
CA GLU A 104 -0.74 -9.27 -12.19
C GLU A 104 -1.17 -8.48 -10.97
N ASN A 105 -0.47 -7.38 -10.69
CA ASN A 105 -0.80 -6.55 -9.54
C ASN A 105 -2.23 -6.04 -9.63
N ILE A 106 -2.59 -5.53 -10.81
CA ILE A 106 -3.94 -5.03 -11.03
C ILE A 106 -4.97 -6.07 -10.61
N ASP A 107 -4.62 -7.34 -10.78
CA ASP A 107 -5.51 -8.43 -10.40
C ASP A 107 -5.50 -8.60 -8.88
N ARG A 108 -4.37 -8.26 -8.25
CA ARG A 108 -4.24 -8.37 -6.81
C ARG A 108 -5.08 -7.31 -6.10
N LEU A 109 -5.18 -6.12 -6.71
CA LEU A 109 -5.97 -5.04 -6.13
C LEU A 109 -7.44 -5.43 -6.11
N CYS A 110 -7.89 -6.00 -7.22
CA CYS A 110 -9.28 -6.44 -7.34
C CYS A 110 -9.53 -7.66 -6.47
N GLN A 111 -8.47 -8.43 -6.22
CA GLN A 111 -8.58 -9.63 -5.40
C GLN A 111 -8.62 -9.28 -3.92
N ASP A 112 -7.74 -8.37 -3.50
CA ASP A 112 -7.68 -7.95 -2.11
C ASP A 112 -8.82 -6.98 -1.77
N LEU A 113 -9.23 -6.20 -2.76
CA LEU A 113 -10.31 -5.23 -2.57
C LEU A 113 -11.65 -5.95 -2.42
N ARG A 114 -11.79 -7.09 -3.07
CA ARG A 114 -13.02 -7.87 -3.02
C ARG A 114 -13.04 -8.72 -1.75
N ASN A 115 -11.87 -9.14 -1.29
CA ASN A 115 -11.76 -9.96 -0.09
C ASN A 115 -11.99 -9.12 1.17
N GLN A 116 -11.77 -7.82 1.06
CA GLN A 116 -11.95 -6.92 2.20
C GLN A 116 -10.96 -7.26 3.31
N LEU A 117 -9.77 -7.67 2.92
CA LEU A 117 -8.72 -8.04 3.87
C LEU A 117 -8.37 -6.86 4.78
N TYR A 118 -8.54 -5.64 4.26
CA TYR A 118 -8.22 -4.45 5.04
C TYR A 118 -9.23 -3.33 4.75
N GLU A 119 -9.53 -2.53 5.77
CA GLU A 119 -10.49 -1.44 5.63
C GLU A 119 -10.02 -0.41 4.62
N SER A 120 -8.78 0.03 4.76
CA SER A 120 -8.21 1.02 3.85
C SER A 120 -7.31 0.35 2.82
N TYR A 121 -6.88 1.11 1.83
CA TYR A 121 -6.02 0.58 0.78
C TYR A 121 -5.14 1.66 0.18
N TYR A 122 -4.19 2.17 0.98
CA TYR A 122 -3.26 3.19 0.51
C TYR A 122 -2.46 2.62 -0.67
N LEU A 123 -3.01 2.81 -1.88
CA LEU A 123 -2.39 2.30 -3.09
C LEU A 123 -1.23 3.18 -3.56
N ASN A 124 -0.28 2.55 -4.23
CA ASN A 124 0.88 3.25 -4.77
C ASN A 124 1.54 2.42 -5.86
N PHE A 125 1.82 3.05 -6.99
CA PHE A 125 2.43 2.35 -8.11
C PHE A 125 3.89 2.73 -8.28
N ILE A 126 4.71 1.71 -8.56
CA ILE A 126 6.15 1.90 -8.75
C ILE A 126 6.46 2.40 -10.15
N SER A 127 5.58 2.08 -11.11
CA SER A 127 5.78 2.50 -12.49
C SER A 127 4.66 3.44 -12.94
N ALA A 128 4.69 3.80 -14.22
CA ALA A 128 3.69 4.70 -14.78
C ALA A 128 2.48 3.93 -15.30
N ILE A 129 1.47 3.79 -14.46
CA ILE A 129 0.26 3.07 -14.86
C ILE A 129 -0.59 3.91 -15.82
N SER A 130 -1.46 3.24 -16.56
CA SER A 130 -2.32 3.94 -17.52
C SER A 130 -3.75 4.05 -17.00
N ARG A 131 -4.50 5.00 -17.55
CA ARG A 131 -5.88 5.22 -17.14
C ARG A 131 -6.69 3.92 -17.19
N SER A 132 -6.44 3.12 -18.21
CA SER A 132 -7.14 1.85 -18.37
C SER A 132 -6.82 0.91 -17.20
N LYS A 133 -5.54 0.73 -16.92
CA LYS A 133 -5.12 -0.14 -15.83
C LYS A 133 -5.50 0.45 -14.48
N LEU A 134 -5.49 1.78 -14.39
CA LEU A 134 -5.84 2.47 -13.15
C LEU A 134 -7.29 2.20 -12.80
N GLU A 135 -8.19 2.50 -13.72
CA GLU A 135 -9.62 2.28 -13.50
C GLU A 135 -9.87 0.86 -13.03
N ASP A 136 -9.05 -0.06 -13.52
CA ASP A 136 -9.16 -1.47 -13.14
C ASP A 136 -9.02 -1.61 -11.62
N ILE A 137 -8.01 -0.94 -11.07
CA ILE A 137 -7.78 -0.96 -9.63
C ILE A 137 -8.82 -0.12 -8.91
N ALA A 138 -9.02 1.11 -9.40
CA ALA A 138 -10.00 2.01 -8.81
C ALA A 138 -11.36 1.32 -8.76
N ASN A 139 -11.69 0.63 -9.85
CA ASN A 139 -12.94 -0.09 -9.93
C ASN A 139 -12.85 -1.39 -9.15
N ALA A 140 -11.64 -1.95 -9.07
CA ALA A 140 -11.43 -3.18 -8.32
C ALA A 140 -12.04 -3.03 -6.92
N ALA A 141 -12.06 -1.80 -6.42
CA ALA A 141 -12.61 -1.50 -5.11
C ALA A 141 -14.11 -1.24 -5.21
N LEU A 142 -14.51 -0.53 -6.27
CA LEU A 142 -15.92 -0.20 -6.48
C LEU A 142 -16.81 -1.44 -6.30
N ALA A 143 -16.24 -2.61 -6.56
CA ALA A 143 -16.97 -3.85 -6.44
C ALA A 143 -17.32 -4.16 -4.98
N ALA A 144 -16.36 -3.93 -4.08
CA ALA A 144 -16.57 -4.18 -2.67
C ALA A 144 -16.75 -2.89 -1.88
N ASN A 145 -16.64 -1.75 -2.56
CA ASN A 145 -16.79 -0.45 -1.92
C ASN A 145 -15.72 -0.26 -0.85
N ALA A 146 -14.49 -0.67 -1.16
CA ALA A 146 -13.39 -0.54 -0.23
C ALA A 146 -12.67 0.79 -0.38
N VAL A 147 -12.46 1.48 0.73
CA VAL A 147 -11.79 2.77 0.70
C VAL A 147 -10.39 2.66 0.13
N THR A 148 -10.23 3.10 -1.12
CA THR A 148 -8.94 3.04 -1.78
C THR A 148 -8.40 4.42 -2.13
N GLN A 149 -7.09 4.52 -2.24
CA GLN A 149 -6.44 5.79 -2.57
C GLN A 149 -5.09 5.52 -3.23
N VAL A 150 -4.95 5.96 -4.48
CA VAL A 150 -3.71 5.75 -5.22
C VAL A 150 -2.72 6.89 -4.97
N ALA A 151 -1.47 6.51 -4.74
CA ALA A 151 -0.41 7.48 -4.48
C ALA A 151 0.47 7.70 -5.72
N LYS A 152 1.45 8.57 -5.58
CA LYS A 152 2.36 8.88 -6.69
C LYS A 152 3.40 7.78 -6.88
N VAL A 153 4.07 7.83 -8.03
CA VAL A 153 5.09 6.84 -8.37
C VAL A 153 6.50 7.42 -8.24
N PHE A 154 7.43 6.60 -7.77
CA PHE A 154 8.82 7.04 -7.62
C PHE A 154 9.74 6.31 -8.59
N ASP A 155 9.38 5.07 -8.92
CA ASP A 155 10.18 4.26 -9.83
C ASP A 155 9.72 4.41 -11.27
N GLN A 156 8.99 5.48 -11.56
CA GLN A 156 8.49 5.71 -12.90
C GLN A 156 9.63 6.00 -13.88
N TYR A 157 10.68 6.66 -13.39
CA TYR A 157 11.82 7.00 -14.23
C TYR A 157 13.05 6.15 -13.90
N LEU A 158 13.11 5.64 -12.66
CA LEU A 158 14.25 4.82 -12.24
C LEU A 158 13.78 3.49 -11.68
N ASN A 159 14.74 2.70 -11.19
CA ASN A 159 14.44 1.39 -10.62
C ASN A 159 13.85 0.46 -11.67
N ALA A 20 21.27 10.44 -2.58
CA ALA A 20 20.97 10.85 -3.99
C ALA A 20 19.63 11.56 -4.08
N SER A 21 19.50 12.46 -5.05
CA SER A 21 18.27 13.20 -5.25
C SER A 21 17.11 12.26 -5.52
N ILE A 22 17.28 11.38 -6.50
CA ILE A 22 16.25 10.42 -6.85
C ILE A 22 15.96 9.48 -5.68
N ARG A 23 17.00 8.86 -5.14
CA ARG A 23 16.85 7.94 -4.01
C ARG A 23 15.98 8.59 -2.92
N GLU A 24 16.18 9.87 -2.73
CA GLU A 24 15.42 10.62 -1.74
C GLU A 24 13.94 10.60 -2.10
N ARG A 25 13.65 10.86 -3.37
CA ARG A 25 12.27 10.86 -3.85
C ARG A 25 11.58 9.55 -3.50
N GLN A 26 12.34 8.46 -3.59
CA GLN A 26 11.81 7.14 -3.26
C GLN A 26 11.20 7.13 -1.87
N THR A 27 11.99 7.59 -0.89
CA THR A 27 11.55 7.64 0.49
C THR A 27 10.38 8.62 0.67
N VAL A 28 10.25 9.57 -0.26
CA VAL A 28 9.17 10.55 -0.17
C VAL A 28 7.81 9.85 -0.20
N ALA A 29 7.54 9.13 -1.29
CA ALA A 29 6.27 8.42 -1.42
C ALA A 29 6.14 7.35 -0.33
N LEU A 30 7.27 6.84 0.12
CA LEU A 30 7.30 5.82 1.16
C LEU A 30 6.97 6.41 2.52
N LYS A 31 7.86 7.28 3.01
CA LYS A 31 7.66 7.93 4.30
C LYS A 31 6.26 8.53 4.41
N ARG A 32 5.76 9.02 3.28
CA ARG A 32 4.43 9.63 3.24
C ARG A 32 3.37 8.63 3.69
N MET A 33 3.38 7.46 3.07
CA MET A 33 2.41 6.42 3.40
C MET A 33 2.87 5.58 4.59
N LEU A 34 4.15 5.71 4.94
CA LEU A 34 4.71 4.98 6.06
C LEU A 34 4.67 5.79 7.35
N ASN A 35 4.41 7.10 7.23
CA ASN A 35 4.36 7.97 8.39
C ASN A 35 2.96 8.57 8.57
N PHE A 36 2.47 9.24 7.54
CA PHE A 36 1.15 9.85 7.60
C PHE A 36 0.06 8.79 7.46
N ASN A 37 -0.52 8.39 8.59
CA ASN A 37 -1.56 7.38 8.61
C ASN A 37 -2.93 7.99 8.30
N VAL A 38 -3.66 7.34 7.40
CA VAL A 38 -4.99 7.80 7.02
C VAL A 38 -6.00 7.59 8.14
N PRO A 39 -7.10 8.37 8.14
CA PRO A 39 -8.14 8.26 9.17
C PRO A 39 -8.82 6.89 9.16
N HIS A 40 -8.75 6.19 10.29
CA HIS A 40 -9.35 4.87 10.41
C HIS A 40 -10.38 4.84 11.53
N VAL A 41 -11.11 3.73 11.63
CA VAL A 41 -12.13 3.57 12.66
C VAL A 41 -11.50 3.18 13.99
N LYS A 42 -11.69 4.03 15.00
CA LYS A 42 -11.15 3.77 16.33
C LYS A 42 -12.14 3.02 17.20
N ASN A 43 -11.79 1.80 17.57
CA ASN A 43 -12.65 0.96 18.41
C ASN A 43 -12.26 1.09 19.88
N SER A 44 -10.97 1.21 20.14
CA SER A 44 -10.46 1.34 21.51
C SER A 44 -10.09 2.78 21.82
N PRO A 45 -10.36 3.25 23.05
CA PRO A 45 -10.03 4.61 23.47
C PRO A 45 -8.55 4.81 23.76
N GLY A 46 -7.98 5.88 23.22
CA GLY A 46 -6.58 6.17 23.44
C GLY A 46 -5.67 5.15 22.77
N GLU A 47 -6.00 4.77 21.53
CA GLU A 47 -5.22 3.81 20.79
C GLU A 47 -4.66 4.44 19.50
N PRO A 48 -3.33 4.37 19.30
CA PRO A 48 -2.69 4.94 18.10
C PRO A 48 -3.34 4.45 16.80
N VAL A 49 -2.75 4.82 15.67
CA VAL A 49 -3.27 4.42 14.38
C VAL A 49 -2.37 3.39 13.71
N TRP A 50 -2.83 2.15 13.67
CA TRP A 50 -2.07 1.07 13.05
C TRP A 50 -2.49 0.89 11.60
N LYS A 51 -1.54 1.07 10.68
CA LYS A 51 -1.83 0.92 9.26
C LYS A 51 -1.07 -0.27 8.68
N VAL A 52 -1.64 -0.89 7.65
CA VAL A 52 -1.02 -2.05 7.02
C VAL A 52 -0.31 -1.66 5.72
N LEU A 53 0.53 -2.56 5.23
CA LEU A 53 1.26 -2.31 4.00
C LEU A 53 1.36 -3.60 3.17
N ILE A 54 1.21 -3.45 1.85
CA ILE A 54 1.30 -4.56 0.93
C ILE A 54 2.25 -4.24 -0.19
N TYR A 55 3.41 -4.88 -0.19
CA TYR A 55 4.41 -4.63 -1.22
C TYR A 55 4.61 -5.84 -2.12
N ASP A 56 5.08 -5.57 -3.34
CA ASP A 56 5.34 -6.61 -4.32
C ASP A 56 6.83 -6.82 -4.47
N ARG A 57 7.23 -7.61 -5.47
CA ARG A 57 8.66 -7.85 -5.70
C ARG A 57 9.43 -6.54 -5.74
N PHE A 58 8.79 -5.52 -6.29
CA PHE A 58 9.40 -4.19 -6.39
C PHE A 58 9.12 -3.41 -5.11
N GLY A 59 7.87 -3.38 -4.69
CA GLY A 59 7.50 -2.66 -3.48
C GLY A 59 8.48 -2.93 -2.34
N GLN A 60 9.06 -4.12 -2.34
CA GLN A 60 10.04 -4.50 -1.32
C GLN A 60 11.42 -4.07 -1.78
N ASP A 61 11.65 -4.16 -3.09
CA ASP A 61 12.91 -3.77 -3.69
C ASP A 61 13.18 -2.28 -3.47
N ILE A 62 12.16 -1.55 -3.01
CA ILE A 62 12.29 -0.12 -2.80
C ILE A 62 12.07 0.27 -1.34
N ILE A 63 11.16 -0.43 -0.67
CA ILE A 63 10.87 -0.13 0.73
C ILE A 63 12.04 -0.57 1.62
N SER A 64 12.59 -1.74 1.34
CA SER A 64 13.70 -2.28 2.12
C SER A 64 14.93 -1.36 2.08
N PRO A 65 15.44 -1.04 0.88
CA PRO A 65 16.63 -0.18 0.74
C PRO A 65 16.53 1.09 1.58
N LEU A 66 15.31 1.51 1.90
CA LEU A 66 15.10 2.71 2.70
C LEU A 66 14.25 2.41 3.94
N LEU A 67 14.11 1.13 4.26
CA LEU A 67 13.31 0.71 5.40
C LEU A 67 13.61 -0.73 5.80
N SER A 68 13.34 -1.07 7.06
CA SER A 68 13.58 -2.42 7.55
C SER A 68 12.34 -2.98 8.24
N VAL A 69 12.44 -4.23 8.69
CA VAL A 69 11.32 -4.91 9.36
C VAL A 69 11.02 -4.26 10.71
N LYS A 70 12.06 -4.05 11.49
CA LYS A 70 11.90 -3.46 12.82
C LYS A 70 11.47 -2.00 12.73
N GLU A 71 11.90 -1.31 11.68
CA GLU A 71 11.52 0.08 11.50
C GLU A 71 10.08 0.15 11.02
N LEU A 72 9.66 -0.90 10.30
CA LEU A 72 8.31 -0.99 9.79
C LEU A 72 7.30 -0.95 10.93
N ARG A 73 7.52 -1.80 11.93
CA ARG A 73 6.64 -1.86 13.09
C ARG A 73 6.85 -0.67 14.01
N ASP A 74 8.03 -0.08 13.95
CA ASP A 74 8.37 1.07 14.79
C ASP A 74 7.67 2.34 14.30
N MET A 75 7.25 2.35 13.04
CA MET A 75 6.58 3.53 12.47
C MET A 75 5.07 3.46 12.70
N GLY A 76 4.56 2.27 12.96
CA GLY A 76 3.14 2.11 13.19
C GLY A 76 2.48 1.14 12.24
N ILE A 77 3.19 0.09 11.87
CA ILE A 77 2.65 -0.92 10.96
C ILE A 77 2.14 -2.13 11.74
N THR A 78 0.88 -2.49 11.52
CA THR A 78 0.28 -3.63 12.20
C THR A 78 0.50 -4.93 11.42
N LEU A 79 0.87 -4.82 10.15
CA LEU A 79 1.08 -6.01 9.33
C LEU A 79 1.65 -5.64 7.97
N HIS A 80 2.62 -6.43 7.51
CA HIS A 80 3.24 -6.21 6.22
C HIS A 80 3.50 -7.54 5.53
N LEU A 81 2.89 -7.75 4.36
CA LEU A 81 3.06 -9.01 3.64
C LEU A 81 3.09 -8.81 2.13
N LEU A 82 3.45 -9.88 1.43
CA LEU A 82 3.55 -9.89 -0.02
C LEU A 82 2.23 -10.24 -0.68
N LEU A 83 1.83 -9.45 -1.67
CA LEU A 83 0.59 -9.72 -2.40
C LEU A 83 0.54 -11.18 -2.85
N HIS A 84 1.72 -11.75 -3.02
CA HIS A 84 1.85 -13.14 -3.44
C HIS A 84 1.97 -14.06 -2.23
N SER A 85 1.20 -13.74 -1.19
CA SER A 85 1.23 -14.52 0.04
C SER A 85 -0.15 -14.57 0.69
N ASP A 86 -0.22 -15.16 1.87
CA ASP A 86 -1.48 -15.26 2.61
C ASP A 86 -1.74 -13.99 3.40
N ARG A 87 -2.71 -13.20 2.95
CA ARG A 87 -3.06 -11.96 3.62
C ARG A 87 -4.01 -12.20 4.79
N ASP A 88 -3.77 -11.50 5.89
CA ASP A 88 -4.63 -11.63 7.07
C ASP A 88 -5.80 -10.66 6.98
N PRO A 89 -7.00 -11.10 7.43
CA PRO A 89 -8.19 -10.25 7.37
C PRO A 89 -8.28 -9.27 8.54
N ILE A 90 -8.11 -7.99 8.23
CA ILE A 90 -8.18 -6.95 9.26
C ILE A 90 -9.03 -5.78 8.77
N ARG A 91 -10.35 -5.90 8.92
CA ARG A 91 -11.27 -4.86 8.49
C ARG A 91 -11.23 -3.66 9.43
N ASP A 92 -10.73 -3.87 10.65
CA ASP A 92 -10.66 -2.81 11.64
C ASP A 92 -9.28 -2.13 11.62
N VAL A 93 -8.60 -2.20 10.48
CA VAL A 93 -7.28 -1.58 10.37
C VAL A 93 -7.01 -1.11 8.93
N PRO A 94 -6.57 0.15 8.76
CA PRO A 94 -6.25 0.70 7.45
C PRO A 94 -5.07 -0.03 6.81
N ALA A 95 -5.08 -0.15 5.49
CA ALA A 95 -4.01 -0.85 4.80
C ALA A 95 -3.36 0.00 3.71
N VAL A 96 -2.16 -0.42 3.31
CA VAL A 96 -1.41 0.27 2.27
C VAL A 96 -0.93 -0.75 1.24
N TYR A 97 -1.06 -0.43 -0.04
CA TYR A 97 -0.65 -1.35 -1.10
C TYR A 97 0.36 -0.71 -2.05
N PHE A 98 1.60 -0.59 -1.60
CA PHE A 98 2.66 -0.02 -2.44
C PHE A 98 3.24 -1.12 -3.32
N VAL A 99 2.65 -1.31 -4.49
CA VAL A 99 3.10 -2.36 -5.39
C VAL A 99 3.13 -1.90 -6.85
N MET A 100 3.62 -2.77 -7.73
CA MET A 100 3.72 -2.46 -9.16
C MET A 100 2.35 -2.33 -9.80
N PRO A 101 2.23 -1.52 -10.87
CA PRO A 101 1.00 -1.30 -11.59
C PRO A 101 0.85 -2.25 -12.77
N THR A 102 1.19 -3.51 -12.55
CA THR A 102 1.13 -4.52 -13.60
C THR A 102 -0.19 -5.29 -13.54
N GLU A 103 -0.54 -5.92 -14.66
CA GLU A 103 -1.77 -6.71 -14.75
C GLU A 103 -1.96 -7.59 -13.52
N GLU A 104 -0.93 -8.34 -13.18
CA GLU A 104 -0.98 -9.22 -12.01
C GLU A 104 -1.34 -8.43 -10.76
N ASN A 105 -0.68 -7.30 -10.58
CA ASN A 105 -0.94 -6.43 -9.44
C ASN A 105 -2.38 -5.94 -9.47
N ILE A 106 -2.81 -5.49 -10.64
CA ILE A 106 -4.16 -4.99 -10.83
C ILE A 106 -5.19 -6.04 -10.41
N ASP A 107 -4.83 -7.31 -10.61
CA ASP A 107 -5.73 -8.40 -10.24
C ASP A 107 -5.76 -8.57 -8.73
N ARG A 108 -4.64 -8.25 -8.07
CA ARG A 108 -4.55 -8.37 -6.62
C ARG A 108 -5.33 -7.24 -5.94
N LEU A 109 -5.40 -6.09 -6.62
CA LEU A 109 -6.13 -4.95 -6.08
C LEU A 109 -7.61 -5.28 -6.01
N CYS A 110 -8.10 -5.93 -7.06
CA CYS A 110 -9.50 -6.33 -7.12
C CYS A 110 -9.76 -7.52 -6.21
N GLN A 111 -8.70 -8.28 -5.93
CA GLN A 111 -8.82 -9.45 -5.07
C GLN A 111 -8.84 -9.03 -3.60
N ASP A 112 -7.96 -8.11 -3.23
CA ASP A 112 -7.88 -7.63 -1.86
C ASP A 112 -8.99 -6.63 -1.56
N LEU A 113 -9.44 -5.93 -2.60
CA LEU A 113 -10.50 -4.94 -2.44
C LEU A 113 -11.86 -5.60 -2.26
N ARG A 114 -12.03 -6.78 -2.85
CA ARG A 114 -13.27 -7.52 -2.73
C ARG A 114 -13.32 -8.30 -1.43
N ASN A 115 -12.20 -8.89 -1.06
CA ASN A 115 -12.10 -9.67 0.17
C ASN A 115 -12.27 -8.77 1.39
N GLN A 116 -12.00 -7.48 1.22
CA GLN A 116 -12.12 -6.53 2.32
C GLN A 116 -11.14 -6.87 3.43
N LEU A 117 -9.99 -7.41 3.04
CA LEU A 117 -8.95 -7.79 3.99
C LEU A 117 -8.56 -6.62 4.89
N TYR A 118 -8.70 -5.41 4.36
CA TYR A 118 -8.34 -4.22 5.13
C TYR A 118 -9.31 -3.08 4.86
N GLU A 119 -9.63 -2.32 5.91
CA GLU A 119 -10.56 -1.20 5.81
C GLU A 119 -10.14 -0.20 4.74
N SER A 120 -8.87 0.20 4.77
CA SER A 120 -8.34 1.15 3.80
C SER A 120 -7.40 0.47 2.82
N TYR A 121 -6.99 1.20 1.79
CA TYR A 121 -6.09 0.64 0.78
C TYR A 121 -5.20 1.71 0.17
N TYR A 122 -4.25 2.21 0.95
CA TYR A 122 -3.32 3.22 0.47
C TYR A 122 -2.51 2.64 -0.69
N LEU A 123 -3.01 2.81 -1.90
CA LEU A 123 -2.35 2.28 -3.08
C LEU A 123 -1.13 3.12 -3.46
N ASN A 124 -0.10 2.44 -3.95
CA ASN A 124 1.14 3.10 -4.36
C ASN A 124 1.81 2.30 -5.47
N PHE A 125 1.92 2.89 -6.65
CA PHE A 125 2.53 2.22 -7.79
C PHE A 125 3.98 2.65 -7.99
N ILE A 126 4.89 1.69 -7.95
CA ILE A 126 6.32 1.98 -8.13
C ILE A 126 6.56 2.63 -9.49
N SER A 127 5.94 2.06 -10.53
CA SER A 127 6.08 2.57 -11.88
C SER A 127 4.84 3.36 -12.28
N ALA A 128 4.78 3.79 -13.54
CA ALA A 128 3.65 4.55 -14.04
C ALA A 128 2.55 3.63 -14.57
N ILE A 129 1.32 3.88 -14.14
CA ILE A 129 0.17 3.09 -14.57
C ILE A 129 -0.64 3.86 -15.61
N SER A 130 -1.44 3.15 -16.38
CA SER A 130 -2.26 3.76 -17.42
C SER A 130 -3.73 3.86 -16.98
N ARG A 131 -4.48 4.75 -17.64
CA ARG A 131 -5.88 4.95 -17.33
C ARG A 131 -6.64 3.62 -17.35
N SER A 132 -6.31 2.78 -18.32
CA SER A 132 -6.96 1.48 -18.46
C SER A 132 -6.75 0.65 -17.21
N LYS A 133 -5.49 0.49 -16.81
CA LYS A 133 -5.15 -0.28 -15.63
C LYS A 133 -5.66 0.41 -14.37
N LEU A 134 -5.57 1.74 -14.35
CA LEU A 134 -6.02 2.52 -13.21
C LEU A 134 -7.50 2.30 -12.96
N GLU A 135 -8.31 2.47 -14.01
CA GLU A 135 -9.76 2.27 -13.90
C GLU A 135 -10.06 0.90 -13.32
N ASP A 136 -9.20 -0.07 -13.64
CA ASP A 136 -9.37 -1.43 -13.15
C ASP A 136 -9.26 -1.48 -11.63
N ILE A 137 -8.20 -0.88 -11.10
CA ILE A 137 -8.00 -0.85 -9.65
C ILE A 137 -9.05 0.01 -8.98
N ALA A 138 -9.33 1.17 -9.55
CA ALA A 138 -10.33 2.08 -9.01
C ALA A 138 -11.66 1.35 -8.92
N ASN A 139 -11.96 0.57 -9.95
CA ASN A 139 -13.19 -0.20 -10.00
C ASN A 139 -13.06 -1.45 -9.16
N ALA A 140 -11.84 -1.96 -9.05
CA ALA A 140 -11.60 -3.15 -8.25
C ALA A 140 -12.20 -2.97 -6.86
N ALA A 141 -12.22 -1.72 -6.41
CA ALA A 141 -12.78 -1.38 -5.11
C ALA A 141 -14.27 -1.12 -5.20
N LEU A 142 -14.69 -0.41 -6.24
CA LEU A 142 -16.10 -0.10 -6.45
C LEU A 142 -16.98 -1.34 -6.30
N ALA A 143 -16.41 -2.50 -6.58
CA ALA A 143 -17.13 -3.76 -6.46
C ALA A 143 -17.47 -4.04 -5.01
N ALA A 144 -16.62 -3.58 -4.11
CA ALA A 144 -16.83 -3.78 -2.68
C ALA A 144 -16.93 -2.43 -1.95
N ASN A 145 -16.82 -1.34 -2.69
CA ASN A 145 -16.88 0.00 -2.12
C ASN A 145 -15.81 0.19 -1.05
N ALA A 146 -14.62 -0.32 -1.33
CA ALA A 146 -13.50 -0.21 -0.40
C ALA A 146 -12.75 1.10 -0.60
N VAL A 147 -12.53 1.84 0.48
CA VAL A 147 -11.83 3.10 0.42
C VAL A 147 -10.41 2.91 -0.11
N THR A 148 -10.19 3.31 -1.36
CA THR A 148 -8.87 3.17 -1.98
C THR A 148 -8.30 4.53 -2.35
N GLN A 149 -6.98 4.58 -2.57
CA GLN A 149 -6.30 5.81 -2.94
C GLN A 149 -4.94 5.51 -3.55
N VAL A 150 -4.75 5.90 -4.80
CA VAL A 150 -3.49 5.67 -5.50
C VAL A 150 -2.53 6.82 -5.27
N ALA A 151 -1.37 6.50 -4.69
CA ALA A 151 -0.35 7.49 -4.39
C ALA A 151 0.55 7.78 -5.59
N LYS A 152 1.50 8.68 -5.39
CA LYS A 152 2.43 9.07 -6.45
C LYS A 152 3.38 7.93 -6.80
N VAL A 153 4.06 8.07 -7.94
CA VAL A 153 5.01 7.06 -8.41
C VAL A 153 6.44 7.57 -8.33
N PHE A 154 7.36 6.70 -7.91
CA PHE A 154 8.76 7.07 -7.79
C PHE A 154 9.63 6.26 -8.76
N ASP A 155 9.40 4.96 -8.78
CA ASP A 155 10.14 4.04 -9.65
C ASP A 155 9.95 4.34 -11.13
N GLN A 156 9.07 5.29 -11.44
CA GLN A 156 8.79 5.65 -12.83
C GLN A 156 10.06 6.06 -13.58
N TYR A 157 11.09 6.51 -12.87
CA TYR A 157 12.32 6.94 -13.52
C TYR A 157 13.50 6.06 -13.11
N LEU A 158 13.44 5.48 -11.91
CA LEU A 158 14.53 4.63 -11.43
C LEU A 158 14.05 3.22 -11.09
N ASN A 159 14.99 2.38 -10.68
CA ASN A 159 14.68 1.00 -10.31
C ASN A 159 13.99 0.26 -11.45
N ALA A 20 20.30 10.42 -1.78
CA ALA A 20 20.36 11.14 -3.08
C ALA A 20 19.02 11.72 -3.45
N SER A 21 19.05 12.85 -4.16
CA SER A 21 17.83 13.52 -4.61
C SER A 21 16.82 12.52 -5.14
N ILE A 22 17.33 11.45 -5.73
CA ILE A 22 16.49 10.41 -6.27
C ILE A 22 16.10 9.39 -5.20
N ARG A 23 17.10 8.84 -4.51
CA ARG A 23 16.84 7.85 -3.47
C ARG A 23 15.95 8.45 -2.39
N GLU A 24 16.05 9.76 -2.22
CA GLU A 24 15.25 10.46 -1.23
C GLU A 24 13.78 10.45 -1.62
N ARG A 25 13.49 10.95 -2.82
CA ARG A 25 12.09 10.99 -3.29
C ARG A 25 11.42 9.63 -3.08
N GLN A 26 12.21 8.57 -3.18
CA GLN A 26 11.70 7.22 -2.99
C GLN A 26 11.11 7.08 -1.61
N THR A 27 11.91 7.43 -0.60
CA THR A 27 11.48 7.35 0.78
C THR A 27 10.32 8.31 1.06
N VAL A 28 10.21 9.37 0.25
CA VAL A 28 9.14 10.33 0.42
C VAL A 28 7.78 9.63 0.35
N ALA A 29 7.45 9.10 -0.82
CA ALA A 29 6.18 8.39 -1.01
C ALA A 29 6.03 7.28 0.01
N LEU A 30 7.17 6.73 0.45
CA LEU A 30 7.18 5.65 1.42
C LEU A 30 6.85 6.14 2.81
N LYS A 31 7.74 6.95 3.38
CA LYS A 31 7.55 7.50 4.72
C LYS A 31 6.16 8.10 4.87
N ARG A 32 5.68 8.76 3.82
CA ARG A 32 4.36 9.38 3.85
C ARG A 32 3.29 8.34 4.15
N MET A 33 3.31 7.24 3.41
CA MET A 33 2.33 6.17 3.60
C MET A 33 2.73 5.28 4.78
N LEU A 34 3.98 5.39 5.21
CA LEU A 34 4.49 4.60 6.32
C LEU A 34 4.37 5.35 7.64
N ASN A 35 4.05 6.64 7.58
CA ASN A 35 3.92 7.46 8.78
C ASN A 35 2.66 8.31 8.76
N PHE A 36 2.32 8.87 7.60
CA PHE A 36 1.14 9.71 7.50
C PHE A 36 -0.12 8.84 7.31
N ASN A 37 -0.87 8.68 8.40
CA ASN A 37 -2.08 7.88 8.38
C ASN A 37 -3.26 8.70 7.85
N VAL A 38 -4.05 8.09 6.98
CA VAL A 38 -5.20 8.78 6.41
C VAL A 38 -6.31 8.95 7.44
N PRO A 39 -7.19 9.94 7.24
CA PRO A 39 -8.30 10.22 8.16
C PRO A 39 -9.16 8.99 8.42
N HIS A 40 -8.94 8.36 9.57
CA HIS A 40 -9.71 7.17 9.94
C HIS A 40 -10.50 7.40 11.22
N VAL A 41 -11.34 6.44 11.57
CA VAL A 41 -12.16 6.55 12.77
C VAL A 41 -11.41 6.06 14.00
N LYS A 42 -11.32 6.90 15.02
CA LYS A 42 -10.62 6.55 16.25
C LYS A 42 -11.61 6.06 17.30
N ASN A 43 -11.45 4.80 17.70
CA ASN A 43 -12.33 4.20 18.71
C ASN A 43 -11.87 4.56 20.12
N SER A 44 -10.70 4.06 20.50
CA SER A 44 -10.16 4.33 21.82
C SER A 44 -9.08 5.41 21.77
N PRO A 45 -9.39 6.63 22.25
CA PRO A 45 -8.44 7.75 22.24
C PRO A 45 -7.13 7.39 22.96
N GLY A 46 -6.04 7.96 22.49
CA GLY A 46 -4.74 7.70 23.09
C GLY A 46 -3.97 6.62 22.36
N GLU A 47 -4.70 5.65 21.80
CA GLU A 47 -4.08 4.55 21.07
C GLU A 47 -3.52 5.03 19.73
N PRO A 48 -2.41 4.43 19.27
CA PRO A 48 -1.79 4.80 18.00
C PRO A 48 -2.61 4.35 16.80
N VAL A 49 -2.23 4.81 15.60
CA VAL A 49 -2.93 4.46 14.39
C VAL A 49 -2.14 3.44 13.58
N TRP A 50 -2.50 2.18 13.70
CA TRP A 50 -1.83 1.11 12.98
C TRP A 50 -2.10 1.22 11.47
N LYS A 51 -1.19 0.70 10.67
CA LYS A 51 -1.33 0.74 9.22
C LYS A 51 -0.70 -0.48 8.57
N VAL A 52 -1.46 -1.13 7.70
CA VAL A 52 -0.98 -2.31 7.00
C VAL A 52 -0.30 -1.90 5.69
N LEU A 53 0.53 -2.79 5.15
CA LEU A 53 1.23 -2.50 3.90
C LEU A 53 1.40 -3.77 3.07
N ILE A 54 1.19 -3.65 1.76
CA ILE A 54 1.34 -4.77 0.84
C ILE A 54 2.27 -4.38 -0.30
N TYR A 55 3.50 -4.86 -0.27
CA TYR A 55 4.44 -4.53 -1.32
C TYR A 55 4.65 -5.69 -2.28
N ASP A 56 5.36 -5.42 -3.37
CA ASP A 56 5.64 -6.42 -4.38
C ASP A 56 7.15 -6.55 -4.59
N ARG A 57 7.55 -7.27 -5.64
CA ARG A 57 8.96 -7.46 -5.94
C ARG A 57 9.68 -6.11 -5.94
N PHE A 58 9.04 -5.10 -6.53
CA PHE A 58 9.63 -3.76 -6.58
C PHE A 58 9.47 -3.08 -5.24
N GLY A 59 8.28 -3.22 -4.65
CA GLY A 59 8.02 -2.61 -3.34
C GLY A 59 9.14 -2.91 -2.36
N GLN A 60 9.55 -4.17 -2.31
CA GLN A 60 10.63 -4.59 -1.44
C GLN A 60 11.95 -4.03 -1.95
N ASP A 61 12.03 -3.86 -3.27
CA ASP A 61 13.23 -3.32 -3.92
C ASP A 61 13.44 -1.85 -3.52
N ILE A 62 12.43 -1.25 -2.90
CA ILE A 62 12.50 0.14 -2.50
C ILE A 62 12.30 0.30 -0.99
N ILE A 63 11.35 -0.46 -0.45
CA ILE A 63 11.06 -0.40 0.98
C ILE A 63 12.28 -0.82 1.80
N SER A 64 12.82 -1.99 1.48
CA SER A 64 13.98 -2.52 2.20
C SER A 64 15.14 -1.52 2.21
N PRO A 65 15.65 -1.10 1.03
CA PRO A 65 16.77 -0.16 0.94
C PRO A 65 16.58 1.04 1.86
N LEU A 66 15.34 1.36 2.18
CA LEU A 66 15.04 2.49 3.06
C LEU A 66 14.18 2.05 4.24
N LEU A 67 14.21 0.76 4.55
CA LEU A 67 13.41 0.22 5.65
C LEU A 67 13.78 -1.23 5.95
N SER A 68 13.50 -1.66 7.17
CA SER A 68 13.81 -3.04 7.59
C SER A 68 12.59 -3.70 8.21
N VAL A 69 12.73 -4.96 8.58
CA VAL A 69 11.63 -5.72 9.19
C VAL A 69 11.29 -5.18 10.58
N LYS A 70 12.31 -5.00 11.40
CA LYS A 70 12.13 -4.51 12.75
C LYS A 70 11.63 -3.06 12.76
N GLU A 71 12.04 -2.28 11.76
CA GLU A 71 11.60 -0.90 11.66
C GLU A 71 10.16 -0.87 11.19
N LEU A 72 9.81 -1.84 10.35
CA LEU A 72 8.46 -1.96 9.83
C LEU A 72 7.45 -2.03 10.98
N ARG A 73 7.71 -2.91 11.92
CA ARG A 73 6.83 -3.06 13.07
C ARG A 73 7.06 -1.96 14.09
N ASP A 74 8.25 -1.37 14.07
CA ASP A 74 8.59 -0.30 14.99
C ASP A 74 8.05 1.06 14.52
N MET A 75 7.58 1.12 13.28
CA MET A 75 7.03 2.36 12.73
C MET A 75 5.54 2.46 12.99
N GLY A 76 4.92 1.32 13.26
CA GLY A 76 3.49 1.29 13.51
C GLY A 76 2.73 0.48 12.49
N ILE A 77 3.35 -0.60 12.02
CA ILE A 77 2.72 -1.45 11.03
C ILE A 77 2.05 -2.66 11.69
N THR A 78 0.77 -2.85 11.40
CA THR A 78 0.01 -3.95 11.96
C THR A 78 0.23 -5.25 11.18
N LEU A 79 0.75 -5.13 9.96
CA LEU A 79 1.00 -6.30 9.12
C LEU A 79 1.62 -5.89 7.79
N HIS A 80 2.57 -6.69 7.32
CA HIS A 80 3.25 -6.44 6.06
C HIS A 80 3.50 -7.74 5.31
N LEU A 81 2.96 -7.85 4.10
CA LEU A 81 3.14 -9.06 3.30
C LEU A 81 3.14 -8.75 1.80
N LEU A 82 3.49 -9.76 1.01
CA LEU A 82 3.56 -9.63 -0.45
C LEU A 82 2.21 -9.91 -1.10
N LEU A 83 1.80 -9.04 -2.02
CA LEU A 83 0.53 -9.23 -2.73
C LEU A 83 0.47 -10.64 -3.32
N HIS A 84 1.64 -11.23 -3.53
CA HIS A 84 1.75 -12.58 -4.09
C HIS A 84 1.92 -13.60 -2.97
N SER A 85 1.25 -13.36 -1.86
CA SER A 85 1.33 -14.27 -0.71
C SER A 85 -0.04 -14.43 -0.05
N ASP A 86 -0.07 -15.15 1.07
CA ASP A 86 -1.31 -15.38 1.79
C ASP A 86 -1.58 -14.25 2.78
N ARG A 87 -2.48 -13.36 2.41
CA ARG A 87 -2.83 -12.22 3.26
C ARG A 87 -3.72 -12.65 4.41
N ASP A 88 -3.86 -11.78 5.41
CA ASP A 88 -4.68 -12.05 6.57
C ASP A 88 -5.86 -11.08 6.62
N PRO A 89 -6.97 -11.49 7.25
CA PRO A 89 -8.17 -10.65 7.36
C PRO A 89 -8.07 -9.64 8.50
N ILE A 90 -7.93 -8.36 8.13
CA ILE A 90 -7.85 -7.28 9.12
C ILE A 90 -8.66 -6.08 8.66
N ARG A 91 -9.92 -6.33 8.32
CA ARG A 91 -10.82 -5.27 7.85
C ARG A 91 -10.92 -4.12 8.86
N ASP A 92 -10.62 -4.42 10.12
CA ASP A 92 -10.69 -3.42 11.18
C ASP A 92 -9.42 -2.57 11.27
N VAL A 93 -8.55 -2.68 10.26
CA VAL A 93 -7.30 -1.92 10.26
C VAL A 93 -6.95 -1.42 8.86
N PRO A 94 -6.63 -0.12 8.73
CA PRO A 94 -6.27 0.47 7.43
C PRO A 94 -5.10 -0.28 6.78
N ALA A 95 -5.10 -0.34 5.46
CA ALA A 95 -4.04 -1.05 4.74
C ALA A 95 -3.36 -0.17 3.71
N VAL A 96 -2.20 -0.62 3.24
CA VAL A 96 -1.41 0.08 2.25
C VAL A 96 -0.88 -0.89 1.21
N TYR A 97 -0.82 -0.47 -0.05
CA TYR A 97 -0.34 -1.33 -1.12
C TYR A 97 0.67 -0.59 -1.99
N PHE A 98 1.95 -0.70 -1.63
CA PHE A 98 3.00 -0.05 -2.41
C PHE A 98 3.62 -1.06 -3.38
N VAL A 99 3.00 -1.19 -4.54
CA VAL A 99 3.45 -2.13 -5.55
C VAL A 99 3.28 -1.59 -6.96
N MET A 100 3.74 -2.35 -7.94
CA MET A 100 3.63 -1.94 -9.34
C MET A 100 2.23 -2.19 -9.87
N PRO A 101 1.76 -1.38 -10.84
CA PRO A 101 0.44 -1.55 -11.42
C PRO A 101 0.45 -2.53 -12.58
N THR A 102 1.11 -3.66 -12.37
CA THR A 102 1.20 -4.69 -13.41
C THR A 102 -0.11 -5.47 -13.50
N GLU A 103 -0.36 -6.07 -14.67
CA GLU A 103 -1.57 -6.85 -14.88
C GLU A 103 -1.81 -7.79 -13.71
N GLU A 104 -0.72 -8.33 -13.17
CA GLU A 104 -0.80 -9.24 -12.03
C GLU A 104 -1.22 -8.49 -10.78
N ASN A 105 -0.56 -7.36 -10.52
CA ASN A 105 -0.86 -6.55 -9.34
C ASN A 105 -2.31 -6.09 -9.39
N ILE A 106 -2.71 -5.56 -10.54
CA ILE A 106 -4.08 -5.09 -10.73
C ILE A 106 -5.08 -6.18 -10.38
N ASP A 107 -4.68 -7.43 -10.60
CA ASP A 107 -5.53 -8.56 -10.29
C ASP A 107 -5.57 -8.80 -8.79
N ARG A 108 -4.47 -8.48 -8.11
CA ARG A 108 -4.38 -8.66 -6.67
C ARG A 108 -5.18 -7.56 -5.96
N LEU A 109 -5.19 -6.37 -6.55
CA LEU A 109 -5.92 -5.24 -5.98
C LEU A 109 -7.40 -5.57 -5.95
N CYS A 110 -7.86 -6.23 -7.01
CA CYS A 110 -9.27 -6.62 -7.11
C CYS A 110 -9.56 -7.83 -6.24
N GLN A 111 -8.54 -8.66 -6.03
CA GLN A 111 -8.69 -9.84 -5.20
C GLN A 111 -8.67 -9.47 -3.73
N ASP A 112 -7.85 -8.49 -3.37
CA ASP A 112 -7.75 -8.03 -1.99
C ASP A 112 -8.85 -7.03 -1.66
N LEU A 113 -9.26 -6.26 -2.66
CA LEU A 113 -10.30 -5.25 -2.47
C LEU A 113 -11.66 -5.91 -2.28
N ARG A 114 -11.83 -7.10 -2.84
CA ARG A 114 -13.09 -7.82 -2.73
C ARG A 114 -13.14 -8.64 -1.44
N ASN A 115 -11.98 -9.12 -1.01
CA ASN A 115 -11.87 -9.91 0.20
C ASN A 115 -12.13 -9.05 1.44
N GLN A 116 -11.89 -7.75 1.32
CA GLN A 116 -12.09 -6.83 2.43
C GLN A 116 -11.11 -7.14 3.56
N LEU A 117 -9.92 -7.61 3.18
CA LEU A 117 -8.89 -7.96 4.16
C LEU A 117 -8.53 -6.78 5.04
N TYR A 118 -8.78 -5.57 4.54
CA TYR A 118 -8.48 -4.37 5.31
C TYR A 118 -9.49 -3.26 5.05
N GLU A 119 -9.62 -2.34 6.00
CA GLU A 119 -10.56 -1.24 5.89
C GLU A 119 -10.20 -0.29 4.75
N SER A 120 -8.93 0.10 4.71
CA SER A 120 -8.46 1.02 3.67
C SER A 120 -7.47 0.32 2.75
N TYR A 121 -7.05 1.02 1.70
CA TYR A 121 -6.11 0.46 0.75
C TYR A 121 -5.22 1.54 0.13
N TYR A 122 -4.28 2.05 0.92
CA TYR A 122 -3.35 3.07 0.45
C TYR A 122 -2.52 2.51 -0.70
N LEU A 123 -3.01 2.66 -1.93
CA LEU A 123 -2.31 2.12 -3.09
C LEU A 123 -1.15 3.01 -3.51
N ASN A 124 -0.10 2.37 -4.03
CA ASN A 124 1.09 3.07 -4.49
C ASN A 124 1.75 2.29 -5.62
N PHE A 125 1.85 2.91 -6.79
CA PHE A 125 2.44 2.25 -7.95
C PHE A 125 3.88 2.71 -8.19
N ILE A 126 4.76 1.74 -8.42
CA ILE A 126 6.17 2.02 -8.69
C ILE A 126 6.38 2.48 -10.14
N SER A 127 5.45 2.10 -11.00
CA SER A 127 5.54 2.47 -12.41
C SER A 127 4.38 3.39 -12.79
N ALA A 128 4.51 4.03 -13.95
CA ALA A 128 3.47 4.95 -14.43
C ALA A 128 2.29 4.19 -15.03
N ILE A 129 1.26 3.97 -14.22
CA ILE A 129 0.08 3.26 -14.66
C ILE A 129 -0.78 4.15 -15.58
N SER A 130 -1.64 3.51 -16.37
CA SER A 130 -2.50 4.24 -17.29
C SER A 130 -3.96 4.23 -16.82
N ARG A 131 -4.76 5.12 -17.39
CA ARG A 131 -6.17 5.23 -17.02
C ARG A 131 -6.88 3.88 -17.15
N SER A 132 -6.50 3.11 -18.18
CA SER A 132 -7.09 1.80 -18.40
C SER A 132 -6.87 0.89 -17.19
N LYS A 133 -5.61 0.71 -16.83
CA LYS A 133 -5.26 -0.13 -15.69
C LYS A 133 -5.71 0.50 -14.38
N LEU A 134 -5.61 1.82 -14.30
CA LEU A 134 -6.02 2.55 -13.10
C LEU A 134 -7.49 2.30 -12.79
N GLU A 135 -8.28 2.08 -13.85
CA GLU A 135 -9.69 1.83 -13.68
C GLU A 135 -9.89 0.46 -13.03
N ASP A 136 -9.18 -0.52 -13.57
CA ASP A 136 -9.25 -1.89 -13.05
C ASP A 136 -9.10 -1.91 -11.53
N ILE A 137 -8.12 -1.17 -11.03
CA ILE A 137 -7.89 -1.10 -9.59
C ILE A 137 -8.97 -0.26 -8.91
N ALA A 138 -9.24 0.92 -9.46
CA ALA A 138 -10.26 1.79 -8.90
C ALA A 138 -11.58 1.03 -8.82
N ASN A 139 -11.82 0.23 -9.84
CA ASN A 139 -13.03 -0.59 -9.89
C ASN A 139 -12.87 -1.83 -9.05
N ALA A 140 -11.63 -2.30 -8.91
CA ALA A 140 -11.37 -3.47 -8.10
C ALA A 140 -12.03 -3.31 -6.73
N ALA A 141 -12.09 -2.07 -6.28
CA ALA A 141 -12.70 -1.74 -5.00
C ALA A 141 -14.20 -1.51 -5.16
N LEU A 142 -14.58 -0.86 -6.27
CA LEU A 142 -15.99 -0.59 -6.54
C LEU A 142 -16.84 -1.85 -6.38
N ALA A 143 -16.23 -3.00 -6.61
CA ALA A 143 -16.92 -4.27 -6.49
C ALA A 143 -17.23 -4.56 -5.02
N ALA A 144 -16.37 -4.09 -4.13
CA ALA A 144 -16.54 -4.30 -2.70
C ALA A 144 -16.70 -2.97 -1.95
N ASN A 145 -16.91 -1.88 -2.71
CA ASN A 145 -17.07 -0.56 -2.12
C ASN A 145 -15.97 -0.27 -1.09
N ALA A 146 -14.78 -0.76 -1.38
CA ALA A 146 -13.64 -0.57 -0.49
C ALA A 146 -12.99 0.80 -0.71
N VAL A 147 -12.63 1.46 0.39
CA VAL A 147 -11.99 2.77 0.31
C VAL A 147 -10.56 2.66 -0.17
N THR A 148 -10.34 2.98 -1.44
CA THR A 148 -9.01 2.91 -2.03
C THR A 148 -8.45 4.29 -2.35
N GLN A 149 -7.14 4.36 -2.54
CA GLN A 149 -6.47 5.61 -2.86
C GLN A 149 -5.10 5.33 -3.48
N VAL A 150 -4.93 5.78 -4.72
CA VAL A 150 -3.67 5.57 -5.43
C VAL A 150 -2.73 6.75 -5.24
N ALA A 151 -1.59 6.48 -4.61
CA ALA A 151 -0.60 7.51 -4.34
C ALA A 151 0.27 7.78 -5.58
N LYS A 152 1.21 8.70 -5.43
CA LYS A 152 2.09 9.07 -6.53
C LYS A 152 3.19 8.02 -6.73
N VAL A 153 3.76 7.99 -7.93
CA VAL A 153 4.81 7.03 -8.25
C VAL A 153 6.19 7.66 -8.14
N PHE A 154 7.17 6.89 -7.65
CA PHE A 154 8.53 7.37 -7.50
C PHE A 154 9.47 6.68 -8.49
N ASP A 155 9.27 5.38 -8.66
CA ASP A 155 10.11 4.59 -9.55
C ASP A 155 9.81 4.88 -11.03
N GLN A 156 8.77 5.66 -11.29
CA GLN A 156 8.40 6.00 -12.65
C GLN A 156 9.57 6.69 -13.38
N TYR A 157 10.51 7.23 -12.63
CA TYR A 157 11.66 7.91 -13.23
C TYR A 157 12.97 7.19 -12.89
N LEU A 158 12.98 6.37 -11.85
CA LEU A 158 14.20 5.65 -11.46
C LEU A 158 13.90 4.18 -11.18
N ASN A 159 14.89 3.47 -10.64
CA ASN A 159 14.74 2.05 -10.32
C ASN A 159 14.40 1.25 -11.57
N ALA A 20 20.07 10.95 -2.20
CA ALA A 20 20.01 11.48 -3.59
C ALA A 20 18.62 12.01 -3.91
N SER A 21 18.56 13.09 -4.70
CA SER A 21 17.30 13.70 -5.09
C SER A 21 16.28 12.65 -5.49
N ILE A 22 16.76 11.56 -6.07
CA ILE A 22 15.90 10.49 -6.49
C ILE A 22 15.65 9.49 -5.35
N ARG A 23 16.74 9.02 -4.73
CA ARG A 23 16.61 8.07 -3.63
C ARG A 23 15.77 8.67 -2.51
N GLU A 24 15.84 9.99 -2.38
CA GLU A 24 15.08 10.69 -1.37
C GLU A 24 13.59 10.62 -1.69
N ARG A 25 13.22 11.05 -2.89
CA ARG A 25 11.82 11.02 -3.31
C ARG A 25 11.24 9.62 -3.14
N GLN A 26 12.08 8.61 -3.28
CA GLN A 26 11.65 7.22 -3.12
C GLN A 26 11.05 7.05 -1.72
N THR A 27 11.79 7.50 -0.73
CA THR A 27 11.36 7.40 0.67
C THR A 27 10.17 8.33 0.92
N VAL A 28 10.09 9.43 0.17
CA VAL A 28 8.98 10.37 0.35
C VAL A 28 7.64 9.65 0.30
N ALA A 29 7.38 8.96 -0.80
CA ALA A 29 6.13 8.22 -0.94
C ALA A 29 6.02 7.16 0.14
N LEU A 30 7.14 6.53 0.47
CA LEU A 30 7.18 5.49 1.48
C LEU A 30 6.87 6.05 2.86
N LYS A 31 7.78 6.89 3.37
CA LYS A 31 7.62 7.51 4.68
C LYS A 31 6.21 8.05 4.88
N ARG A 32 5.67 8.68 3.86
CA ARG A 32 4.33 9.25 3.93
C ARG A 32 3.30 8.17 4.26
N MET A 33 3.34 7.08 3.50
CA MET A 33 2.40 5.97 3.71
C MET A 33 2.82 5.11 4.89
N LEU A 34 4.06 5.25 5.33
CA LEU A 34 4.57 4.46 6.44
C LEU A 34 4.57 5.26 7.75
N ASN A 35 4.32 6.57 7.66
CA ASN A 35 4.31 7.42 8.85
C ASN A 35 3.03 8.25 8.93
N PHE A 36 2.55 8.75 7.80
CA PHE A 36 1.34 9.55 7.79
C PHE A 36 0.10 8.65 7.79
N ASN A 37 -0.51 8.50 8.95
CA ASN A 37 -1.70 7.67 9.09
C ASN A 37 -2.91 8.34 8.45
N VAL A 38 -3.72 7.53 7.77
CA VAL A 38 -4.92 8.04 7.10
C VAL A 38 -6.11 8.06 8.06
N PRO A 39 -7.11 8.90 7.77
CA PRO A 39 -8.31 9.02 8.61
C PRO A 39 -8.90 7.66 8.97
N HIS A 40 -8.71 7.27 10.22
CA HIS A 40 -9.21 5.99 10.71
C HIS A 40 -10.19 6.19 11.87
N VAL A 41 -10.99 5.17 12.14
CA VAL A 41 -11.96 5.24 13.23
C VAL A 41 -11.27 5.29 14.59
N LYS A 42 -11.31 6.45 15.23
CA LYS A 42 -10.69 6.62 16.53
C LYS A 42 -11.74 6.80 17.62
N ASN A 43 -11.73 5.90 18.61
CA ASN A 43 -12.69 5.95 19.71
C ASN A 43 -12.20 6.91 20.79
N SER A 44 -10.89 6.99 20.96
CA SER A 44 -10.30 7.87 21.96
C SER A 44 -8.88 8.27 21.58
N PRO A 45 -8.60 9.58 21.47
CA PRO A 45 -7.27 10.08 21.11
C PRO A 45 -6.17 9.53 22.01
N GLY A 46 -5.08 9.09 21.40
CA GLY A 46 -3.98 8.55 22.17
C GLY A 46 -3.48 7.23 21.61
N GLU A 47 -4.41 6.40 21.14
CA GLU A 47 -4.08 5.10 20.60
C GLU A 47 -3.44 5.24 19.20
N PRO A 48 -2.27 4.61 18.99
CA PRO A 48 -1.57 4.67 17.70
C PRO A 48 -2.47 4.26 16.53
N VAL A 49 -1.97 4.46 15.32
CA VAL A 49 -2.73 4.10 14.13
C VAL A 49 -2.10 2.92 13.41
N TRP A 50 -2.69 1.74 13.59
CA TRP A 50 -2.19 0.54 12.94
C TRP A 50 -2.61 0.49 11.48
N LYS A 51 -1.63 0.46 10.59
CA LYS A 51 -1.90 0.40 9.16
C LYS A 51 -1.14 -0.76 8.52
N VAL A 52 -1.75 -1.37 7.52
CA VAL A 52 -1.16 -2.50 6.83
C VAL A 52 -0.40 -2.04 5.58
N LEU A 53 0.41 -2.93 5.03
CA LEU A 53 1.16 -2.62 3.83
C LEU A 53 1.31 -3.87 2.96
N ILE A 54 1.13 -3.71 1.66
CA ILE A 54 1.25 -4.82 0.72
C ILE A 54 2.19 -4.44 -0.40
N TYR A 55 3.39 -5.00 -0.40
CA TYR A 55 4.37 -4.68 -1.42
C TYR A 55 4.65 -5.87 -2.32
N ASP A 56 5.17 -5.57 -3.50
CA ASP A 56 5.50 -6.59 -4.50
C ASP A 56 7.02 -6.72 -4.60
N ARG A 57 7.47 -7.45 -5.61
CA ARG A 57 8.91 -7.63 -5.81
C ARG A 57 9.63 -6.28 -5.80
N PHE A 58 8.98 -5.27 -6.39
CA PHE A 58 9.55 -3.93 -6.45
C PHE A 58 9.23 -3.19 -5.15
N GLY A 59 7.99 -3.32 -4.69
CA GLY A 59 7.59 -2.66 -3.45
C GLY A 59 8.59 -2.92 -2.34
N GLN A 60 9.07 -4.16 -2.27
CA GLN A 60 10.07 -4.54 -1.28
C GLN A 60 11.44 -4.05 -1.72
N ASP A 61 11.62 -3.96 -3.04
CA ASP A 61 12.87 -3.49 -3.63
C ASP A 61 13.12 -2.02 -3.27
N ILE A 62 12.10 -1.36 -2.72
CA ILE A 62 12.21 0.05 -2.37
C ILE A 62 11.97 0.28 -0.88
N ILE A 63 11.00 -0.43 -0.32
CA ILE A 63 10.68 -0.29 1.10
C ILE A 63 11.83 -0.78 1.98
N SER A 64 12.41 -1.91 1.62
CA SER A 64 13.51 -2.49 2.41
C SER A 64 14.73 -1.56 2.44
N PRO A 65 15.24 -1.13 1.27
CA PRO A 65 16.41 -0.25 1.20
C PRO A 65 16.32 0.94 2.14
N LEU A 66 15.08 1.33 2.49
CA LEU A 66 14.88 2.45 3.38
C LEU A 66 13.98 2.06 4.56
N LEU A 67 13.87 0.75 4.81
CA LEU A 67 13.03 0.25 5.88
C LEU A 67 13.32 -1.23 6.16
N SER A 68 13.03 -1.68 7.37
CA SER A 68 13.25 -3.07 7.75
C SER A 68 12.03 -3.68 8.40
N VAL A 69 12.12 -4.95 8.76
CA VAL A 69 11.01 -5.67 9.40
C VAL A 69 10.70 -5.10 10.77
N LYS A 70 11.75 -4.94 11.58
CA LYS A 70 11.59 -4.41 12.92
C LYS A 70 11.13 -2.96 12.91
N GLU A 71 11.57 -2.21 11.91
CA GLU A 71 11.16 -0.81 11.80
C GLU A 71 9.73 -0.75 11.29
N LEU A 72 9.38 -1.73 10.47
CA LEU A 72 8.04 -1.82 9.92
C LEU A 72 7.02 -1.87 11.04
N ARG A 73 7.23 -2.78 11.98
CA ARG A 73 6.33 -2.92 13.12
C ARG A 73 6.56 -1.82 14.14
N ASP A 74 7.75 -1.25 14.13
CA ASP A 74 8.09 -0.18 15.07
C ASP A 74 7.48 1.17 14.65
N MET A 75 7.03 1.25 13.40
CA MET A 75 6.42 2.49 12.90
C MET A 75 4.91 2.48 13.12
N GLY A 76 4.35 1.30 13.31
CA GLY A 76 2.92 1.20 13.51
C GLY A 76 2.23 0.35 12.47
N ILE A 77 2.92 -0.67 11.97
CA ILE A 77 2.37 -1.56 10.97
C ILE A 77 1.75 -2.80 11.61
N THR A 78 0.48 -3.05 11.31
CA THR A 78 -0.23 -4.19 11.86
C THR A 78 0.07 -5.47 11.08
N LEU A 79 0.49 -5.32 9.82
CA LEU A 79 0.79 -6.48 8.99
C LEU A 79 1.38 -6.07 7.64
N HIS A 80 2.40 -6.80 7.22
CA HIS A 80 3.08 -6.52 5.95
C HIS A 80 3.42 -7.84 5.26
N LEU A 81 3.03 -7.97 3.99
CA LEU A 81 3.31 -9.19 3.24
C LEU A 81 3.26 -8.98 1.73
N LEU A 82 3.72 -10.00 1.01
CA LEU A 82 3.77 -9.98 -0.46
C LEU A 82 2.43 -10.36 -1.08
N LEU A 83 1.99 -9.59 -2.05
CA LEU A 83 0.74 -9.88 -2.75
C LEU A 83 0.75 -11.31 -3.26
N HIS A 84 1.94 -11.84 -3.47
CA HIS A 84 2.11 -13.20 -3.96
C HIS A 84 2.30 -14.16 -2.79
N SER A 85 1.54 -13.93 -1.73
CA SER A 85 1.62 -14.77 -0.54
C SER A 85 0.26 -14.88 0.14
N ASP A 86 0.23 -15.54 1.30
CA ASP A 86 -1.02 -15.71 2.03
C ASP A 86 -1.36 -14.45 2.83
N ARG A 87 -2.32 -13.69 2.33
CA ARG A 87 -2.73 -12.45 2.99
C ARG A 87 -3.76 -12.74 4.09
N ASP A 88 -3.52 -12.16 5.26
CA ASP A 88 -4.42 -12.33 6.40
C ASP A 88 -5.58 -11.34 6.32
N PRO A 89 -6.79 -11.76 6.70
CA PRO A 89 -7.97 -10.90 6.65
C PRO A 89 -8.09 -9.98 7.86
N ILE A 90 -7.90 -8.69 7.63
CA ILE A 90 -8.00 -7.69 8.69
C ILE A 90 -8.82 -6.48 8.22
N ARG A 91 -10.06 -6.74 7.84
CA ARG A 91 -10.97 -5.71 7.35
C ARG A 91 -11.10 -4.55 8.35
N ASP A 92 -10.77 -4.79 9.60
CA ASP A 92 -10.87 -3.76 10.63
C ASP A 92 -9.60 -2.91 10.75
N VAL A 93 -8.74 -2.97 9.73
CA VAL A 93 -7.50 -2.21 9.77
C VAL A 93 -7.11 -1.71 8.38
N PRO A 94 -6.75 -0.41 8.26
CA PRO A 94 -6.35 0.18 6.96
C PRO A 94 -5.10 -0.50 6.39
N ALA A 95 -5.07 -0.66 5.07
CA ALA A 95 -3.94 -1.31 4.40
C ALA A 95 -3.20 -0.36 3.46
N VAL A 96 -1.99 -0.74 3.09
CA VAL A 96 -1.15 0.07 2.20
C VAL A 96 -0.49 -0.78 1.13
N TYR A 97 -1.18 -1.00 0.01
CA TYR A 97 -0.64 -1.81 -1.07
C TYR A 97 0.32 -1.02 -1.96
N PHE A 98 1.59 -0.95 -1.55
CA PHE A 98 2.62 -0.25 -2.33
C PHE A 98 3.24 -1.23 -3.32
N VAL A 99 2.64 -1.32 -4.51
CA VAL A 99 3.12 -2.25 -5.53
C VAL A 99 3.05 -1.64 -6.93
N MET A 100 3.52 -2.38 -7.93
CA MET A 100 3.51 -1.90 -9.30
C MET A 100 2.13 -2.03 -9.92
N PRO A 101 1.84 -1.23 -10.95
CA PRO A 101 0.55 -1.25 -11.63
C PRO A 101 0.55 -2.19 -12.83
N THR A 102 1.15 -3.36 -12.66
CA THR A 102 1.23 -4.34 -13.72
C THR A 102 -0.05 -5.17 -13.79
N GLU A 103 -0.30 -5.75 -14.96
CA GLU A 103 -1.49 -6.58 -15.17
C GLU A 103 -1.72 -7.53 -13.99
N GLU A 104 -0.64 -8.20 -13.58
CA GLU A 104 -0.73 -9.14 -12.46
C GLU A 104 -1.08 -8.40 -11.17
N ASN A 105 -0.44 -7.27 -10.93
CA ASN A 105 -0.70 -6.48 -9.75
C ASN A 105 -2.14 -6.00 -9.74
N ILE A 106 -2.55 -5.40 -10.85
CA ILE A 106 -3.92 -4.90 -10.99
C ILE A 106 -4.93 -6.00 -10.67
N ASP A 107 -4.54 -7.24 -10.97
CA ASP A 107 -5.40 -8.38 -10.71
C ASP A 107 -5.44 -8.68 -9.21
N ARG A 108 -4.34 -8.36 -8.52
CA ARG A 108 -4.26 -8.59 -7.08
C ARG A 108 -5.05 -7.52 -6.34
N LEU A 109 -5.13 -6.33 -6.94
CA LEU A 109 -5.87 -5.23 -6.34
C LEU A 109 -7.36 -5.57 -6.30
N CYS A 110 -7.84 -6.17 -7.38
CA CYS A 110 -9.24 -6.58 -7.48
C CYS A 110 -9.48 -7.84 -6.64
N GLN A 111 -8.42 -8.61 -6.43
CA GLN A 111 -8.52 -9.83 -5.65
C GLN A 111 -8.55 -9.52 -4.16
N ASP A 112 -7.71 -8.57 -3.74
CA ASP A 112 -7.64 -8.18 -2.33
C ASP A 112 -8.76 -7.18 -1.99
N LEU A 113 -9.16 -6.39 -2.97
CA LEU A 113 -10.21 -5.39 -2.77
C LEU A 113 -11.57 -6.05 -2.62
N ARG A 114 -11.73 -7.22 -3.26
CA ARG A 114 -12.99 -7.95 -3.20
C ARG A 114 -13.06 -8.79 -1.93
N ASN A 115 -11.91 -9.33 -1.52
CA ASN A 115 -11.83 -10.15 -0.32
C ASN A 115 -12.07 -9.31 0.93
N GLN A 116 -11.84 -8.01 0.82
CA GLN A 116 -12.02 -7.11 1.95
C GLN A 116 -11.01 -7.43 3.06
N LEU A 117 -9.84 -7.88 2.65
CA LEU A 117 -8.78 -8.23 3.59
C LEU A 117 -8.44 -7.06 4.51
N TYR A 118 -8.64 -5.85 4.01
CA TYR A 118 -8.35 -4.65 4.78
C TYR A 118 -9.35 -3.53 4.47
N GLU A 119 -9.71 -2.77 5.50
CA GLU A 119 -10.67 -1.67 5.33
C GLU A 119 -10.20 -0.65 4.32
N SER A 120 -8.94 -0.22 4.46
CA SER A 120 -8.37 0.76 3.56
C SER A 120 -7.43 0.09 2.57
N TYR A 121 -7.00 0.84 1.56
CA TYR A 121 -6.11 0.30 0.55
C TYR A 121 -5.16 1.36 0.00
N TYR A 122 -4.31 1.90 0.87
CA TYR A 122 -3.34 2.91 0.44
C TYR A 122 -2.44 2.33 -0.65
N LEU A 123 -2.83 2.58 -1.90
CA LEU A 123 -2.08 2.06 -3.03
C LEU A 123 -0.94 2.98 -3.44
N ASN A 124 0.11 2.37 -3.99
CA ASN A 124 1.28 3.11 -4.45
C ASN A 124 1.95 2.35 -5.58
N PHE A 125 1.86 2.89 -6.79
CA PHE A 125 2.44 2.24 -7.97
C PHE A 125 3.88 2.68 -8.21
N ILE A 126 4.75 1.69 -8.44
CA ILE A 126 6.16 1.97 -8.69
C ILE A 126 6.39 2.49 -10.12
N SER A 127 5.39 2.31 -10.98
CA SER A 127 5.50 2.75 -12.37
C SER A 127 4.40 3.75 -12.72
N ALA A 128 4.61 4.49 -13.80
CA ALA A 128 3.64 5.49 -14.24
C ALA A 128 2.43 4.83 -14.89
N ILE A 129 1.48 4.40 -14.05
CA ILE A 129 0.27 3.76 -14.54
C ILE A 129 -0.63 4.77 -15.27
N SER A 130 -1.53 4.26 -16.09
CA SER A 130 -2.44 5.11 -16.85
C SER A 130 -3.87 5.00 -16.32
N ARG A 131 -4.71 5.98 -16.69
CA ARG A 131 -6.10 6.00 -16.26
C ARG A 131 -6.78 4.66 -16.54
N SER A 132 -6.44 4.05 -17.66
CA SER A 132 -7.01 2.76 -18.04
C SER A 132 -6.71 1.71 -16.98
N LYS A 133 -5.43 1.46 -16.74
CA LYS A 133 -5.02 0.48 -15.74
C LYS A 133 -5.44 0.93 -14.34
N LEU A 134 -5.44 2.24 -14.11
CA LEU A 134 -5.83 2.79 -12.82
C LEU A 134 -7.31 2.53 -12.56
N GLU A 135 -8.14 2.74 -13.59
CA GLU A 135 -9.57 2.52 -13.48
C GLU A 135 -9.85 1.09 -13.04
N ASP A 136 -9.00 0.17 -13.49
CA ASP A 136 -9.15 -1.24 -13.15
C ASP A 136 -9.05 -1.42 -11.63
N ILE A 137 -8.00 -0.85 -11.04
CA ILE A 137 -7.80 -0.94 -9.60
C ILE A 137 -8.87 -0.13 -8.86
N ALA A 138 -9.14 1.07 -9.36
CA ALA A 138 -10.16 1.91 -8.75
C ALA A 138 -11.49 1.18 -8.72
N ASN A 139 -11.76 0.46 -9.81
CA ASN A 139 -12.98 -0.32 -9.92
C ASN A 139 -12.84 -1.62 -9.16
N ALA A 140 -11.61 -2.12 -9.04
CA ALA A 140 -11.36 -3.35 -8.31
C ALA A 140 -12.02 -3.27 -6.93
N ALA A 141 -12.04 -2.05 -6.38
CA ALA A 141 -12.63 -1.82 -5.06
C ALA A 141 -14.12 -1.54 -5.17
N LEU A 142 -14.51 -0.80 -6.21
CA LEU A 142 -15.91 -0.47 -6.42
C LEU A 142 -16.80 -1.72 -6.34
N ALA A 143 -16.22 -2.87 -6.67
CA ALA A 143 -16.96 -4.12 -6.61
C ALA A 143 -17.22 -4.53 -5.16
N ALA A 144 -16.32 -4.13 -4.27
CA ALA A 144 -16.45 -4.44 -2.85
C ALA A 144 -16.60 -3.17 -2.01
N ASN A 145 -16.82 -2.03 -2.68
CA ASN A 145 -16.98 -0.76 -2.00
C ASN A 145 -15.89 -0.55 -0.95
N ALA A 146 -14.71 -1.08 -1.23
CA ALA A 146 -13.58 -0.96 -0.32
C ALA A 146 -12.90 0.39 -0.47
N VAL A 147 -12.59 1.03 0.66
CA VAL A 147 -11.93 2.32 0.65
C VAL A 147 -10.50 2.21 0.15
N THR A 148 -10.24 2.80 -1.01
CA THR A 148 -8.90 2.76 -1.60
C THR A 148 -8.39 4.15 -1.92
N GLN A 149 -7.08 4.28 -2.04
CA GLN A 149 -6.43 5.55 -2.35
C GLN A 149 -5.08 5.31 -3.01
N VAL A 150 -4.95 5.78 -4.25
CA VAL A 150 -3.70 5.59 -5.00
C VAL A 150 -2.74 6.75 -4.76
N ALA A 151 -1.48 6.43 -4.52
CA ALA A 151 -0.45 7.43 -4.27
C ALA A 151 0.39 7.68 -5.51
N LYS A 152 1.36 8.59 -5.40
CA LYS A 152 2.23 8.92 -6.52
C LYS A 152 3.34 7.88 -6.68
N VAL A 153 4.00 7.91 -7.83
CA VAL A 153 5.07 6.96 -8.11
C VAL A 153 6.45 7.59 -7.88
N PHE A 154 7.42 6.74 -7.53
CA PHE A 154 8.78 7.21 -7.29
C PHE A 154 9.76 6.53 -8.24
N ASP A 155 9.44 5.29 -8.61
CA ASP A 155 10.30 4.51 -9.50
C ASP A 155 9.96 4.73 -10.98
N GLN A 156 9.37 5.87 -11.30
CA GLN A 156 9.02 6.17 -12.68
C GLN A 156 10.26 6.56 -13.49
N TYR A 157 11.30 7.04 -12.81
CA TYR A 157 12.53 7.43 -13.49
C TYR A 157 13.70 6.54 -13.05
N LEU A 158 13.47 5.69 -12.05
CA LEU A 158 14.50 4.79 -11.55
C LEU A 158 13.92 3.42 -11.19
N ASN A 159 14.77 2.54 -10.69
CA ASN A 159 14.34 1.19 -10.31
C ASN A 159 13.68 0.48 -11.48
N ALA A 20 21.89 9.59 -2.21
CA ALA A 20 21.57 10.14 -3.55
C ALA A 20 20.22 10.83 -3.55
N SER A 21 20.10 11.89 -4.34
CA SER A 21 18.85 12.63 -4.45
C SER A 21 17.73 11.72 -4.95
N ILE A 22 18.10 10.77 -5.81
CA ILE A 22 17.14 9.83 -6.36
C ILE A 22 16.55 8.94 -5.27
N ARG A 23 17.41 8.16 -4.61
CA ARG A 23 16.98 7.27 -3.55
C ARG A 23 16.15 8.02 -2.51
N GLU A 24 16.45 9.32 -2.36
CA GLU A 24 15.72 10.14 -1.41
C GLU A 24 14.25 10.24 -1.78
N ARG A 25 13.97 10.53 -3.05
CA ARG A 25 12.59 10.64 -3.53
C ARG A 25 11.81 9.38 -3.19
N GLN A 26 12.47 8.23 -3.33
CA GLN A 26 11.85 6.95 -3.03
C GLN A 26 11.23 6.94 -1.63
N THR A 27 12.03 7.37 -0.65
CA THR A 27 11.57 7.40 0.72
C THR A 27 10.47 8.46 0.91
N VAL A 28 10.41 9.44 0.01
CA VAL A 28 9.40 10.48 0.10
C VAL A 28 8.00 9.87 0.04
N ALA A 29 7.70 9.18 -1.05
CA ALA A 29 6.40 8.55 -1.21
C ALA A 29 6.17 7.51 -0.13
N LEU A 30 7.24 6.83 0.26
CA LEU A 30 7.17 5.80 1.27
C LEU A 30 6.88 6.42 2.65
N LYS A 31 7.83 7.19 3.16
CA LYS A 31 7.68 7.84 4.45
C LYS A 31 6.32 8.52 4.57
N ARG A 32 5.83 9.01 3.45
CA ARG A 32 4.53 9.68 3.42
C ARG A 32 3.41 8.70 3.72
N MET A 33 3.35 7.62 2.94
CA MET A 33 2.32 6.60 3.14
C MET A 33 2.67 5.67 4.30
N LEU A 34 3.88 5.81 4.83
CA LEU A 34 4.34 4.98 5.93
C LEU A 34 4.25 5.72 7.27
N ASN A 35 3.89 7.01 7.23
CA ASN A 35 3.79 7.81 8.44
C ASN A 35 2.46 8.55 8.50
N PHE A 36 2.05 9.14 7.39
CA PHE A 36 0.80 9.89 7.35
C PHE A 36 -0.39 8.94 7.22
N ASN A 37 -1.05 8.71 8.34
CA ASN A 37 -2.21 7.81 8.36
C ASN A 37 -3.46 8.54 7.90
N VAL A 38 -4.24 7.88 7.04
CA VAL A 38 -5.47 8.47 6.52
C VAL A 38 -6.55 8.53 7.59
N PRO A 39 -7.52 9.45 7.44
CA PRO A 39 -8.61 9.61 8.40
C PRO A 39 -9.37 8.31 8.64
N HIS A 40 -9.14 7.71 9.80
CA HIS A 40 -9.79 6.46 10.16
C HIS A 40 -10.67 6.63 11.40
N VAL A 41 -11.43 5.60 11.72
CA VAL A 41 -12.33 5.64 12.88
C VAL A 41 -11.55 5.41 14.18
N LYS A 42 -11.67 6.34 15.10
CA LYS A 42 -10.99 6.24 16.39
C LYS A 42 -11.94 5.74 17.47
N ASN A 43 -11.67 4.53 17.98
CA ASN A 43 -12.49 3.93 19.01
C ASN A 43 -12.04 4.38 20.40
N SER A 44 -10.75 4.25 20.67
CA SER A 44 -10.18 4.64 21.95
C SER A 44 -9.14 5.74 21.79
N PRO A 45 -9.47 6.99 22.19
CA PRO A 45 -8.55 8.12 22.08
C PRO A 45 -7.25 7.90 22.84
N GLY A 46 -6.15 8.38 22.29
CA GLY A 46 -4.85 8.21 22.94
C GLY A 46 -4.22 6.87 22.64
N GLU A 47 -4.58 6.27 21.52
CA GLU A 47 -4.05 4.97 21.13
C GLU A 47 -3.39 5.05 19.75
N PRO A 48 -2.19 4.46 19.58
CA PRO A 48 -1.47 4.48 18.31
C PRO A 48 -2.33 3.96 17.16
N VAL A 49 -2.19 4.57 15.99
CA VAL A 49 -2.96 4.17 14.82
C VAL A 49 -2.18 3.18 13.96
N TRP A 50 -2.48 1.90 14.13
CA TRP A 50 -1.82 0.85 13.37
C TRP A 50 -2.06 1.03 11.87
N LYS A 51 -1.17 0.47 11.06
CA LYS A 51 -1.29 0.57 9.61
C LYS A 51 -0.70 -0.66 8.92
N VAL A 52 -1.33 -1.08 7.83
CA VAL A 52 -0.88 -2.24 7.08
C VAL A 52 -0.21 -1.80 5.78
N LEU A 53 0.64 -2.67 5.23
CA LEU A 53 1.32 -2.38 3.99
C LEU A 53 1.44 -3.63 3.13
N ILE A 54 1.33 -3.46 1.82
CA ILE A 54 1.41 -4.56 0.87
C ILE A 54 2.35 -4.19 -0.27
N TYR A 55 3.51 -4.83 -0.31
CA TYR A 55 4.48 -4.54 -1.36
C TYR A 55 4.63 -5.71 -2.33
N ASP A 56 5.07 -5.39 -3.54
CA ASP A 56 5.27 -6.38 -4.58
C ASP A 56 6.76 -6.47 -4.92
N ARG A 57 7.09 -7.15 -6.01
CA ARG A 57 8.48 -7.31 -6.43
C ARG A 57 9.28 -6.03 -6.21
N PHE A 58 8.82 -4.93 -6.80
CA PHE A 58 9.50 -3.66 -6.63
C PHE A 58 9.19 -3.05 -5.27
N GLY A 59 7.94 -3.24 -4.81
CA GLY A 59 7.55 -2.71 -3.51
C GLY A 59 8.58 -3.02 -2.44
N GLN A 60 9.07 -4.25 -2.43
CA GLN A 60 10.09 -4.66 -1.48
C GLN A 60 11.46 -4.15 -1.92
N ASP A 61 11.60 -4.01 -3.24
CA ASP A 61 12.83 -3.51 -3.84
C ASP A 61 13.11 -2.07 -3.43
N ILE A 62 12.12 -1.41 -2.83
CA ILE A 62 12.25 -0.02 -2.43
C ILE A 62 11.98 0.19 -0.93
N ILE A 63 11.00 -0.53 -0.41
CA ILE A 63 10.64 -0.39 1.00
C ILE A 63 11.78 -0.88 1.91
N SER A 64 12.33 -2.05 1.60
CA SER A 64 13.40 -2.62 2.42
C SER A 64 14.65 -1.73 2.40
N PRO A 65 15.17 -1.37 1.22
CA PRO A 65 16.36 -0.53 1.09
C PRO A 65 16.30 0.70 2.00
N LEU A 66 15.08 1.13 2.31
CA LEU A 66 14.87 2.30 3.17
C LEU A 66 14.05 1.93 4.40
N LEU A 67 13.96 0.64 4.70
CA LEU A 67 13.18 0.18 5.84
C LEU A 67 13.43 -1.30 6.13
N SER A 68 13.14 -1.72 7.37
CA SER A 68 13.34 -3.10 7.77
C SER A 68 12.08 -3.64 8.47
N VAL A 69 12.10 -4.92 8.80
CA VAL A 69 10.96 -5.56 9.46
C VAL A 69 10.71 -4.96 10.84
N LYS A 70 11.77 -4.85 11.62
CA LYS A 70 11.66 -4.31 12.97
C LYS A 70 11.34 -2.82 12.95
N GLU A 71 11.83 -2.12 11.93
CA GLU A 71 11.56 -0.69 11.81
C GLU A 71 10.15 -0.49 11.30
N LEU A 72 9.63 -1.51 10.61
CA LEU A 72 8.29 -1.46 10.08
C LEU A 72 7.27 -1.38 11.21
N ARG A 73 7.41 -2.29 12.18
CA ARG A 73 6.50 -2.31 13.31
C ARG A 73 6.77 -1.11 14.23
N ASP A 74 8.04 -0.80 14.42
CA ASP A 74 8.45 0.31 15.27
C ASP A 74 7.85 1.63 14.79
N MET A 75 7.43 1.68 13.53
CA MET A 75 6.84 2.89 12.98
C MET A 75 5.32 2.88 13.14
N GLY A 76 4.75 1.69 13.32
CA GLY A 76 3.32 1.57 13.48
C GLY A 76 2.67 0.70 12.42
N ILE A 77 3.31 -0.43 12.10
CA ILE A 77 2.76 -1.35 11.11
C ILE A 77 2.19 -2.60 11.77
N THR A 78 0.91 -2.84 11.53
CA THR A 78 0.24 -4.00 12.11
C THR A 78 0.46 -5.25 11.26
N LEU A 79 0.93 -5.08 10.03
CA LEU A 79 1.17 -6.21 9.14
C LEU A 79 1.76 -5.76 7.81
N HIS A 80 2.73 -6.52 7.33
CA HIS A 80 3.39 -6.23 6.07
C HIS A 80 3.71 -7.54 5.34
N LEU A 81 3.09 -7.75 4.20
CA LEU A 81 3.32 -8.99 3.45
C LEU A 81 3.31 -8.77 1.94
N LEU A 82 3.71 -9.82 1.21
CA LEU A 82 3.77 -9.79 -0.25
C LEU A 82 2.43 -10.19 -0.87
N LEU A 83 1.96 -9.41 -1.82
CA LEU A 83 0.70 -9.74 -2.49
C LEU A 83 0.74 -11.16 -3.02
N HIS A 84 1.96 -11.64 -3.27
CA HIS A 84 2.17 -13.00 -3.76
C HIS A 84 2.32 -13.96 -2.60
N SER A 85 1.60 -13.68 -1.52
CA SER A 85 1.64 -14.50 -0.33
C SER A 85 0.26 -14.59 0.31
N ASP A 86 0.11 -15.45 1.30
CA ASP A 86 -1.17 -15.62 1.99
C ASP A 86 -1.43 -14.46 2.94
N ARG A 87 -2.26 -13.52 2.52
CA ARG A 87 -2.59 -12.36 3.33
C ARG A 87 -3.51 -12.74 4.49
N ASP A 88 -3.56 -11.87 5.49
CA ASP A 88 -4.41 -12.11 6.66
C ASP A 88 -5.56 -11.12 6.70
N PRO A 89 -6.66 -11.48 7.37
CA PRO A 89 -7.84 -10.62 7.47
C PRO A 89 -7.74 -9.61 8.61
N ILE A 90 -7.58 -8.33 8.24
CA ILE A 90 -7.48 -7.26 9.22
C ILE A 90 -8.34 -6.07 8.81
N ARG A 91 -9.59 -6.36 8.44
CA ARG A 91 -10.53 -5.33 8.00
C ARG A 91 -10.66 -4.19 9.02
N ASP A 92 -10.30 -4.47 10.28
CA ASP A 92 -10.39 -3.47 11.33
C ASP A 92 -9.12 -2.62 11.43
N VAL A 93 -8.31 -2.62 10.38
CA VAL A 93 -7.07 -1.86 10.38
C VAL A 93 -6.73 -1.34 8.98
N PRO A 94 -6.46 -0.03 8.83
CA PRO A 94 -6.10 0.56 7.54
C PRO A 94 -4.93 -0.19 6.90
N ALA A 95 -4.95 -0.27 5.57
CA ALA A 95 -3.88 -0.98 4.86
C ALA A 95 -3.27 -0.11 3.76
N VAL A 96 -2.08 -0.51 3.33
CA VAL A 96 -1.35 0.19 2.28
C VAL A 96 -0.88 -0.81 1.23
N TYR A 97 -1.05 -0.46 -0.05
CA TYR A 97 -0.65 -1.36 -1.12
C TYR A 97 0.29 -0.68 -2.11
N PHE A 98 1.57 -0.59 -1.75
CA PHE A 98 2.58 0.02 -2.63
C PHE A 98 3.20 -1.06 -3.50
N VAL A 99 2.61 -1.29 -4.68
CA VAL A 99 3.09 -2.31 -5.59
C VAL A 99 3.19 -1.81 -7.03
N MET A 100 3.71 -2.68 -7.90
CA MET A 100 3.87 -2.35 -9.32
C MET A 100 2.52 -2.19 -10.01
N PRO A 101 2.45 -1.31 -11.02
CA PRO A 101 1.23 -1.07 -11.78
C PRO A 101 1.13 -1.97 -13.00
N THR A 102 1.46 -3.24 -12.82
CA THR A 102 1.44 -4.19 -13.92
C THR A 102 0.11 -4.95 -13.95
N GLU A 103 -0.21 -5.51 -15.11
CA GLU A 103 -1.45 -6.27 -15.30
C GLU A 103 -1.71 -7.21 -14.12
N GLU A 104 -0.72 -8.03 -13.80
CA GLU A 104 -0.83 -8.98 -12.69
C GLU A 104 -1.17 -8.25 -11.40
N ASN A 105 -0.47 -7.15 -11.16
CA ASN A 105 -0.68 -6.36 -9.96
C ASN A 105 -2.12 -5.84 -9.91
N ILE A 106 -2.64 -5.47 -11.06
CA ILE A 106 -4.01 -4.96 -11.15
C ILE A 106 -5.00 -5.99 -10.61
N ASP A 107 -4.74 -7.25 -10.90
CA ASP A 107 -5.61 -8.34 -10.43
C ASP A 107 -5.44 -8.53 -8.92
N ARG A 108 -4.30 -8.09 -8.40
CA ARG A 108 -4.02 -8.19 -6.98
C ARG A 108 -4.84 -7.19 -6.18
N LEU A 109 -5.17 -6.06 -6.83
CA LEU A 109 -5.96 -5.03 -6.19
C LEU A 109 -7.42 -5.47 -6.12
N CYS A 110 -7.88 -6.12 -7.18
CA CYS A 110 -9.24 -6.62 -7.25
C CYS A 110 -9.43 -7.82 -6.33
N GLN A 111 -8.33 -8.52 -6.06
CA GLN A 111 -8.38 -9.68 -5.18
C GLN A 111 -8.48 -9.23 -3.73
N ASP A 112 -7.66 -8.25 -3.35
CA ASP A 112 -7.66 -7.74 -1.98
C ASP A 112 -8.82 -6.79 -1.75
N LEU A 113 -9.29 -6.14 -2.82
CA LEU A 113 -10.39 -5.20 -2.71
C LEU A 113 -11.72 -5.93 -2.54
N ARG A 114 -11.78 -7.17 -3.03
CA ARG A 114 -12.99 -7.97 -2.93
C ARG A 114 -13.07 -8.70 -1.59
N ASN A 115 -11.99 -9.37 -1.21
CA ASN A 115 -11.95 -10.12 0.03
C ASN A 115 -12.05 -9.19 1.24
N GLN A 116 -11.74 -7.91 1.03
CA GLN A 116 -11.83 -6.93 2.11
C GLN A 116 -10.96 -7.32 3.30
N LEU A 117 -9.72 -7.69 3.03
CA LEU A 117 -8.79 -8.10 4.06
C LEU A 117 -8.44 -6.93 4.98
N TYR A 118 -8.60 -5.71 4.48
CA TYR A 118 -8.28 -4.53 5.27
C TYR A 118 -9.34 -3.44 5.06
N GLU A 119 -9.24 -2.37 5.85
CA GLU A 119 -10.20 -1.27 5.77
C GLU A 119 -9.84 -0.28 4.66
N SER A 120 -8.58 0.14 4.63
CA SER A 120 -8.12 1.10 3.62
C SER A 120 -6.97 0.51 2.80
N TYR A 121 -7.01 0.77 1.49
CA TYR A 121 -5.98 0.25 0.60
C TYR A 121 -5.14 1.38 0.00
N TYR A 122 -4.22 1.93 0.80
CA TYR A 122 -3.35 3.00 0.33
C TYR A 122 -2.48 2.49 -0.81
N LEU A 123 -3.00 2.56 -2.03
CA LEU A 123 -2.28 2.08 -3.20
C LEU A 123 -1.14 2.99 -3.58
N ASN A 124 -0.10 2.41 -4.16
CA ASN A 124 1.07 3.16 -4.59
C ASN A 124 1.81 2.41 -5.69
N PHE A 125 1.76 2.95 -6.91
CA PHE A 125 2.40 2.32 -8.04
C PHE A 125 3.84 2.82 -8.24
N ILE A 126 4.76 1.87 -8.38
CA ILE A 126 6.18 2.22 -8.58
C ILE A 126 6.38 2.88 -9.93
N SER A 127 5.62 2.45 -10.94
CA SER A 127 5.74 3.00 -12.27
C SER A 127 4.45 3.73 -12.67
N ALA A 128 4.44 4.25 -13.90
CA ALA A 128 3.27 4.97 -14.42
C ALA A 128 2.23 4.01 -14.96
N ILE A 129 1.11 3.90 -14.26
CA ILE A 129 0.02 3.01 -14.67
C ILE A 129 -0.78 3.63 -15.81
N SER A 130 -1.41 2.78 -16.62
CA SER A 130 -2.21 3.25 -17.75
C SER A 130 -3.62 3.63 -17.31
N ARG A 131 -4.17 4.69 -17.92
CA ARG A 131 -5.50 5.17 -17.61
C ARG A 131 -6.50 4.02 -17.56
N SER A 132 -6.27 3.01 -18.39
CA SER A 132 -7.15 1.84 -18.43
C SER A 132 -6.90 0.93 -17.23
N LYS A 133 -5.62 0.77 -16.88
CA LYS A 133 -5.25 -0.06 -15.76
C LYS A 133 -5.79 0.50 -14.44
N LEU A 134 -5.67 1.81 -14.26
CA LEU A 134 -6.16 2.44 -13.04
C LEU A 134 -7.65 2.19 -12.85
N GLU A 135 -8.42 2.37 -13.93
CA GLU A 135 -9.86 2.15 -13.88
C GLU A 135 -10.17 0.76 -13.33
N ASP A 136 -9.33 -0.20 -13.69
CA ASP A 136 -9.50 -1.57 -13.22
C ASP A 136 -9.43 -1.65 -11.70
N ILE A 137 -8.34 -1.12 -11.14
CA ILE A 137 -8.16 -1.13 -9.69
C ILE A 137 -9.27 -0.32 -9.01
N ALA A 138 -9.58 0.84 -9.58
CA ALA A 138 -10.63 1.70 -9.03
C ALA A 138 -11.93 0.92 -8.95
N ASN A 139 -12.22 0.17 -10.01
CA ASN A 139 -13.42 -0.64 -10.07
C ASN A 139 -13.26 -1.90 -9.24
N ALA A 140 -12.02 -2.37 -9.12
CA ALA A 140 -11.73 -3.56 -8.33
C ALA A 140 -12.35 -3.42 -6.95
N ALA A 141 -12.41 -2.18 -6.46
CA ALA A 141 -12.98 -1.89 -5.15
C ALA A 141 -14.48 -1.67 -5.25
N LEU A 142 -14.90 -0.99 -6.32
CA LEU A 142 -16.31 -0.70 -6.54
C LEU A 142 -17.15 -1.97 -6.43
N ALA A 143 -16.55 -3.11 -6.71
CA ALA A 143 -17.23 -4.39 -6.63
C ALA A 143 -17.45 -4.78 -5.17
N ALA A 144 -16.54 -4.33 -4.31
CA ALA A 144 -16.63 -4.64 -2.88
C ALA A 144 -16.81 -3.36 -2.05
N ASN A 145 -17.08 -2.23 -2.74
CA ASN A 145 -17.27 -0.95 -2.07
C ASN A 145 -16.20 -0.72 -1.00
N ALA A 146 -15.01 -1.24 -1.27
CA ALA A 146 -13.89 -1.09 -0.34
C ALA A 146 -13.15 0.24 -0.58
N VAL A 147 -12.95 1.00 0.48
CA VAL A 147 -12.26 2.28 0.39
C VAL A 147 -10.86 2.10 -0.17
N THR A 148 -10.52 2.90 -1.16
CA THR A 148 -9.19 2.83 -1.79
C THR A 148 -8.63 4.21 -2.06
N GLN A 149 -7.30 4.29 -2.12
CA GLN A 149 -6.62 5.55 -2.38
C GLN A 149 -5.30 5.30 -3.09
N VAL A 150 -5.17 5.83 -4.30
CA VAL A 150 -3.95 5.64 -5.08
C VAL A 150 -2.97 6.79 -4.85
N ALA A 151 -1.74 6.43 -4.49
CA ALA A 151 -0.70 7.41 -4.22
C ALA A 151 0.09 7.74 -5.48
N LYS A 152 1.08 8.64 -5.33
CA LYS A 152 1.91 9.05 -6.45
C LYS A 152 2.97 7.99 -6.78
N VAL A 153 3.59 8.12 -7.95
CA VAL A 153 4.60 7.18 -8.38
C VAL A 153 6.00 7.81 -8.35
N PHE A 154 6.99 7.04 -7.92
CA PHE A 154 8.36 7.52 -7.83
C PHE A 154 9.26 6.85 -8.86
N ASP A 155 9.21 5.52 -8.90
CA ASP A 155 10.01 4.72 -9.82
C ASP A 155 9.80 5.14 -11.29
N GLN A 156 8.75 5.92 -11.54
CA GLN A 156 8.44 6.36 -12.90
C GLN A 156 9.63 7.11 -13.54
N TYR A 157 10.53 7.64 -12.72
CA TYR A 157 11.68 8.37 -13.24
C TYR A 157 12.99 7.66 -12.90
N LEU A 158 13.00 6.84 -11.86
CA LEU A 158 14.21 6.13 -11.46
C LEU A 158 13.94 4.65 -11.26
N ASN A 159 15.00 3.88 -11.01
CA ASN A 159 14.89 2.44 -10.82
C ASN A 159 14.49 1.74 -12.11
N ALA A 20 21.41 10.06 -2.15
CA ALA A 20 21.10 10.74 -3.44
C ALA A 20 19.74 11.44 -3.36
N SER A 21 19.62 12.55 -4.07
CA SER A 21 18.36 13.30 -4.09
C SER A 21 17.24 12.43 -4.64
N ILE A 22 17.59 11.56 -5.59
CA ILE A 22 16.62 10.66 -6.19
C ILE A 22 16.12 9.65 -5.18
N ARG A 23 17.03 8.84 -4.65
CA ARG A 23 16.69 7.82 -3.66
C ARG A 23 15.83 8.42 -2.55
N GLU A 24 16.05 9.69 -2.27
CA GLU A 24 15.30 10.38 -1.23
C GLU A 24 13.81 10.44 -1.58
N ARG A 25 13.52 10.92 -2.80
CA ARG A 25 12.13 11.02 -3.26
C ARG A 25 11.40 9.72 -3.02
N GLN A 26 12.09 8.62 -3.25
CA GLN A 26 11.52 7.29 -3.06
C GLN A 26 10.95 7.15 -1.66
N THR A 27 11.78 7.41 -0.66
CA THR A 27 11.36 7.30 0.72
C THR A 27 10.24 8.30 1.05
N VAL A 28 10.12 9.35 0.25
CA VAL A 28 9.08 10.34 0.48
C VAL A 28 7.71 9.70 0.38
N ALA A 29 7.45 9.04 -0.74
CA ALA A 29 6.17 8.37 -0.96
C ALA A 29 5.99 7.21 0.02
N LEU A 30 7.11 6.65 0.47
CA LEU A 30 7.08 5.52 1.40
C LEU A 30 6.96 5.99 2.85
N LYS A 31 7.97 6.71 3.32
CA LYS A 31 7.99 7.22 4.69
C LYS A 31 6.64 7.81 5.10
N ARG A 32 5.90 8.32 4.12
CA ARG A 32 4.60 8.92 4.38
C ARG A 32 3.48 7.88 4.36
N MET A 33 3.42 7.08 3.31
CA MET A 33 2.36 6.07 3.17
C MET A 33 2.41 5.00 4.26
N LEU A 34 3.60 4.44 4.51
CA LEU A 34 3.72 3.39 5.52
C LEU A 34 3.84 3.92 6.95
N ASN A 35 3.63 5.22 7.13
CA ASN A 35 3.73 5.83 8.45
C ASN A 35 2.59 6.80 8.72
N PHE A 36 2.34 7.71 7.78
CA PHE A 36 1.28 8.69 7.95
C PHE A 36 -0.09 8.04 7.74
N ASN A 37 -0.77 7.76 8.84
CA ASN A 37 -2.09 7.14 8.79
C ASN A 37 -3.11 8.10 8.17
N VAL A 38 -3.86 7.62 7.20
CA VAL A 38 -4.88 8.43 6.53
C VAL A 38 -6.07 8.68 7.45
N PRO A 39 -6.80 9.79 7.21
CA PRO A 39 -7.98 10.14 8.02
C PRO A 39 -8.95 8.98 8.17
N HIS A 40 -9.07 8.45 9.39
CA HIS A 40 -9.96 7.35 9.66
C HIS A 40 -10.99 7.73 10.73
N VAL A 41 -12.19 7.16 10.62
CA VAL A 41 -13.25 7.44 11.58
C VAL A 41 -12.92 6.89 12.95
N LYS A 42 -12.42 7.76 13.83
CA LYS A 42 -12.05 7.35 15.18
C LYS A 42 -13.02 7.96 16.20
N ASN A 43 -13.76 7.11 16.89
CA ASN A 43 -14.72 7.56 17.89
C ASN A 43 -14.04 7.70 19.25
N SER A 44 -13.39 6.64 19.70
CA SER A 44 -12.70 6.64 20.99
C SER A 44 -11.19 6.79 20.80
N PRO A 45 -10.69 8.04 20.83
CA PRO A 45 -9.25 8.31 20.66
C PRO A 45 -8.43 7.80 21.84
N GLY A 46 -7.11 7.82 21.69
CA GLY A 46 -6.23 7.35 22.75
C GLY A 46 -5.40 6.15 22.33
N GLU A 47 -5.93 5.37 21.39
CA GLU A 47 -5.23 4.18 20.92
C GLU A 47 -4.44 4.49 19.65
N PRO A 48 -3.32 3.78 19.44
CA PRO A 48 -2.47 3.99 18.26
C PRO A 48 -3.14 3.51 16.98
N VAL A 49 -2.63 3.99 15.83
CA VAL A 49 -3.19 3.61 14.54
C VAL A 49 -2.26 2.66 13.79
N TRP A 50 -2.54 1.37 13.87
CA TRP A 50 -1.74 0.36 13.20
C TRP A 50 -1.99 0.39 11.70
N LYS A 51 -0.93 0.59 10.92
CA LYS A 51 -1.05 0.64 9.47
C LYS A 51 -0.38 -0.58 8.82
N VAL A 52 -1.06 -1.16 7.84
CA VAL A 52 -0.55 -2.32 7.13
C VAL A 52 0.11 -1.90 5.82
N LEU A 53 0.97 -2.76 5.28
CA LEU A 53 1.65 -2.47 4.04
C LEU A 53 1.76 -3.73 3.17
N ILE A 54 1.54 -3.56 1.88
CA ILE A 54 1.61 -4.67 0.93
C ILE A 54 2.53 -4.29 -0.23
N TYR A 55 3.71 -4.89 -0.27
CA TYR A 55 4.66 -4.58 -1.32
C TYR A 55 4.85 -5.76 -2.28
N ASP A 56 5.33 -5.43 -3.47
CA ASP A 56 5.57 -6.43 -4.51
C ASP A 56 7.08 -6.56 -4.74
N ARG A 57 7.46 -7.30 -5.78
CA ARG A 57 8.88 -7.48 -6.09
C ARG A 57 9.60 -6.13 -6.10
N PHE A 58 8.94 -5.11 -6.64
CA PHE A 58 9.51 -3.78 -6.70
C PHE A 58 9.30 -3.08 -5.36
N GLY A 59 8.14 -3.33 -4.74
CA GLY A 59 7.84 -2.73 -3.45
C GLY A 59 8.96 -2.98 -2.45
N GLN A 60 9.44 -4.22 -2.42
CA GLN A 60 10.53 -4.60 -1.52
C GLN A 60 11.84 -4.05 -2.07
N ASP A 61 11.90 -3.91 -3.39
CA ASP A 61 13.08 -3.39 -4.07
C ASP A 61 13.33 -1.93 -3.71
N ILE A 62 12.35 -1.31 -3.06
CA ILE A 62 12.46 0.10 -2.69
C ILE A 62 12.26 0.32 -1.19
N ILE A 63 11.32 -0.42 -0.61
CA ILE A 63 11.03 -0.28 0.82
C ILE A 63 12.18 -0.82 1.69
N SER A 64 12.68 -2.00 1.36
CA SER A 64 13.77 -2.61 2.12
C SER A 64 15.02 -1.71 2.12
N PRO A 65 15.50 -1.34 0.92
CA PRO A 65 16.70 -0.49 0.80
C PRO A 65 16.64 0.74 1.72
N LEU A 66 15.43 1.16 2.06
CA LEU A 66 15.23 2.30 2.94
C LEU A 66 14.40 1.94 4.16
N LEU A 67 14.30 0.64 4.43
CA LEU A 67 13.51 0.17 5.57
C LEU A 67 13.81 -1.29 5.88
N SER A 68 13.58 -1.71 7.12
CA SER A 68 13.83 -3.08 7.52
C SER A 68 12.61 -3.67 8.26
N VAL A 69 12.71 -4.96 8.59
CA VAL A 69 11.63 -5.64 9.29
C VAL A 69 11.40 -5.06 10.68
N LYS A 70 12.48 -4.95 11.44
CA LYS A 70 12.40 -4.42 12.80
C LYS A 70 11.93 -2.97 12.79
N GLU A 71 12.33 -2.22 11.77
CA GLU A 71 11.91 -0.83 11.65
C GLU A 71 10.46 -0.78 11.19
N LEU A 72 10.11 -1.75 10.36
CA LEU A 72 8.75 -1.87 9.84
C LEU A 72 7.76 -1.98 10.99
N ARG A 73 8.07 -2.87 11.93
CA ARG A 73 7.21 -3.08 13.09
C ARG A 73 7.42 -2.00 14.14
N ASP A 74 8.59 -1.38 14.12
CA ASP A 74 8.92 -0.33 15.08
C ASP A 74 8.35 1.03 14.65
N MET A 75 7.85 1.11 13.42
CA MET A 75 7.29 2.36 12.91
C MET A 75 5.79 2.44 13.18
N GLY A 76 5.17 1.28 13.42
CA GLY A 76 3.75 1.24 13.68
C GLY A 76 2.99 0.37 12.69
N ILE A 77 3.64 -0.68 12.21
CA ILE A 77 3.01 -1.58 11.26
C ILE A 77 2.49 -2.84 11.96
N THR A 78 1.24 -3.20 11.68
CA THR A 78 0.63 -4.38 12.29
C THR A 78 0.83 -5.61 11.43
N LEU A 79 1.10 -5.41 10.14
CA LEU A 79 1.30 -6.53 9.22
C LEU A 79 1.84 -6.05 7.88
N HIS A 80 2.81 -6.80 7.37
CA HIS A 80 3.43 -6.48 6.09
C HIS A 80 3.74 -7.77 5.34
N LEU A 81 3.29 -7.88 4.09
CA LEU A 81 3.53 -9.10 3.32
C LEU A 81 3.48 -8.85 1.81
N LEU A 82 3.90 -9.88 1.06
CA LEU A 82 3.92 -9.85 -0.39
C LEU A 82 2.57 -10.22 -1.00
N LEU A 83 2.10 -9.41 -1.93
CA LEU A 83 0.83 -9.70 -2.59
C LEU A 83 0.87 -11.09 -3.23
N HIS A 84 2.08 -11.53 -3.51
CA HIS A 84 2.30 -12.84 -4.12
C HIS A 84 2.44 -13.90 -3.05
N SER A 85 1.68 -13.75 -1.98
CA SER A 85 1.71 -14.70 -0.88
C SER A 85 0.38 -14.72 -0.14
N ASP A 86 0.32 -15.49 0.95
CA ASP A 86 -0.90 -15.59 1.74
C ASP A 86 -1.07 -14.36 2.62
N ARG A 87 -2.22 -13.69 2.47
CA ARG A 87 -2.50 -12.49 3.25
C ARG A 87 -3.48 -12.80 4.39
N ASP A 88 -3.28 -12.15 5.52
CA ASP A 88 -4.15 -12.34 6.68
C ASP A 88 -5.31 -11.36 6.65
N PRO A 89 -6.44 -11.72 7.27
CA PRO A 89 -7.63 -10.87 7.30
C PRO A 89 -7.59 -9.85 8.44
N ILE A 90 -7.43 -8.58 8.09
CA ILE A 90 -7.39 -7.50 9.08
C ILE A 90 -8.24 -6.32 8.63
N ARG A 91 -9.52 -6.58 8.39
CA ARG A 91 -10.46 -5.55 7.95
C ARG A 91 -10.57 -4.42 8.96
N ASP A 92 -10.22 -4.69 10.21
CA ASP A 92 -10.31 -3.68 11.26
C ASP A 92 -9.02 -2.87 11.38
N VAL A 93 -8.22 -2.84 10.32
CA VAL A 93 -6.97 -2.09 10.34
C VAL A 93 -6.64 -1.53 8.96
N PRO A 94 -6.31 -0.22 8.87
CA PRO A 94 -5.96 0.41 7.60
C PRO A 94 -4.75 -0.26 6.96
N ALA A 95 -4.79 -0.44 5.64
CA ALA A 95 -3.70 -1.10 4.94
C ALA A 95 -3.08 -0.21 3.87
N VAL A 96 -1.88 -0.60 3.45
CA VAL A 96 -1.14 0.13 2.42
C VAL A 96 -0.65 -0.85 1.36
N TYR A 97 -0.82 -0.52 0.10
CA TYR A 97 -0.39 -1.41 -0.98
C TYR A 97 0.58 -0.70 -1.93
N PHE A 98 1.84 -0.61 -1.51
CA PHE A 98 2.87 0.01 -2.34
C PHE A 98 3.43 -1.01 -3.31
N VAL A 99 2.78 -1.16 -4.45
CA VAL A 99 3.21 -2.13 -5.46
C VAL A 99 3.09 -1.57 -6.87
N MET A 100 3.53 -2.34 -7.84
CA MET A 100 3.48 -1.92 -9.24
C MET A 100 2.10 -2.15 -9.84
N PRO A 101 1.65 -1.27 -10.75
CA PRO A 101 0.34 -1.42 -11.38
C PRO A 101 0.40 -2.36 -12.58
N THR A 102 1.07 -3.49 -12.40
CA THR A 102 1.20 -4.48 -13.45
C THR A 102 -0.08 -5.30 -13.59
N GLU A 103 -0.29 -5.88 -14.76
CA GLU A 103 -1.48 -6.68 -15.03
C GLU A 103 -1.82 -7.59 -13.87
N GLU A 104 -0.82 -8.36 -13.41
CA GLU A 104 -1.02 -9.27 -12.29
C GLU A 104 -1.38 -8.51 -11.03
N ASN A 105 -0.70 -7.39 -10.81
CA ASN A 105 -0.95 -6.57 -9.64
C ASN A 105 -2.38 -6.04 -9.64
N ILE A 106 -2.81 -5.52 -10.78
CA ILE A 106 -4.16 -5.01 -10.91
C ILE A 106 -5.17 -6.05 -10.44
N ASP A 107 -4.82 -7.32 -10.65
CA ASP A 107 -5.69 -8.42 -10.24
C ASP A 107 -5.64 -8.60 -8.72
N ARG A 108 -4.51 -8.23 -8.11
CA ARG A 108 -4.33 -8.35 -6.67
C ARG A 108 -5.22 -7.36 -5.93
N LEU A 109 -5.39 -6.17 -6.52
CA LEU A 109 -6.23 -5.14 -5.91
C LEU A 109 -7.69 -5.55 -5.98
N CYS A 110 -8.07 -6.19 -7.08
CA CYS A 110 -9.43 -6.64 -7.28
C CYS A 110 -9.72 -7.85 -6.39
N GLN A 111 -8.74 -8.73 -6.26
CA GLN A 111 -8.89 -9.93 -5.43
C GLN A 111 -8.88 -9.56 -3.96
N ASP A 112 -8.03 -8.60 -3.59
CA ASP A 112 -7.92 -8.16 -2.20
C ASP A 112 -9.10 -7.28 -1.82
N LEU A 113 -9.38 -6.28 -2.64
CA LEU A 113 -10.48 -5.36 -2.39
C LEU A 113 -11.79 -6.10 -2.18
N ARG A 114 -11.92 -7.26 -2.83
CA ARG A 114 -13.13 -8.06 -2.70
C ARG A 114 -13.10 -8.88 -1.41
N ASN A 115 -11.91 -9.26 -0.99
CA ASN A 115 -11.74 -10.04 0.23
C ASN A 115 -11.90 -9.17 1.47
N GLN A 116 -11.68 -7.87 1.33
CA GLN A 116 -11.78 -6.94 2.44
C GLN A 116 -10.78 -7.30 3.54
N LEU A 117 -9.60 -7.74 3.11
CA LEU A 117 -8.54 -8.12 4.04
C LEU A 117 -8.16 -6.96 4.96
N TYR A 118 -8.33 -5.74 4.47
CA TYR A 118 -8.00 -4.56 5.26
C TYR A 118 -9.01 -3.43 5.02
N GLU A 119 -9.31 -2.68 6.08
CA GLU A 119 -10.26 -1.59 6.00
C GLU A 119 -9.86 -0.56 4.92
N SER A 120 -8.60 -0.14 4.96
CA SER A 120 -8.09 0.83 4.00
C SER A 120 -7.18 0.15 2.99
N TYR A 121 -6.79 0.90 1.96
CA TYR A 121 -5.92 0.36 0.93
C TYR A 121 -5.05 1.45 0.29
N TYR A 122 -4.12 1.99 1.07
CA TYR A 122 -3.22 3.03 0.57
C TYR A 122 -2.42 2.48 -0.60
N LEU A 123 -2.96 2.63 -1.81
CA LEU A 123 -2.31 2.13 -3.00
C LEU A 123 -1.14 3.01 -3.42
N ASN A 124 -0.10 2.39 -3.94
CA ASN A 124 1.10 3.09 -4.40
C ASN A 124 1.75 2.34 -5.54
N PHE A 125 1.75 2.94 -6.73
CA PHE A 125 2.33 2.32 -7.91
C PHE A 125 3.76 2.77 -8.17
N ILE A 126 4.64 1.80 -8.43
CA ILE A 126 6.05 2.10 -8.72
C ILE A 126 6.21 2.59 -10.14
N SER A 127 5.35 2.13 -11.04
CA SER A 127 5.42 2.53 -12.44
C SER A 127 4.26 3.46 -12.79
N ALA A 128 4.30 4.00 -14.01
CA ALA A 128 3.27 4.92 -14.47
C ALA A 128 2.06 4.17 -15.03
N ILE A 129 1.05 3.99 -14.19
CA ILE A 129 -0.17 3.30 -14.61
C ILE A 129 -1.03 4.19 -15.50
N SER A 130 -1.92 3.56 -16.26
CA SER A 130 -2.80 4.29 -17.17
C SER A 130 -4.22 4.37 -16.62
N ARG A 131 -4.98 5.36 -17.09
CA ARG A 131 -6.35 5.55 -16.64
C ARG A 131 -7.15 4.25 -16.76
N SER A 132 -6.87 3.47 -17.79
CA SER A 132 -7.55 2.21 -18.01
C SER A 132 -7.19 1.21 -16.92
N LYS A 133 -5.88 1.05 -16.68
CA LYS A 133 -5.40 0.12 -15.66
C LYS A 133 -5.80 0.60 -14.27
N LEU A 134 -5.84 1.92 -14.09
CA LEU A 134 -6.21 2.50 -12.81
C LEU A 134 -7.66 2.18 -12.48
N GLU A 135 -8.54 2.35 -13.47
CA GLU A 135 -9.96 2.07 -13.29
C GLU A 135 -10.15 0.63 -12.81
N ASP A 136 -9.30 -0.26 -13.30
CA ASP A 136 -9.38 -1.66 -12.91
C ASP A 136 -9.23 -1.80 -11.40
N ILE A 137 -8.20 -1.14 -10.85
CA ILE A 137 -7.96 -1.17 -9.41
C ILE A 137 -9.04 -0.38 -8.68
N ALA A 138 -9.24 0.87 -9.09
CA ALA A 138 -10.24 1.72 -8.48
C ALA A 138 -11.59 1.02 -8.49
N ASN A 139 -11.96 0.49 -9.65
CA ASN A 139 -13.21 -0.23 -9.79
C ASN A 139 -13.12 -1.57 -9.07
N ALA A 140 -11.92 -2.13 -9.01
CA ALA A 140 -11.72 -3.39 -8.32
C ALA A 140 -12.34 -3.33 -6.93
N ALA A 141 -12.35 -2.12 -6.36
CA ALA A 141 -12.91 -1.90 -5.04
C ALA A 141 -14.41 -1.63 -5.13
N LEU A 142 -14.82 -0.93 -6.19
CA LEU A 142 -16.23 -0.60 -6.39
C LEU A 142 -17.11 -1.84 -6.20
N ALA A 143 -16.54 -3.00 -6.48
CA ALA A 143 -17.27 -4.26 -6.32
C ALA A 143 -17.60 -4.53 -4.86
N ALA A 144 -16.61 -4.31 -3.99
CA ALA A 144 -16.79 -4.54 -2.56
C ALA A 144 -16.94 -3.21 -1.81
N ASN A 145 -16.95 -2.10 -2.55
CA ASN A 145 -17.10 -0.78 -1.95
C ASN A 145 -15.99 -0.53 -0.92
N ALA A 146 -14.75 -0.80 -1.31
CA ALA A 146 -13.61 -0.60 -0.44
C ALA A 146 -12.99 0.78 -0.65
N VAL A 147 -12.20 1.22 0.32
CA VAL A 147 -11.55 2.52 0.24
C VAL A 147 -10.12 2.39 -0.26
N THR A 148 -9.91 2.71 -1.53
CA THR A 148 -8.58 2.62 -2.14
C THR A 148 -8.12 3.99 -2.63
N GLN A 149 -6.81 4.22 -2.54
CA GLN A 149 -6.22 5.47 -2.98
C GLN A 149 -4.86 5.22 -3.63
N VAL A 150 -4.75 5.56 -4.91
CA VAL A 150 -3.51 5.36 -5.64
C VAL A 150 -2.57 6.56 -5.48
N ALA A 151 -1.63 6.44 -4.57
CA ALA A 151 -0.66 7.50 -4.30
C ALA A 151 0.22 7.76 -5.52
N LYS A 152 1.06 8.79 -5.42
CA LYS A 152 1.95 9.15 -6.51
C LYS A 152 3.02 8.08 -6.72
N VAL A 153 3.67 8.12 -7.88
CA VAL A 153 4.71 7.15 -8.20
C VAL A 153 6.10 7.78 -8.07
N PHE A 154 7.08 6.95 -7.68
CA PHE A 154 8.45 7.42 -7.52
C PHE A 154 9.38 6.75 -8.52
N ASP A 155 9.18 5.45 -8.71
CA ASP A 155 10.00 4.67 -9.63
C ASP A 155 9.76 5.05 -11.08
N GLN A 156 8.77 5.89 -11.33
CA GLN A 156 8.46 6.32 -12.69
C GLN A 156 9.63 7.07 -13.33
N TYR A 157 10.54 7.55 -12.50
CA TYR A 157 11.69 8.30 -13.01
C TYR A 157 13.01 7.57 -12.70
N LEU A 158 12.98 6.65 -11.74
CA LEU A 158 14.19 5.91 -11.38
C LEU A 158 13.89 4.41 -11.23
N ASN A 159 14.84 3.67 -10.67
CA ASN A 159 14.67 2.23 -10.47
C ASN A 159 14.37 1.54 -11.80
N ALA A 20 21.23 9.59 -2.42
CA ALA A 20 20.97 10.34 -3.67
C ALA A 20 19.63 11.08 -3.60
N SER A 21 19.54 12.20 -4.30
CA SER A 21 18.32 12.99 -4.32
C SER A 21 17.16 12.17 -4.88
N ILE A 22 17.50 11.26 -5.81
CA ILE A 22 16.51 10.41 -6.42
C ILE A 22 15.93 9.41 -5.42
N ARG A 23 16.81 8.57 -4.87
CA ARG A 23 16.40 7.57 -3.89
C ARG A 23 15.57 8.21 -2.77
N GLU A 24 15.83 9.50 -2.53
CA GLU A 24 15.11 10.23 -1.51
C GLU A 24 13.64 10.36 -1.86
N ARG A 25 13.37 10.81 -3.09
CA ARG A 25 11.98 10.95 -3.56
C ARG A 25 11.23 9.64 -3.39
N GLN A 26 11.93 8.54 -3.62
CA GLN A 26 11.34 7.21 -3.49
C GLN A 26 10.71 7.06 -2.11
N THR A 27 11.47 7.38 -1.07
CA THR A 27 10.98 7.27 0.30
C THR A 27 9.88 8.28 0.57
N VAL A 28 9.86 9.38 -0.17
CA VAL A 28 8.82 10.40 0.02
C VAL A 28 7.44 9.75 -0.08
N ALA A 29 7.22 9.04 -1.18
CA ALA A 29 5.95 8.36 -1.39
C ALA A 29 5.77 7.26 -0.33
N LEU A 30 6.90 6.68 0.08
CA LEU A 30 6.89 5.61 1.08
C LEU A 30 6.53 6.15 2.47
N LYS A 31 7.33 7.07 2.97
CA LYS A 31 7.11 7.66 4.29
C LYS A 31 5.68 8.17 4.45
N ARG A 32 5.02 8.46 3.33
CA ARG A 32 3.65 8.95 3.38
C ARG A 32 2.64 7.81 3.42
N MET A 33 3.03 6.66 2.88
CA MET A 33 2.15 5.49 2.84
C MET A 33 2.31 4.60 4.07
N LEU A 34 3.55 4.36 4.48
CA LEU A 34 3.80 3.47 5.62
C LEU A 34 4.13 4.22 6.92
N ASN A 35 3.87 5.53 6.95
CA ASN A 35 4.15 6.31 8.14
C ASN A 35 3.00 7.25 8.48
N PHE A 36 2.56 8.06 7.52
CA PHE A 36 1.46 8.98 7.76
C PHE A 36 0.11 8.28 7.54
N ASN A 37 -0.51 7.87 8.64
CA ASN A 37 -1.80 7.20 8.56
C ASN A 37 -2.89 8.17 8.15
N VAL A 38 -3.71 7.76 7.19
CA VAL A 38 -4.79 8.60 6.69
C VAL A 38 -5.91 8.74 7.73
N PRO A 39 -6.64 9.87 7.72
CA PRO A 39 -7.74 10.10 8.65
C PRO A 39 -8.71 8.94 8.72
N HIS A 40 -8.51 8.05 9.68
CA HIS A 40 -9.36 6.89 9.85
C HIS A 40 -10.55 7.21 10.76
N VAL A 41 -11.55 6.35 10.76
CA VAL A 41 -12.73 6.54 11.59
C VAL A 41 -12.58 5.85 12.94
N LYS A 42 -12.20 6.61 13.96
CA LYS A 42 -12.01 6.07 15.29
C LYS A 42 -13.22 6.36 16.18
N ASN A 43 -13.89 5.30 16.62
CA ASN A 43 -15.06 5.45 17.48
C ASN A 43 -14.66 5.83 18.89
N SER A 44 -13.48 5.39 19.31
CA SER A 44 -12.97 5.68 20.65
C SER A 44 -11.47 5.96 20.61
N PRO A 45 -11.07 7.24 20.68
CA PRO A 45 -9.65 7.63 20.65
C PRO A 45 -8.90 7.16 21.90
N GLY A 46 -7.96 6.26 21.71
CA GLY A 46 -7.18 5.75 22.83
C GLY A 46 -6.00 4.90 22.38
N GLU A 47 -6.26 4.00 21.43
CA GLU A 47 -5.21 3.12 20.91
C GLU A 47 -4.52 3.75 19.71
N PRO A 48 -3.28 3.34 19.42
CA PRO A 48 -2.50 3.86 18.30
C PRO A 48 -3.11 3.48 16.96
N VAL A 49 -2.68 4.16 15.89
CA VAL A 49 -3.18 3.89 14.55
C VAL A 49 -2.24 2.96 13.79
N TRP A 50 -2.58 1.67 13.77
CA TRP A 50 -1.77 0.69 13.07
C TRP A 50 -2.03 0.75 11.57
N LYS A 51 -0.95 0.63 10.79
CA LYS A 51 -1.06 0.68 9.33
C LYS A 51 -0.41 -0.54 8.70
N VAL A 52 -1.16 -1.25 7.87
CA VAL A 52 -0.65 -2.42 7.17
C VAL A 52 -0.01 -2.03 5.86
N LEU A 53 0.89 -2.88 5.35
CA LEU A 53 1.55 -2.59 4.09
C LEU A 53 1.74 -3.88 3.28
N ILE A 54 1.40 -3.82 2.01
CA ILE A 54 1.53 -4.97 1.12
C ILE A 54 2.32 -4.57 -0.12
N TYR A 55 3.56 -5.02 -0.21
CA TYR A 55 4.40 -4.69 -1.35
C TYR A 55 4.61 -5.91 -2.25
N ASP A 56 5.28 -5.68 -3.37
CA ASP A 56 5.57 -6.72 -4.33
C ASP A 56 7.07 -6.83 -4.56
N ARG A 57 7.48 -7.63 -5.54
CA ARG A 57 8.89 -7.81 -5.85
C ARG A 57 9.59 -6.45 -5.91
N PHE A 58 8.92 -5.46 -6.47
CA PHE A 58 9.47 -4.11 -6.56
C PHE A 58 9.25 -3.37 -5.25
N GLY A 59 8.03 -3.42 -4.74
CA GLY A 59 7.71 -2.76 -3.48
C GLY A 59 8.76 -3.03 -2.42
N GLN A 60 9.39 -4.19 -2.50
CA GLN A 60 10.43 -4.57 -1.54
C GLN A 60 11.78 -4.05 -2.03
N ASP A 61 11.93 -4.04 -3.35
CA ASP A 61 13.16 -3.57 -3.98
C ASP A 61 13.39 -2.08 -3.68
N ILE A 62 12.38 -1.42 -3.13
CA ILE A 62 12.48 0.00 -2.84
C ILE A 62 12.23 0.32 -1.37
N ILE A 63 11.29 -0.39 -0.75
CA ILE A 63 10.98 -0.16 0.66
C ILE A 63 12.12 -0.61 1.56
N SER A 64 12.67 -1.78 1.29
CA SER A 64 13.77 -2.32 2.11
C SER A 64 14.98 -1.39 2.07
N PRO A 65 15.51 -1.08 0.88
CA PRO A 65 16.69 -0.20 0.73
C PRO A 65 16.55 1.08 1.56
N LEU A 66 15.32 1.49 1.82
CA LEU A 66 15.05 2.70 2.61
C LEU A 66 14.23 2.39 3.85
N LEU A 67 14.14 1.10 4.20
CA LEU A 67 13.36 0.69 5.36
C LEU A 67 13.71 -0.75 5.76
N SER A 68 13.48 -1.09 7.03
CA SER A 68 13.77 -2.42 7.52
C SER A 68 12.60 -3.01 8.29
N VAL A 69 12.73 -4.27 8.69
CA VAL A 69 11.67 -4.96 9.43
C VAL A 69 11.44 -4.31 10.78
N LYS A 70 12.52 -4.10 11.52
CA LYS A 70 12.43 -3.49 12.84
C LYS A 70 11.90 -2.06 12.76
N GLU A 71 12.26 -1.34 11.70
CA GLU A 71 11.76 0.02 11.52
C GLU A 71 10.31 -0.04 11.06
N LEU A 72 9.98 -1.09 10.31
CA LEU A 72 8.63 -1.29 9.82
C LEU A 72 7.66 -1.38 10.99
N ARG A 73 7.99 -2.23 11.95
CA ARG A 73 7.16 -2.41 13.13
C ARG A 73 7.33 -1.26 14.10
N ASP A 74 8.49 -0.60 14.05
CA ASP A 74 8.79 0.52 14.92
C ASP A 74 8.13 1.81 14.44
N MET A 75 7.65 1.81 13.20
CA MET A 75 7.00 2.98 12.63
C MET A 75 5.50 2.95 12.87
N GLY A 76 4.97 1.77 13.15
CA GLY A 76 3.55 1.63 13.40
C GLY A 76 2.87 0.68 12.42
N ILE A 77 3.59 -0.36 12.01
CA ILE A 77 3.03 -1.34 11.09
C ILE A 77 2.52 -2.57 11.82
N THR A 78 1.30 -2.99 11.49
CA THR A 78 0.70 -4.14 12.15
C THR A 78 0.95 -5.43 11.37
N LEU A 79 1.20 -5.32 10.06
CA LEU A 79 1.43 -6.50 9.25
C LEU A 79 1.97 -6.15 7.87
N HIS A 80 3.00 -6.87 7.45
CA HIS A 80 3.62 -6.68 6.14
C HIS A 80 3.46 -7.96 5.34
N LEU A 81 2.73 -7.88 4.23
CA LEU A 81 2.48 -9.06 3.41
C LEU A 81 2.73 -8.81 1.92
N LEU A 82 2.89 -9.90 1.20
CA LEU A 82 3.11 -9.86 -0.24
C LEU A 82 1.81 -10.08 -0.99
N LEU A 83 1.49 -9.19 -1.91
CA LEU A 83 0.28 -9.33 -2.71
C LEU A 83 0.17 -10.76 -3.28
N HIS A 84 1.32 -11.41 -3.41
CA HIS A 84 1.38 -12.77 -3.94
C HIS A 84 1.51 -13.80 -2.83
N SER A 85 0.88 -13.52 -1.70
CA SER A 85 0.94 -14.43 -0.55
C SER A 85 -0.40 -14.45 0.17
N ASP A 86 -0.69 -15.57 0.84
CA ASP A 86 -1.94 -15.71 1.59
C ASP A 86 -2.16 -14.51 2.49
N ARG A 87 -3.04 -13.61 2.04
CA ARG A 87 -3.33 -12.40 2.79
C ARG A 87 -4.10 -12.70 4.08
N ASP A 88 -3.70 -12.02 5.16
CA ASP A 88 -4.36 -12.20 6.44
C ASP A 88 -5.49 -11.20 6.60
N PRO A 89 -6.56 -11.57 7.33
CA PRO A 89 -7.71 -10.69 7.53
C PRO A 89 -7.48 -9.67 8.64
N ILE A 90 -7.35 -8.41 8.25
CA ILE A 90 -7.16 -7.33 9.21
C ILE A 90 -8.02 -6.13 8.84
N ARG A 91 -9.33 -6.36 8.71
CA ARG A 91 -10.28 -5.32 8.36
C ARG A 91 -10.35 -4.23 9.41
N ASP A 92 -9.96 -4.57 10.63
CA ASP A 92 -10.00 -3.62 11.74
C ASP A 92 -8.82 -2.65 11.72
N VAL A 93 -7.98 -2.73 10.68
CA VAL A 93 -6.82 -1.86 10.58
C VAL A 93 -6.57 -1.43 9.13
N PRO A 94 -6.23 -0.14 8.91
CA PRO A 94 -5.95 0.38 7.57
C PRO A 94 -4.76 -0.33 6.92
N ALA A 95 -4.87 -0.64 5.64
CA ALA A 95 -3.81 -1.33 4.92
C ALA A 95 -3.22 -0.48 3.80
N VAL A 96 -1.98 -0.81 3.43
CA VAL A 96 -1.27 -0.12 2.37
C VAL A 96 -0.80 -1.12 1.31
N TYR A 97 -0.76 -0.68 0.06
CA TYR A 97 -0.32 -1.56 -1.02
C TYR A 97 0.60 -0.82 -1.99
N PHE A 98 1.91 -0.94 -1.79
CA PHE A 98 2.88 -0.29 -2.65
C PHE A 98 3.51 -1.30 -3.59
N VAL A 99 2.95 -1.40 -4.79
CA VAL A 99 3.45 -2.32 -5.80
C VAL A 99 3.29 -1.75 -7.19
N MET A 100 3.79 -2.45 -8.19
CA MET A 100 3.70 -2.00 -9.58
C MET A 100 2.28 -2.21 -10.12
N PRO A 101 1.82 -1.35 -11.03
CA PRO A 101 0.50 -1.47 -11.61
C PRO A 101 0.48 -2.44 -12.80
N THR A 102 1.17 -3.56 -12.64
CA THR A 102 1.25 -4.55 -13.69
C THR A 102 -0.07 -5.33 -13.79
N GLU A 103 -0.33 -5.89 -14.97
CA GLU A 103 -1.55 -6.65 -15.20
C GLU A 103 -1.85 -7.60 -14.04
N GLU A 104 -0.83 -8.34 -13.62
CA GLU A 104 -0.98 -9.28 -12.51
C GLU A 104 -1.24 -8.54 -11.20
N ASN A 105 -0.63 -7.37 -11.06
CA ASN A 105 -0.79 -6.57 -9.85
C ASN A 105 -2.20 -6.00 -9.78
N ILE A 106 -2.70 -5.54 -10.92
CA ILE A 106 -4.04 -4.97 -11.00
C ILE A 106 -5.07 -6.01 -10.56
N ASP A 107 -4.80 -7.27 -10.85
CA ASP A 107 -5.70 -8.35 -10.46
C ASP A 107 -5.59 -8.61 -8.97
N ARG A 108 -4.40 -8.33 -8.42
CA ARG A 108 -4.16 -8.52 -7.00
C ARG A 108 -4.96 -7.51 -6.18
N LEU A 109 -5.05 -6.29 -6.67
CA LEU A 109 -5.81 -5.24 -6.00
C LEU A 109 -7.27 -5.65 -5.87
N CYS A 110 -7.85 -6.08 -6.99
CA CYS A 110 -9.23 -6.52 -7.02
C CYS A 110 -9.42 -7.77 -6.17
N GLN A 111 -8.34 -8.54 -6.02
CA GLN A 111 -8.38 -9.76 -5.22
C GLN A 111 -8.44 -9.42 -3.74
N ASP A 112 -7.57 -8.51 -3.31
CA ASP A 112 -7.52 -8.09 -1.91
C ASP A 112 -8.63 -7.09 -1.60
N LEU A 113 -9.03 -6.32 -2.61
CA LEU A 113 -10.07 -5.32 -2.44
C LEU A 113 -11.45 -5.96 -2.35
N ARG A 114 -11.62 -7.10 -3.01
CA ARG A 114 -12.90 -7.80 -2.99
C ARG A 114 -13.05 -8.63 -1.72
N ASN A 115 -11.92 -9.11 -1.21
CA ASN A 115 -11.92 -9.92 0.01
C ASN A 115 -12.17 -9.05 1.24
N GLN A 116 -11.82 -7.77 1.14
CA GLN A 116 -12.00 -6.85 2.26
C GLN A 116 -11.17 -7.29 3.46
N LEU A 117 -9.98 -7.82 3.18
CA LEU A 117 -9.09 -8.29 4.22
C LEU A 117 -8.75 -7.16 5.21
N TYR A 118 -8.48 -5.98 4.67
CA TYR A 118 -8.14 -4.83 5.51
C TYR A 118 -9.16 -3.71 5.36
N GLU A 119 -9.16 -2.78 6.31
CA GLU A 119 -10.10 -1.66 6.29
C GLU A 119 -9.79 -0.68 5.17
N SER A 120 -8.53 -0.28 5.07
CA SER A 120 -8.10 0.66 4.04
C SER A 120 -7.19 -0.01 3.02
N TYR A 121 -6.74 0.77 2.04
CA TYR A 121 -5.87 0.24 1.01
C TYR A 121 -5.00 1.35 0.39
N TYR A 122 -4.09 1.90 1.19
CA TYR A 122 -3.19 2.94 0.72
C TYR A 122 -2.33 2.39 -0.43
N LEU A 123 -2.85 2.50 -1.65
CA LEU A 123 -2.16 1.98 -2.83
C LEU A 123 -0.97 2.86 -3.23
N ASN A 124 0.02 2.21 -3.84
CA ASN A 124 1.23 2.89 -4.30
C ASN A 124 1.82 2.15 -5.50
N PHE A 125 2.03 2.88 -6.60
CA PHE A 125 2.57 2.27 -7.81
C PHE A 125 4.01 2.71 -8.07
N ILE A 126 4.91 1.73 -8.27
CA ILE A 126 6.32 2.04 -8.55
C ILE A 126 6.47 2.66 -9.93
N SER A 127 5.72 2.15 -10.90
CA SER A 127 5.78 2.66 -12.27
C SER A 127 4.59 3.56 -12.57
N ALA A 128 4.50 4.02 -13.81
CA ALA A 128 3.42 4.90 -14.24
C ALA A 128 2.25 4.09 -14.80
N ILE A 129 1.19 3.97 -14.02
CA ILE A 129 0.00 3.24 -14.45
C ILE A 129 -0.81 4.05 -15.45
N SER A 130 -1.68 3.38 -16.20
CA SER A 130 -2.51 4.05 -17.20
C SER A 130 -3.94 4.21 -16.72
N ARG A 131 -4.65 5.17 -17.29
CA ARG A 131 -6.04 5.43 -16.93
C ARG A 131 -6.87 4.16 -16.96
N SER A 132 -6.59 3.31 -17.94
CA SER A 132 -7.31 2.04 -18.08
C SER A 132 -7.01 1.12 -16.90
N LYS A 133 -5.72 0.94 -16.61
CA LYS A 133 -5.31 0.10 -15.50
C LYS A 133 -5.78 0.67 -14.17
N LEU A 134 -5.71 1.99 -14.04
CA LEU A 134 -6.14 2.67 -12.83
C LEU A 134 -7.62 2.39 -12.55
N GLU A 135 -8.45 2.65 -13.55
CA GLU A 135 -9.89 2.42 -13.43
C GLU A 135 -10.15 1.01 -12.90
N ASP A 136 -9.27 0.09 -13.27
CA ASP A 136 -9.39 -1.29 -12.83
C ASP A 136 -9.24 -1.39 -11.32
N ILE A 137 -8.09 -0.93 -10.80
CA ILE A 137 -7.84 -0.96 -9.37
C ILE A 137 -8.87 -0.11 -8.64
N ALA A 138 -9.16 1.08 -9.16
CA ALA A 138 -10.14 1.96 -8.55
C ALA A 138 -11.47 1.22 -8.41
N ASN A 139 -11.77 0.42 -9.43
CA ASN A 139 -12.99 -0.36 -9.44
C ASN A 139 -12.82 -1.61 -8.58
N ALA A 140 -11.58 -2.11 -8.52
CA ALA A 140 -11.30 -3.28 -7.71
C ALA A 140 -11.86 -3.10 -6.30
N ALA A 141 -11.89 -1.84 -5.86
CA ALA A 141 -12.40 -1.49 -4.54
C ALA A 141 -13.91 -1.28 -4.58
N LEU A 142 -14.37 -0.58 -5.61
CA LEU A 142 -15.79 -0.29 -5.77
C LEU A 142 -16.63 -1.56 -5.61
N ALA A 143 -16.04 -2.69 -5.97
CA ALA A 143 -16.74 -3.97 -5.86
C ALA A 143 -17.06 -4.27 -4.39
N ALA A 144 -16.20 -3.79 -3.50
CA ALA A 144 -16.37 -3.99 -2.06
C ALA A 144 -16.57 -2.66 -1.35
N ASN A 145 -16.53 -1.57 -2.11
CA ASN A 145 -16.69 -0.22 -1.56
C ASN A 145 -15.64 0.04 -0.49
N ALA A 146 -14.47 -0.56 -0.63
CA ALA A 146 -13.38 -0.39 0.32
C ALA A 146 -12.65 0.93 0.09
N VAL A 147 -12.19 1.55 1.16
CA VAL A 147 -11.47 2.81 1.06
C VAL A 147 -10.07 2.59 0.51
N THR A 148 -9.81 3.17 -0.67
CA THR A 148 -8.50 3.04 -1.31
C THR A 148 -8.01 4.38 -1.84
N GLN A 149 -6.71 4.46 -2.10
CA GLN A 149 -6.11 5.68 -2.62
C GLN A 149 -4.75 5.38 -3.26
N VAL A 150 -4.64 5.66 -4.55
CA VAL A 150 -3.39 5.41 -5.28
C VAL A 150 -2.41 6.55 -5.07
N ALA A 151 -1.38 6.30 -4.26
CA ALA A 151 -0.36 7.28 -3.96
C ALA A 151 0.46 7.65 -5.19
N LYS A 152 1.42 8.54 -5.02
CA LYS A 152 2.28 8.98 -6.11
C LYS A 152 3.29 7.90 -6.49
N VAL A 153 3.92 8.07 -7.64
CA VAL A 153 4.92 7.12 -8.12
C VAL A 153 6.33 7.67 -8.00
N PHE A 154 7.30 6.77 -7.83
CA PHE A 154 8.70 7.17 -7.71
C PHE A 154 9.58 6.45 -8.72
N ASP A 155 9.38 5.14 -8.83
CA ASP A 155 10.17 4.31 -9.74
C ASP A 155 10.02 4.73 -11.20
N GLN A 156 9.06 5.61 -11.48
CA GLN A 156 8.83 6.05 -12.84
C GLN A 156 10.09 6.66 -13.46
N TYR A 157 11.05 7.06 -12.62
CA TYR A 157 12.29 7.65 -13.10
C TYR A 157 13.49 6.74 -12.86
N LEU A 158 13.43 5.91 -11.82
CA LEU A 158 14.54 5.01 -11.49
C LEU A 158 14.06 3.58 -11.28
N ASN A 159 14.99 2.70 -10.87
CA ASN A 159 14.67 1.31 -10.62
C ASN A 159 13.89 0.69 -11.77
N ALA A 20 20.74 11.31 -2.07
CA ALA A 20 20.29 11.74 -3.42
C ALA A 20 18.86 12.25 -3.38
N SER A 21 18.54 13.16 -4.30
CA SER A 21 17.19 13.73 -4.36
C SER A 21 16.17 12.66 -4.73
N ILE A 22 16.44 11.95 -5.82
CA ILE A 22 15.54 10.90 -6.28
C ILE A 22 15.29 9.86 -5.19
N ARG A 23 16.35 9.21 -4.72
CA ARG A 23 16.22 8.20 -3.67
C ARG A 23 15.41 8.75 -2.50
N GLU A 24 15.59 10.02 -2.22
CA GLU A 24 14.87 10.67 -1.12
C GLU A 24 13.36 10.64 -1.38
N ARG A 25 12.97 11.02 -2.59
CA ARG A 25 11.54 11.03 -2.94
C ARG A 25 10.95 9.63 -2.81
N GLN A 26 11.77 8.61 -3.07
CA GLN A 26 11.31 7.23 -2.96
C GLN A 26 10.76 6.98 -1.56
N THR A 27 11.50 7.46 -0.57
CA THR A 27 11.11 7.30 0.82
C THR A 27 9.96 8.24 1.18
N VAL A 28 9.88 9.39 0.48
CA VAL A 28 8.81 10.35 0.75
C VAL A 28 7.47 9.65 0.78
N ALA A 29 7.12 8.99 -0.32
CA ALA A 29 5.87 8.26 -0.40
C ALA A 29 5.84 7.16 0.66
N LEU A 30 6.85 6.30 0.62
CA LEU A 30 6.98 5.19 1.57
C LEU A 30 6.77 5.65 3.01
N LYS A 31 7.69 6.47 3.51
CA LYS A 31 7.62 6.97 4.88
C LYS A 31 6.21 7.46 5.20
N ARG A 32 5.52 7.95 4.18
CA ARG A 32 4.16 8.44 4.33
C ARG A 32 3.17 7.29 4.39
N MET A 33 3.15 6.49 3.34
CA MET A 33 2.25 5.35 3.25
C MET A 33 2.57 4.29 4.31
N LEU A 34 3.69 4.46 5.02
CA LEU A 34 4.09 3.48 6.02
C LEU A 34 3.82 3.96 7.44
N ASN A 35 4.37 5.12 7.81
CA ASN A 35 4.22 5.63 9.16
C ASN A 35 3.42 6.93 9.25
N PHE A 36 2.49 7.17 8.33
CA PHE A 36 1.68 8.38 8.39
C PHE A 36 0.20 8.02 8.42
N ASN A 37 -0.40 8.09 9.60
CA ASN A 37 -1.80 7.75 9.78
C ASN A 37 -2.68 8.61 8.87
N VAL A 38 -3.37 7.98 7.94
CA VAL A 38 -4.24 8.68 7.00
C VAL A 38 -5.51 9.18 7.71
N PRO A 39 -6.08 10.29 7.23
CA PRO A 39 -7.30 10.86 7.81
C PRO A 39 -8.42 9.84 7.94
N HIS A 40 -8.48 9.18 9.10
CA HIS A 40 -9.51 8.17 9.35
C HIS A 40 -10.35 8.55 10.58
N VAL A 41 -11.44 7.81 10.78
CA VAL A 41 -12.32 8.07 11.91
C VAL A 41 -11.69 7.60 13.21
N LYS A 42 -11.34 8.55 14.07
CA LYS A 42 -10.73 8.24 15.36
C LYS A 42 -11.75 8.37 16.49
N ASN A 43 -12.00 7.26 17.18
CA ASN A 43 -12.95 7.26 18.29
C ASN A 43 -12.36 7.93 19.52
N SER A 44 -11.28 7.36 20.05
CA SER A 44 -10.62 7.90 21.23
C SER A 44 -9.15 8.23 20.93
N PRO A 45 -8.81 9.53 20.86
CA PRO A 45 -7.44 9.96 20.58
C PRO A 45 -6.43 9.30 21.50
N GLY A 46 -5.15 9.34 21.10
CA GLY A 46 -4.10 8.73 21.90
C GLY A 46 -3.75 7.34 21.44
N GLU A 47 -4.73 6.63 20.89
CA GLU A 47 -4.51 5.28 20.39
C GLU A 47 -3.76 5.31 19.05
N PRO A 48 -2.59 4.65 18.98
CA PRO A 48 -1.79 4.60 17.75
C PRO A 48 -2.61 4.15 16.55
N VAL A 49 -2.10 4.42 15.35
CA VAL A 49 -2.79 4.02 14.12
C VAL A 49 -2.07 2.88 13.43
N TRP A 50 -2.57 1.67 13.62
CA TRP A 50 -1.98 0.49 12.99
C TRP A 50 -2.45 0.34 11.55
N LYS A 51 -1.51 0.16 10.63
CA LYS A 51 -1.85 -0.01 9.23
C LYS A 51 -1.08 -1.18 8.63
N VAL A 52 -1.57 -1.68 7.51
CA VAL A 52 -0.95 -2.82 6.84
C VAL A 52 -0.20 -2.37 5.57
N LEU A 53 0.70 -3.24 5.10
CA LEU A 53 1.46 -2.95 3.89
C LEU A 53 1.54 -4.20 3.01
N ILE A 54 1.43 -3.98 1.71
CA ILE A 54 1.47 -5.04 0.71
C ILE A 54 2.38 -4.63 -0.43
N TYR A 55 3.57 -5.22 -0.48
CA TYR A 55 4.52 -4.87 -1.52
C TYR A 55 4.79 -6.04 -2.45
N ASP A 56 5.33 -5.72 -3.62
CA ASP A 56 5.65 -6.71 -4.64
C ASP A 56 7.17 -6.82 -4.79
N ARG A 57 7.62 -7.52 -5.82
CA ARG A 57 9.05 -7.67 -6.07
C ARG A 57 9.73 -6.30 -6.07
N PHE A 58 9.03 -5.31 -6.63
CA PHE A 58 9.56 -3.95 -6.69
C PHE A 58 9.34 -3.25 -5.35
N GLY A 59 8.13 -3.40 -4.80
CA GLY A 59 7.83 -2.79 -3.52
C GLY A 59 8.89 -3.10 -2.48
N GLN A 60 9.31 -4.36 -2.43
CA GLN A 60 10.35 -4.77 -1.50
C GLN A 60 11.71 -4.27 -1.98
N ASP A 61 11.81 -4.09 -3.29
CA ASP A 61 13.04 -3.59 -3.91
C ASP A 61 13.30 -2.14 -3.52
N ILE A 62 12.31 -1.50 -2.90
CA ILE A 62 12.42 -0.10 -2.51
C ILE A 62 12.20 0.09 -1.01
N ILE A 63 11.24 -0.63 -0.46
CA ILE A 63 10.94 -0.52 0.95
C ILE A 63 12.13 -0.92 1.82
N SER A 64 12.75 -2.06 1.49
CA SER A 64 13.90 -2.55 2.24
C SER A 64 15.07 -1.56 2.21
N PRO A 65 15.57 -1.21 1.01
CA PRO A 65 16.70 -0.29 0.86
C PRO A 65 16.56 0.97 1.71
N LEU A 66 15.32 1.32 2.05
CA LEU A 66 15.07 2.51 2.86
C LEU A 66 14.22 2.18 4.09
N LEU A 67 14.10 0.89 4.40
CA LEU A 67 13.30 0.46 5.54
C LEU A 67 13.65 -0.97 5.95
N SER A 68 13.30 -1.33 7.18
CA SER A 68 13.58 -2.67 7.69
C SER A 68 12.33 -3.29 8.31
N VAL A 69 12.45 -4.55 8.71
CA VAL A 69 11.34 -5.27 9.33
C VAL A 69 10.98 -4.69 10.69
N LYS A 70 11.99 -4.49 11.52
CA LYS A 70 11.79 -3.96 12.87
C LYS A 70 11.28 -2.53 12.81
N GLU A 71 11.74 -1.76 11.82
CA GLU A 71 11.29 -0.38 11.66
C GLU A 71 9.85 -0.37 11.17
N LEU A 72 9.49 -1.40 10.40
CA LEU A 72 8.15 -1.52 9.88
C LEU A 72 7.14 -1.59 11.01
N ARG A 73 7.37 -2.53 11.93
CA ARG A 73 6.50 -2.70 13.08
C ARG A 73 6.66 -1.56 14.08
N ASP A 74 7.83 -0.93 14.06
CA ASP A 74 8.12 0.18 14.97
C ASP A 74 7.49 1.47 14.47
N MET A 75 7.20 1.54 13.18
CA MET A 75 6.60 2.73 12.58
C MET A 75 5.08 2.73 12.78
N GLY A 76 4.53 1.56 13.04
CA GLY A 76 3.09 1.46 13.24
C GLY A 76 2.43 0.52 12.23
N ILE A 77 3.14 -0.51 11.83
CA ILE A 77 2.61 -1.47 10.86
C ILE A 77 2.05 -2.71 11.58
N THR A 78 0.80 -3.04 11.28
CA THR A 78 0.15 -4.19 11.89
C THR A 78 0.46 -5.48 11.14
N LEU A 79 0.90 -5.36 9.88
CA LEU A 79 1.21 -6.53 9.07
C LEU A 79 1.76 -6.13 7.70
N HIS A 80 2.77 -6.87 7.25
CA HIS A 80 3.40 -6.63 5.96
C HIS A 80 3.68 -7.95 5.25
N LEU A 81 3.28 -8.07 3.99
CA LEU A 81 3.52 -9.30 3.24
C LEU A 81 3.41 -9.10 1.73
N LEU A 82 3.88 -10.11 1.00
CA LEU A 82 3.88 -10.11 -0.46
C LEU A 82 2.51 -10.47 -1.02
N LEU A 83 2.02 -9.67 -1.96
CA LEU A 83 0.72 -9.96 -2.59
C LEU A 83 0.75 -11.37 -3.17
N HIS A 84 1.93 -11.84 -3.51
CA HIS A 84 2.12 -13.16 -4.08
C HIS A 84 2.30 -14.20 -2.99
N SER A 85 1.54 -14.07 -1.92
CA SER A 85 1.62 -15.01 -0.81
C SER A 85 0.30 -15.06 -0.04
N ASP A 86 0.22 -15.96 0.94
CA ASP A 86 -0.98 -16.10 1.75
C ASP A 86 -1.18 -14.89 2.64
N ARG A 87 -2.22 -14.11 2.35
CA ARG A 87 -2.52 -12.91 3.13
C ARG A 87 -3.43 -13.25 4.31
N ASP A 88 -3.43 -12.38 5.32
CA ASP A 88 -4.26 -12.57 6.50
C ASP A 88 -5.38 -11.55 6.53
N PRO A 89 -6.66 -11.99 6.56
CA PRO A 89 -7.80 -11.08 6.59
C PRO A 89 -7.95 -10.39 7.93
N ILE A 90 -7.69 -9.08 7.96
CA ILE A 90 -7.81 -8.31 9.20
C ILE A 90 -9.27 -8.06 9.55
N ARG A 91 -9.51 -7.46 10.70
CA ARG A 91 -10.87 -7.17 11.15
C ARG A 91 -11.34 -5.79 10.70
N ASP A 92 -10.47 -4.79 10.80
CA ASP A 92 -10.82 -3.43 10.41
C ASP A 92 -9.60 -2.52 10.42
N VAL A 93 -8.44 -3.09 10.10
CA VAL A 93 -7.20 -2.33 10.08
C VAL A 93 -6.85 -1.85 8.67
N PRO A 94 -6.54 -0.54 8.50
CA PRO A 94 -6.18 0.02 7.19
C PRO A 94 -4.99 -0.70 6.57
N ALA A 95 -5.04 -0.92 5.26
CA ALA A 95 -3.95 -1.59 4.57
C ALA A 95 -3.28 -0.69 3.53
N VAL A 96 -2.08 -1.09 3.11
CA VAL A 96 -1.31 -0.34 2.13
C VAL A 96 -0.75 -1.29 1.08
N TYR A 97 -0.93 -0.96 -0.19
CA TYR A 97 -0.43 -1.80 -1.27
C TYR A 97 0.58 -1.06 -2.14
N PHE A 98 1.85 -1.10 -1.74
CA PHE A 98 2.91 -0.44 -2.50
C PHE A 98 3.51 -1.41 -3.50
N VAL A 99 2.87 -1.54 -4.64
CA VAL A 99 3.32 -2.44 -5.69
C VAL A 99 3.22 -1.79 -7.06
N MET A 100 3.68 -2.49 -8.09
CA MET A 100 3.64 -1.98 -9.45
C MET A 100 2.23 -2.08 -10.01
N PRO A 101 1.87 -1.21 -10.97
CA PRO A 101 0.55 -1.23 -11.58
C PRO A 101 0.52 -2.10 -12.82
N THR A 102 1.18 -3.25 -12.74
CA THR A 102 1.25 -4.18 -13.85
C THR A 102 -0.03 -5.01 -13.96
N GLU A 103 -0.28 -5.56 -15.14
CA GLU A 103 -1.47 -6.38 -15.38
C GLU A 103 -1.71 -7.35 -14.22
N GLU A 104 -0.66 -8.06 -13.82
CA GLU A 104 -0.77 -9.01 -12.73
C GLU A 104 -1.07 -8.30 -11.41
N ASN A 105 -0.40 -7.19 -11.17
CA ASN A 105 -0.61 -6.43 -9.95
C ASN A 105 -2.03 -5.89 -9.89
N ILE A 106 -2.51 -5.39 -11.03
CA ILE A 106 -3.87 -4.85 -11.10
C ILE A 106 -4.87 -5.90 -10.63
N ASP A 107 -4.56 -7.16 -10.89
CA ASP A 107 -5.42 -8.26 -10.48
C ASP A 107 -5.31 -8.46 -8.96
N ARG A 108 -4.16 -8.09 -8.41
CA ARG A 108 -3.92 -8.22 -6.98
C ARG A 108 -4.85 -7.30 -6.19
N LEU A 109 -5.09 -6.11 -6.71
CA LEU A 109 -5.95 -5.15 -6.05
C LEU A 109 -7.41 -5.61 -6.08
N CYS A 110 -7.82 -6.14 -7.24
CA CYS A 110 -9.17 -6.64 -7.41
C CYS A 110 -9.41 -7.87 -6.53
N GLN A 111 -8.34 -8.59 -6.21
CA GLN A 111 -8.43 -9.77 -5.37
C GLN A 111 -8.51 -9.39 -3.90
N ASP A 112 -7.59 -8.54 -3.45
CA ASP A 112 -7.57 -8.10 -2.07
C ASP A 112 -8.72 -7.15 -1.77
N LEU A 113 -9.19 -6.44 -2.78
CA LEU A 113 -10.29 -5.50 -2.61
C LEU A 113 -11.62 -6.24 -2.45
N ARG A 114 -11.77 -7.35 -3.16
CA ARG A 114 -12.98 -8.15 -3.09
C ARG A 114 -12.96 -9.06 -1.88
N ASN A 115 -11.77 -9.52 -1.51
CA ASN A 115 -11.62 -10.40 -0.36
C ASN A 115 -11.85 -9.65 0.95
N GLN A 116 -11.68 -8.33 0.92
CA GLN A 116 -11.87 -7.51 2.10
C GLN A 116 -10.88 -7.91 3.18
N LEU A 117 -9.69 -8.32 2.76
CA LEU A 117 -8.64 -8.73 3.68
C LEU A 117 -8.30 -7.62 4.68
N TYR A 118 -8.41 -6.37 4.23
CA TYR A 118 -8.10 -5.24 5.09
C TYR A 118 -9.16 -4.14 4.98
N GLU A 119 -9.18 -3.26 5.98
CA GLU A 119 -10.16 -2.18 6.03
C GLU A 119 -9.93 -1.16 4.91
N SER A 120 -8.69 -0.71 4.77
CA SER A 120 -8.34 0.27 3.75
C SER A 120 -7.42 -0.34 2.69
N TYR A 121 -7.07 0.47 1.69
CA TYR A 121 -6.20 -0.01 0.62
C TYR A 121 -5.28 1.10 0.10
N TYR A 122 -4.40 1.57 0.98
CA TYR A 122 -3.45 2.62 0.60
C TYR A 122 -2.53 2.10 -0.50
N LEU A 123 -2.93 2.33 -1.75
CA LEU A 123 -2.15 1.85 -2.89
C LEU A 123 -0.98 2.77 -3.22
N ASN A 124 0.06 2.18 -3.78
CA ASN A 124 1.27 2.92 -4.18
C ASN A 124 1.93 2.21 -5.35
N PHE A 125 1.88 2.84 -6.52
CA PHE A 125 2.46 2.28 -7.72
C PHE A 125 3.90 2.73 -7.92
N ILE A 126 4.76 1.78 -8.30
CA ILE A 126 6.17 2.07 -8.55
C ILE A 126 6.35 2.67 -9.96
N SER A 127 5.46 2.32 -10.87
CA SER A 127 5.54 2.82 -12.24
C SER A 127 4.38 3.77 -12.53
N ALA A 128 4.50 4.50 -13.65
CA ALA A 128 3.46 5.45 -14.05
C ALA A 128 2.28 4.75 -14.69
N ILE A 129 1.27 4.44 -13.89
CA ILE A 129 0.07 3.76 -14.37
C ILE A 129 -0.82 4.73 -15.16
N SER A 130 -1.69 4.18 -16.00
CA SER A 130 -2.59 4.99 -16.80
C SER A 130 -4.03 4.91 -16.29
N ARG A 131 -4.86 5.85 -16.72
CA ARG A 131 -6.26 5.88 -16.30
C ARG A 131 -6.94 4.55 -16.60
N SER A 132 -6.49 3.87 -17.64
CA SER A 132 -7.06 2.58 -18.03
C SER A 132 -6.80 1.54 -16.94
N LYS A 133 -5.53 1.27 -16.68
CA LYS A 133 -5.15 0.30 -15.66
C LYS A 133 -5.57 0.78 -14.28
N LEU A 134 -5.57 2.09 -14.09
CA LEU A 134 -5.96 2.68 -12.82
C LEU A 134 -7.41 2.37 -12.51
N GLU A 135 -8.30 2.74 -13.42
CA GLU A 135 -9.73 2.48 -13.24
C GLU A 135 -9.95 1.02 -12.86
N ASP A 136 -9.11 0.14 -13.38
CA ASP A 136 -9.20 -1.28 -13.08
C ASP A 136 -9.08 -1.50 -11.57
N ILE A 137 -8.02 -0.95 -10.99
CA ILE A 137 -7.79 -1.07 -9.55
C ILE A 137 -8.87 -0.30 -8.79
N ALA A 138 -9.05 0.97 -9.14
CA ALA A 138 -10.06 1.80 -8.51
C ALA A 138 -11.41 1.11 -8.56
N ASN A 139 -11.70 0.51 -9.70
CA ASN A 139 -12.95 -0.21 -9.89
C ASN A 139 -12.88 -1.55 -9.16
N ALA A 140 -11.69 -2.11 -9.08
CA ALA A 140 -11.50 -3.38 -8.39
C ALA A 140 -12.13 -3.31 -6.99
N ALA A 141 -12.16 -2.10 -6.44
CA ALA A 141 -12.73 -1.86 -5.12
C ALA A 141 -14.22 -1.61 -5.22
N LEU A 142 -14.63 -0.87 -6.25
CA LEU A 142 -16.04 -0.54 -6.46
C LEU A 142 -16.91 -1.79 -6.32
N ALA A 143 -16.34 -2.94 -6.64
CA ALA A 143 -17.05 -4.21 -6.56
C ALA A 143 -17.39 -4.54 -5.11
N ALA A 144 -16.43 -4.33 -4.21
CA ALA A 144 -16.64 -4.60 -2.79
C ALA A 144 -16.87 -3.32 -2.00
N ASN A 145 -16.86 -2.18 -2.69
CA ASN A 145 -17.06 -0.89 -2.05
C ASN A 145 -16.03 -0.67 -0.94
N ALA A 146 -14.78 -0.92 -1.25
CA ALA A 146 -13.69 -0.75 -0.28
C ALA A 146 -13.00 0.59 -0.47
N VAL A 147 -12.66 1.23 0.65
CA VAL A 147 -11.98 2.53 0.61
C VAL A 147 -10.56 2.39 0.11
N THR A 148 -10.30 2.85 -1.11
CA THR A 148 -8.97 2.77 -1.70
C THR A 148 -8.46 4.15 -2.10
N GLN A 149 -7.14 4.31 -2.07
CA GLN A 149 -6.51 5.56 -2.45
C GLN A 149 -5.16 5.30 -3.09
N VAL A 150 -5.01 5.71 -4.34
CA VAL A 150 -3.77 5.50 -5.08
C VAL A 150 -2.80 6.66 -4.86
N ALA A 151 -1.74 6.39 -4.10
CA ALA A 151 -0.73 7.40 -3.81
C ALA A 151 0.11 7.72 -5.05
N LYS A 152 1.06 8.63 -4.90
CA LYS A 152 1.93 9.02 -6.01
C LYS A 152 3.01 7.97 -6.24
N VAL A 153 3.60 7.99 -7.43
CA VAL A 153 4.64 7.05 -7.79
C VAL A 153 6.02 7.69 -7.64
N PHE A 154 6.97 6.92 -7.11
CA PHE A 154 8.34 7.41 -6.93
C PHE A 154 9.28 6.80 -7.96
N ASP A 155 9.01 5.55 -8.31
CA ASP A 155 9.84 4.83 -9.26
C ASP A 155 9.42 5.07 -10.72
N GLN A 156 8.77 6.21 -10.97
CA GLN A 156 8.33 6.53 -12.33
C GLN A 156 9.50 6.98 -13.19
N TYR A 157 10.56 7.48 -12.56
CA TYR A 157 11.74 7.94 -13.30
C TYR A 157 12.97 7.09 -12.95
N LEU A 158 12.82 6.19 -11.98
CA LEU A 158 13.92 5.33 -11.57
C LEU A 158 13.43 3.92 -11.24
N ASN A 159 14.35 3.06 -10.81
CA ASN A 159 14.02 1.68 -10.45
C ASN A 159 13.32 0.97 -11.61
N ALA A 20 20.96 10.54 -2.52
CA ALA A 20 20.59 11.06 -3.87
C ALA A 20 19.17 11.65 -3.87
N SER A 21 18.97 12.67 -4.69
CA SER A 21 17.67 13.32 -4.79
C SER A 21 16.62 12.34 -5.30
N ILE A 22 16.98 11.58 -6.33
CA ILE A 22 16.08 10.61 -6.91
C ILE A 22 15.64 9.57 -5.88
N ARG A 23 16.60 8.83 -5.33
CA ARG A 23 16.29 7.82 -4.33
C ARG A 23 15.51 8.42 -3.17
N GLU A 24 15.75 9.69 -2.89
CA GLU A 24 15.05 10.38 -1.83
C GLU A 24 13.55 10.37 -2.12
N ARG A 25 13.19 10.74 -3.35
CA ARG A 25 11.80 10.75 -3.78
C ARG A 25 11.13 9.43 -3.45
N GLN A 26 11.85 8.34 -3.67
CA GLN A 26 11.34 7.00 -3.40
C GLN A 26 10.80 6.93 -1.98
N THR A 27 11.63 7.32 -1.02
CA THR A 27 11.23 7.30 0.38
C THR A 27 10.08 8.28 0.65
N VAL A 28 10.05 9.37 -0.10
CA VAL A 28 8.99 10.38 0.06
C VAL A 28 7.61 9.72 0.02
N ALA A 29 7.38 8.92 -1.02
CA ALA A 29 6.12 8.23 -1.18
C ALA A 29 5.96 7.13 -0.13
N LEU A 30 7.08 6.57 0.29
CA LEU A 30 7.09 5.51 1.29
C LEU A 30 6.80 6.07 2.69
N LYS A 31 7.75 6.86 3.19
CA LYS A 31 7.61 7.46 4.51
C LYS A 31 6.25 8.15 4.67
N ARG A 32 5.81 8.81 3.61
CA ARG A 32 4.53 9.50 3.63
C ARG A 32 3.40 8.53 3.97
N MET A 33 3.34 7.42 3.25
CA MET A 33 2.31 6.42 3.49
C MET A 33 2.67 5.52 4.67
N LEU A 34 3.95 5.52 5.04
CA LEU A 34 4.42 4.71 6.15
C LEU A 34 4.37 5.47 7.48
N ASN A 35 4.07 6.77 7.42
CA ASN A 35 4.00 7.59 8.63
C ASN A 35 2.69 8.38 8.71
N PHE A 36 2.23 8.92 7.60
CA PHE A 36 1.01 9.68 7.59
C PHE A 36 -0.20 8.76 7.46
N ASN A 37 -0.87 8.53 8.59
CA ASN A 37 -2.05 7.67 8.62
C ASN A 37 -3.24 8.37 7.98
N VAL A 38 -3.98 7.62 7.16
CA VAL A 38 -5.15 8.18 6.48
C VAL A 38 -6.29 8.42 7.47
N PRO A 39 -7.22 9.33 7.12
CA PRO A 39 -8.37 9.66 7.98
C PRO A 39 -9.06 8.42 8.53
N HIS A 40 -8.90 8.19 9.84
CA HIS A 40 -9.50 7.05 10.50
C HIS A 40 -10.43 7.49 11.62
N VAL A 41 -11.15 6.54 12.20
CA VAL A 41 -12.08 6.84 13.29
C VAL A 41 -11.42 6.60 14.65
N LYS A 42 -11.49 7.60 15.52
CA LYS A 42 -10.91 7.50 16.85
C LYS A 42 -12.00 7.46 17.91
N ASN A 43 -12.04 6.36 18.67
CA ASN A 43 -13.04 6.20 19.72
C ASN A 43 -12.48 6.64 21.07
N SER A 44 -11.48 5.92 21.57
CA SER A 44 -10.87 6.25 22.86
C SER A 44 -9.42 6.69 22.67
N PRO A 45 -8.94 7.59 23.54
CA PRO A 45 -7.57 8.10 23.47
C PRO A 45 -6.54 7.06 23.91
N GLY A 46 -5.43 6.98 23.18
CA GLY A 46 -4.40 6.02 23.52
C GLY A 46 -4.23 4.95 22.46
N GLU A 47 -5.29 4.69 21.71
CA GLU A 47 -5.25 3.67 20.66
C GLU A 47 -4.49 4.18 19.44
N PRO A 48 -3.29 3.61 19.16
CA PRO A 48 -2.48 4.01 18.02
C PRO A 48 -3.09 3.61 16.69
N VAL A 49 -2.82 4.39 15.65
CA VAL A 49 -3.35 4.11 14.33
C VAL A 49 -2.46 3.14 13.56
N TRP A 50 -2.83 1.87 13.56
CA TRP A 50 -2.06 0.85 12.87
C TRP A 50 -2.29 0.94 11.37
N LYS A 51 -1.24 0.65 10.60
CA LYS A 51 -1.32 0.70 9.14
C LYS A 51 -0.65 -0.51 8.52
N VAL A 52 -1.39 -1.23 7.69
CA VAL A 52 -0.86 -2.42 7.02
C VAL A 52 -0.17 -2.02 5.73
N LEU A 53 0.67 -2.90 5.20
CA LEU A 53 1.39 -2.63 3.96
C LEU A 53 1.50 -3.88 3.09
N ILE A 54 1.32 -3.69 1.79
CA ILE A 54 1.40 -4.80 0.83
C ILE A 54 2.34 -4.42 -0.30
N TYR A 55 3.53 -5.02 -0.31
CA TYR A 55 4.50 -4.72 -1.37
C TYR A 55 4.73 -5.90 -2.28
N ASP A 56 5.37 -5.63 -3.42
CA ASP A 56 5.67 -6.66 -4.40
C ASP A 56 7.17 -6.75 -4.63
N ARG A 57 7.59 -7.52 -5.64
CA ARG A 57 9.00 -7.66 -5.95
C ARG A 57 9.71 -6.31 -5.95
N PHE A 58 9.05 -5.30 -6.53
CA PHE A 58 9.61 -3.96 -6.58
C PHE A 58 9.38 -3.24 -5.26
N GLY A 59 8.18 -3.41 -4.70
CA GLY A 59 7.85 -2.78 -3.42
C GLY A 59 8.94 -3.02 -2.39
N GLN A 60 9.41 -4.26 -2.31
CA GLN A 60 10.47 -4.62 -1.37
C GLN A 60 11.80 -4.10 -1.88
N ASP A 61 11.93 -4.00 -3.20
CA ASP A 61 13.14 -3.51 -3.83
C ASP A 61 13.39 -2.04 -3.50
N ILE A 62 12.39 -1.40 -2.90
CA ILE A 62 12.49 0.01 -2.54
C ILE A 62 12.25 0.24 -1.06
N ILE A 63 11.26 -0.46 -0.50
CA ILE A 63 10.94 -0.33 0.90
C ILE A 63 12.11 -0.76 1.78
N SER A 64 12.72 -1.89 1.44
CA SER A 64 13.85 -2.40 2.19
C SER A 64 15.04 -1.44 2.20
N PRO A 65 15.57 -1.08 1.01
CA PRO A 65 16.71 -0.16 0.91
C PRO A 65 16.54 1.10 1.75
N LEU A 66 15.29 1.44 2.06
CA LEU A 66 15.01 2.63 2.87
C LEU A 66 14.20 2.28 4.11
N LEU A 67 14.08 0.98 4.40
CA LEU A 67 13.31 0.53 5.55
C LEU A 67 13.66 -0.92 5.93
N SER A 68 13.36 -1.29 7.16
CA SER A 68 13.64 -2.64 7.63
C SER A 68 12.39 -3.27 8.26
N VAL A 69 12.48 -4.56 8.57
CA VAL A 69 11.35 -5.28 9.16
C VAL A 69 11.03 -4.76 10.55
N LYS A 70 12.06 -4.61 11.37
CA LYS A 70 11.89 -4.13 12.74
C LYS A 70 11.36 -2.71 12.77
N GLU A 71 11.81 -1.88 11.83
CA GLU A 71 11.35 -0.50 11.77
C GLU A 71 9.89 -0.46 11.33
N LEU A 72 9.52 -1.41 10.48
CA LEU A 72 8.16 -1.52 9.98
C LEU A 72 7.19 -1.63 11.14
N ARG A 73 7.46 -2.57 12.03
CA ARG A 73 6.60 -2.77 13.20
C ARG A 73 6.77 -1.64 14.20
N ASP A 74 7.91 -0.96 14.14
CA ASP A 74 8.20 0.15 15.05
C ASP A 74 7.54 1.45 14.58
N MET A 75 7.22 1.52 13.29
CA MET A 75 6.59 2.72 12.73
C MET A 75 5.09 2.70 12.95
N GLY A 76 4.55 1.51 13.18
CA GLY A 76 3.12 1.38 13.39
C GLY A 76 2.45 0.49 12.36
N ILE A 77 3.14 -0.58 11.98
CA ILE A 77 2.60 -1.52 11.00
C ILE A 77 1.98 -2.73 11.68
N THR A 78 0.73 -3.03 11.31
CA THR A 78 0.02 -4.16 11.90
C THR A 78 0.26 -5.45 11.11
N LEU A 79 0.78 -5.33 9.88
CA LEU A 79 1.04 -6.49 9.06
C LEU A 79 1.63 -6.10 7.71
N HIS A 80 2.65 -6.85 7.29
CA HIS A 80 3.31 -6.61 6.02
C HIS A 80 3.55 -7.92 5.28
N LEU A 81 3.06 -8.02 4.04
CA LEU A 81 3.24 -9.24 3.27
C LEU A 81 3.22 -8.98 1.77
N LEU A 82 3.62 -10.01 1.01
CA LEU A 82 3.68 -9.94 -0.45
C LEU A 82 2.34 -10.27 -1.10
N LEU A 83 1.94 -9.44 -2.06
CA LEU A 83 0.69 -9.68 -2.77
C LEU A 83 0.64 -11.11 -3.30
N HIS A 84 1.83 -11.69 -3.49
CA HIS A 84 1.96 -13.05 -3.98
C HIS A 84 2.16 -14.03 -2.82
N SER A 85 1.47 -13.77 -1.72
CA SER A 85 1.57 -14.63 -0.54
C SER A 85 0.27 -14.61 0.25
N ASP A 86 0.10 -15.59 1.13
CA ASP A 86 -1.09 -15.68 1.95
C ASP A 86 -1.28 -14.41 2.78
N ARG A 87 -2.19 -13.56 2.35
CA ARG A 87 -2.46 -12.31 3.04
C ARG A 87 -3.15 -12.55 4.37
N ASP A 88 -3.15 -11.53 5.22
CA ASP A 88 -3.78 -11.62 6.53
C ASP A 88 -5.03 -10.74 6.58
N PRO A 89 -6.09 -11.19 7.26
CA PRO A 89 -7.33 -10.44 7.36
C PRO A 89 -7.33 -9.41 8.49
N ILE A 90 -7.30 -8.13 8.13
CA ILE A 90 -7.30 -7.06 9.11
C ILE A 90 -8.19 -5.90 8.64
N ARG A 91 -9.47 -6.21 8.44
CA ARG A 91 -10.44 -5.22 7.98
C ARG A 91 -10.61 -4.07 8.98
N ASP A 92 -10.20 -4.31 10.22
CA ASP A 92 -10.31 -3.30 11.27
C ASP A 92 -9.10 -2.37 11.30
N VAL A 93 -8.25 -2.44 10.28
CA VAL A 93 -7.06 -1.60 10.23
C VAL A 93 -6.74 -1.16 8.80
N PRO A 94 -6.53 0.15 8.57
CA PRO A 94 -6.20 0.67 7.24
C PRO A 94 -4.94 0.03 6.67
N ALA A 95 -5.04 -0.53 5.47
CA ALA A 95 -3.90 -1.18 4.84
C ALA A 95 -3.25 -0.30 3.78
N VAL A 96 -2.08 -0.75 3.32
CA VAL A 96 -1.33 -0.05 2.30
C VAL A 96 -0.81 -1.02 1.25
N TYR A 97 -0.82 -0.61 0.00
CA TYR A 97 -0.35 -1.47 -1.09
C TYR A 97 0.64 -0.74 -1.98
N PHE A 98 1.93 -0.95 -1.73
CA PHE A 98 2.98 -0.31 -2.53
C PHE A 98 3.61 -1.32 -3.49
N VAL A 99 3.03 -1.40 -4.69
CA VAL A 99 3.51 -2.33 -5.70
C VAL A 99 3.36 -1.75 -7.11
N MET A 100 3.85 -2.50 -8.09
CA MET A 100 3.77 -2.07 -9.48
C MET A 100 2.36 -2.25 -10.02
N PRO A 101 1.96 -1.45 -11.04
CA PRO A 101 0.63 -1.53 -11.62
C PRO A 101 0.59 -2.48 -12.81
N THR A 102 1.23 -3.63 -12.68
CA THR A 102 1.26 -4.60 -13.76
C THR A 102 -0.03 -5.42 -13.77
N GLU A 103 -0.36 -5.98 -14.92
CA GLU A 103 -1.58 -6.79 -15.08
C GLU A 103 -1.83 -7.67 -13.86
N GLU A 104 -0.79 -8.39 -13.44
CA GLU A 104 -0.90 -9.27 -12.28
C GLU A 104 -1.25 -8.47 -11.04
N ASN A 105 -0.55 -7.36 -10.83
CA ASN A 105 -0.78 -6.50 -9.68
C ASN A 105 -2.22 -5.97 -9.70
N ILE A 106 -2.65 -5.53 -10.86
CA ILE A 106 -4.00 -4.99 -11.03
C ILE A 106 -5.03 -6.03 -10.61
N ASP A 107 -4.77 -7.29 -10.95
CA ASP A 107 -5.68 -8.38 -10.59
C ASP A 107 -5.63 -8.64 -9.09
N ARG A 108 -4.50 -8.29 -8.47
CA ARG A 108 -4.32 -8.48 -7.04
C ARG A 108 -5.17 -7.48 -6.25
N LEU A 109 -5.20 -6.24 -6.73
CA LEU A 109 -5.99 -5.20 -6.07
C LEU A 109 -7.46 -5.60 -6.04
N CYS A 110 -7.93 -6.16 -7.14
CA CYS A 110 -9.32 -6.60 -7.25
C CYS A 110 -9.55 -7.83 -6.37
N GLN A 111 -8.48 -8.58 -6.11
CA GLN A 111 -8.58 -9.77 -5.27
C GLN A 111 -8.64 -9.40 -3.80
N ASP A 112 -7.74 -8.52 -3.36
CA ASP A 112 -7.70 -8.10 -1.97
C ASP A 112 -8.83 -7.12 -1.65
N LEU A 113 -9.23 -6.35 -2.65
CA LEU A 113 -10.30 -5.37 -2.48
C LEU A 113 -11.65 -6.07 -2.30
N ARG A 114 -11.81 -7.21 -2.98
CA ARG A 114 -13.06 -7.96 -2.88
C ARG A 114 -13.10 -8.78 -1.61
N ASN A 115 -11.96 -9.36 -1.24
CA ASN A 115 -11.86 -10.17 -0.04
C ASN A 115 -12.09 -9.33 1.22
N GLN A 116 -11.87 -8.02 1.10
CA GLN A 116 -12.05 -7.11 2.23
C GLN A 116 -11.09 -7.48 3.36
N LEU A 117 -9.87 -7.85 2.98
CA LEU A 117 -8.86 -8.23 3.96
C LEU A 117 -8.61 -7.10 4.94
N TYR A 118 -8.42 -5.89 4.43
CA TYR A 118 -8.17 -4.73 5.28
C TYR A 118 -9.17 -3.61 5.01
N GLU A 119 -9.32 -2.72 5.98
CA GLU A 119 -10.27 -1.61 5.87
C GLU A 119 -9.92 -0.67 4.73
N SER A 120 -8.67 -0.25 4.66
CA SER A 120 -8.22 0.67 3.61
C SER A 120 -7.26 -0.02 2.67
N TYR A 121 -6.79 0.73 1.67
CA TYR A 121 -5.86 0.19 0.69
C TYR A 121 -4.99 1.29 0.07
N TYR A 122 -4.08 1.83 0.86
CA TYR A 122 -3.18 2.89 0.38
C TYR A 122 -2.32 2.35 -0.77
N LEU A 123 -2.86 2.44 -1.98
CA LEU A 123 -2.15 1.93 -3.16
C LEU A 123 -1.00 2.84 -3.57
N ASN A 124 0.01 2.23 -4.16
CA ASN A 124 1.20 2.95 -4.64
C ASN A 124 1.86 2.19 -5.76
N PHE A 125 2.02 2.84 -6.91
CA PHE A 125 2.61 2.20 -8.07
C PHE A 125 4.05 2.65 -8.30
N ILE A 126 4.93 1.68 -8.53
CA ILE A 126 6.35 1.98 -8.79
C ILE A 126 6.55 2.48 -10.22
N SER A 127 5.66 2.09 -11.12
CA SER A 127 5.77 2.48 -12.52
C SER A 127 4.66 3.47 -12.89
N ALA A 128 4.70 3.97 -14.12
CA ALA A 128 3.70 4.92 -14.60
C ALA A 128 2.48 4.21 -15.18
N ILE A 129 1.47 3.99 -14.33
CA ILE A 129 0.24 3.34 -14.77
C ILE A 129 -0.63 4.30 -15.57
N SER A 130 -1.57 3.75 -16.34
CA SER A 130 -2.46 4.57 -17.16
C SER A 130 -3.88 4.54 -16.63
N ARG A 131 -4.69 5.49 -17.09
CA ARG A 131 -6.09 5.58 -16.67
C ARG A 131 -6.81 4.24 -16.86
N SER A 132 -6.50 3.57 -17.96
CA SER A 132 -7.12 2.28 -18.25
C SER A 132 -6.82 1.29 -17.14
N LYS A 133 -5.55 1.03 -16.89
CA LYS A 133 -5.14 0.10 -15.85
C LYS A 133 -5.57 0.61 -14.47
N LEU A 134 -5.47 1.92 -14.27
CA LEU A 134 -5.86 2.53 -13.01
C LEU A 134 -7.34 2.29 -12.75
N GLU A 135 -8.17 2.61 -13.73
CA GLU A 135 -9.61 2.41 -13.61
C GLU A 135 -9.92 0.99 -13.13
N ASP A 136 -9.07 0.06 -13.53
CA ASP A 136 -9.24 -1.34 -13.15
C ASP A 136 -9.12 -1.48 -11.64
N ILE A 137 -8.03 -0.97 -11.07
CA ILE A 137 -7.82 -1.03 -9.64
C ILE A 137 -8.87 -0.22 -8.89
N ALA A 138 -9.12 1.00 -9.37
CA ALA A 138 -10.11 1.86 -8.74
C ALA A 138 -11.45 1.16 -8.70
N ASN A 139 -11.76 0.45 -9.79
CA ASN A 139 -13.00 -0.31 -9.88
C ASN A 139 -12.89 -1.60 -9.11
N ALA A 140 -11.67 -2.15 -9.03
CA ALA A 140 -11.45 -3.38 -8.29
C ALA A 140 -12.05 -3.26 -6.90
N ALA A 141 -12.05 -2.04 -6.37
CA ALA A 141 -12.59 -1.76 -5.04
C ALA A 141 -14.08 -1.48 -5.11
N LEU A 142 -14.49 -0.71 -6.11
CA LEU A 142 -15.90 -0.35 -6.28
C LEU A 142 -16.80 -1.58 -6.19
N ALA A 143 -16.24 -2.74 -6.54
CA ALA A 143 -17.00 -3.99 -6.48
C ALA A 143 -17.36 -4.32 -5.03
N ALA A 144 -16.49 -3.91 -4.11
CA ALA A 144 -16.71 -4.16 -2.68
C ALA A 144 -16.88 -2.85 -1.93
N ASN A 145 -16.62 -1.73 -2.61
CA ASN A 145 -16.74 -0.41 -2.00
C ASN A 145 -15.68 -0.22 -0.92
N ALA A 146 -14.50 -0.80 -1.13
CA ALA A 146 -13.41 -0.69 -0.18
C ALA A 146 -12.66 0.62 -0.36
N VAL A 147 -12.44 1.33 0.75
CA VAL A 147 -11.74 2.60 0.70
C VAL A 147 -10.34 2.44 0.10
N THR A 148 -10.18 2.88 -1.13
CA THR A 148 -8.90 2.78 -1.82
C THR A 148 -8.33 4.16 -2.15
N GLN A 149 -7.03 4.21 -2.35
CA GLN A 149 -6.35 5.46 -2.69
C GLN A 149 -5.01 5.18 -3.36
N VAL A 150 -4.88 5.64 -4.60
CA VAL A 150 -3.65 5.43 -5.36
C VAL A 150 -2.67 6.57 -5.16
N ALA A 151 -1.49 6.24 -4.66
CA ALA A 151 -0.45 7.23 -4.40
C ALA A 151 0.38 7.52 -5.64
N LYS A 152 1.33 8.43 -5.51
CA LYS A 152 2.20 8.80 -6.64
C LYS A 152 3.30 7.77 -6.85
N VAL A 153 3.96 7.83 -7.99
CA VAL A 153 5.03 6.90 -8.32
C VAL A 153 6.40 7.54 -8.11
N PHE A 154 7.38 6.71 -7.77
CA PHE A 154 8.75 7.19 -7.54
C PHE A 154 9.74 6.49 -8.47
N ASP A 155 9.50 5.20 -8.72
CA ASP A 155 10.37 4.40 -9.57
C ASP A 155 10.12 4.63 -11.05
N GLN A 156 9.26 5.58 -11.38
CA GLN A 156 8.95 5.87 -12.77
C GLN A 156 10.18 6.36 -13.53
N TYR A 157 11.17 6.88 -12.79
CA TYR A 157 12.39 7.37 -13.41
C TYR A 157 13.61 6.52 -13.05
N LEU A 158 13.49 5.70 -12.01
CA LEU A 158 14.60 4.84 -11.60
C LEU A 158 14.12 3.44 -11.23
N ASN A 159 15.03 2.61 -10.75
CA ASN A 159 14.70 1.24 -10.37
C ASN A 159 14.12 0.47 -11.55
N ALA A 20 21.23 10.85 -2.93
CA ALA A 20 20.78 11.30 -4.26
C ALA A 20 19.35 11.83 -4.22
N SER A 21 19.07 12.85 -5.03
CA SER A 21 17.74 13.45 -5.08
C SER A 21 16.70 12.41 -5.51
N ILE A 22 17.10 11.54 -6.43
CA ILE A 22 16.22 10.49 -6.92
C ILE A 22 15.85 9.50 -5.81
N ARG A 23 16.86 8.87 -5.23
CA ARG A 23 16.64 7.90 -4.16
C ARG A 23 15.76 8.51 -3.06
N GLU A 24 15.89 9.82 -2.88
CA GLU A 24 15.10 10.52 -1.87
C GLU A 24 13.61 10.42 -2.19
N ARG A 25 13.25 10.81 -3.41
CA ARG A 25 11.86 10.74 -3.85
C ARG A 25 11.25 9.40 -3.53
N GLN A 26 12.06 8.35 -3.64
CA GLN A 26 11.61 6.99 -3.35
C GLN A 26 11.08 6.91 -1.92
N THR A 27 11.88 7.39 -0.98
CA THR A 27 11.50 7.37 0.43
C THR A 27 10.37 8.35 0.71
N VAL A 28 10.27 9.39 -0.11
CA VAL A 28 9.21 10.39 0.08
C VAL A 28 7.84 9.73 0.12
N ALA A 29 7.46 9.08 -0.98
CA ALA A 29 6.18 8.41 -1.05
C ALA A 29 6.08 7.33 0.03
N LEU A 30 7.19 6.67 0.29
CA LEU A 30 7.25 5.62 1.30
C LEU A 30 7.00 6.17 2.69
N LYS A 31 7.93 7.00 3.17
CA LYS A 31 7.81 7.60 4.49
C LYS A 31 6.47 8.31 4.64
N ARG A 32 6.01 8.90 3.55
CA ARG A 32 4.73 9.62 3.55
C ARG A 32 3.59 8.66 3.89
N MET A 33 3.51 7.56 3.14
CA MET A 33 2.45 6.58 3.36
C MET A 33 2.82 5.64 4.51
N LEU A 34 4.08 5.70 4.94
CA LEU A 34 4.55 4.86 6.02
C LEU A 34 4.52 5.59 7.37
N ASN A 35 4.32 6.91 7.32
CA ASN A 35 4.27 7.71 8.54
C ASN A 35 2.95 8.43 8.71
N PHE A 36 2.43 9.01 7.62
CA PHE A 36 1.17 9.73 7.68
C PHE A 36 0.00 8.76 7.59
N ASN A 37 -0.61 8.46 8.75
CA ASN A 37 -1.73 7.55 8.80
C ASN A 37 -2.99 8.21 8.25
N VAL A 38 -3.73 7.47 7.43
CA VAL A 38 -4.95 7.99 6.83
C VAL A 38 -6.07 8.13 7.86
N PRO A 39 -6.93 9.15 7.71
CA PRO A 39 -8.04 9.40 8.64
C PRO A 39 -8.87 8.14 8.91
N HIS A 40 -8.91 7.73 10.17
CA HIS A 40 -9.66 6.55 10.56
C HIS A 40 -10.72 6.91 11.61
N VAL A 41 -11.74 6.06 11.72
CA VAL A 41 -12.80 6.29 12.69
C VAL A 41 -12.33 5.99 14.12
N LYS A 42 -12.01 7.04 14.86
CA LYS A 42 -11.54 6.89 16.23
C LYS A 42 -12.62 7.29 17.23
N ASN A 43 -13.08 6.32 18.01
CA ASN A 43 -14.11 6.57 19.02
C ASN A 43 -13.49 7.07 20.31
N SER A 44 -12.27 6.63 20.60
CA SER A 44 -11.57 7.04 21.80
C SER A 44 -10.09 7.31 21.50
N PRO A 45 -9.70 8.58 21.37
CA PRO A 45 -8.31 8.97 21.08
C PRO A 45 -7.37 8.60 22.22
N GLY A 46 -6.17 8.14 21.87
CA GLY A 46 -5.19 7.76 22.87
C GLY A 46 -4.32 6.60 22.43
N GLU A 47 -4.84 5.78 21.52
CA GLU A 47 -4.10 4.62 21.03
C GLU A 47 -3.49 4.91 19.65
N PRO A 48 -2.28 4.40 19.38
CA PRO A 48 -1.60 4.61 18.10
C PRO A 48 -2.45 4.15 16.92
N VAL A 49 -1.96 4.42 15.71
CA VAL A 49 -2.68 4.03 14.50
C VAL A 49 -1.95 2.92 13.76
N TRP A 50 -2.49 1.70 13.84
CA TRP A 50 -1.90 0.55 13.18
C TRP A 50 -2.41 0.43 11.74
N LYS A 51 -1.48 0.33 10.79
CA LYS A 51 -1.85 0.20 9.39
C LYS A 51 -1.06 -0.94 8.73
N VAL A 52 -1.66 -1.54 7.73
CA VAL A 52 -1.03 -2.65 7.02
C VAL A 52 -0.35 -2.17 5.74
N LEU A 53 0.57 -2.98 5.24
CA LEU A 53 1.29 -2.66 4.02
C LEU A 53 1.53 -3.92 3.21
N ILE A 54 1.27 -3.85 1.91
CA ILE A 54 1.47 -4.98 1.03
C ILE A 54 2.27 -4.55 -0.19
N TYR A 55 3.51 -4.99 -0.24
CA TYR A 55 4.40 -4.65 -1.34
C TYR A 55 4.59 -5.82 -2.29
N ASP A 56 5.16 -5.53 -3.46
CA ASP A 56 5.42 -6.55 -4.45
C ASP A 56 6.93 -6.67 -4.67
N ARG A 57 7.31 -7.43 -5.70
CA ARG A 57 8.73 -7.63 -6.01
C ARG A 57 9.47 -6.30 -6.02
N PHE A 58 8.82 -5.26 -6.51
CA PHE A 58 9.43 -3.93 -6.55
C PHE A 58 9.21 -3.22 -5.22
N GLY A 59 7.99 -3.30 -4.69
CA GLY A 59 7.69 -2.68 -3.42
C GLY A 59 8.75 -3.01 -2.38
N GLN A 60 9.20 -4.25 -2.39
CA GLN A 60 10.24 -4.71 -1.47
C GLN A 60 11.60 -4.24 -1.96
N ASP A 61 11.73 -4.14 -3.28
CA ASP A 61 12.97 -3.69 -3.90
C ASP A 61 13.30 -2.24 -3.53
N ILE A 62 12.34 -1.55 -2.93
CA ILE A 62 12.52 -0.16 -2.55
C ILE A 62 12.32 0.04 -1.05
N ILE A 63 11.32 -0.61 -0.49
CA ILE A 63 11.04 -0.50 0.94
C ILE A 63 12.24 -0.92 1.78
N SER A 64 12.84 -2.05 1.43
CA SER A 64 14.00 -2.57 2.16
C SER A 64 15.17 -1.60 2.13
N PRO A 65 15.66 -1.23 0.93
CA PRO A 65 16.79 -0.31 0.77
C PRO A 65 16.69 0.93 1.66
N LEU A 66 15.46 1.29 2.04
CA LEU A 66 15.24 2.46 2.88
C LEU A 66 14.45 2.11 4.13
N LEU A 67 14.27 0.81 4.39
CA LEU A 67 13.51 0.36 5.54
C LEU A 67 13.85 -1.08 5.90
N SER A 68 13.58 -1.46 7.15
CA SER A 68 13.85 -2.81 7.61
C SER A 68 12.58 -3.45 8.17
N VAL A 69 12.66 -4.73 8.51
CA VAL A 69 11.51 -5.46 9.05
C VAL A 69 11.22 -5.04 10.47
N LYS A 70 12.28 -4.88 11.26
CA LYS A 70 12.14 -4.49 12.66
C LYS A 70 11.64 -3.05 12.79
N GLU A 71 12.01 -2.20 11.85
CA GLU A 71 11.55 -0.81 11.87
C GLU A 71 10.09 -0.76 11.45
N LEU A 72 9.73 -1.66 10.56
CA LEU A 72 8.36 -1.74 10.06
C LEU A 72 7.38 -1.93 11.22
N ARG A 73 7.68 -2.89 12.07
CA ARG A 73 6.83 -3.18 13.22
C ARG A 73 7.02 -2.12 14.30
N ASP A 74 8.14 -1.42 14.26
CA ASP A 74 8.46 -0.40 15.25
C ASP A 74 7.98 0.99 14.83
N MET A 75 7.62 1.16 13.55
CA MET A 75 7.16 2.46 13.08
C MET A 75 5.65 2.59 13.22
N GLY A 76 4.96 1.46 13.31
CA GLY A 76 3.51 1.51 13.44
C GLY A 76 2.78 0.62 12.45
N ILE A 77 3.42 -0.47 12.02
CA ILE A 77 2.78 -1.39 11.09
C ILE A 77 2.15 -2.57 11.82
N THR A 78 0.97 -2.97 11.37
CA THR A 78 0.26 -4.09 12.00
C THR A 78 0.51 -5.39 11.24
N LEU A 79 1.01 -5.28 10.00
CA LEU A 79 1.27 -6.46 9.19
C LEU A 79 1.87 -6.08 7.84
N HIS A 80 2.88 -6.83 7.41
CA HIS A 80 3.54 -6.61 6.13
C HIS A 80 3.44 -7.87 5.29
N LEU A 81 2.59 -7.85 4.27
CA LEU A 81 2.39 -9.02 3.43
C LEU A 81 2.73 -8.76 1.96
N LEU A 82 2.90 -9.85 1.23
CA LEU A 82 3.20 -9.80 -0.18
C LEU A 82 1.97 -10.15 -1.01
N LEU A 83 1.65 -9.32 -2.00
CA LEU A 83 0.51 -9.61 -2.88
C LEU A 83 0.61 -11.04 -3.39
N HIS A 84 1.84 -11.56 -3.45
CA HIS A 84 2.11 -12.91 -3.91
C HIS A 84 2.11 -13.89 -2.75
N SER A 85 1.30 -13.60 -1.75
CA SER A 85 1.21 -14.45 -0.57
C SER A 85 -0.20 -14.39 0.01
N ASP A 86 -0.60 -15.46 0.69
CA ASP A 86 -1.92 -15.51 1.31
C ASP A 86 -2.10 -14.37 2.29
N ARG A 87 -2.82 -13.34 1.86
CA ARG A 87 -3.05 -12.17 2.69
C ARG A 87 -3.75 -12.53 3.99
N ASP A 88 -3.66 -11.64 4.97
CA ASP A 88 -4.28 -11.85 6.27
C ASP A 88 -5.61 -11.10 6.34
N PRO A 89 -6.69 -11.79 6.73
CA PRO A 89 -8.02 -11.17 6.82
C PRO A 89 -8.22 -10.36 8.10
N ILE A 90 -8.28 -9.05 7.94
CA ILE A 90 -8.49 -8.13 9.06
C ILE A 90 -9.53 -7.08 8.72
N ARG A 91 -10.67 -7.13 9.39
CA ARG A 91 -11.76 -6.19 9.14
C ARG A 91 -11.65 -4.91 9.97
N ASP A 92 -10.94 -5.00 11.08
CA ASP A 92 -10.79 -3.85 11.98
C ASP A 92 -9.40 -3.22 11.85
N VAL A 93 -8.81 -3.31 10.65
CA VAL A 93 -7.49 -2.73 10.45
C VAL A 93 -7.32 -2.19 9.02
N PRO A 94 -6.69 -1.01 8.88
CA PRO A 94 -6.45 -0.40 7.57
C PRO A 94 -5.33 -1.12 6.82
N ALA A 95 -5.17 -0.81 5.53
CA ALA A 95 -4.12 -1.47 4.74
C ALA A 95 -3.45 -0.53 3.74
N VAL A 96 -2.26 -0.93 3.32
CA VAL A 96 -1.46 -0.17 2.36
C VAL A 96 -0.91 -1.11 1.30
N TYR A 97 -0.81 -0.63 0.06
CA TYR A 97 -0.30 -1.46 -1.03
C TYR A 97 0.68 -0.70 -1.91
N PHE A 98 1.96 -0.81 -1.59
CA PHE A 98 3.01 -0.14 -2.38
C PHE A 98 3.58 -1.14 -3.39
N VAL A 99 2.94 -1.21 -4.55
CA VAL A 99 3.37 -2.14 -5.59
C VAL A 99 3.30 -1.52 -6.99
N MET A 100 3.74 -2.27 -7.99
CA MET A 100 3.73 -1.82 -9.37
C MET A 100 2.36 -2.03 -10.00
N PRO A 101 1.95 -1.16 -10.95
CA PRO A 101 0.66 -1.28 -11.61
C PRO A 101 0.73 -2.23 -12.79
N THR A 102 1.36 -3.37 -12.60
CA THR A 102 1.50 -4.37 -13.64
C THR A 102 0.22 -5.19 -13.78
N GLU A 103 -0.01 -5.73 -14.97
CA GLU A 103 -1.20 -6.54 -15.24
C GLU A 103 -1.49 -7.49 -14.08
N GLU A 104 -0.45 -8.15 -13.58
CA GLU A 104 -0.60 -9.09 -12.47
C GLU A 104 -0.98 -8.35 -11.19
N ASN A 105 -0.33 -7.22 -10.93
CA ASN A 105 -0.61 -6.44 -9.72
C ASN A 105 -2.05 -5.96 -9.73
N ILE A 106 -2.47 -5.39 -10.86
CA ILE A 106 -3.82 -4.90 -11.01
C ILE A 106 -4.84 -5.98 -10.67
N ASP A 107 -4.49 -7.22 -10.95
CA ASP A 107 -5.36 -8.35 -10.66
C ASP A 107 -5.38 -8.64 -9.16
N ARG A 108 -4.28 -8.33 -8.48
CA ARG A 108 -4.17 -8.55 -7.05
C ARG A 108 -4.94 -7.48 -6.28
N LEU A 109 -5.11 -6.31 -6.90
CA LEU A 109 -5.84 -5.22 -6.27
C LEU A 109 -7.32 -5.56 -6.22
N CYS A 110 -7.82 -6.12 -7.31
CA CYS A 110 -9.22 -6.51 -7.41
C CYS A 110 -9.49 -7.75 -6.55
N GLN A 111 -8.43 -8.52 -6.28
CA GLN A 111 -8.56 -9.72 -5.47
C GLN A 111 -8.58 -9.37 -3.99
N ASP A 112 -7.68 -8.48 -3.57
CA ASP A 112 -7.61 -8.08 -2.18
C ASP A 112 -8.72 -7.09 -1.82
N LEU A 113 -9.15 -6.31 -2.81
CA LEU A 113 -10.20 -5.32 -2.61
C LEU A 113 -11.57 -5.99 -2.47
N ARG A 114 -11.75 -7.10 -3.18
CA ARG A 114 -13.01 -7.83 -3.13
C ARG A 114 -13.08 -8.70 -1.87
N ASN A 115 -11.93 -9.18 -1.43
CA ASN A 115 -11.85 -10.02 -0.24
C ASN A 115 -12.12 -9.21 1.01
N GLN A 116 -11.86 -7.91 0.95
CA GLN A 116 -12.07 -7.02 2.08
C GLN A 116 -11.16 -7.42 3.25
N LEU A 117 -9.97 -7.92 2.91
CA LEU A 117 -9.01 -8.36 3.92
C LEU A 117 -8.65 -7.21 4.86
N TYR A 118 -8.84 -5.98 4.39
CA TYR A 118 -8.51 -4.82 5.21
C TYR A 118 -9.54 -3.70 5.03
N GLU A 119 -9.51 -2.74 5.95
CA GLU A 119 -10.45 -1.62 5.92
C GLU A 119 -10.11 -0.63 4.81
N SER A 120 -8.85 -0.24 4.74
CA SER A 120 -8.40 0.71 3.73
C SER A 120 -7.35 0.08 2.82
N TYR A 121 -6.95 0.79 1.78
CA TYR A 121 -5.96 0.29 0.85
C TYR A 121 -5.11 1.41 0.26
N TYR A 122 -4.10 1.86 1.02
CA TYR A 122 -3.22 2.91 0.55
C TYR A 122 -2.41 2.39 -0.63
N LEU A 123 -2.93 2.59 -1.84
CA LEU A 123 -2.28 2.11 -3.04
C LEU A 123 -1.18 3.04 -3.52
N ASN A 124 -0.19 2.45 -4.18
CA ASN A 124 0.96 3.19 -4.72
C ASN A 124 1.59 2.39 -5.85
N PHE A 125 2.05 3.09 -6.88
CA PHE A 125 2.65 2.41 -8.02
C PHE A 125 4.08 2.86 -8.28
N ILE A 126 4.96 1.88 -8.42
CA ILE A 126 6.39 2.15 -8.67
C ILE A 126 6.60 2.68 -10.10
N SER A 127 5.70 2.34 -11.01
CA SER A 127 5.82 2.78 -12.39
C SER A 127 4.61 3.62 -12.81
N ALA A 128 4.75 4.33 -13.92
CA ALA A 128 3.69 5.18 -14.44
C ALA A 128 2.57 4.34 -15.04
N ILE A 129 1.50 4.16 -14.27
CA ILE A 129 0.36 3.37 -14.73
C ILE A 129 -0.46 4.13 -15.76
N SER A 130 -1.24 3.41 -16.55
CA SER A 130 -2.08 4.02 -17.58
C SER A 130 -3.46 4.35 -17.00
N ARG A 131 -4.31 4.95 -17.84
CA ARG A 131 -5.65 5.33 -17.41
C ARG A 131 -6.57 4.11 -17.36
N SER A 132 -6.31 3.14 -18.23
CA SER A 132 -7.11 1.92 -18.27
C SER A 132 -6.79 1.00 -17.10
N LYS A 133 -5.51 0.73 -16.91
CA LYS A 133 -5.07 -0.14 -15.82
C LYS A 133 -5.58 0.38 -14.47
N LEU A 134 -5.53 1.69 -14.30
CA LEU A 134 -5.99 2.31 -13.06
C LEU A 134 -7.48 2.12 -12.88
N GLU A 135 -8.21 2.11 -13.99
CA GLU A 135 -9.65 1.89 -13.94
C GLU A 135 -9.96 0.55 -13.30
N ASP A 136 -9.06 -0.41 -13.51
CA ASP A 136 -9.22 -1.75 -12.96
C ASP A 136 -9.11 -1.71 -11.44
N ILE A 137 -8.01 -1.15 -10.93
CA ILE A 137 -7.82 -1.06 -9.48
C ILE A 137 -8.90 -0.18 -8.84
N ALA A 138 -9.18 0.96 -9.47
CA ALA A 138 -10.19 1.86 -8.95
C ALA A 138 -11.52 1.12 -8.81
N ASN A 139 -11.86 0.37 -9.86
CA ASN A 139 -13.09 -0.41 -9.85
C ASN A 139 -12.93 -1.66 -9.01
N ALA A 140 -11.70 -2.14 -8.91
CA ALA A 140 -11.42 -3.33 -8.11
C ALA A 140 -12.05 -3.19 -6.73
N ALA A 141 -12.05 -1.94 -6.24
CA ALA A 141 -12.62 -1.63 -4.94
C ALA A 141 -14.12 -1.35 -5.05
N LEU A 142 -14.50 -0.64 -6.11
CA LEU A 142 -15.91 -0.29 -6.32
C LEU A 142 -16.81 -1.52 -6.18
N ALA A 143 -16.26 -2.68 -6.46
CA ALA A 143 -17.02 -3.92 -6.35
C ALA A 143 -17.34 -4.24 -4.89
N ALA A 144 -16.45 -3.82 -4.00
CA ALA A 144 -16.63 -4.04 -2.57
C ALA A 144 -16.78 -2.72 -1.82
N ASN A 145 -16.62 -1.61 -2.54
CA ASN A 145 -16.73 -0.28 -1.94
C ASN A 145 -15.66 -0.07 -0.88
N ALA A 146 -14.52 -0.73 -1.07
CA ALA A 146 -13.40 -0.61 -0.12
C ALA A 146 -12.66 0.70 -0.33
N VAL A 147 -12.53 1.47 0.76
CA VAL A 147 -11.83 2.75 0.70
C VAL A 147 -10.41 2.57 0.19
N THR A 148 -10.13 3.12 -0.99
CA THR A 148 -8.81 3.02 -1.58
C THR A 148 -8.28 4.38 -2.01
N GLN A 149 -6.97 4.46 -2.21
CA GLN A 149 -6.33 5.70 -2.63
C GLN A 149 -4.98 5.42 -3.25
N VAL A 150 -4.83 5.77 -4.52
CA VAL A 150 -3.56 5.55 -5.22
C VAL A 150 -2.60 6.70 -4.99
N ALA A 151 -1.38 6.36 -4.57
CA ALA A 151 -0.36 7.35 -4.29
C ALA A 151 0.51 7.65 -5.51
N LYS A 152 1.47 8.55 -5.33
CA LYS A 152 2.37 8.95 -6.40
C LYS A 152 3.42 7.87 -6.69
N VAL A 153 4.09 8.00 -7.83
CA VAL A 153 5.12 7.05 -8.24
C VAL A 153 6.51 7.65 -8.09
N PHE A 154 7.44 6.86 -7.56
CA PHE A 154 8.81 7.31 -7.36
C PHE A 154 9.76 6.59 -8.33
N ASP A 155 9.40 5.37 -8.70
CA ASP A 155 10.23 4.57 -9.59
C ASP A 155 9.88 4.80 -11.06
N GLN A 156 9.30 5.96 -11.37
CA GLN A 156 8.94 6.27 -12.74
C GLN A 156 10.18 6.68 -13.55
N TYR A 157 11.18 7.23 -12.86
CA TYR A 157 12.42 7.64 -13.51
C TYR A 157 13.56 6.67 -13.22
N LEU A 158 13.39 5.83 -12.19
CA LEU A 158 14.41 4.86 -11.83
C LEU A 158 13.80 3.52 -11.47
N ASN A 159 14.66 2.57 -11.09
CA ASN A 159 14.20 1.23 -10.72
C ASN A 159 13.45 0.57 -11.87
N ALA A 20 21.25 10.56 -2.48
CA ALA A 20 20.90 11.12 -3.81
C ALA A 20 19.50 11.70 -3.82
N SER A 21 19.29 12.74 -4.61
CA SER A 21 17.99 13.38 -4.70
C SER A 21 16.94 12.39 -5.21
N ILE A 22 17.40 11.42 -6.00
CA ILE A 22 16.52 10.40 -6.54
C ILE A 22 16.01 9.47 -5.43
N ARG A 23 16.95 8.78 -4.78
CA ARG A 23 16.60 7.86 -3.70
C ARG A 23 15.71 8.55 -2.67
N GLU A 24 15.86 9.86 -2.56
CA GLU A 24 15.07 10.65 -1.62
C GLU A 24 13.59 10.57 -1.97
N ARG A 25 13.27 10.89 -3.22
CA ARG A 25 11.88 10.85 -3.69
C ARG A 25 11.25 9.49 -3.40
N GLN A 26 12.04 8.43 -3.54
CA GLN A 26 11.57 7.08 -3.29
C GLN A 26 10.94 6.98 -1.91
N THR A 27 11.66 7.49 -0.91
CA THR A 27 11.19 7.47 0.48
C THR A 27 10.01 8.42 0.68
N VAL A 28 9.94 9.48 -0.14
CA VAL A 28 8.86 10.44 -0.01
C VAL A 28 7.50 9.76 -0.05
N ALA A 29 7.26 8.97 -1.10
CA ALA A 29 6.00 8.26 -1.24
C ALA A 29 5.87 7.18 -0.18
N LEU A 30 6.99 6.53 0.13
CA LEU A 30 7.02 5.47 1.13
C LEU A 30 6.69 6.02 2.52
N LYS A 31 7.58 6.86 3.03
CA LYS A 31 7.41 7.46 4.35
C LYS A 31 5.98 7.98 4.54
N ARG A 32 5.38 8.45 3.46
CA ARG A 32 4.02 8.96 3.52
C ARG A 32 3.05 7.89 4.02
N MET A 33 3.08 6.73 3.37
CA MET A 33 2.20 5.62 3.76
C MET A 33 2.78 4.82 4.91
N LEU A 34 4.06 5.03 5.21
CA LEU A 34 4.70 4.30 6.29
C LEU A 34 4.75 5.13 7.57
N ASN A 35 4.44 6.42 7.46
CA ASN A 35 4.46 7.30 8.63
C ASN A 35 3.18 8.15 8.72
N PHE A 36 2.70 8.65 7.58
CA PHE A 36 1.51 9.46 7.58
C PHE A 36 0.25 8.58 7.42
N ASN A 37 -0.41 8.33 8.53
CA ASN A 37 -1.62 7.51 8.53
C ASN A 37 -2.82 8.30 8.01
N VAL A 38 -3.62 7.68 7.16
CA VAL A 38 -4.79 8.34 6.59
C VAL A 38 -5.89 8.49 7.64
N PRO A 39 -6.73 9.54 7.50
CA PRO A 39 -7.82 9.80 8.45
C PRO A 39 -8.69 8.56 8.69
N HIS A 40 -8.56 7.99 9.88
CA HIS A 40 -9.33 6.81 10.24
C HIS A 40 -10.26 7.10 11.42
N VAL A 41 -11.29 6.27 11.57
CA VAL A 41 -12.26 6.44 12.65
C VAL A 41 -11.61 6.17 14.00
N LYS A 42 -11.79 7.09 14.94
CA LYS A 42 -11.23 6.94 16.28
C LYS A 42 -12.30 6.45 17.26
N ASN A 43 -12.11 5.24 17.76
CA ASN A 43 -13.06 4.65 18.70
C ASN A 43 -12.71 5.06 20.13
N SER A 44 -11.42 5.20 20.41
CA SER A 44 -10.97 5.60 21.73
C SER A 44 -10.05 6.81 21.67
N PRO A 45 -10.07 7.67 22.70
CA PRO A 45 -9.23 8.87 22.75
C PRO A 45 -7.75 8.55 22.99
N GLY A 46 -6.96 8.65 21.93
CA GLY A 46 -5.53 8.37 22.04
C GLY A 46 -5.20 6.93 21.71
N GLU A 47 -6.03 6.30 20.89
CA GLU A 47 -5.81 4.91 20.50
C GLU A 47 -4.88 4.82 19.29
N PRO A 48 -3.76 4.07 19.41
CA PRO A 48 -2.80 3.92 18.32
C PRO A 48 -3.47 3.48 17.01
N VAL A 49 -3.00 4.02 15.90
CA VAL A 49 -3.54 3.69 14.59
C VAL A 49 -2.56 2.84 13.78
N TRP A 50 -2.76 1.53 13.79
CA TRP A 50 -1.91 0.62 13.05
C TRP A 50 -2.09 0.81 11.55
N LYS A 51 -1.11 0.36 10.77
CA LYS A 51 -1.17 0.49 9.32
C LYS A 51 -0.53 -0.72 8.65
N VAL A 52 -1.29 -1.37 7.76
CA VAL A 52 -0.81 -2.53 7.04
C VAL A 52 -0.15 -2.12 5.73
N LEU A 53 0.66 -3.01 5.16
CA LEU A 53 1.33 -2.72 3.90
C LEU A 53 1.40 -3.97 3.03
N ILE A 54 1.22 -3.77 1.72
CA ILE A 54 1.27 -4.85 0.75
C ILE A 54 2.17 -4.45 -0.40
N TYR A 55 3.33 -5.08 -0.48
CA TYR A 55 4.27 -4.76 -1.55
C TYR A 55 4.53 -5.96 -2.46
N ASP A 56 5.05 -5.65 -3.64
CA ASP A 56 5.37 -6.67 -4.63
C ASP A 56 6.89 -6.80 -4.78
N ARG A 57 7.34 -7.53 -5.80
CA ARG A 57 8.77 -7.71 -6.04
C ARG A 57 9.50 -6.38 -5.98
N PHE A 58 8.92 -5.36 -6.60
CA PHE A 58 9.52 -4.03 -6.61
C PHE A 58 9.20 -3.30 -5.31
N GLY A 59 7.94 -3.34 -4.90
CA GLY A 59 7.54 -2.69 -3.65
C GLY A 59 8.51 -2.98 -2.53
N GLN A 60 9.15 -4.13 -2.59
CA GLN A 60 10.14 -4.53 -1.59
C GLN A 60 11.51 -4.00 -2.00
N ASP A 61 11.73 -3.95 -3.30
CA ASP A 61 12.96 -3.46 -3.88
C ASP A 61 13.17 -1.98 -3.55
N ILE A 62 12.13 -1.33 -3.02
CA ILE A 62 12.20 0.08 -2.71
C ILE A 62 11.92 0.34 -1.23
N ILE A 63 11.00 -0.40 -0.64
CA ILE A 63 10.67 -0.22 0.77
C ILE A 63 11.83 -0.66 1.67
N SER A 64 12.43 -1.78 1.34
CA SER A 64 13.55 -2.32 2.11
C SER A 64 14.75 -1.37 2.12
N PRO A 65 15.27 -0.98 0.94
CA PRO A 65 16.43 -0.08 0.85
C PRO A 65 16.27 1.16 1.75
N LEU A 66 15.03 1.52 2.05
CA LEU A 66 14.76 2.68 2.90
C LEU A 66 13.93 2.28 4.11
N LEU A 67 13.88 0.98 4.41
CA LEU A 67 13.10 0.48 5.53
C LEU A 67 13.45 -0.98 5.83
N SER A 68 13.23 -1.40 7.07
CA SER A 68 13.53 -2.77 7.46
C SER A 68 12.35 -3.41 8.19
N VAL A 69 12.51 -4.69 8.56
CA VAL A 69 11.46 -5.42 9.26
C VAL A 69 11.18 -4.80 10.62
N LYS A 70 12.23 -4.58 11.38
CA LYS A 70 12.10 -4.01 12.72
C LYS A 70 11.62 -2.56 12.65
N GLU A 71 12.04 -1.85 11.61
CA GLU A 71 11.61 -0.45 11.45
C GLU A 71 10.16 -0.44 10.99
N LEU A 72 9.78 -1.46 10.23
CA LEU A 72 8.42 -1.59 9.73
C LEU A 72 7.44 -1.63 10.90
N ARG A 73 7.69 -2.53 11.84
CA ARG A 73 6.84 -2.68 13.01
C ARG A 73 7.08 -1.54 14.00
N ASP A 74 8.26 -0.94 13.93
CA ASP A 74 8.62 0.16 14.83
C ASP A 74 7.89 1.44 14.45
N MET A 75 7.42 1.52 13.20
CA MET A 75 6.71 2.70 12.73
C MET A 75 5.21 2.60 13.03
N GLY A 76 4.74 1.37 13.24
CA GLY A 76 3.34 1.16 13.52
C GLY A 76 2.66 0.30 12.47
N ILE A 77 3.35 -0.75 12.03
CA ILE A 77 2.79 -1.65 11.03
C ILE A 77 2.24 -2.92 11.69
N THR A 78 0.97 -3.21 11.44
CA THR A 78 0.33 -4.38 12.02
C THR A 78 0.54 -5.62 11.16
N LEU A 79 1.03 -5.44 9.93
CA LEU A 79 1.25 -6.57 9.04
C LEU A 79 1.79 -6.11 7.68
N HIS A 80 2.76 -6.85 7.18
CA HIS A 80 3.38 -6.56 5.88
C HIS A 80 3.66 -7.86 5.14
N LEU A 81 3.06 -8.04 3.97
CA LEU A 81 3.26 -9.26 3.21
C LEU A 81 3.19 -9.03 1.69
N LEU A 82 3.59 -10.07 0.95
CA LEU A 82 3.61 -10.04 -0.51
C LEU A 82 2.26 -10.39 -1.10
N LEU A 83 1.80 -9.59 -2.06
CA LEU A 83 0.52 -9.87 -2.71
C LEU A 83 0.45 -11.32 -3.16
N HIS A 84 1.61 -11.90 -3.41
CA HIS A 84 1.71 -13.29 -3.83
C HIS A 84 1.97 -14.20 -2.65
N SER A 85 1.37 -13.86 -1.52
CA SER A 85 1.53 -14.64 -0.30
C SER A 85 0.23 -14.63 0.51
N ASP A 86 0.07 -15.62 1.38
CA ASP A 86 -1.12 -15.72 2.20
C ASP A 86 -1.32 -14.44 3.02
N ARG A 87 -2.23 -13.59 2.56
CA ARG A 87 -2.49 -12.33 3.24
C ARG A 87 -3.30 -12.56 4.51
N ASP A 88 -3.17 -11.64 5.46
CA ASP A 88 -3.88 -11.74 6.73
C ASP A 88 -5.07 -10.78 6.74
N PRO A 89 -6.21 -11.21 7.32
CA PRO A 89 -7.41 -10.39 7.39
C PRO A 89 -7.43 -9.45 8.59
N ILE A 90 -7.29 -8.16 8.31
CA ILE A 90 -7.31 -7.14 9.37
C ILE A 90 -8.20 -5.97 8.96
N ARG A 91 -9.49 -6.25 8.79
CA ARG A 91 -10.46 -5.23 8.39
C ARG A 91 -10.52 -4.08 9.39
N ASP A 92 -10.04 -4.31 10.60
CA ASP A 92 -10.05 -3.29 11.64
C ASP A 92 -8.76 -2.47 11.66
N VAL A 93 -8.03 -2.47 10.55
CA VAL A 93 -6.79 -1.72 10.48
C VAL A 93 -6.51 -1.21 9.06
N PRO A 94 -6.23 0.09 8.89
CA PRO A 94 -5.93 0.68 7.58
C PRO A 94 -4.74 0.00 6.92
N ALA A 95 -4.92 -0.48 5.70
CA ALA A 95 -3.85 -1.16 4.98
C ALA A 95 -3.23 -0.29 3.89
N VAL A 96 -2.08 -0.74 3.42
CA VAL A 96 -1.35 -0.05 2.35
C VAL A 96 -0.93 -1.07 1.29
N TYR A 97 -1.01 -0.69 0.02
CA TYR A 97 -0.66 -1.61 -1.05
C TYR A 97 0.33 -0.97 -2.03
N PHE A 98 1.58 -0.82 -1.59
CA PHE A 98 2.63 -0.25 -2.45
C PHE A 98 3.21 -1.36 -3.33
N VAL A 99 2.61 -1.55 -4.51
CA VAL A 99 3.04 -2.60 -5.41
C VAL A 99 3.17 -2.11 -6.85
N MET A 100 3.64 -3.01 -7.72
CA MET A 100 3.83 -2.68 -9.13
C MET A 100 2.49 -2.49 -9.84
N PRO A 101 2.46 -1.60 -10.84
CA PRO A 101 1.25 -1.32 -11.61
C PRO A 101 1.15 -2.23 -12.83
N THR A 102 1.39 -3.51 -12.62
CA THR A 102 1.35 -4.49 -13.70
C THR A 102 -0.01 -5.17 -13.76
N GLU A 103 -0.36 -5.67 -14.95
CA GLU A 103 -1.64 -6.35 -15.16
C GLU A 103 -1.95 -7.31 -14.01
N GLU A 104 -0.95 -8.10 -13.63
CA GLU A 104 -1.12 -9.06 -12.55
C GLU A 104 -1.45 -8.36 -11.23
N ASN A 105 -0.81 -7.22 -10.99
CA ASN A 105 -1.05 -6.47 -9.77
C ASN A 105 -2.47 -5.91 -9.77
N ILE A 106 -2.92 -5.47 -10.93
CA ILE A 106 -4.26 -4.92 -11.06
C ILE A 106 -5.31 -5.94 -10.60
N ASP A 107 -5.05 -7.20 -10.92
CA ASP A 107 -5.96 -8.28 -10.52
C ASP A 107 -5.87 -8.51 -9.01
N ARG A 108 -4.68 -8.23 -8.45
CA ARG A 108 -4.46 -8.39 -7.02
C ARG A 108 -5.31 -7.40 -6.23
N LEU A 109 -5.42 -6.18 -6.74
CA LEU A 109 -6.22 -5.16 -6.08
C LEU A 109 -7.67 -5.59 -5.97
N CYS A 110 -8.23 -6.04 -7.09
CA CYS A 110 -9.61 -6.50 -7.13
C CYS A 110 -9.77 -7.77 -6.29
N GLN A 111 -8.67 -8.49 -6.11
CA GLN A 111 -8.69 -9.73 -5.31
C GLN A 111 -8.74 -9.40 -3.82
N ASP A 112 -7.87 -8.49 -3.39
CA ASP A 112 -7.83 -8.09 -1.99
C ASP A 112 -8.96 -7.12 -1.66
N LEU A 113 -9.38 -6.35 -2.65
CA LEU A 113 -10.45 -5.37 -2.48
C LEU A 113 -11.78 -6.07 -2.17
N ARG A 114 -12.00 -7.21 -2.82
CA ARG A 114 -13.23 -7.97 -2.61
C ARG A 114 -13.17 -8.79 -1.32
N ASN A 115 -11.97 -9.26 -0.98
CA ASN A 115 -11.77 -10.05 0.23
C ASN A 115 -12.03 -9.20 1.47
N GLN A 116 -11.84 -7.89 1.35
CA GLN A 116 -12.04 -6.99 2.47
C GLN A 116 -11.11 -7.35 3.62
N LEU A 117 -9.87 -7.71 3.28
CA LEU A 117 -8.88 -8.08 4.28
C LEU A 117 -8.67 -6.96 5.28
N TYR A 118 -8.49 -5.74 4.77
CA TYR A 118 -8.25 -4.59 5.62
C TYR A 118 -9.27 -3.49 5.35
N GLU A 119 -9.32 -2.49 6.24
CA GLU A 119 -10.26 -1.38 6.11
C GLU A 119 -9.85 -0.43 5.00
N SER A 120 -8.59 -0.02 5.00
CA SER A 120 -8.08 0.89 4.00
C SER A 120 -7.20 0.16 2.99
N TYR A 121 -6.78 0.90 1.95
CA TYR A 121 -5.94 0.31 0.91
C TYR A 121 -5.05 1.37 0.26
N TYR A 122 -4.12 1.93 1.03
CA TYR A 122 -3.20 2.93 0.51
C TYR A 122 -2.40 2.35 -0.64
N LEU A 123 -2.95 2.44 -1.85
CA LEU A 123 -2.28 1.91 -3.04
C LEU A 123 -1.10 2.77 -3.44
N ASN A 124 -0.09 2.12 -4.04
CA ASN A 124 1.11 2.81 -4.49
C ASN A 124 1.77 2.03 -5.62
N PHE A 125 1.88 2.66 -6.78
CA PHE A 125 2.48 2.02 -7.95
C PHE A 125 3.91 2.49 -8.16
N ILE A 126 4.83 1.56 -8.36
CA ILE A 126 6.24 1.91 -8.59
C ILE A 126 6.46 2.35 -10.04
N SER A 127 5.57 1.94 -10.93
CA SER A 127 5.68 2.31 -12.34
C SER A 127 4.57 3.28 -12.74
N ALA A 128 4.65 3.79 -13.96
CA ALA A 128 3.66 4.74 -14.46
C ALA A 128 2.45 4.02 -15.04
N ILE A 129 1.48 3.72 -14.19
CA ILE A 129 0.26 3.04 -14.62
C ILE A 129 -0.55 3.94 -15.55
N SER A 130 -1.45 3.34 -16.33
CA SER A 130 -2.28 4.10 -17.27
C SER A 130 -3.70 4.27 -16.74
N ARG A 131 -4.38 5.30 -17.23
CA ARG A 131 -5.76 5.59 -16.82
C ARG A 131 -6.62 4.34 -16.92
N SER A 132 -6.42 3.56 -17.98
CA SER A 132 -7.17 2.34 -18.20
C SER A 132 -6.89 1.34 -17.08
N LYS A 133 -5.61 1.15 -16.77
CA LYS A 133 -5.20 0.23 -15.72
C LYS A 133 -5.63 0.75 -14.36
N LEU A 134 -5.52 2.06 -14.17
CA LEU A 134 -5.91 2.68 -12.91
C LEU A 134 -7.39 2.48 -12.64
N GLU A 135 -8.20 2.74 -13.67
CA GLU A 135 -9.65 2.57 -13.54
C GLU A 135 -10.00 1.18 -13.06
N ASP A 136 -9.22 0.20 -13.51
CA ASP A 136 -9.44 -1.19 -13.11
C ASP A 136 -9.34 -1.33 -11.59
N ILE A 137 -8.29 -0.74 -11.01
CA ILE A 137 -8.10 -0.79 -9.57
C ILE A 137 -9.13 0.07 -8.85
N ALA A 138 -9.46 1.22 -9.45
CA ALA A 138 -10.45 2.11 -8.87
C ALA A 138 -11.77 1.37 -8.74
N ASN A 139 -12.14 0.68 -9.81
CA ASN A 139 -13.37 -0.10 -9.82
C ASN A 139 -13.16 -1.41 -9.08
N ALA A 140 -11.92 -1.90 -9.07
CA ALA A 140 -11.60 -3.13 -8.37
C ALA A 140 -12.13 -3.05 -6.94
N ALA A 141 -12.15 -1.84 -6.40
CA ALA A 141 -12.62 -1.61 -5.04
C ALA A 141 -14.13 -1.37 -5.03
N LEU A 142 -14.61 -0.62 -6.02
CA LEU A 142 -16.03 -0.30 -6.13
C LEU A 142 -16.88 -1.56 -6.02
N ALA A 143 -16.31 -2.70 -6.38
CA ALA A 143 -17.03 -3.97 -6.31
C ALA A 143 -17.39 -4.30 -4.87
N ALA A 144 -16.54 -3.89 -3.94
CA ALA A 144 -16.77 -4.13 -2.52
C ALA A 144 -16.92 -2.82 -1.75
N ASN A 145 -16.62 -1.69 -2.40
CA ASN A 145 -16.71 -0.38 -1.77
C ASN A 145 -15.66 -0.22 -0.69
N ALA A 146 -14.43 -0.62 -1.00
CA ALA A 146 -13.32 -0.52 -0.06
C ALA A 146 -12.60 0.83 -0.20
N VAL A 147 -12.33 1.47 0.93
CA VAL A 147 -11.65 2.75 0.94
C VAL A 147 -10.22 2.60 0.45
N THR A 148 -9.96 3.09 -0.77
CA THR A 148 -8.62 3.00 -1.35
C THR A 148 -8.17 4.35 -1.89
N GLN A 149 -6.87 4.48 -2.11
CA GLN A 149 -6.28 5.70 -2.64
C GLN A 149 -4.97 5.41 -3.35
N VAL A 150 -4.92 5.69 -4.65
CA VAL A 150 -3.72 5.45 -5.43
C VAL A 150 -2.71 6.58 -5.27
N ALA A 151 -1.62 6.28 -4.55
CA ALA A 151 -0.58 7.25 -4.30
C ALA A 151 0.22 7.53 -5.57
N LYS A 152 1.19 8.44 -5.47
CA LYS A 152 2.03 8.79 -6.61
C LYS A 152 3.15 7.78 -6.79
N VAL A 153 3.71 7.73 -7.99
CA VAL A 153 4.79 6.81 -8.30
C VAL A 153 6.15 7.47 -8.15
N PHE A 154 7.17 6.67 -7.84
CA PHE A 154 8.53 7.18 -7.66
C PHE A 154 9.50 6.49 -8.61
N ASP A 155 9.32 5.19 -8.78
CA ASP A 155 10.20 4.39 -9.64
C ASP A 155 9.98 4.68 -11.12
N GLN A 156 9.04 5.55 -11.45
CA GLN A 156 8.78 5.87 -12.85
C GLN A 156 10.01 6.49 -13.52
N TYR A 157 10.93 7.04 -12.71
CA TYR A 157 12.13 7.65 -13.24
C TYR A 157 13.38 6.84 -12.94
N LEU A 158 13.29 5.89 -12.00
CA LEU A 158 14.44 5.07 -11.63
C LEU A 158 14.03 3.63 -11.32
N ASN A 159 14.99 2.84 -10.84
CA ASN A 159 14.72 1.44 -10.50
C ASN A 159 14.23 0.67 -11.72
N ALA A 20 21.53 10.18 -2.69
CA ALA A 20 21.17 10.77 -4.01
C ALA A 20 19.81 11.45 -3.95
N SER A 21 19.64 12.51 -4.73
CA SER A 21 18.37 13.24 -4.77
C SER A 21 17.26 12.32 -5.26
N ILE A 22 17.63 11.36 -6.12
CA ILE A 22 16.68 10.41 -6.65
C ILE A 22 16.17 9.46 -5.57
N ARG A 23 17.09 8.71 -4.98
CA ARG A 23 16.75 7.76 -3.92
C ARG A 23 15.90 8.45 -2.84
N GLU A 24 16.13 9.75 -2.68
CA GLU A 24 15.39 10.53 -1.70
C GLU A 24 13.91 10.54 -2.03
N ARG A 25 13.59 10.88 -3.29
CA ARG A 25 12.20 10.92 -3.74
C ARG A 25 11.49 9.61 -3.42
N GLN A 26 12.22 8.50 -3.55
CA GLN A 26 11.67 7.18 -3.27
C GLN A 26 11.08 7.14 -1.87
N THR A 27 11.88 7.54 -0.88
CA THR A 27 11.44 7.54 0.50
C THR A 27 10.28 8.51 0.71
N VAL A 28 10.16 9.52 -0.15
CA VAL A 28 9.08 10.48 -0.02
C VAL A 28 7.73 9.80 -0.07
N ALA A 29 7.46 9.10 -1.17
CA ALA A 29 6.21 8.39 -1.33
C ALA A 29 6.05 7.32 -0.26
N LEU A 30 7.16 6.71 0.13
CA LEU A 30 7.15 5.67 1.15
C LEU A 30 6.85 6.26 2.53
N LYS A 31 7.77 7.07 3.03
CA LYS A 31 7.63 7.70 4.34
C LYS A 31 6.22 8.26 4.54
N ARG A 32 5.66 8.83 3.49
CA ARG A 32 4.31 9.38 3.55
C ARG A 32 3.31 8.33 3.97
N MET A 33 3.31 7.20 3.27
CA MET A 33 2.39 6.10 3.56
C MET A 33 2.88 5.28 4.75
N LEU A 34 4.18 5.38 5.05
CA LEU A 34 4.77 4.63 6.15
C LEU A 34 4.73 5.44 7.46
N ASN A 35 4.40 6.72 7.37
CA ASN A 35 4.34 7.57 8.55
C ASN A 35 3.06 8.38 8.62
N PHE A 36 2.63 8.93 7.48
CA PHE A 36 1.41 9.73 7.45
C PHE A 36 0.19 8.82 7.34
N ASN A 37 -0.49 8.62 8.47
CA ASN A 37 -1.68 7.77 8.51
C ASN A 37 -2.91 8.54 8.02
N VAL A 38 -3.69 7.90 7.16
CA VAL A 38 -4.89 8.53 6.61
C VAL A 38 -5.98 8.63 7.67
N PRO A 39 -6.83 9.67 7.59
CA PRO A 39 -7.92 9.88 8.55
C PRO A 39 -8.79 8.63 8.72
N HIS A 40 -8.78 8.08 9.93
CA HIS A 40 -9.56 6.89 10.23
C HIS A 40 -10.63 7.18 11.28
N VAL A 41 -11.64 6.34 11.34
CA VAL A 41 -12.73 6.51 12.30
C VAL A 41 -12.33 5.96 13.68
N LYS A 42 -12.09 6.85 14.62
CA LYS A 42 -11.70 6.46 15.97
C LYS A 42 -12.90 6.51 16.91
N ASN A 43 -13.31 5.34 17.40
CA ASN A 43 -14.44 5.25 18.31
C ASN A 43 -14.07 5.74 19.71
N SER A 44 -13.19 5.01 20.37
CA SER A 44 -12.74 5.38 21.71
C SER A 44 -11.44 6.18 21.65
N PRO A 45 -11.41 7.36 22.31
CA PRO A 45 -10.21 8.21 22.31
C PRO A 45 -8.97 7.48 22.80
N GLY A 46 -7.81 7.94 22.36
CA GLY A 46 -6.55 7.31 22.75
C GLY A 46 -6.40 5.93 22.15
N GLU A 47 -6.60 5.82 20.85
CA GLU A 47 -6.48 4.54 20.15
C GLU A 47 -5.47 4.65 19.00
N PRO A 48 -4.27 4.07 19.17
CA PRO A 48 -3.22 4.10 18.14
C PRO A 48 -3.75 3.69 16.77
N VAL A 49 -3.12 4.21 15.72
CA VAL A 49 -3.54 3.90 14.36
C VAL A 49 -2.50 3.04 13.64
N TRP A 50 -2.74 1.74 13.61
CA TRP A 50 -1.84 0.81 12.94
C TRP A 50 -2.00 0.91 11.43
N LYS A 51 -0.93 0.65 10.70
CA LYS A 51 -0.97 0.72 9.25
C LYS A 51 -0.33 -0.50 8.62
N VAL A 52 -1.07 -1.16 7.73
CA VAL A 52 -0.60 -2.34 7.04
C VAL A 52 0.08 -1.96 5.73
N LEU A 53 0.90 -2.87 5.20
CA LEU A 53 1.60 -2.61 3.95
C LEU A 53 1.64 -3.87 3.09
N ILE A 54 1.49 -3.69 1.78
CA ILE A 54 1.52 -4.78 0.82
C ILE A 54 2.42 -4.40 -0.34
N TYR A 55 3.59 -5.00 -0.40
CA TYR A 55 4.53 -4.69 -1.47
C TYR A 55 4.77 -5.88 -2.38
N ASP A 56 5.33 -5.57 -3.56
CA ASP A 56 5.63 -6.57 -4.55
C ASP A 56 7.14 -6.70 -4.71
N ARG A 57 7.58 -7.41 -5.74
CA ARG A 57 9.01 -7.57 -5.98
C ARG A 57 9.71 -6.21 -6.02
N PHE A 58 9.03 -5.23 -6.61
CA PHE A 58 9.57 -3.88 -6.70
C PHE A 58 9.29 -3.11 -5.41
N GLY A 59 8.10 -3.30 -4.85
CA GLY A 59 7.74 -2.62 -3.61
C GLY A 59 8.79 -2.87 -2.54
N GLN A 60 9.26 -4.10 -2.47
CA GLN A 60 10.29 -4.48 -1.51
C GLN A 60 11.65 -3.98 -1.99
N ASP A 61 11.80 -3.89 -3.31
CA ASP A 61 13.04 -3.42 -3.92
C ASP A 61 13.30 -1.95 -3.59
N ILE A 62 12.29 -1.27 -3.03
CA ILE A 62 12.42 0.14 -2.69
C ILE A 62 12.20 0.37 -1.21
N ILE A 63 11.22 -0.30 -0.64
CA ILE A 63 10.91 -0.14 0.77
C ILE A 63 12.07 -0.61 1.65
N SER A 64 12.65 -1.76 1.28
CA SER A 64 13.77 -2.32 2.03
C SER A 64 14.98 -1.39 2.04
N PRO A 65 15.50 -1.01 0.87
CA PRO A 65 16.68 -0.13 0.77
C PRO A 65 16.54 1.10 1.67
N LEU A 66 15.31 1.47 2.00
CA LEU A 66 15.07 2.63 2.86
C LEU A 66 14.27 2.24 4.10
N LEU A 67 14.19 0.93 4.37
CA LEU A 67 13.44 0.43 5.52
C LEU A 67 13.80 -1.02 5.81
N SER A 68 13.62 -1.44 7.06
CA SER A 68 13.93 -2.81 7.46
C SER A 68 12.72 -3.46 8.13
N VAL A 69 12.80 -4.78 8.32
CA VAL A 69 11.71 -5.53 8.93
C VAL A 69 11.44 -5.07 10.36
N LYS A 70 12.49 -4.99 11.15
CA LYS A 70 12.38 -4.57 12.54
C LYS A 70 11.89 -3.13 12.66
N GLU A 71 12.29 -2.28 11.72
CA GLU A 71 11.85 -0.89 11.73
C GLU A 71 10.38 -0.83 11.34
N LEU A 72 10.00 -1.72 10.44
CA LEU A 72 8.63 -1.80 9.95
C LEU A 72 7.67 -2.00 11.12
N ARG A 73 7.95 -3.02 11.92
CA ARG A 73 7.11 -3.31 13.07
C ARG A 73 7.33 -2.29 14.20
N ASP A 74 8.49 -1.63 14.16
CA ASP A 74 8.84 -0.65 15.18
C ASP A 74 8.33 0.75 14.82
N MET A 75 7.83 0.94 13.60
CA MET A 75 7.34 2.26 13.20
C MET A 75 5.82 2.34 13.36
N GLY A 76 5.17 1.19 13.44
CA GLY A 76 3.73 1.18 13.60
C GLY A 76 3.01 0.37 12.53
N ILE A 77 3.60 -0.75 12.12
CA ILE A 77 2.99 -1.60 11.10
C ILE A 77 2.34 -2.83 11.74
N THR A 78 1.07 -3.05 11.40
CA THR A 78 0.33 -4.19 11.95
C THR A 78 0.58 -5.46 11.14
N LEU A 79 1.01 -5.30 9.89
CA LEU A 79 1.28 -6.45 9.04
C LEU A 79 1.86 -6.01 7.69
N HIS A 80 2.86 -6.75 7.24
CA HIS A 80 3.51 -6.47 5.96
C HIS A 80 3.80 -7.77 5.22
N LEU A 81 3.23 -7.94 4.03
CA LEU A 81 3.44 -9.16 3.27
C LEU A 81 3.35 -8.93 1.75
N LEU A 82 3.74 -9.96 1.00
CA LEU A 82 3.74 -9.94 -0.45
C LEU A 82 2.36 -10.25 -1.01
N LEU A 83 1.91 -9.44 -1.96
CA LEU A 83 0.60 -9.68 -2.58
C LEU A 83 0.51 -11.10 -3.11
N HIS A 84 1.66 -11.69 -3.40
CA HIS A 84 1.74 -13.04 -3.90
C HIS A 84 1.94 -14.03 -2.76
N SER A 85 1.29 -13.77 -1.64
CA SER A 85 1.40 -14.64 -0.48
C SER A 85 0.08 -14.70 0.29
N ASP A 86 0.06 -15.48 1.36
CA ASP A 86 -1.15 -15.62 2.17
C ASP A 86 -1.40 -14.35 2.98
N ARG A 87 -2.36 -13.56 2.54
CA ARG A 87 -2.70 -12.31 3.23
C ARG A 87 -3.64 -12.57 4.41
N ASP A 88 -3.29 -12.01 5.56
CA ASP A 88 -4.10 -12.17 6.77
C ASP A 88 -5.26 -11.20 6.76
N PRO A 89 -6.34 -11.52 7.49
CA PRO A 89 -7.53 -10.68 7.56
C PRO A 89 -7.44 -9.61 8.66
N ILE A 90 -7.31 -8.36 8.25
CA ILE A 90 -7.23 -7.25 9.21
C ILE A 90 -8.11 -6.08 8.74
N ARG A 91 -9.40 -6.37 8.57
CA ARG A 91 -10.36 -5.36 8.12
C ARG A 91 -10.47 -4.20 9.09
N ASP A 92 -10.10 -4.43 10.35
CA ASP A 92 -10.18 -3.40 11.38
C ASP A 92 -8.92 -2.54 11.43
N VAL A 93 -8.10 -2.60 10.38
CA VAL A 93 -6.86 -1.82 10.34
C VAL A 93 -6.54 -1.34 8.92
N PRO A 94 -6.22 -0.04 8.76
CA PRO A 94 -5.88 0.51 7.44
C PRO A 94 -4.70 -0.22 6.80
N ALA A 95 -4.79 -0.45 5.49
CA ALA A 95 -3.73 -1.15 4.79
C ALA A 95 -3.09 -0.30 3.69
N VAL A 96 -1.87 -0.67 3.32
CA VAL A 96 -1.13 0.03 2.28
C VAL A 96 -0.64 -0.96 1.23
N TYR A 97 -0.83 -0.64 -0.05
CA TYR A 97 -0.41 -1.54 -1.11
C TYR A 97 0.57 -0.86 -2.05
N PHE A 98 1.82 -0.72 -1.62
CA PHE A 98 2.85 -0.10 -2.44
C PHE A 98 3.45 -1.14 -3.39
N VAL A 99 2.81 -1.30 -4.55
CA VAL A 99 3.26 -2.27 -5.53
C VAL A 99 3.18 -1.73 -6.95
N MET A 100 3.64 -2.53 -7.91
CA MET A 100 3.61 -2.14 -9.30
C MET A 100 2.23 -2.36 -9.91
N PRO A 101 1.79 -1.49 -10.82
CA PRO A 101 0.48 -1.61 -11.46
C PRO A 101 0.53 -2.57 -12.64
N THR A 102 1.19 -3.71 -12.44
CA THR A 102 1.31 -4.71 -13.48
C THR A 102 0.02 -5.52 -13.61
N GLU A 103 -0.18 -6.11 -14.79
CA GLU A 103 -1.38 -6.92 -15.05
C GLU A 103 -1.73 -7.80 -13.86
N GLU A 104 -0.76 -8.57 -13.40
CA GLU A 104 -0.96 -9.47 -12.27
C GLU A 104 -1.29 -8.69 -11.00
N ASN A 105 -0.60 -7.57 -10.79
CA ASN A 105 -0.84 -6.74 -9.62
C ASN A 105 -2.28 -6.24 -9.61
N ILE A 106 -2.71 -5.66 -10.72
CA ILE A 106 -4.07 -5.14 -10.85
C ILE A 106 -5.08 -6.19 -10.41
N ASP A 107 -4.75 -7.46 -10.66
CA ASP A 107 -5.63 -8.56 -10.28
C ASP A 107 -5.61 -8.77 -8.78
N ARG A 108 -4.49 -8.40 -8.14
CA ARG A 108 -4.35 -8.57 -6.69
C ARG A 108 -5.10 -7.47 -5.95
N LEU A 109 -5.29 -6.33 -6.60
CA LEU A 109 -6.02 -5.22 -5.99
C LEU A 109 -7.50 -5.56 -5.93
N CYS A 110 -7.98 -6.18 -7.00
CA CYS A 110 -9.38 -6.59 -7.08
C CYS A 110 -9.64 -7.78 -6.17
N GLN A 111 -8.58 -8.53 -5.85
CA GLN A 111 -8.70 -9.69 -4.97
C GLN A 111 -8.71 -9.26 -3.50
N ASP A 112 -7.77 -8.40 -3.13
CA ASP A 112 -7.69 -7.94 -1.75
C ASP A 112 -8.82 -6.97 -1.44
N LEU A 113 -9.26 -6.24 -2.45
CA LEU A 113 -10.35 -5.28 -2.29
C LEU A 113 -11.69 -5.99 -2.10
N ARG A 114 -11.84 -7.13 -2.77
CA ARG A 114 -13.07 -7.91 -2.67
C ARG A 114 -13.04 -8.80 -1.43
N ASN A 115 -11.84 -9.25 -1.05
CA ASN A 115 -11.67 -10.10 0.12
C ASN A 115 -11.91 -9.32 1.41
N GLN A 116 -11.72 -8.01 1.35
CA GLN A 116 -11.91 -7.16 2.52
C GLN A 116 -10.92 -7.53 3.62
N LEU A 117 -9.69 -7.79 3.21
CA LEU A 117 -8.63 -8.16 4.15
C LEU A 117 -8.24 -6.99 5.04
N TYR A 118 -8.41 -5.77 4.53
CA TYR A 118 -8.06 -4.59 5.29
C TYR A 118 -9.08 -3.46 5.06
N GLU A 119 -9.26 -2.62 6.06
CA GLU A 119 -10.22 -1.51 5.97
C GLU A 119 -9.83 -0.51 4.89
N SER A 120 -8.57 -0.10 4.90
CA SER A 120 -8.07 0.86 3.92
C SER A 120 -7.19 0.16 2.89
N TYR A 121 -6.81 0.90 1.85
CA TYR A 121 -5.97 0.35 0.80
C TYR A 121 -5.07 1.41 0.17
N TYR A 122 -4.16 1.96 0.97
CA TYR A 122 -3.22 2.97 0.49
C TYR A 122 -2.37 2.39 -0.63
N LEU A 123 -2.84 2.52 -1.86
CA LEU A 123 -2.12 1.97 -3.01
C LEU A 123 -0.96 2.88 -3.44
N ASN A 124 0.06 2.26 -4.03
CA ASN A 124 1.24 2.98 -4.51
C ASN A 124 1.88 2.20 -5.64
N PHE A 125 1.86 2.78 -6.83
CA PHE A 125 2.43 2.14 -8.02
C PHE A 125 3.87 2.56 -8.27
N ILE A 126 4.71 1.58 -8.58
CA ILE A 126 6.13 1.84 -8.87
C ILE A 126 6.29 2.30 -10.32
N SER A 127 5.40 1.86 -11.19
CA SER A 127 5.45 2.23 -12.60
C SER A 127 4.34 3.21 -12.94
N ALA A 128 4.46 3.86 -14.09
CA ALA A 128 3.47 4.83 -14.54
C ALA A 128 2.24 4.14 -15.12
N ILE A 129 1.26 3.86 -14.26
CA ILE A 129 0.03 3.21 -14.69
C ILE A 129 -0.84 4.17 -15.50
N SER A 130 -1.77 3.62 -16.27
CA SER A 130 -2.65 4.43 -17.10
C SER A 130 -4.07 4.50 -16.51
N ARG A 131 -4.80 5.54 -16.87
CA ARG A 131 -6.16 5.74 -16.38
C ARG A 131 -6.99 4.47 -16.55
N SER A 132 -6.69 3.72 -17.60
CA SER A 132 -7.41 2.47 -17.87
C SER A 132 -7.09 1.43 -16.81
N LYS A 133 -5.80 1.13 -16.66
CA LYS A 133 -5.36 0.15 -15.67
C LYS A 133 -5.73 0.61 -14.26
N LEU A 134 -5.70 1.92 -14.04
CA LEU A 134 -6.03 2.47 -12.74
C LEU A 134 -7.49 2.19 -12.40
N GLU A 135 -8.36 2.37 -13.39
CA GLU A 135 -9.79 2.13 -13.21
C GLU A 135 -10.02 0.70 -12.73
N ASP A 136 -9.20 -0.22 -13.21
CA ASP A 136 -9.31 -1.62 -12.82
C ASP A 136 -9.15 -1.75 -11.32
N ILE A 137 -8.09 -1.14 -10.78
CA ILE A 137 -7.84 -1.17 -9.35
C ILE A 137 -8.90 -0.35 -8.61
N ALA A 138 -9.06 0.90 -9.02
CA ALA A 138 -10.04 1.77 -8.40
C ALA A 138 -11.41 1.10 -8.39
N ASN A 139 -11.79 0.55 -9.53
CA ASN A 139 -13.06 -0.14 -9.65
C ASN A 139 -13.00 -1.47 -8.92
N ALA A 140 -11.81 -2.06 -8.85
CA ALA A 140 -11.63 -3.31 -8.14
C ALA A 140 -12.23 -3.21 -6.74
N ALA A 141 -12.20 -2.00 -6.19
CA ALA A 141 -12.76 -1.74 -4.88
C ALA A 141 -14.25 -1.43 -4.96
N LEU A 142 -14.64 -0.72 -6.02
CA LEU A 142 -16.05 -0.36 -6.23
C LEU A 142 -16.96 -1.56 -5.99
N ALA A 143 -16.43 -2.76 -6.25
CA ALA A 143 -17.20 -3.99 -6.08
C ALA A 143 -17.50 -4.24 -4.61
N ALA A 144 -16.51 -4.01 -3.75
CA ALA A 144 -16.67 -4.22 -2.31
C ALA A 144 -16.84 -2.89 -1.57
N ASN A 145 -16.71 -1.78 -2.30
CA ASN A 145 -16.85 -0.45 -1.70
C ASN A 145 -15.80 -0.23 -0.61
N ALA A 146 -14.54 -0.46 -0.95
CA ALA A 146 -13.45 -0.29 -0.01
C ALA A 146 -12.71 1.02 -0.27
N VAL A 147 -12.37 1.71 0.82
CA VAL A 147 -11.66 2.99 0.71
C VAL A 147 -10.23 2.78 0.22
N THR A 148 -9.93 3.30 -0.96
CA THR A 148 -8.60 3.15 -1.53
C THR A 148 -8.07 4.48 -2.04
N GLN A 149 -6.76 4.56 -2.22
CA GLN A 149 -6.11 5.77 -2.71
C GLN A 149 -4.79 5.42 -3.40
N VAL A 150 -4.69 5.73 -4.68
CA VAL A 150 -3.49 5.45 -5.45
C VAL A 150 -2.48 6.57 -5.32
N ALA A 151 -1.47 6.35 -4.49
CA ALA A 151 -0.42 7.33 -4.26
C ALA A 151 0.38 7.61 -5.53
N LYS A 152 1.36 8.49 -5.43
CA LYS A 152 2.20 8.85 -6.57
C LYS A 152 3.23 7.76 -6.83
N VAL A 153 3.86 7.82 -8.01
CA VAL A 153 4.87 6.84 -8.38
C VAL A 153 6.27 7.44 -8.35
N PHE A 154 7.24 6.66 -7.88
CA PHE A 154 8.62 7.12 -7.79
C PHE A 154 9.50 6.40 -8.82
N ASP A 155 9.40 5.09 -8.83
CA ASP A 155 10.18 4.24 -9.74
C ASP A 155 10.00 4.64 -11.20
N GLN A 156 8.99 5.46 -11.49
CA GLN A 156 8.74 5.87 -12.87
C GLN A 156 9.97 6.54 -13.50
N TYR A 157 10.84 7.10 -12.67
CA TYR A 157 12.02 7.77 -13.19
C TYR A 157 13.32 7.02 -12.82
N LEU A 158 13.23 6.03 -11.95
CA LEU A 158 14.41 5.27 -11.54
C LEU A 158 14.07 3.81 -11.27
N ASN A 159 15.09 3.05 -10.85
CA ASN A 159 14.90 1.64 -10.54
C ASN A 159 14.33 0.88 -11.73
N ALA A 20 21.26 9.27 -3.53
CA ALA A 20 20.80 10.03 -4.72
C ALA A 20 19.58 10.89 -4.37
N SER A 21 19.47 12.04 -5.04
CA SER A 21 18.35 12.93 -4.82
C SER A 21 17.04 12.23 -5.18
N ILE A 22 17.13 11.35 -6.17
CA ILE A 22 15.97 10.59 -6.62
C ILE A 22 15.58 9.55 -5.58
N ARG A 23 16.51 8.65 -5.27
CA ARG A 23 16.25 7.61 -4.27
C ARG A 23 15.65 8.22 -3.01
N GLU A 24 16.00 9.48 -2.75
CA GLU A 24 15.49 10.19 -1.60
C GLU A 24 13.99 10.41 -1.74
N ARG A 25 13.56 10.83 -2.92
CA ARG A 25 12.14 11.06 -3.16
C ARG A 25 11.36 9.75 -3.08
N GLN A 26 12.02 8.65 -3.44
CA GLN A 26 11.39 7.33 -3.39
C GLN A 26 10.87 7.09 -1.98
N THR A 27 11.69 7.43 -1.00
CA THR A 27 11.33 7.27 0.40
C THR A 27 10.16 8.20 0.76
N VAL A 28 10.10 9.36 0.11
CA VAL A 28 9.02 10.32 0.38
C VAL A 28 7.68 9.62 0.32
N ALA A 29 7.37 9.03 -0.83
CA ALA A 29 6.11 8.32 -1.01
C ALA A 29 5.97 7.21 0.02
N LEU A 30 7.10 6.60 0.38
CA LEU A 30 7.14 5.52 1.35
C LEU A 30 6.83 6.03 2.76
N LYS A 31 7.74 6.84 3.30
CA LYS A 31 7.59 7.39 4.64
C LYS A 31 6.18 7.95 4.85
N ARG A 32 5.65 8.60 3.83
CA ARG A 32 4.31 9.18 3.90
C ARG A 32 3.28 8.11 4.27
N MET A 33 3.30 7.01 3.53
CA MET A 33 2.36 5.91 3.77
C MET A 33 2.80 5.06 4.96
N LEU A 34 4.09 5.11 5.27
CA LEU A 34 4.64 4.32 6.37
C LEU A 34 4.58 5.10 7.69
N ASN A 35 4.27 6.39 7.63
CA ASN A 35 4.20 7.22 8.83
C ASN A 35 2.90 8.02 8.88
N PHE A 36 2.49 8.58 7.74
CA PHE A 36 1.27 9.37 7.70
C PHE A 36 0.06 8.48 7.46
N ASN A 37 -0.67 8.18 8.53
CA ASN A 37 -1.85 7.34 8.46
C ASN A 37 -3.06 8.16 8.00
N VAL A 38 -3.83 7.58 7.08
CA VAL A 38 -5.01 8.26 6.55
C VAL A 38 -6.12 8.30 7.59
N PRO A 39 -6.96 9.35 7.55
CA PRO A 39 -8.07 9.52 8.49
C PRO A 39 -8.93 8.26 8.61
N HIS A 40 -8.87 7.61 9.76
CA HIS A 40 -9.63 6.39 10.01
C HIS A 40 -10.66 6.60 11.12
N VAL A 41 -11.57 5.64 11.25
CA VAL A 41 -12.60 5.72 12.27
C VAL A 41 -12.09 5.19 13.61
N LYS A 42 -11.69 6.11 14.49
CA LYS A 42 -11.18 5.74 15.79
C LYS A 42 -12.30 5.66 16.82
N ASN A 43 -12.64 4.43 17.23
CA ASN A 43 -13.70 4.23 18.21
C ASN A 43 -13.30 4.80 19.57
N SER A 44 -12.08 4.51 20.00
CA SER A 44 -11.57 4.99 21.28
C SER A 44 -10.39 5.93 21.08
N PRO A 45 -10.61 7.26 21.20
CA PRO A 45 -9.55 8.25 21.03
C PRO A 45 -8.48 8.15 22.11
N GLY A 46 -7.27 7.78 21.71
CA GLY A 46 -6.18 7.65 22.66
C GLY A 46 -5.25 6.51 22.31
N GLU A 47 -5.79 5.49 21.65
CA GLU A 47 -4.99 4.33 21.26
C GLU A 47 -4.21 4.62 19.98
N PRO A 48 -3.09 3.89 19.77
CA PRO A 48 -2.25 4.08 18.58
C PRO A 48 -2.98 3.68 17.29
N VAL A 49 -2.52 4.23 16.18
CA VAL A 49 -3.13 3.94 14.88
C VAL A 49 -2.23 3.03 14.04
N TRP A 50 -2.52 1.74 14.05
CA TRP A 50 -1.74 0.78 13.29
C TRP A 50 -2.02 0.90 11.80
N LYS A 51 -1.06 0.50 10.98
CA LYS A 51 -1.20 0.56 9.53
C LYS A 51 -0.63 -0.68 8.87
N VAL A 52 -1.21 -1.08 7.75
CA VAL A 52 -0.76 -2.25 7.03
C VAL A 52 -0.11 -1.85 5.70
N LEU A 53 0.69 -2.75 5.13
CA LEU A 53 1.36 -2.48 3.89
C LEU A 53 1.46 -3.74 3.03
N ILE A 54 1.22 -3.58 1.73
CA ILE A 54 1.30 -4.67 0.78
C ILE A 54 2.24 -4.27 -0.34
N TYR A 55 3.40 -4.90 -0.38
CA TYR A 55 4.39 -4.58 -1.40
C TYR A 55 4.65 -5.75 -2.32
N ASP A 56 5.17 -5.44 -3.50
CA ASP A 56 5.48 -6.45 -4.50
C ASP A 56 6.99 -6.56 -4.69
N ARG A 57 7.41 -7.27 -5.73
CA ARG A 57 8.83 -7.45 -6.02
C ARG A 57 9.58 -6.12 -5.94
N PHE A 58 9.11 -5.14 -6.70
CA PHE A 58 9.74 -3.82 -6.70
C PHE A 58 9.65 -3.19 -5.31
N GLY A 59 8.50 -3.36 -4.66
CA GLY A 59 8.32 -2.83 -3.33
C GLY A 59 9.51 -3.11 -2.43
N GLN A 60 9.99 -4.35 -2.47
CA GLN A 60 11.14 -4.76 -1.68
C GLN A 60 12.38 -4.04 -2.18
N ASP A 61 12.42 -3.77 -3.48
CA ASP A 61 13.54 -3.08 -4.11
C ASP A 61 13.63 -1.63 -3.65
N ILE A 62 12.59 -1.15 -2.97
CA ILE A 62 12.56 0.22 -2.51
C ILE A 62 12.35 0.32 -1.00
N ILE A 63 11.47 -0.53 -0.48
CA ILE A 63 11.18 -0.54 0.95
C ILE A 63 12.39 -0.96 1.77
N SER A 64 12.96 -2.11 1.45
CA SER A 64 14.13 -2.62 2.18
C SER A 64 15.30 -1.64 2.15
N PRO A 65 15.81 -1.29 0.97
CA PRO A 65 16.94 -0.36 0.83
C PRO A 65 16.79 0.89 1.68
N LEU A 66 15.54 1.26 2.00
CA LEU A 66 15.29 2.45 2.80
C LEU A 66 14.47 2.11 4.04
N LEU A 67 14.35 0.82 4.35
CA LEU A 67 13.58 0.37 5.50
C LEU A 67 13.94 -1.05 5.91
N SER A 68 13.65 -1.40 7.16
CA SER A 68 13.94 -2.74 7.66
C SER A 68 12.69 -3.35 8.29
N VAL A 69 12.82 -4.59 8.76
CA VAL A 69 11.71 -5.31 9.37
C VAL A 69 11.34 -4.72 10.72
N LYS A 70 12.34 -4.48 11.54
CA LYS A 70 12.12 -3.92 12.87
C LYS A 70 11.60 -2.50 12.81
N GLU A 71 12.02 -1.75 11.79
CA GLU A 71 11.55 -0.39 11.63
C GLU A 71 10.13 -0.38 11.11
N LEU A 72 9.78 -1.44 10.39
CA LEU A 72 8.43 -1.60 9.84
C LEU A 72 7.41 -1.62 10.97
N ARG A 73 7.66 -2.48 11.95
CA ARG A 73 6.76 -2.62 13.08
C ARG A 73 6.94 -1.45 14.05
N ASP A 74 8.12 -0.84 14.04
CA ASP A 74 8.41 0.29 14.91
C ASP A 74 7.76 1.57 14.38
N MET A 75 7.53 1.62 13.07
CA MET A 75 6.93 2.80 12.45
C MET A 75 5.43 2.83 12.71
N GLY A 76 4.86 1.68 13.06
CA GLY A 76 3.44 1.61 13.32
C GLY A 76 2.72 0.67 12.37
N ILE A 77 3.38 -0.43 12.01
CA ILE A 77 2.79 -1.40 11.10
C ILE A 77 2.32 -2.64 11.85
N THR A 78 1.07 -3.02 11.64
CA THR A 78 0.50 -4.20 12.31
C THR A 78 0.63 -5.45 11.44
N LEU A 79 0.91 -5.26 10.14
CA LEU A 79 1.06 -6.38 9.24
C LEU A 79 1.60 -5.92 7.89
N HIS A 80 2.55 -6.70 7.37
CA HIS A 80 3.17 -6.40 6.09
C HIS A 80 3.49 -7.70 5.35
N LEU A 81 2.88 -7.90 4.19
CA LEU A 81 3.10 -9.11 3.42
C LEU A 81 3.17 -8.86 1.91
N LEU A 82 3.58 -9.89 1.18
CA LEU A 82 3.71 -9.83 -0.26
C LEU A 82 2.42 -10.23 -0.97
N LEU A 83 1.98 -9.40 -1.91
CA LEU A 83 0.77 -9.71 -2.67
C LEU A 83 0.81 -11.14 -3.19
N HIS A 84 2.02 -11.65 -3.37
CA HIS A 84 2.24 -13.01 -3.85
C HIS A 84 2.40 -13.96 -2.68
N SER A 85 1.67 -13.68 -1.60
CA SER A 85 1.72 -14.51 -0.40
C SER A 85 0.37 -14.56 0.28
N ASP A 86 0.31 -15.22 1.44
CA ASP A 86 -0.94 -15.34 2.19
C ASP A 86 -1.23 -14.05 2.95
N ARG A 87 -2.36 -13.43 2.64
CA ARG A 87 -2.75 -12.18 3.29
C ARG A 87 -3.65 -12.45 4.48
N ASP A 88 -3.48 -11.65 5.53
CA ASP A 88 -4.28 -11.79 6.74
C ASP A 88 -5.44 -10.81 6.73
N PRO A 89 -6.60 -11.20 7.28
CA PRO A 89 -7.78 -10.34 7.31
C PRO A 89 -7.77 -9.36 8.47
N ILE A 90 -7.60 -8.08 8.16
CA ILE A 90 -7.58 -7.03 9.19
C ILE A 90 -8.43 -5.85 8.76
N ARG A 91 -9.73 -6.06 8.65
CA ARG A 91 -10.67 -5.03 8.23
C ARG A 91 -10.70 -3.86 9.22
N ASP A 92 -10.28 -4.12 10.45
CA ASP A 92 -10.28 -3.08 11.49
C ASP A 92 -8.97 -2.30 11.51
N VAL A 93 -8.22 -2.34 10.41
CA VAL A 93 -6.95 -1.63 10.33
C VAL A 93 -6.69 -1.13 8.91
N PRO A 94 -6.28 0.15 8.76
CA PRO A 94 -5.98 0.72 7.44
C PRO A 94 -4.78 0.04 6.80
N ALA A 95 -4.91 -0.33 5.53
CA ALA A 95 -3.84 -1.02 4.82
C ALA A 95 -3.24 -0.17 3.71
N VAL A 96 -2.02 -0.54 3.31
CA VAL A 96 -1.30 0.14 2.25
C VAL A 96 -0.86 -0.88 1.21
N TYR A 97 -0.89 -0.50 -0.06
CA TYR A 97 -0.50 -1.42 -1.13
C TYR A 97 0.54 -0.79 -2.06
N PHE A 98 1.76 -0.64 -1.54
CA PHE A 98 2.84 -0.07 -2.33
C PHE A 98 3.41 -1.12 -3.28
N VAL A 99 2.79 -1.25 -4.45
CA VAL A 99 3.21 -2.24 -5.43
C VAL A 99 3.20 -1.68 -6.85
N MET A 100 3.65 -2.51 -7.80
CA MET A 100 3.71 -2.10 -9.19
C MET A 100 2.37 -2.35 -9.89
N PRO A 101 1.90 -1.39 -10.72
CA PRO A 101 0.64 -1.53 -11.43
C PRO A 101 0.72 -2.48 -12.62
N THR A 102 1.34 -3.63 -12.41
CA THR A 102 1.49 -4.63 -13.46
C THR A 102 0.19 -5.39 -13.65
N GLU A 103 0.05 -6.04 -14.80
CA GLU A 103 -1.15 -6.81 -15.12
C GLU A 103 -1.56 -7.70 -13.94
N GLU A 104 -0.60 -8.49 -13.46
CA GLU A 104 -0.86 -9.39 -12.33
C GLU A 104 -1.24 -8.60 -11.08
N ASN A 105 -0.54 -7.50 -10.84
CA ASN A 105 -0.81 -6.67 -9.68
C ASN A 105 -2.24 -6.15 -9.71
N ILE A 106 -2.63 -5.60 -10.86
CA ILE A 106 -3.98 -5.07 -11.02
C ILE A 106 -5.01 -6.09 -10.61
N ASP A 107 -4.70 -7.37 -10.84
CA ASP A 107 -5.60 -8.45 -10.48
C ASP A 107 -5.63 -8.64 -8.96
N ARG A 108 -4.51 -8.33 -8.31
CA ARG A 108 -4.41 -8.47 -6.86
C ARG A 108 -5.19 -7.35 -6.16
N LEU A 109 -5.24 -6.18 -6.80
CA LEU A 109 -5.96 -5.05 -6.24
C LEU A 109 -7.46 -5.36 -6.19
N CYS A 110 -7.95 -5.99 -7.25
CA CYS A 110 -9.35 -6.36 -7.33
C CYS A 110 -9.62 -7.59 -6.46
N GLN A 111 -8.58 -8.38 -6.23
CA GLN A 111 -8.70 -9.58 -5.42
C GLN A 111 -8.71 -9.22 -3.93
N ASP A 112 -7.84 -8.30 -3.53
CA ASP A 112 -7.77 -7.90 -2.14
C ASP A 112 -8.86 -6.88 -1.80
N LEU A 113 -9.26 -6.10 -2.79
CA LEU A 113 -10.30 -5.09 -2.58
C LEU A 113 -11.67 -5.74 -2.43
N ARG A 114 -11.85 -6.89 -3.07
CA ARG A 114 -13.12 -7.61 -2.99
C ARG A 114 -13.21 -8.42 -1.70
N ASN A 115 -12.07 -8.95 -1.26
CA ASN A 115 -12.01 -9.75 -0.05
C ASN A 115 -12.22 -8.88 1.19
N GLN A 116 -11.96 -7.59 1.06
CA GLN A 116 -12.11 -6.66 2.17
C GLN A 116 -11.18 -7.06 3.32
N LEU A 117 -9.97 -7.48 2.96
CA LEU A 117 -8.98 -7.90 3.94
C LEU A 117 -8.72 -6.79 4.95
N TYR A 118 -8.52 -5.57 4.45
CA TYR A 118 -8.23 -4.43 5.30
C TYR A 118 -9.22 -3.30 5.04
N GLU A 119 -9.43 -2.44 6.04
CA GLU A 119 -10.36 -1.33 5.91
C GLU A 119 -9.94 -0.35 4.82
N SER A 120 -8.67 0.05 4.84
CA SER A 120 -8.16 0.98 3.84
C SER A 120 -7.26 0.26 2.85
N TYR A 121 -6.83 0.99 1.81
CA TYR A 121 -5.98 0.41 0.79
C TYR A 121 -5.07 1.47 0.15
N TYR A 122 -4.21 2.08 0.96
CA TYR A 122 -3.29 3.10 0.47
C TYR A 122 -2.42 2.52 -0.64
N LEU A 123 -2.89 2.63 -1.88
CA LEU A 123 -2.17 2.09 -3.02
C LEU A 123 -0.97 2.96 -3.40
N ASN A 124 0.05 2.32 -3.96
CA ASN A 124 1.26 3.02 -4.38
C ASN A 124 1.92 2.27 -5.53
N PHE A 125 1.91 2.88 -6.70
CA PHE A 125 2.50 2.26 -7.89
C PHE A 125 3.94 2.69 -8.12
N ILE A 126 4.79 1.72 -8.45
CA ILE A 126 6.20 2.00 -8.71
C ILE A 126 6.42 2.38 -10.18
N SER A 127 5.56 1.88 -11.05
CA SER A 127 5.67 2.17 -12.48
C SER A 127 4.51 3.05 -12.95
N ALA A 128 4.75 3.80 -14.03
CA ALA A 128 3.75 4.68 -14.58
C ALA A 128 2.57 3.90 -15.14
N ILE A 129 1.49 3.82 -14.36
CA ILE A 129 0.29 3.09 -14.78
C ILE A 129 -0.53 3.93 -15.76
N SER A 130 -1.39 3.26 -16.52
CA SER A 130 -2.24 3.92 -17.49
C SER A 130 -3.70 3.93 -17.05
N ARG A 131 -4.49 4.80 -17.67
CA ARG A 131 -5.91 4.93 -17.34
C ARG A 131 -6.60 3.57 -17.38
N SER A 132 -6.20 2.74 -18.34
CA SER A 132 -6.79 1.41 -18.49
C SER A 132 -6.58 0.58 -17.23
N LYS A 133 -5.32 0.37 -16.87
CA LYS A 133 -4.99 -0.42 -15.67
C LYS A 133 -5.48 0.29 -14.41
N LEU A 134 -5.39 1.61 -14.40
CA LEU A 134 -5.83 2.40 -13.25
C LEU A 134 -7.31 2.16 -12.97
N GLU A 135 -8.13 2.28 -14.01
CA GLU A 135 -9.56 2.08 -13.89
C GLU A 135 -9.86 0.70 -13.29
N ASP A 136 -9.01 -0.27 -13.60
CA ASP A 136 -9.18 -1.62 -13.10
C ASP A 136 -9.03 -1.65 -11.58
N ILE A 137 -7.99 -0.99 -11.07
CA ILE A 137 -7.75 -0.94 -9.63
C ILE A 137 -8.78 -0.05 -8.95
N ALA A 138 -9.01 1.13 -9.52
CA ALA A 138 -9.98 2.06 -8.96
C ALA A 138 -11.33 1.38 -8.85
N ASN A 139 -11.69 0.66 -9.91
CA ASN A 139 -12.95 -0.07 -9.94
C ASN A 139 -12.83 -1.35 -9.13
N ALA A 140 -11.62 -1.88 -9.04
CA ALA A 140 -11.39 -3.10 -8.26
C ALA A 140 -12.02 -2.95 -6.88
N ALA A 141 -11.98 -1.73 -6.37
CA ALA A 141 -12.54 -1.43 -5.06
C ALA A 141 -14.03 -1.10 -5.15
N LEU A 142 -14.40 -0.35 -6.19
CA LEU A 142 -15.79 0.04 -6.39
C LEU A 142 -16.72 -1.16 -6.28
N ALA A 143 -16.19 -2.35 -6.59
CA ALA A 143 -16.99 -3.58 -6.51
C ALA A 143 -17.35 -3.88 -5.07
N ALA A 144 -16.48 -3.50 -4.15
CA ALA A 144 -16.69 -3.72 -2.72
C ALA A 144 -16.87 -2.39 -1.98
N ASN A 145 -16.61 -1.29 -2.68
CA ASN A 145 -16.71 0.03 -2.09
C ASN A 145 -15.67 0.24 -1.00
N ALA A 146 -14.55 -0.47 -1.13
CA ALA A 146 -13.46 -0.36 -0.15
C ALA A 146 -12.75 0.97 -0.29
N VAL A 147 -12.36 1.55 0.85
CA VAL A 147 -11.67 2.83 0.86
C VAL A 147 -10.23 2.66 0.37
N THR A 148 -9.97 3.14 -0.85
CA THR A 148 -8.62 3.04 -1.43
C THR A 148 -8.10 4.40 -1.83
N GLN A 149 -6.78 4.50 -2.01
CA GLN A 149 -6.15 5.74 -2.41
C GLN A 149 -4.86 5.46 -3.17
N VAL A 150 -4.81 5.89 -4.42
CA VAL A 150 -3.64 5.68 -5.26
C VAL A 150 -2.63 6.80 -5.09
N ALA A 151 -1.52 6.50 -4.43
CA ALA A 151 -0.46 7.47 -4.20
C ALA A 151 0.38 7.68 -5.46
N LYS A 152 1.25 8.68 -5.41
CA LYS A 152 2.11 8.99 -6.56
C LYS A 152 3.18 7.92 -6.74
N VAL A 153 3.75 7.87 -7.94
CA VAL A 153 4.80 6.91 -8.26
C VAL A 153 6.18 7.54 -8.14
N PHE A 154 7.13 6.78 -7.61
CA PHE A 154 8.50 7.26 -7.44
C PHE A 154 9.47 6.52 -8.36
N ASP A 155 9.07 5.34 -8.81
CA ASP A 155 9.92 4.52 -9.66
C ASP A 155 9.54 4.64 -11.13
N GLN A 156 8.92 5.75 -11.49
CA GLN A 156 8.52 5.97 -12.88
C GLN A 156 9.70 6.42 -13.74
N TYR A 157 10.69 7.04 -13.10
CA TYR A 157 11.87 7.52 -13.80
C TYR A 157 13.11 6.70 -13.43
N LEU A 158 13.02 5.91 -12.34
CA LEU A 158 14.14 5.10 -11.90
C LEU A 158 13.67 3.73 -11.43
N ASN A 159 14.60 2.91 -10.97
CA ASN A 159 14.29 1.57 -10.49
C ASN A 159 13.71 0.71 -11.60
N ALA A 20 21.29 10.05 -2.05
CA ALA A 20 21.05 10.61 -3.40
C ALA A 20 19.74 11.39 -3.45
N SER A 21 19.70 12.43 -4.26
CA SER A 21 18.50 13.23 -4.40
C SER A 21 17.36 12.38 -4.94
N ILE A 22 17.70 11.46 -5.83
CA ILE A 22 16.73 10.56 -6.43
C ILE A 22 16.22 9.56 -5.39
N ARG A 23 17.15 8.80 -4.81
CA ARG A 23 16.79 7.81 -3.79
C ARG A 23 15.92 8.44 -2.72
N GLU A 24 16.09 9.74 -2.51
CA GLU A 24 15.31 10.47 -1.52
C GLU A 24 13.84 10.46 -1.90
N ARG A 25 13.55 10.87 -3.13
CA ARG A 25 12.17 10.90 -3.63
C ARG A 25 11.47 9.59 -3.33
N GLN A 26 12.20 8.49 -3.46
CA GLN A 26 11.66 7.17 -3.20
C GLN A 26 11.09 7.09 -1.80
N THR A 27 11.90 7.46 -0.81
CA THR A 27 11.48 7.43 0.59
C THR A 27 10.33 8.40 0.83
N VAL A 28 10.18 9.41 -0.03
CA VAL A 28 9.12 10.39 0.12
C VAL A 28 7.76 9.70 0.08
N ALA A 29 7.46 9.05 -1.04
CA ALA A 29 6.20 8.34 -1.19
C ALA A 29 6.06 7.26 -0.13
N LEU A 30 7.19 6.76 0.35
CA LEU A 30 7.22 5.71 1.36
C LEU A 30 6.92 6.26 2.75
N LYS A 31 7.79 7.15 3.23
CA LYS A 31 7.63 7.75 4.55
C LYS A 31 6.18 8.19 4.78
N ARG A 32 5.55 8.71 3.73
CA ARG A 32 4.17 9.15 3.83
C ARG A 32 3.25 7.97 4.12
N MET A 33 3.32 6.95 3.29
CA MET A 33 2.50 5.76 3.45
C MET A 33 2.90 4.97 4.69
N LEU A 34 4.07 5.29 5.23
CA LEU A 34 4.58 4.59 6.41
C LEU A 34 4.45 5.42 7.68
N ASN A 35 4.18 6.73 7.54
CA ASN A 35 4.05 7.59 8.71
C ASN A 35 2.82 8.50 8.65
N PHE A 36 2.45 8.94 7.45
CA PHE A 36 1.28 9.80 7.31
C PHE A 36 0.00 8.98 7.20
N ASN A 37 -0.73 8.92 8.30
CA ASN A 37 -1.98 8.15 8.35
C ASN A 37 -3.10 8.90 7.64
N VAL A 38 -3.71 8.25 6.65
CA VAL A 38 -4.80 8.86 5.89
C VAL A 38 -6.07 8.93 6.73
N PRO A 39 -6.99 9.85 6.39
CA PRO A 39 -8.24 10.03 7.12
C PRO A 39 -8.91 8.71 7.48
N HIS A 40 -9.03 8.45 8.79
CA HIS A 40 -9.65 7.23 9.28
C HIS A 40 -10.84 7.54 10.16
N VAL A 41 -11.57 6.49 10.54
CA VAL A 41 -12.75 6.66 11.39
C VAL A 41 -12.44 6.23 12.83
N LYS A 42 -12.14 7.21 13.68
CA LYS A 42 -11.81 6.94 15.07
C LYS A 42 -13.03 7.15 15.97
N ASN A 43 -13.45 6.08 16.64
CA ASN A 43 -14.61 6.14 17.54
C ASN A 43 -14.17 6.48 18.96
N SER A 44 -12.99 5.99 19.33
CA SER A 44 -12.45 6.24 20.66
C SER A 44 -10.97 6.63 20.58
N PRO A 45 -10.68 7.94 20.50
CA PRO A 45 -9.30 8.44 20.42
C PRO A 45 -8.43 7.93 21.56
N GLY A 46 -7.11 8.01 21.38
CA GLY A 46 -6.20 7.56 22.41
C GLY A 46 -5.42 6.32 21.99
N GLU A 47 -5.97 5.56 21.04
CA GLU A 47 -5.32 4.34 20.57
C GLU A 47 -4.42 4.64 19.37
N PRO A 48 -3.23 4.03 19.32
CA PRO A 48 -2.27 4.23 18.21
C PRO A 48 -2.90 3.92 16.86
N VAL A 49 -2.19 4.27 15.79
CA VAL A 49 -2.68 4.03 14.44
C VAL A 49 -1.84 2.96 13.74
N TRP A 50 -2.35 1.73 13.74
CA TRP A 50 -1.67 0.63 13.08
C TRP A 50 -1.93 0.65 11.58
N LYS A 51 -0.86 0.76 10.80
CA LYS A 51 -0.99 0.78 9.35
C LYS A 51 -0.38 -0.45 8.70
N VAL A 52 -1.14 -1.08 7.80
CA VAL A 52 -0.67 -2.26 7.12
C VAL A 52 -0.03 -1.89 5.78
N LEU A 53 0.78 -2.78 5.23
CA LEU A 53 1.44 -2.53 3.96
C LEU A 53 1.53 -3.80 3.13
N ILE A 54 1.29 -3.67 1.82
CA ILE A 54 1.36 -4.80 0.89
C ILE A 54 2.28 -4.45 -0.26
N TYR A 55 3.49 -5.00 -0.26
CA TYR A 55 4.44 -4.71 -1.32
C TYR A 55 4.57 -5.85 -2.31
N ASP A 56 5.23 -5.56 -3.42
CA ASP A 56 5.44 -6.53 -4.48
C ASP A 56 6.93 -6.63 -4.81
N ARG A 57 7.24 -7.32 -5.91
CA ARG A 57 8.63 -7.48 -6.35
C ARG A 57 9.40 -6.16 -6.24
N PHE A 58 8.86 -5.12 -6.84
CA PHE A 58 9.49 -3.80 -6.79
C PHE A 58 9.29 -3.16 -5.43
N GLY A 59 8.11 -3.35 -4.86
CA GLY A 59 7.81 -2.79 -3.55
C GLY A 59 8.91 -3.06 -2.54
N GLN A 60 9.29 -4.33 -2.42
CA GLN A 60 10.35 -4.71 -1.49
C GLN A 60 11.70 -4.20 -2.00
N ASP A 61 11.83 -4.11 -3.32
CA ASP A 61 13.05 -3.62 -3.95
C ASP A 61 13.32 -2.15 -3.59
N ILE A 62 12.32 -1.49 -3.01
CA ILE A 62 12.45 -0.09 -2.65
C ILE A 62 12.25 0.13 -1.15
N ILE A 63 11.27 -0.56 -0.58
CA ILE A 63 10.98 -0.43 0.84
C ILE A 63 12.14 -0.93 1.71
N SER A 64 12.69 -2.08 1.36
CA SER A 64 13.79 -2.66 2.13
C SER A 64 15.01 -1.73 2.14
N PRO A 65 15.52 -1.34 0.96
CA PRO A 65 16.69 -0.46 0.86
C PRO A 65 16.57 0.75 1.77
N LEU A 66 15.33 1.15 2.08
CA LEU A 66 15.08 2.29 2.94
C LEU A 66 14.25 1.90 4.16
N LEU A 67 14.20 0.60 4.45
CA LEU A 67 13.43 0.10 5.57
C LEU A 67 13.73 -1.38 5.85
N SER A 68 13.47 -1.81 7.08
CA SER A 68 13.72 -3.21 7.46
C SER A 68 12.50 -3.81 8.14
N VAL A 69 12.58 -5.11 8.45
CA VAL A 69 11.48 -5.82 9.09
C VAL A 69 11.21 -5.28 10.48
N LYS A 70 12.25 -5.17 11.28
CA LYS A 70 12.13 -4.67 12.65
C LYS A 70 11.70 -3.21 12.67
N GLU A 71 12.16 -2.44 11.69
CA GLU A 71 11.79 -1.03 11.61
C GLU A 71 10.36 -0.90 11.13
N LEU A 72 9.93 -1.88 10.33
CA LEU A 72 8.57 -1.91 9.81
C LEU A 72 7.57 -1.96 10.96
N ARG A 73 7.81 -2.87 11.89
CA ARG A 73 6.95 -3.03 13.06
C ARG A 73 7.20 -1.93 14.08
N ASP A 74 8.40 -1.36 14.05
CA ASP A 74 8.77 -0.30 14.98
C ASP A 74 8.16 1.04 14.57
N MET A 75 7.68 1.13 13.33
CA MET A 75 7.07 2.36 12.84
C MET A 75 5.57 2.39 13.11
N GLY A 76 5.00 1.20 13.34
CA GLY A 76 3.58 1.12 13.61
C GLY A 76 2.85 0.28 12.57
N ILE A 77 3.50 -0.77 12.09
CA ILE A 77 2.88 -1.65 11.10
C ILE A 77 2.27 -2.88 11.76
N THR A 78 1.00 -3.12 11.48
CA THR A 78 0.29 -4.26 12.04
C THR A 78 0.50 -5.52 11.21
N LEU A 79 0.92 -5.35 9.95
CA LEU A 79 1.14 -6.49 9.07
C LEU A 79 1.72 -6.03 7.74
N HIS A 80 2.71 -6.78 7.25
CA HIS A 80 3.35 -6.48 5.98
C HIS A 80 3.65 -7.77 5.22
N LEU A 81 3.03 -7.93 4.05
CA LEU A 81 3.25 -9.14 3.26
C LEU A 81 3.14 -8.88 1.76
N LEU A 82 3.55 -9.88 0.98
CA LEU A 82 3.54 -9.81 -0.48
C LEU A 82 2.15 -10.07 -1.06
N LEU A 83 1.73 -9.22 -1.98
CA LEU A 83 0.43 -9.39 -2.63
C LEU A 83 0.28 -10.82 -3.15
N HIS A 84 1.42 -11.46 -3.41
CA HIS A 84 1.44 -12.83 -3.91
C HIS A 84 1.65 -13.81 -2.77
N SER A 85 1.04 -13.54 -1.63
CA SER A 85 1.18 -14.40 -0.46
C SER A 85 -0.08 -14.37 0.39
N ASP A 86 -0.19 -15.32 1.31
CA ASP A 86 -1.35 -15.40 2.20
C ASP A 86 -1.47 -14.14 3.04
N ARG A 87 -2.48 -13.33 2.74
CA ARG A 87 -2.70 -12.08 3.47
C ARG A 87 -3.49 -12.34 4.76
N ASP A 88 -3.22 -11.52 5.77
CA ASP A 88 -3.91 -11.65 7.05
C ASP A 88 -5.16 -10.78 7.06
N PRO A 89 -6.26 -11.28 7.65
CA PRO A 89 -7.51 -10.54 7.71
C PRO A 89 -7.56 -9.53 8.86
N ILE A 90 -7.52 -8.24 8.50
CA ILE A 90 -7.56 -7.17 9.49
C ILE A 90 -8.44 -6.02 9.00
N ARG A 91 -9.75 -6.26 8.96
CA ARG A 91 -10.70 -5.26 8.51
C ARG A 91 -10.75 -4.05 9.44
N ASP A 92 -10.33 -4.25 10.68
CA ASP A 92 -10.33 -3.18 11.67
C ASP A 92 -9.02 -2.41 11.69
N VAL A 93 -8.26 -2.48 10.60
CA VAL A 93 -6.98 -1.80 10.52
C VAL A 93 -6.69 -1.31 9.09
N PRO A 94 -6.38 0.00 8.92
CA PRO A 94 -6.07 0.56 7.61
C PRO A 94 -4.88 -0.15 6.97
N ALA A 95 -4.96 -0.40 5.66
CA ALA A 95 -3.88 -1.09 4.97
C ALA A 95 -3.27 -0.22 3.88
N VAL A 96 -2.07 -0.61 3.46
CA VAL A 96 -1.33 0.09 2.41
C VAL A 96 -0.85 -0.90 1.36
N TYR A 97 -0.84 -0.48 0.11
CA TYR A 97 -0.40 -1.36 -0.97
C TYR A 97 0.60 -0.64 -1.88
N PHE A 98 1.89 -0.79 -1.57
CA PHE A 98 2.93 -0.16 -2.37
C PHE A 98 3.53 -1.17 -3.34
N VAL A 99 2.92 -1.27 -4.52
CA VAL A 99 3.37 -2.22 -5.52
C VAL A 99 3.23 -1.66 -6.94
N MET A 100 3.70 -2.41 -7.91
CA MET A 100 3.64 -1.99 -9.31
C MET A 100 2.25 -2.21 -9.89
N PRO A 101 1.78 -1.28 -10.74
CA PRO A 101 0.46 -1.40 -11.36
C PRO A 101 0.49 -2.34 -12.57
N THR A 102 1.10 -3.51 -12.38
CA THR A 102 1.21 -4.49 -13.45
C THR A 102 -0.07 -5.32 -13.57
N GLU A 103 -0.25 -5.94 -14.72
CA GLU A 103 -1.43 -6.77 -14.98
C GLU A 103 -1.75 -7.67 -13.80
N GLU A 104 -0.75 -8.43 -13.35
CA GLU A 104 -0.93 -9.35 -12.22
C GLU A 104 -1.25 -8.59 -10.95
N ASN A 105 -0.60 -7.44 -10.75
CA ASN A 105 -0.82 -6.62 -9.57
C ASN A 105 -2.25 -6.08 -9.56
N ILE A 106 -2.68 -5.56 -10.70
CA ILE A 106 -4.03 -5.02 -10.82
C ILE A 106 -5.06 -6.06 -10.40
N ASP A 107 -4.77 -7.32 -10.70
CA ASP A 107 -5.66 -8.41 -10.33
C ASP A 107 -5.59 -8.65 -8.83
N ARG A 108 -4.43 -8.34 -8.24
CA ARG A 108 -4.23 -8.52 -6.81
C ARG A 108 -5.05 -7.50 -6.03
N LEU A 109 -5.07 -6.25 -6.51
CA LEU A 109 -5.84 -5.20 -5.86
C LEU A 109 -7.31 -5.59 -5.83
N CYS A 110 -7.74 -6.27 -6.89
CA CYS A 110 -9.11 -6.73 -7.01
C CYS A 110 -9.35 -7.96 -6.14
N GLN A 111 -8.28 -8.69 -5.85
CA GLN A 111 -8.36 -9.89 -5.03
C GLN A 111 -8.44 -9.53 -3.56
N ASP A 112 -7.61 -8.58 -3.13
CA ASP A 112 -7.59 -8.16 -1.74
C ASP A 112 -8.74 -7.21 -1.43
N LEU A 113 -9.18 -6.47 -2.44
CA LEU A 113 -10.29 -5.52 -2.26
C LEU A 113 -11.62 -6.25 -2.10
N ARG A 114 -11.75 -7.38 -2.78
CA ARG A 114 -12.97 -8.18 -2.72
C ARG A 114 -13.03 -8.99 -1.43
N ASN A 115 -11.86 -9.38 -0.93
CA ASN A 115 -11.77 -10.14 0.31
C ASN A 115 -11.99 -9.27 1.53
N GLN A 116 -11.79 -7.96 1.37
CA GLN A 116 -11.97 -7.02 2.47
C GLN A 116 -11.02 -7.37 3.62
N LEU A 117 -9.81 -7.78 3.27
CA LEU A 117 -8.81 -8.15 4.25
C LEU A 117 -8.48 -6.98 5.18
N TYR A 118 -8.48 -5.77 4.64
CA TYR A 118 -8.18 -4.58 5.43
C TYR A 118 -9.19 -3.46 5.16
N GLU A 119 -9.38 -2.59 6.15
CA GLU A 119 -10.33 -1.49 6.04
C GLU A 119 -9.93 -0.49 4.95
N SER A 120 -8.67 -0.07 4.96
CA SER A 120 -8.18 0.88 3.97
C SER A 120 -7.26 0.19 2.96
N TYR A 121 -6.86 0.92 1.93
CA TYR A 121 -5.98 0.38 0.91
C TYR A 121 -5.15 1.47 0.24
N TYR A 122 -4.27 2.10 1.02
CA TYR A 122 -3.40 3.14 0.49
C TYR A 122 -2.46 2.56 -0.55
N LEU A 123 -2.89 2.62 -1.82
CA LEU A 123 -2.11 2.06 -2.92
C LEU A 123 -0.96 2.99 -3.32
N ASN A 124 0.10 2.38 -3.84
CA ASN A 124 1.28 3.11 -4.29
C ASN A 124 1.93 2.36 -5.46
N PHE A 125 1.84 2.95 -6.64
CA PHE A 125 2.40 2.32 -7.84
C PHE A 125 3.87 2.70 -8.05
N ILE A 126 4.68 1.71 -8.39
CA ILE A 126 6.11 1.91 -8.63
C ILE A 126 6.36 2.55 -9.98
N SER A 127 5.61 2.11 -10.99
CA SER A 127 5.74 2.64 -12.34
C SER A 127 4.55 3.52 -12.72
N ALA A 128 4.60 4.10 -13.91
CA ALA A 128 3.52 4.96 -14.39
C ALA A 128 2.37 4.15 -14.96
N ILE A 129 1.23 4.19 -14.27
CA ILE A 129 0.05 3.45 -14.71
C ILE A 129 -0.89 4.37 -15.50
N SER A 130 -1.76 3.77 -16.29
CA SER A 130 -2.71 4.52 -17.11
C SER A 130 -4.11 4.46 -16.53
N ARG A 131 -4.98 5.36 -16.99
CA ARG A 131 -6.35 5.41 -16.51
C ARG A 131 -7.05 4.07 -16.68
N SER A 132 -6.72 3.37 -17.77
CA SER A 132 -7.32 2.07 -18.05
C SER A 132 -7.09 1.10 -16.89
N LYS A 133 -5.83 0.97 -16.47
CA LYS A 133 -5.47 0.08 -15.38
C LYS A 133 -5.79 0.72 -14.03
N LEU A 134 -5.63 2.04 -13.95
CA LEU A 134 -5.91 2.76 -12.72
C LEU A 134 -7.37 2.60 -12.31
N GLU A 135 -8.24 2.41 -13.30
CA GLU A 135 -9.64 2.21 -13.03
C GLU A 135 -9.86 0.79 -12.55
N ASP A 136 -9.18 -0.14 -13.21
CA ASP A 136 -9.28 -1.56 -12.86
C ASP A 136 -9.10 -1.74 -11.36
N ILE A 137 -8.05 -1.13 -10.80
CA ILE A 137 -7.79 -1.20 -9.38
C ILE A 137 -8.86 -0.46 -8.59
N ALA A 138 -9.08 0.81 -8.94
CA ALA A 138 -10.09 1.61 -8.28
C ALA A 138 -11.43 0.89 -8.33
N ASN A 139 -11.69 0.26 -9.47
CA ASN A 139 -12.91 -0.50 -9.67
C ASN A 139 -12.82 -1.81 -8.93
N ALA A 140 -11.59 -2.33 -8.81
CA ALA A 140 -11.38 -3.58 -8.09
C ALA A 140 -12.07 -3.50 -6.73
N ALA A 141 -12.13 -2.28 -6.20
CA ALA A 141 -12.77 -2.03 -4.91
C ALA A 141 -14.26 -1.81 -5.08
N LEU A 142 -14.64 -1.15 -6.19
CA LEU A 142 -16.05 -0.87 -6.47
C LEU A 142 -16.92 -2.10 -6.23
N ALA A 143 -16.32 -3.27 -6.45
CA ALA A 143 -17.03 -4.54 -6.26
C ALA A 143 -17.38 -4.75 -4.80
N ALA A 144 -16.44 -4.44 -3.91
CA ALA A 144 -16.65 -4.60 -2.47
C ALA A 144 -16.86 -3.25 -1.79
N ASN A 145 -16.85 -2.17 -2.57
CA ASN A 145 -17.01 -0.83 -2.02
C ASN A 145 -15.97 -0.54 -0.96
N ALA A 146 -14.71 -0.80 -1.29
CA ALA A 146 -13.61 -0.56 -0.37
C ALA A 146 -13.00 0.81 -0.59
N VAL A 147 -12.29 1.30 0.43
CA VAL A 147 -11.65 2.60 0.36
C VAL A 147 -10.20 2.47 -0.08
N THR A 148 -9.90 2.94 -1.29
CA THR A 148 -8.55 2.87 -1.82
C THR A 148 -8.11 4.20 -2.42
N GLN A 149 -6.81 4.36 -2.60
CA GLN A 149 -6.26 5.58 -3.17
C GLN A 149 -4.85 5.33 -3.69
N VAL A 150 -4.67 5.52 -5.00
CA VAL A 150 -3.38 5.31 -5.63
C VAL A 150 -2.47 6.51 -5.44
N ALA A 151 -1.50 6.37 -4.55
CA ALA A 151 -0.55 7.44 -4.26
C ALA A 151 0.35 7.73 -5.45
N LYS A 152 1.25 8.70 -5.29
CA LYS A 152 2.17 9.08 -6.35
C LYS A 152 3.18 7.96 -6.64
N VAL A 153 3.86 8.07 -7.77
CA VAL A 153 4.85 7.08 -8.17
C VAL A 153 6.28 7.64 -8.07
N PHE A 154 7.24 6.77 -7.83
CA PHE A 154 8.64 7.18 -7.71
C PHE A 154 9.50 6.55 -8.80
N ASP A 155 9.42 5.23 -8.89
CA ASP A 155 10.19 4.46 -9.86
C ASP A 155 9.97 4.94 -11.30
N GLN A 156 8.96 5.77 -11.51
CA GLN A 156 8.65 6.27 -12.84
C GLN A 156 9.85 6.99 -13.46
N TYR A 157 10.77 7.47 -12.62
CA TYR A 157 11.95 8.16 -13.12
C TYR A 157 13.24 7.38 -12.85
N LEU A 158 13.20 6.44 -11.91
CA LEU A 158 14.39 5.64 -11.59
C LEU A 158 14.03 4.17 -11.36
N ASN A 159 15.01 3.40 -10.89
CA ASN A 159 14.82 1.98 -10.62
C ASN A 159 14.13 1.29 -11.80
N ALA A 20 20.73 10.68 -2.13
CA ALA A 20 20.40 11.13 -3.51
C ALA A 20 19.02 11.78 -3.57
N SER A 21 18.85 12.73 -4.47
CA SER A 21 17.58 13.42 -4.62
C SER A 21 16.48 12.45 -5.01
N ILE A 22 16.72 11.68 -6.07
CA ILE A 22 15.75 10.70 -6.54
C ILE A 22 15.43 9.67 -5.46
N ARG A 23 16.47 9.02 -4.94
CA ARG A 23 16.29 8.00 -3.90
C ARG A 23 15.39 8.54 -2.79
N GLU A 24 15.57 9.81 -2.46
CA GLU A 24 14.77 10.45 -1.43
C GLU A 24 13.29 10.41 -1.81
N ARG A 25 13.00 10.77 -3.06
CA ARG A 25 11.63 10.76 -3.55
C ARG A 25 10.99 9.40 -3.31
N GLN A 26 11.76 8.34 -3.48
CA GLN A 26 11.27 6.99 -3.27
C GLN A 26 10.68 6.86 -1.87
N THR A 27 11.42 7.35 -0.88
CA THR A 27 10.98 7.29 0.51
C THR A 27 9.83 8.28 0.76
N VAL A 28 9.82 9.39 0.02
CA VAL A 28 8.77 10.40 0.17
C VAL A 28 7.39 9.74 0.14
N ALA A 29 7.14 8.96 -0.91
CA ALA A 29 5.86 8.26 -1.04
C ALA A 29 5.71 7.19 0.03
N LEU A 30 6.82 6.52 0.35
CA LEU A 30 6.82 5.47 1.35
C LEU A 30 6.52 6.02 2.74
N LYS A 31 7.42 6.85 3.25
CA LYS A 31 7.27 7.47 4.56
C LYS A 31 5.86 8.01 4.76
N ARG A 32 5.27 8.55 3.70
CA ARG A 32 3.93 9.10 3.77
C ARG A 32 2.93 8.03 4.20
N MET A 33 2.96 6.90 3.51
CA MET A 33 2.06 5.79 3.81
C MET A 33 2.54 4.98 5.01
N LEU A 34 3.82 5.12 5.33
CA LEU A 34 4.40 4.39 6.47
C LEU A 34 4.39 5.23 7.74
N ASN A 35 4.10 6.52 7.62
CA ASN A 35 4.07 7.40 8.79
C ASN A 35 2.85 8.32 8.80
N PHE A 36 2.43 8.80 7.63
CA PHE A 36 1.28 9.68 7.57
C PHE A 36 -0.02 8.87 7.44
N ASN A 37 -0.73 8.75 8.56
CA ASN A 37 -1.98 8.00 8.58
C ASN A 37 -3.08 8.80 7.88
N VAL A 38 -3.84 8.11 7.02
CA VAL A 38 -4.92 8.76 6.28
C VAL A 38 -6.09 9.10 7.20
N PRO A 39 -6.91 10.09 6.81
CA PRO A 39 -8.08 10.50 7.60
C PRO A 39 -8.91 9.33 8.10
N HIS A 40 -8.63 8.89 9.32
CA HIS A 40 -9.35 7.76 9.91
C HIS A 40 -10.04 8.19 11.21
N VAL A 41 -11.23 7.66 11.44
CA VAL A 41 -11.99 7.98 12.64
C VAL A 41 -11.44 7.23 13.86
N LYS A 42 -10.80 7.98 14.76
CA LYS A 42 -10.22 7.39 15.96
C LYS A 42 -11.28 7.26 17.05
N ASN A 43 -11.71 6.03 17.32
CA ASN A 43 -12.71 5.77 18.34
C ASN A 43 -12.08 5.72 19.72
N SER A 44 -11.23 4.72 19.95
CA SER A 44 -10.57 4.55 21.23
C SER A 44 -9.45 5.59 21.41
N PRO A 45 -9.62 6.55 22.33
CA PRO A 45 -8.62 7.59 22.58
C PRO A 45 -7.41 7.07 23.34
N GLY A 46 -6.23 7.54 22.96
CA GLY A 46 -5.00 7.11 23.61
C GLY A 46 -4.33 5.96 22.87
N GLU A 47 -5.10 5.21 22.10
CA GLU A 47 -4.56 4.08 21.35
C GLU A 47 -3.97 4.55 20.03
N PRO A 48 -2.84 3.94 19.60
CA PRO A 48 -2.18 4.29 18.34
C PRO A 48 -2.97 3.81 17.12
N VAL A 49 -2.58 4.29 15.95
CA VAL A 49 -3.24 3.90 14.71
C VAL A 49 -2.36 2.96 13.89
N TRP A 50 -2.65 1.66 14.00
CA TRP A 50 -1.89 0.66 13.27
C TRP A 50 -2.17 0.75 11.78
N LYS A 51 -1.25 0.24 10.96
CA LYS A 51 -1.40 0.27 9.52
C LYS A 51 -0.80 -0.97 8.87
N VAL A 52 -1.41 -1.41 7.78
CA VAL A 52 -0.95 -2.57 7.06
C VAL A 52 -0.26 -2.15 5.76
N LEU A 53 0.55 -3.04 5.19
CA LEU A 53 1.25 -2.73 3.96
C LEU A 53 1.38 -3.98 3.07
N ILE A 54 1.23 -3.78 1.77
CA ILE A 54 1.33 -4.86 0.80
C ILE A 54 2.24 -4.44 -0.34
N TYR A 55 3.44 -5.02 -0.37
CA TYR A 55 4.39 -4.68 -1.41
C TYR A 55 4.65 -5.87 -2.32
N ASP A 56 5.08 -5.57 -3.54
CA ASP A 56 5.38 -6.59 -4.53
C ASP A 56 6.89 -6.72 -4.67
N ARG A 57 7.33 -7.49 -5.67
CA ARG A 57 8.77 -7.67 -5.90
C ARG A 57 9.47 -6.32 -5.90
N PHE A 58 8.86 -5.34 -6.55
CA PHE A 58 9.43 -3.99 -6.60
C PHE A 58 9.17 -3.25 -5.30
N GLY A 59 7.97 -3.43 -4.75
CA GLY A 59 7.62 -2.78 -3.49
C GLY A 59 8.67 -3.04 -2.42
N GLN A 60 9.18 -4.25 -2.39
CA GLN A 60 10.21 -4.63 -1.43
C GLN A 60 11.56 -4.10 -1.91
N ASP A 61 11.69 -3.95 -3.22
CA ASP A 61 12.91 -3.45 -3.83
C ASP A 61 13.14 -1.98 -3.48
N ILE A 62 12.13 -1.34 -2.91
CA ILE A 62 12.22 0.07 -2.55
C ILE A 62 11.99 0.30 -1.06
N ILE A 63 11.03 -0.41 -0.50
CA ILE A 63 10.72 -0.27 0.92
C ILE A 63 11.90 -0.69 1.78
N SER A 64 12.51 -1.81 1.44
CA SER A 64 13.65 -2.32 2.19
C SER A 64 14.85 -1.34 2.18
N PRO A 65 15.34 -0.96 0.98
CA PRO A 65 16.49 -0.04 0.87
C PRO A 65 16.34 1.18 1.76
N LEU A 66 15.10 1.53 2.11
CA LEU A 66 14.84 2.68 2.96
C LEU A 66 13.99 2.29 4.16
N LEU A 67 13.96 0.99 4.48
CA LEU A 67 13.18 0.49 5.60
C LEU A 67 13.53 -0.97 5.91
N SER A 68 13.31 -1.37 7.16
CA SER A 68 13.60 -2.75 7.57
C SER A 68 12.41 -3.37 8.29
N VAL A 69 12.56 -4.64 8.66
CA VAL A 69 11.49 -5.36 9.37
C VAL A 69 11.21 -4.74 10.72
N LYS A 70 12.26 -4.55 11.51
CA LYS A 70 12.12 -3.98 12.85
C LYS A 70 11.60 -2.55 12.77
N GLU A 71 12.01 -1.82 11.74
CA GLU A 71 11.55 -0.44 11.57
C GLU A 71 10.10 -0.46 11.09
N LEU A 72 9.76 -1.50 10.33
CA LEU A 72 8.41 -1.66 9.81
C LEU A 72 7.41 -1.73 10.95
N ARG A 73 7.69 -2.59 11.92
CA ARG A 73 6.81 -2.75 13.07
C ARG A 73 6.99 -1.61 14.06
N ASP A 74 8.15 -0.97 14.03
CA ASP A 74 8.44 0.14 14.93
C ASP A 74 7.77 1.43 14.46
N MET A 75 7.40 1.49 13.19
CA MET A 75 6.76 2.68 12.64
C MET A 75 5.27 2.67 12.91
N GLY A 76 4.72 1.50 13.20
CA GLY A 76 3.31 1.38 13.48
C GLY A 76 2.60 0.48 12.49
N ILE A 77 3.29 -0.56 12.03
CA ILE A 77 2.70 -1.49 11.08
C ILE A 77 2.18 -2.74 11.78
N THR A 78 0.92 -3.07 11.52
CA THR A 78 0.29 -4.23 12.15
C THR A 78 0.52 -5.50 11.32
N LEU A 79 0.93 -5.32 10.06
CA LEU A 79 1.16 -6.48 9.19
C LEU A 79 1.72 -6.05 7.83
N HIS A 80 2.66 -6.83 7.34
CA HIS A 80 3.30 -6.58 6.05
C HIS A 80 3.55 -7.90 5.33
N LEU A 81 3.18 -7.98 4.06
CA LEU A 81 3.38 -9.21 3.30
C LEU A 81 3.34 -8.97 1.80
N LEU A 82 3.78 -10.00 1.06
CA LEU A 82 3.84 -9.97 -0.40
C LEU A 82 2.50 -10.34 -1.02
N LEU A 83 2.06 -9.56 -1.99
CA LEU A 83 0.81 -9.85 -2.69
C LEU A 83 0.79 -11.31 -3.16
N HIS A 84 1.97 -11.89 -3.32
CA HIS A 84 2.10 -13.27 -3.76
C HIS A 84 2.29 -14.19 -2.56
N SER A 85 1.59 -13.89 -1.48
CA SER A 85 1.69 -14.69 -0.25
C SER A 85 0.33 -14.83 0.41
N ASP A 86 0.30 -15.54 1.53
CA ASP A 86 -0.95 -15.74 2.27
C ASP A 86 -1.24 -14.55 3.17
N ARG A 87 -2.16 -13.70 2.74
CA ARG A 87 -2.53 -12.52 3.51
C ARG A 87 -3.43 -12.88 4.69
N ASP A 88 -3.57 -11.94 5.62
CA ASP A 88 -4.41 -12.13 6.79
C ASP A 88 -5.54 -11.12 6.80
N PRO A 89 -6.69 -11.47 7.41
CA PRO A 89 -7.84 -10.57 7.45
C PRO A 89 -7.84 -9.62 8.64
N ILE A 90 -7.64 -8.34 8.36
CA ILE A 90 -7.63 -7.31 9.40
C ILE A 90 -8.53 -6.14 8.99
N ARG A 91 -9.83 -6.40 8.99
CA ARG A 91 -10.83 -5.41 8.59
C ARG A 91 -10.82 -4.20 9.54
N ASP A 92 -10.33 -4.40 10.75
CA ASP A 92 -10.31 -3.33 11.75
C ASP A 92 -8.99 -2.56 11.72
N VAL A 93 -8.27 -2.61 10.60
CA VAL A 93 -7.00 -1.91 10.49
C VAL A 93 -6.74 -1.46 9.05
N PRO A 94 -6.40 -0.16 8.85
CA PRO A 94 -6.10 0.38 7.52
C PRO A 94 -4.93 -0.36 6.87
N ALA A 95 -5.02 -0.59 5.56
CA ALA A 95 -3.97 -1.29 4.84
C ALA A 95 -3.35 -0.44 3.74
N VAL A 96 -2.13 -0.79 3.37
CA VAL A 96 -1.39 -0.10 2.31
C VAL A 96 -0.95 -1.10 1.26
N TYR A 97 -1.06 -0.73 0.00
CA TYR A 97 -0.66 -1.64 -1.08
C TYR A 97 0.34 -0.98 -2.02
N PHE A 98 1.58 -0.83 -1.56
CA PHE A 98 2.63 -0.23 -2.37
C PHE A 98 3.20 -1.26 -3.34
N VAL A 99 2.58 -1.37 -4.51
CA VAL A 99 3.01 -2.34 -5.51
C VAL A 99 3.00 -1.76 -6.92
N MET A 100 3.45 -2.56 -7.88
CA MET A 100 3.51 -2.15 -9.28
C MET A 100 2.13 -2.17 -9.92
N PRO A 101 1.90 -1.33 -10.95
CA PRO A 101 0.63 -1.28 -11.65
C PRO A 101 0.63 -2.16 -12.88
N THR A 102 1.25 -3.32 -12.76
CA THR A 102 1.35 -4.27 -13.84
C THR A 102 0.07 -5.08 -13.98
N GLU A 103 -0.20 -5.54 -15.20
CA GLU A 103 -1.41 -6.34 -15.47
C GLU A 103 -1.70 -7.32 -14.35
N GLU A 104 -0.68 -8.07 -13.95
CA GLU A 104 -0.82 -9.04 -12.87
C GLU A 104 -1.17 -8.35 -11.57
N ASN A 105 -0.48 -7.25 -11.29
CA ASN A 105 -0.73 -6.49 -10.07
C ASN A 105 -2.16 -5.96 -10.04
N ILE A 106 -2.62 -5.45 -11.19
CA ILE A 106 -3.97 -4.93 -11.28
C ILE A 106 -4.98 -5.98 -10.83
N ASP A 107 -4.66 -7.24 -11.10
CA ASP A 107 -5.53 -8.34 -10.70
C ASP A 107 -5.42 -8.59 -9.20
N ARG A 108 -4.27 -8.22 -8.63
CA ARG A 108 -4.03 -8.39 -7.20
C ARG A 108 -4.86 -7.40 -6.38
N LEU A 109 -5.03 -6.19 -6.92
CA LEU A 109 -5.81 -5.18 -6.24
C LEU A 109 -7.27 -5.59 -6.17
N CYS A 110 -7.78 -6.09 -7.29
CA CYS A 110 -9.16 -6.55 -7.37
C CYS A 110 -9.38 -7.80 -6.54
N GLN A 111 -8.32 -8.57 -6.37
CA GLN A 111 -8.38 -9.80 -5.59
C GLN A 111 -8.40 -9.50 -4.10
N ASP A 112 -7.56 -8.55 -3.68
CA ASP A 112 -7.48 -8.16 -2.28
C ASP A 112 -8.59 -7.18 -1.91
N LEU A 113 -8.97 -6.33 -2.86
CA LEU A 113 -10.01 -5.34 -2.63
C LEU A 113 -11.38 -6.01 -2.44
N ARG A 114 -11.56 -7.17 -3.07
CA ARG A 114 -12.81 -7.90 -2.97
C ARG A 114 -12.85 -8.75 -1.70
N ASN A 115 -11.68 -9.25 -1.30
CA ASN A 115 -11.56 -10.08 -0.11
C ASN A 115 -11.85 -9.27 1.15
N GLN A 116 -11.65 -7.96 1.07
CA GLN A 116 -11.88 -7.08 2.21
C GLN A 116 -10.93 -7.45 3.36
N LEU A 117 -9.73 -7.89 2.99
CA LEU A 117 -8.72 -8.29 3.97
C LEU A 117 -8.42 -7.16 4.95
N TYR A 118 -8.61 -5.92 4.51
CA TYR A 118 -8.34 -4.77 5.36
C TYR A 118 -9.37 -3.67 5.16
N GLU A 119 -9.44 -2.73 6.10
CA GLU A 119 -10.38 -1.62 6.05
C GLU A 119 -9.98 -0.62 4.97
N SER A 120 -8.72 -0.22 4.97
CA SER A 120 -8.23 0.74 4.00
C SER A 120 -7.36 0.06 2.95
N TYR A 121 -6.95 0.80 1.94
CA TYR A 121 -6.12 0.26 0.87
C TYR A 121 -5.24 1.34 0.24
N TYR A 122 -4.32 1.87 1.04
CA TYR A 122 -3.40 2.90 0.55
C TYR A 122 -2.57 2.34 -0.60
N LEU A 123 -3.08 2.48 -1.82
CA LEU A 123 -2.38 1.97 -2.99
C LEU A 123 -1.21 2.86 -3.39
N ASN A 124 -0.19 2.25 -3.99
CA ASN A 124 0.99 2.96 -4.44
C ASN A 124 1.66 2.22 -5.58
N PHE A 125 1.69 2.84 -6.75
CA PHE A 125 2.29 2.23 -7.93
C PHE A 125 3.73 2.65 -8.13
N ILE A 126 4.59 1.69 -8.45
CA ILE A 126 6.01 1.97 -8.68
C ILE A 126 6.24 2.53 -10.08
N SER A 127 5.33 2.24 -11.01
CA SER A 127 5.47 2.72 -12.38
C SER A 127 4.34 3.68 -12.72
N ALA A 128 4.41 4.26 -13.92
CA ALA A 128 3.38 5.21 -14.37
C ALA A 128 2.20 4.48 -14.98
N ILE A 129 1.27 4.06 -14.13
CA ILE A 129 0.07 3.36 -14.59
C ILE A 129 -0.74 4.22 -15.55
N SER A 130 -1.60 3.60 -16.34
CA SER A 130 -2.43 4.31 -17.31
C SER A 130 -3.86 4.48 -16.81
N ARG A 131 -4.55 5.48 -17.33
CA ARG A 131 -5.93 5.76 -16.94
C ARG A 131 -6.78 4.49 -17.02
N SER A 132 -6.51 3.66 -18.02
CA SER A 132 -7.25 2.42 -18.20
C SER A 132 -6.93 1.43 -17.09
N LYS A 133 -5.63 1.21 -16.88
CA LYS A 133 -5.17 0.29 -15.85
C LYS A 133 -5.63 0.77 -14.46
N LEU A 134 -5.66 2.09 -14.28
CA LEU A 134 -6.08 2.67 -13.01
C LEU A 134 -7.56 2.38 -12.76
N GLU A 135 -8.37 2.52 -13.80
CA GLU A 135 -9.80 2.26 -13.68
C GLU A 135 -10.04 0.86 -13.16
N ASP A 136 -9.16 -0.07 -13.53
CA ASP A 136 -9.28 -1.46 -13.09
C ASP A 136 -9.14 -1.54 -11.57
N ILE A 137 -8.07 -0.98 -11.04
CA ILE A 137 -7.84 -0.99 -9.60
C ILE A 137 -8.89 -0.16 -8.88
N ALA A 138 -9.19 1.02 -9.42
CA ALA A 138 -10.19 1.89 -8.81
C ALA A 138 -11.50 1.15 -8.71
N ASN A 139 -11.84 0.42 -9.77
CA ASN A 139 -13.06 -0.37 -9.81
C ASN A 139 -12.90 -1.65 -9.00
N ALA A 140 -11.66 -2.14 -8.94
CA ALA A 140 -11.38 -3.35 -8.17
C ALA A 140 -11.97 -3.23 -6.77
N ALA A 141 -11.98 -2.01 -6.26
CA ALA A 141 -12.51 -1.73 -4.93
C ALA A 141 -14.01 -1.47 -4.99
N LEU A 142 -14.44 -0.74 -6.00
CA LEU A 142 -15.85 -0.40 -6.16
C LEU A 142 -16.72 -1.64 -6.04
N ALA A 143 -16.16 -2.80 -6.38
CA ALA A 143 -16.90 -4.05 -6.28
C ALA A 143 -17.23 -4.36 -4.83
N ALA A 144 -16.34 -3.93 -3.93
CA ALA A 144 -16.53 -4.14 -2.51
C ALA A 144 -16.79 -2.82 -1.78
N ASN A 145 -16.57 -1.71 -2.50
CA ASN A 145 -16.77 -0.38 -1.93
C ASN A 145 -15.76 -0.10 -0.83
N ALA A 146 -14.57 -0.70 -0.96
CA ALA A 146 -13.52 -0.51 0.03
C ALA A 146 -12.82 0.83 -0.18
N VAL A 147 -12.41 1.45 0.93
CA VAL A 147 -11.72 2.73 0.87
C VAL A 147 -10.32 2.58 0.33
N THR A 148 -10.12 2.95 -0.93
CA THR A 148 -8.81 2.85 -1.56
C THR A 148 -8.33 4.22 -2.04
N GLN A 149 -7.03 4.33 -2.30
CA GLN A 149 -6.44 5.57 -2.77
C GLN A 149 -5.08 5.31 -3.41
N VAL A 150 -4.96 5.63 -4.69
CA VAL A 150 -3.71 5.43 -5.42
C VAL A 150 -2.75 6.59 -5.20
N ALA A 151 -1.65 6.30 -4.52
CA ALA A 151 -0.64 7.31 -4.24
C ALA A 151 0.23 7.59 -5.46
N LYS A 152 1.11 8.57 -5.34
CA LYS A 152 2.00 8.94 -6.44
C LYS A 152 3.08 7.89 -6.63
N VAL A 153 3.76 7.95 -7.77
CA VAL A 153 4.81 6.99 -8.09
C VAL A 153 6.20 7.61 -7.91
N PHE A 154 7.18 6.77 -7.59
CA PHE A 154 8.55 7.22 -7.40
C PHE A 154 9.50 6.55 -8.38
N ASP A 155 9.20 5.31 -8.74
CA ASP A 155 10.04 4.54 -9.65
C ASP A 155 9.68 4.76 -11.11
N GLN A 156 9.06 5.89 -11.42
CA GLN A 156 8.68 6.19 -12.81
C GLN A 156 9.90 6.64 -13.62
N TYR A 157 10.93 7.14 -12.95
CA TYR A 157 12.14 7.58 -13.63
C TYR A 157 13.34 6.73 -13.22
N LEU A 158 13.14 5.85 -12.24
CA LEU A 158 14.22 4.98 -11.76
C LEU A 158 13.67 3.60 -11.38
N ASN A 159 14.57 2.69 -11.05
CA ASN A 159 14.19 1.33 -10.68
C ASN A 159 13.38 0.67 -11.78
N ALA A 20 21.25 10.37 -2.78
CA ALA A 20 20.78 10.99 -4.04
C ALA A 20 19.42 11.66 -3.86
N SER A 21 19.21 12.76 -4.57
CA SER A 21 17.95 13.49 -4.48
C SER A 21 16.80 12.61 -4.95
N ILE A 22 17.11 11.71 -5.89
CA ILE A 22 16.13 10.79 -6.42
C ILE A 22 15.70 9.77 -5.36
N ARG A 23 16.67 8.98 -4.89
CA ARG A 23 16.39 7.98 -3.87
C ARG A 23 15.61 8.58 -2.71
N GLU A 24 15.82 9.87 -2.49
CA GLU A 24 15.14 10.58 -1.42
C GLU A 24 13.63 10.60 -1.66
N ARG A 25 13.24 10.96 -2.88
CA ARG A 25 11.82 11.01 -3.23
C ARG A 25 11.17 9.64 -3.04
N GLN A 26 11.95 8.58 -3.30
CA GLN A 26 11.45 7.22 -3.15
C GLN A 26 10.90 7.02 -1.75
N THR A 27 11.66 7.46 -0.75
CA THR A 27 11.27 7.33 0.63
C THR A 27 10.11 8.26 0.96
N VAL A 28 9.93 9.32 0.16
CA VAL A 28 8.85 10.26 0.39
C VAL A 28 7.49 9.58 0.33
N ALA A 29 7.15 9.04 -0.84
CA ALA A 29 5.87 8.34 -0.99
C ALA A 29 5.77 7.20 0.02
N LEU A 30 6.90 6.57 0.30
CA LEU A 30 6.97 5.47 1.25
C LEU A 30 6.66 5.96 2.67
N LYS A 31 7.54 6.79 3.21
CA LYS A 31 7.37 7.33 4.55
C LYS A 31 5.96 7.86 4.77
N ARG A 32 5.35 8.38 3.70
CA ARG A 32 4.00 8.90 3.79
C ARG A 32 3.03 7.82 4.25
N MET A 33 3.06 6.68 3.58
CA MET A 33 2.18 5.56 3.91
C MET A 33 2.77 4.72 5.05
N LEU A 34 4.01 5.01 5.42
CA LEU A 34 4.67 4.26 6.47
C LEU A 34 4.71 5.06 7.78
N ASN A 35 4.39 6.35 7.72
CA ASN A 35 4.41 7.20 8.90
C ASN A 35 3.17 8.08 8.99
N PHE A 36 2.70 8.59 7.85
CA PHE A 36 1.52 9.45 7.85
C PHE A 36 0.26 8.60 7.72
N ASN A 37 -0.43 8.40 8.84
CA ASN A 37 -1.65 7.63 8.87
C ASN A 37 -2.82 8.43 8.32
N VAL A 38 -3.58 7.82 7.41
CA VAL A 38 -4.73 8.50 6.81
C VAL A 38 -5.88 8.63 7.81
N PRO A 39 -6.77 9.60 7.60
CA PRO A 39 -7.92 9.83 8.50
C PRO A 39 -8.83 8.60 8.58
N HIS A 40 -8.76 7.92 9.72
CA HIS A 40 -9.58 6.73 9.93
C HIS A 40 -10.57 6.94 11.07
N VAL A 41 -11.46 5.98 11.26
CA VAL A 41 -12.47 6.06 12.31
C VAL A 41 -11.85 5.77 13.68
N LYS A 42 -11.56 6.84 14.42
CA LYS A 42 -10.96 6.70 15.74
C LYS A 42 -11.96 7.10 16.83
N ASN A 43 -12.34 6.14 17.67
CA ASN A 43 -13.27 6.39 18.76
C ASN A 43 -12.54 6.60 20.08
N SER A 44 -11.53 5.78 20.32
CA SER A 44 -10.74 5.88 21.55
C SER A 44 -9.41 6.59 21.29
N PRO A 45 -9.35 7.91 21.60
CA PRO A 45 -8.13 8.70 21.39
C PRO A 45 -7.00 8.28 22.34
N GLY A 46 -5.76 8.42 21.87
CA GLY A 46 -4.63 8.05 22.68
C GLY A 46 -3.95 6.78 22.19
N GLU A 47 -4.72 5.91 21.54
CA GLU A 47 -4.19 4.66 21.02
C GLU A 47 -3.57 4.86 19.64
N PRO A 48 -2.37 4.29 19.41
CA PRO A 48 -1.67 4.41 18.12
C PRO A 48 -2.54 3.96 16.94
N VAL A 49 -2.13 4.35 15.74
CA VAL A 49 -2.87 3.99 14.54
C VAL A 49 -2.09 2.98 13.69
N TRP A 50 -2.44 1.71 13.84
CA TRP A 50 -1.77 0.65 13.08
C TRP A 50 -2.02 0.81 11.59
N LYS A 51 -1.03 0.43 10.78
CA LYS A 51 -1.15 0.53 9.33
C LYS A 51 -0.53 -0.69 8.66
N VAL A 52 -1.29 -1.31 7.76
CA VAL A 52 -0.83 -2.49 7.05
C VAL A 52 -0.13 -2.08 5.75
N LEU A 53 0.70 -2.98 5.21
CA LEU A 53 1.41 -2.70 3.98
C LEU A 53 1.50 -3.95 3.10
N ILE A 54 1.37 -3.75 1.79
CA ILE A 54 1.44 -4.83 0.82
C ILE A 54 2.39 -4.46 -0.31
N TYR A 55 3.56 -5.06 -0.32
CA TYR A 55 4.55 -4.76 -1.35
C TYR A 55 4.73 -5.92 -2.31
N ASP A 56 5.27 -5.59 -3.49
CA ASP A 56 5.51 -6.57 -4.54
C ASP A 56 6.99 -6.63 -4.87
N ARG A 57 7.33 -7.30 -5.96
CA ARG A 57 8.72 -7.43 -6.40
C ARG A 57 9.49 -6.13 -6.19
N PHE A 58 9.00 -5.04 -6.77
CA PHE A 58 9.64 -3.74 -6.62
C PHE A 58 9.38 -3.17 -5.23
N GLY A 59 8.15 -3.38 -4.75
CA GLY A 59 7.78 -2.89 -3.43
C GLY A 59 8.83 -3.19 -2.38
N GLN A 60 9.32 -4.43 -2.37
CA GLN A 60 10.35 -4.84 -1.43
C GLN A 60 11.71 -4.35 -1.89
N ASP A 61 11.83 -4.17 -3.21
CA ASP A 61 13.07 -3.70 -3.81
C ASP A 61 13.34 -2.24 -3.44
N ILE A 62 12.35 -1.58 -2.85
CA ILE A 62 12.48 -0.18 -2.48
C ILE A 62 12.28 0.03 -0.98
N ILE A 63 11.30 -0.67 -0.42
CA ILE A 63 11.00 -0.54 1.01
C ILE A 63 12.19 -0.98 1.86
N SER A 64 12.78 -2.11 1.51
CA SER A 64 13.92 -2.65 2.25
C SER A 64 15.11 -1.68 2.23
N PRO A 65 15.63 -1.32 1.04
CA PRO A 65 16.77 -0.42 0.91
C PRO A 65 16.66 0.84 1.77
N LEU A 66 15.42 1.20 2.12
CA LEU A 66 15.19 2.39 2.93
C LEU A 66 14.38 2.06 4.18
N LEU A 67 14.20 0.77 4.45
CA LEU A 67 13.43 0.33 5.61
C LEU A 67 13.77 -1.10 6.00
N SER A 68 13.51 -1.45 7.25
CA SER A 68 13.79 -2.79 7.74
C SER A 68 12.54 -3.42 8.35
N VAL A 69 12.64 -4.69 8.73
CA VAL A 69 11.52 -5.42 9.32
C VAL A 69 11.19 -4.87 10.70
N LYS A 70 12.20 -4.70 11.53
CA LYS A 70 12.01 -4.20 12.88
C LYS A 70 11.50 -2.77 12.87
N GLU A 71 11.93 -1.98 11.90
CA GLU A 71 11.46 -0.60 11.81
C GLU A 71 10.02 -0.58 11.33
N LEU A 72 9.65 -1.59 10.53
CA LEU A 72 8.30 -1.71 10.01
C LEU A 72 7.31 -1.83 11.16
N ARG A 73 7.57 -2.77 12.06
CA ARG A 73 6.70 -2.99 13.21
C ARG A 73 6.87 -1.85 14.23
N ASP A 74 8.02 -1.19 14.19
CA ASP A 74 8.31 -0.09 15.11
C ASP A 74 7.66 1.21 14.64
N MET A 75 7.38 1.29 13.34
CA MET A 75 6.76 2.49 12.78
C MET A 75 5.26 2.49 13.01
N GLY A 76 4.71 1.30 13.27
CA GLY A 76 3.29 1.19 13.50
C GLY A 76 2.60 0.31 12.48
N ILE A 77 3.27 -0.77 12.08
CA ILE A 77 2.71 -1.70 11.11
C ILE A 77 2.13 -2.94 11.79
N THR A 78 0.86 -3.23 11.49
CA THR A 78 0.19 -4.37 12.08
C THR A 78 0.37 -5.63 11.22
N LEU A 79 0.84 -5.46 9.99
CA LEU A 79 1.04 -6.60 9.09
C LEU A 79 1.64 -6.15 7.76
N HIS A 80 2.62 -6.91 7.29
CA HIS A 80 3.28 -6.63 6.03
C HIS A 80 3.55 -7.92 5.28
N LEU A 81 3.02 -8.05 4.06
CA LEU A 81 3.22 -9.26 3.29
C LEU A 81 3.20 -9.01 1.77
N LEU A 82 3.59 -10.04 1.02
CA LEU A 82 3.65 -9.99 -0.43
C LEU A 82 2.30 -10.30 -1.06
N LEU A 83 1.87 -9.47 -1.99
CA LEU A 83 0.59 -9.71 -2.67
C LEU A 83 0.56 -11.12 -3.26
N HIS A 84 1.74 -11.63 -3.55
CA HIS A 84 1.91 -12.96 -4.11
C HIS A 84 2.03 -14.00 -3.00
N SER A 85 1.29 -13.78 -1.92
CA SER A 85 1.33 -14.70 -0.79
C SER A 85 0.03 -14.69 -0.02
N ASP A 86 -0.16 -15.67 0.85
CA ASP A 86 -1.36 -15.77 1.66
C ASP A 86 -1.50 -14.55 2.57
N ARG A 87 -2.47 -13.70 2.25
CA ARG A 87 -2.70 -12.49 3.04
C ARG A 87 -3.61 -12.76 4.23
N ASP A 88 -3.48 -11.93 5.26
CA ASP A 88 -4.29 -12.07 6.46
C ASP A 88 -5.42 -11.06 6.46
N PRO A 89 -6.56 -11.40 7.07
CA PRO A 89 -7.72 -10.52 7.12
C PRO A 89 -7.67 -9.53 8.29
N ILE A 90 -7.47 -8.26 7.96
CA ILE A 90 -7.42 -7.20 8.97
C ILE A 90 -8.30 -6.03 8.55
N ARG A 91 -9.57 -6.32 8.33
CA ARG A 91 -10.55 -5.31 7.92
C ARG A 91 -10.68 -4.19 8.94
N ASP A 92 -10.27 -4.44 10.17
CA ASP A 92 -10.37 -3.45 11.23
C ASP A 92 -9.12 -2.56 11.31
N VAL A 93 -8.33 -2.53 10.25
CA VAL A 93 -7.12 -1.71 10.24
C VAL A 93 -6.79 -1.23 8.83
N PRO A 94 -6.40 0.06 8.69
CA PRO A 94 -6.05 0.64 7.39
C PRO A 94 -4.83 -0.05 6.78
N ALA A 95 -4.95 -0.48 5.52
CA ALA A 95 -3.85 -1.16 4.85
C ALA A 95 -3.18 -0.28 3.80
N VAL A 96 -2.03 -0.74 3.33
CA VAL A 96 -1.26 -0.04 2.32
C VAL A 96 -0.76 -1.01 1.26
N TYR A 97 -0.85 -0.64 -0.02
CA TYR A 97 -0.40 -1.52 -1.08
C TYR A 97 0.63 -0.84 -1.99
N PHE A 98 1.87 -0.78 -1.53
CA PHE A 98 2.95 -0.17 -2.31
C PHE A 98 3.52 -1.20 -3.28
N VAL A 99 2.92 -1.29 -4.46
CA VAL A 99 3.35 -2.25 -5.47
C VAL A 99 3.32 -1.67 -6.88
N MET A 100 3.78 -2.47 -7.85
CA MET A 100 3.81 -2.05 -9.24
C MET A 100 2.46 -2.24 -9.90
N PRO A 101 2.05 -1.31 -10.79
CA PRO A 101 0.77 -1.41 -11.48
C PRO A 101 0.81 -2.35 -12.69
N THR A 102 1.41 -3.51 -12.51
CA THR A 102 1.49 -4.49 -13.58
C THR A 102 0.16 -5.20 -13.74
N GLU A 103 -0.10 -5.71 -14.94
CA GLU A 103 -1.35 -6.42 -15.24
C GLU A 103 -1.72 -7.38 -14.11
N GLU A 104 -0.74 -8.16 -13.66
CA GLU A 104 -0.95 -9.11 -12.58
C GLU A 104 -1.23 -8.41 -11.25
N ASN A 105 -0.64 -7.23 -11.07
CA ASN A 105 -0.83 -6.47 -9.85
C ASN A 105 -2.22 -5.86 -9.80
N ILE A 106 -2.72 -5.42 -10.95
CA ILE A 106 -4.06 -4.84 -11.01
C ILE A 106 -5.09 -5.87 -10.58
N ASP A 107 -4.82 -7.13 -10.90
CA ASP A 107 -5.71 -8.22 -10.53
C ASP A 107 -5.66 -8.44 -9.03
N ARG A 108 -4.49 -8.18 -8.43
CA ARG A 108 -4.31 -8.35 -6.99
C ARG A 108 -5.18 -7.35 -6.23
N LEU A 109 -5.25 -6.12 -6.72
CA LEU A 109 -6.07 -5.09 -6.09
C LEU A 109 -7.52 -5.53 -6.06
N CYS A 110 -8.00 -5.99 -7.21
CA CYS A 110 -9.36 -6.46 -7.34
C CYS A 110 -9.58 -7.72 -6.51
N GLN A 111 -8.51 -8.49 -6.33
CA GLN A 111 -8.58 -9.71 -5.54
C GLN A 111 -8.68 -9.40 -4.06
N ASP A 112 -7.83 -8.50 -3.59
CA ASP A 112 -7.82 -8.12 -2.18
C ASP A 112 -8.93 -7.13 -1.87
N LEU A 113 -9.23 -6.25 -2.81
CA LEU A 113 -10.28 -5.25 -2.62
C LEU A 113 -11.63 -5.93 -2.42
N ARG A 114 -11.83 -7.07 -3.07
CA ARG A 114 -13.08 -7.80 -2.96
C ARG A 114 -13.08 -8.66 -1.69
N ASN A 115 -11.90 -9.17 -1.34
CA ASN A 115 -11.76 -10.00 -0.15
C ASN A 115 -12.03 -9.21 1.11
N GLN A 116 -11.90 -7.88 1.03
CA GLN A 116 -12.13 -7.01 2.18
C GLN A 116 -11.15 -7.36 3.29
N LEU A 117 -9.92 -7.69 2.91
CA LEU A 117 -8.89 -8.06 3.87
C LEU A 117 -8.65 -6.93 4.86
N TYR A 118 -8.50 -5.71 4.35
CA TYR A 118 -8.25 -4.56 5.21
C TYR A 118 -9.24 -3.43 4.93
N GLU A 119 -9.38 -2.51 5.87
CA GLU A 119 -10.31 -1.38 5.74
C GLU A 119 -9.84 -0.40 4.66
N SER A 120 -8.57 -0.01 4.73
CA SER A 120 -8.02 0.93 3.78
C SER A 120 -7.15 0.22 2.76
N TYR A 121 -6.70 0.95 1.74
CA TYR A 121 -5.86 0.39 0.70
C TYR A 121 -4.93 1.44 0.09
N TYR A 122 -4.05 2.00 0.92
CA TYR A 122 -3.10 3.00 0.47
C TYR A 122 -2.23 2.43 -0.65
N LEU A 123 -2.71 2.54 -1.89
CA LEU A 123 -1.97 2.02 -3.03
C LEU A 123 -0.81 2.92 -3.41
N ASN A 124 0.23 2.33 -3.97
CA ASN A 124 1.41 3.05 -4.41
C ASN A 124 2.07 2.34 -5.57
N PHE A 125 1.99 2.94 -6.74
CA PHE A 125 2.57 2.34 -7.95
C PHE A 125 4.03 2.73 -8.12
N ILE A 126 4.85 1.73 -8.45
CA ILE A 126 6.29 1.94 -8.65
C ILE A 126 6.57 2.55 -10.02
N SER A 127 5.76 2.20 -11.01
CA SER A 127 5.94 2.71 -12.36
C SER A 127 4.80 3.65 -12.77
N ALA A 128 4.84 4.09 -14.03
CA ALA A 128 3.82 5.00 -14.55
C ALA A 128 2.62 4.23 -15.09
N ILE A 129 1.63 4.01 -14.24
CA ILE A 129 0.42 3.30 -14.65
C ILE A 129 -0.42 4.16 -15.59
N SER A 130 -1.31 3.52 -16.34
CA SER A 130 -2.16 4.23 -17.28
C SER A 130 -3.61 4.28 -16.80
N ARG A 131 -4.39 5.20 -17.36
CA ARG A 131 -5.79 5.35 -16.97
C ARG A 131 -6.55 4.04 -17.14
N SER A 132 -6.20 3.28 -18.17
CA SER A 132 -6.85 1.99 -18.43
C SER A 132 -6.68 1.06 -17.24
N LYS A 133 -5.42 0.77 -16.90
CA LYS A 133 -5.13 -0.12 -15.78
C LYS A 133 -5.52 0.54 -14.46
N LEU A 134 -5.43 1.86 -14.40
CA LEU A 134 -5.78 2.60 -13.21
C LEU A 134 -7.26 2.43 -12.90
N GLU A 135 -8.12 2.78 -13.86
CA GLU A 135 -9.55 2.65 -13.68
C GLU A 135 -9.89 1.25 -13.18
N ASP A 136 -9.12 0.27 -13.63
CA ASP A 136 -9.32 -1.11 -13.22
C ASP A 136 -9.15 -1.23 -11.71
N ILE A 137 -8.21 -0.46 -11.16
CA ILE A 137 -7.97 -0.47 -9.73
C ILE A 137 -9.15 0.13 -8.98
N ALA A 138 -9.54 1.34 -9.38
CA ALA A 138 -10.64 2.03 -8.74
C ALA A 138 -11.89 1.16 -8.72
N ASN A 139 -12.13 0.44 -9.82
CA ASN A 139 -13.29 -0.43 -9.92
C ASN A 139 -13.08 -1.68 -9.08
N ALA A 140 -11.84 -2.13 -8.99
CA ALA A 140 -11.52 -3.30 -8.19
C ALA A 140 -12.10 -3.13 -6.78
N ALA A 141 -12.09 -1.88 -6.31
CA ALA A 141 -12.62 -1.55 -4.99
C ALA A 141 -14.13 -1.37 -5.05
N LEU A 142 -14.60 -0.66 -6.09
CA LEU A 142 -16.02 -0.40 -6.26
C LEU A 142 -16.84 -1.68 -6.12
N ALA A 143 -16.21 -2.81 -6.44
CA ALA A 143 -16.89 -4.10 -6.34
C ALA A 143 -17.17 -4.46 -4.88
N ALA A 144 -16.29 -3.99 -3.99
CA ALA A 144 -16.45 -4.26 -2.56
C ALA A 144 -16.49 -2.96 -1.75
N ASN A 145 -16.75 -1.84 -2.44
CA ASN A 145 -16.81 -0.54 -1.79
C ASN A 145 -15.64 -0.34 -0.84
N ALA A 146 -14.50 -0.91 -1.20
CA ALA A 146 -13.29 -0.79 -0.38
C ALA A 146 -12.62 0.56 -0.59
N VAL A 147 -12.14 1.15 0.50
CA VAL A 147 -11.47 2.45 0.45
C VAL A 147 -10.07 2.32 -0.14
N THR A 148 -9.90 2.79 -1.37
CA THR A 148 -8.61 2.73 -2.04
C THR A 148 -8.12 4.12 -2.44
N GLN A 149 -6.81 4.25 -2.57
CA GLN A 149 -6.20 5.52 -2.97
C GLN A 149 -4.82 5.27 -3.56
N VAL A 150 -4.64 5.65 -4.82
CA VAL A 150 -3.37 5.45 -5.50
C VAL A 150 -2.45 6.65 -5.29
N ALA A 151 -1.38 6.43 -4.53
CA ALA A 151 -0.41 7.49 -4.25
C ALA A 151 0.50 7.74 -5.45
N LYS A 152 1.42 8.69 -5.30
CA LYS A 152 2.35 9.02 -6.37
C LYS A 152 3.39 7.93 -6.57
N VAL A 153 4.09 7.99 -7.70
CA VAL A 153 5.11 7.01 -8.03
C VAL A 153 6.51 7.57 -7.79
N PHE A 154 7.45 6.67 -7.48
CA PHE A 154 8.83 7.07 -7.24
C PHE A 154 9.78 6.39 -8.23
N ASP A 155 9.40 5.19 -8.68
CA ASP A 155 10.22 4.44 -9.60
C ASP A 155 9.81 4.68 -11.05
N GLN A 156 9.08 5.75 -11.29
CA GLN A 156 8.62 6.09 -12.62
C GLN A 156 9.78 6.57 -13.49
N TYR A 157 10.79 7.14 -12.85
CA TYR A 157 11.95 7.66 -13.56
C TYR A 157 13.19 6.80 -13.27
N LEU A 158 13.19 6.10 -12.13
CA LEU A 158 14.31 5.25 -11.76
C LEU A 158 13.83 3.87 -11.33
N ASN A 159 14.77 3.05 -10.85
CA ASN A 159 14.44 1.70 -10.40
C ASN A 159 13.85 0.88 -11.54
N ALA A 20 21.49 10.29 -3.09
CA ALA A 20 20.98 10.68 -4.43
C ALA A 20 19.69 11.48 -4.31
N SER A 21 19.48 12.41 -5.25
CA SER A 21 18.29 13.23 -5.25
C SER A 21 17.05 12.39 -5.57
N ILE A 22 17.17 11.55 -6.58
CA ILE A 22 16.06 10.69 -6.98
C ILE A 22 15.66 9.73 -5.86
N ARG A 23 16.61 8.91 -5.42
CA ARG A 23 16.33 7.95 -4.35
C ARG A 23 15.69 8.63 -3.15
N GLU A 24 15.98 9.91 -2.98
CA GLU A 24 15.40 10.67 -1.87
C GLU A 24 13.89 10.77 -2.05
N ARG A 25 13.46 11.03 -3.29
CA ARG A 25 12.04 11.15 -3.58
C ARG A 25 11.35 9.81 -3.36
N GLN A 26 12.09 8.72 -3.56
CA GLN A 26 11.55 7.38 -3.36
C GLN A 26 11.03 7.25 -1.94
N THR A 27 11.84 7.69 -0.98
CA THR A 27 11.46 7.62 0.42
C THR A 27 10.30 8.55 0.72
N VAL A 28 10.15 9.62 -0.06
CA VAL A 28 9.06 10.56 0.14
C VAL A 28 7.72 9.84 0.11
N ALA A 29 7.42 9.23 -1.02
CA ALA A 29 6.16 8.49 -1.17
C ALA A 29 6.05 7.39 -0.11
N LEU A 30 7.20 6.86 0.30
CA LEU A 30 7.25 5.80 1.30
C LEU A 30 6.96 6.35 2.69
N LYS A 31 7.86 7.19 3.20
CA LYS A 31 7.69 7.77 4.52
C LYS A 31 6.31 8.41 4.66
N ARG A 32 5.79 8.93 3.56
CA ARG A 32 4.48 9.56 3.55
C ARG A 32 3.40 8.57 3.99
N MET A 33 3.38 7.41 3.34
CA MET A 33 2.40 6.37 3.67
C MET A 33 2.86 5.53 4.84
N LEU A 34 4.13 5.66 5.21
CA LEU A 34 4.70 4.91 6.31
C LEU A 34 4.64 5.71 7.62
N ASN A 35 4.30 6.99 7.53
CA ASN A 35 4.24 7.84 8.71
C ASN A 35 2.90 8.56 8.82
N PHE A 36 2.39 9.05 7.69
CA PHE A 36 1.13 9.77 7.70
C PHE A 36 -0.04 8.80 7.53
N ASN A 37 -0.70 8.49 8.65
CA ASN A 37 -1.83 7.57 8.64
C ASN A 37 -3.07 8.26 8.07
N VAL A 38 -3.78 7.55 7.19
CA VAL A 38 -4.98 8.11 6.57
C VAL A 38 -6.12 8.17 7.58
N PRO A 39 -7.07 9.11 7.39
CA PRO A 39 -8.22 9.27 8.29
C PRO A 39 -8.92 7.95 8.58
N HIS A 40 -8.83 7.50 9.83
CA HIS A 40 -9.46 6.25 10.25
C HIS A 40 -10.47 6.50 11.36
N VAL A 41 -11.44 5.60 11.48
CA VAL A 41 -12.47 5.72 12.51
C VAL A 41 -12.03 5.06 13.81
N LYS A 42 -12.02 5.84 14.88
CA LYS A 42 -11.63 5.33 16.19
C LYS A 42 -12.84 5.18 17.11
N ASN A 43 -13.08 3.96 17.57
CA ASN A 43 -14.20 3.69 18.45
C ASN A 43 -13.86 4.04 19.90
N SER A 44 -12.87 3.36 20.45
CA SER A 44 -12.44 3.60 21.83
C SER A 44 -11.18 4.45 21.87
N PRO A 45 -11.31 5.75 22.24
CA PRO A 45 -10.16 6.66 22.32
C PRO A 45 -9.04 6.11 23.20
N GLY A 46 -7.80 6.24 22.73
CA GLY A 46 -6.67 5.76 23.48
C GLY A 46 -5.87 4.71 22.72
N GLU A 47 -6.53 4.02 21.79
CA GLU A 47 -5.88 3.00 20.99
C GLU A 47 -5.16 3.62 19.79
N PRO A 48 -3.83 3.44 19.70
CA PRO A 48 -3.03 3.99 18.60
C PRO A 48 -3.60 3.62 17.23
N VAL A 49 -3.09 4.26 16.18
CA VAL A 49 -3.55 4.00 14.83
C VAL A 49 -2.53 3.18 14.06
N TRP A 50 -2.80 1.88 13.91
CA TRP A 50 -1.89 0.99 13.20
C TRP A 50 -2.10 1.11 11.69
N LYS A 51 -1.14 0.59 10.92
CA LYS A 51 -1.22 0.65 9.47
C LYS A 51 -0.62 -0.59 8.83
N VAL A 52 -1.22 -1.04 7.73
CA VAL A 52 -0.75 -2.21 7.01
C VAL A 52 -0.09 -1.81 5.70
N LEU A 53 0.71 -2.70 5.12
CA LEU A 53 1.38 -2.41 3.87
C LEU A 53 1.48 -3.67 3.00
N ILE A 54 1.26 -3.49 1.70
CA ILE A 54 1.35 -4.58 0.73
C ILE A 54 2.28 -4.17 -0.40
N TYR A 55 3.44 -4.80 -0.46
CA TYR A 55 4.41 -4.47 -1.51
C TYR A 55 4.60 -5.61 -2.49
N ASP A 56 4.99 -5.24 -3.71
CA ASP A 56 5.23 -6.21 -4.78
C ASP A 56 6.73 -6.43 -4.95
N ARG A 57 7.09 -7.09 -6.05
CA ARG A 57 8.50 -7.36 -6.35
C ARG A 57 9.34 -6.09 -6.16
N PHE A 58 8.92 -5.03 -6.84
CA PHE A 58 9.62 -3.75 -6.75
C PHE A 58 9.39 -3.11 -5.39
N GLY A 59 8.18 -3.27 -4.86
CA GLY A 59 7.85 -2.71 -3.55
C GLY A 59 8.92 -3.00 -2.52
N GLN A 60 9.36 -4.25 -2.47
CA GLN A 60 10.40 -4.65 -1.54
C GLN A 60 11.74 -4.09 -2.00
N ASP A 61 11.89 -3.97 -3.32
CA ASP A 61 13.11 -3.43 -3.92
C ASP A 61 13.34 -1.98 -3.52
N ILE A 62 12.33 -1.36 -2.91
CA ILE A 62 12.42 0.04 -2.51
C ILE A 62 12.19 0.22 -1.01
N ILE A 63 11.23 -0.52 -0.48
CA ILE A 63 10.91 -0.44 0.94
C ILE A 63 12.11 -0.82 1.81
N SER A 64 12.74 -1.95 1.48
CA SER A 64 13.88 -2.43 2.23
C SER A 64 15.06 -1.44 2.21
N PRO A 65 15.56 -1.07 1.02
CA PRO A 65 16.69 -0.15 0.90
C PRO A 65 16.53 1.10 1.76
N LEU A 66 15.29 1.44 2.10
CA LEU A 66 15.03 2.60 2.93
C LEU A 66 14.17 2.22 4.15
N LEU A 67 14.18 0.93 4.49
CA LEU A 67 13.40 0.44 5.61
C LEU A 67 13.72 -1.01 5.95
N SER A 68 13.47 -1.41 7.18
CA SER A 68 13.73 -2.78 7.62
C SER A 68 12.51 -3.37 8.33
N VAL A 69 12.64 -4.62 8.77
CA VAL A 69 11.55 -5.31 9.45
C VAL A 69 11.25 -4.67 10.80
N LYS A 70 12.30 -4.44 11.58
CA LYS A 70 12.14 -3.83 12.90
C LYS A 70 11.69 -2.38 12.80
N GLU A 71 12.12 -1.70 11.74
CA GLU A 71 11.72 -0.31 11.54
C GLU A 71 10.28 -0.27 11.05
N LEU A 72 9.90 -1.31 10.30
CA LEU A 72 8.56 -1.44 9.78
C LEU A 72 7.54 -1.39 10.91
N ARG A 73 7.76 -2.24 11.92
CA ARG A 73 6.86 -2.30 13.06
C ARG A 73 7.10 -1.14 14.02
N ASP A 74 8.31 -0.58 13.98
CA ASP A 74 8.66 0.54 14.84
C ASP A 74 8.02 1.84 14.36
N MET A 75 7.58 1.87 13.11
CA MET A 75 6.94 3.05 12.56
C MET A 75 5.44 3.06 12.83
N GLY A 76 4.90 1.87 13.12
CA GLY A 76 3.49 1.77 13.40
C GLY A 76 2.78 0.84 12.44
N ILE A 77 3.47 -0.20 11.99
CA ILE A 77 2.88 -1.16 11.06
C ILE A 77 2.38 -2.40 11.79
N THR A 78 1.11 -2.74 11.56
CA THR A 78 0.51 -3.90 12.20
C THR A 78 0.76 -5.17 11.39
N LEU A 79 1.08 -5.02 10.10
CA LEU A 79 1.32 -6.17 9.25
C LEU A 79 1.80 -5.75 7.87
N HIS A 80 2.81 -6.44 7.38
CA HIS A 80 3.37 -6.18 6.06
C HIS A 80 3.66 -7.48 5.33
N LEU A 81 3.00 -7.70 4.20
CA LEU A 81 3.20 -8.93 3.45
C LEU A 81 3.24 -8.69 1.94
N LEU A 82 3.62 -9.73 1.21
CA LEU A 82 3.73 -9.68 -0.24
C LEU A 82 2.43 -10.08 -0.92
N LEU A 83 2.03 -9.33 -1.96
CA LEU A 83 0.82 -9.67 -2.69
C LEU A 83 0.83 -11.15 -3.07
N HIS A 84 2.03 -11.70 -3.19
CA HIS A 84 2.21 -13.10 -3.53
C HIS A 84 2.38 -13.94 -2.27
N SER A 85 1.66 -13.57 -1.23
CA SER A 85 1.73 -14.28 0.05
C SER A 85 0.37 -14.33 0.71
N ASP A 86 0.26 -15.08 1.80
CA ASP A 86 -0.99 -15.21 2.52
C ASP A 86 -1.27 -13.95 3.34
N ARG A 87 -2.16 -13.10 2.83
CA ARG A 87 -2.52 -11.86 3.49
C ARG A 87 -3.26 -12.12 4.80
N ASP A 88 -3.35 -11.08 5.61
CA ASP A 88 -4.03 -11.17 6.90
C ASP A 88 -5.34 -10.37 6.87
N PRO A 89 -6.45 -10.96 7.34
CA PRO A 89 -7.74 -10.28 7.35
C PRO A 89 -7.91 -9.36 8.54
N ILE A 90 -7.92 -8.05 8.27
CA ILE A 90 -8.08 -7.05 9.33
C ILE A 90 -9.04 -5.94 8.89
N ARG A 91 -10.24 -5.93 9.46
CA ARG A 91 -11.23 -4.92 9.11
C ARG A 91 -11.10 -3.67 9.95
N ASP A 92 -10.45 -3.80 11.10
CA ASP A 92 -10.28 -2.67 12.01
C ASP A 92 -8.88 -2.06 11.90
N VAL A 93 -8.27 -2.17 10.72
CA VAL A 93 -6.94 -1.63 10.51
C VAL A 93 -6.74 -1.18 9.06
N PRO A 94 -6.24 0.06 8.86
CA PRO A 94 -5.99 0.60 7.52
C PRO A 94 -4.82 -0.12 6.85
N ALA A 95 -4.88 -0.28 5.54
CA ALA A 95 -3.82 -0.98 4.81
C ALA A 95 -3.23 -0.13 3.70
N VAL A 96 -2.00 -0.47 3.33
CA VAL A 96 -1.28 0.21 2.26
C VAL A 96 -0.87 -0.79 1.20
N TYR A 97 -0.98 -0.42 -0.06
CA TYR A 97 -0.64 -1.33 -1.14
C TYR A 97 0.37 -0.70 -2.11
N PHE A 98 1.61 -0.53 -1.65
CA PHE A 98 2.66 0.02 -2.49
C PHE A 98 3.22 -1.08 -3.37
N VAL A 99 2.52 -1.39 -4.46
CA VAL A 99 2.91 -2.46 -5.36
C VAL A 99 3.08 -1.98 -6.81
N MET A 100 3.52 -2.88 -7.67
CA MET A 100 3.73 -2.57 -9.08
C MET A 100 2.42 -2.38 -9.82
N PRO A 101 2.41 -1.53 -10.86
CA PRO A 101 1.23 -1.27 -11.66
C PRO A 101 1.15 -2.20 -12.87
N THR A 102 1.47 -3.47 -12.64
CA THR A 102 1.46 -4.47 -13.68
C THR A 102 0.10 -5.15 -13.78
N GLU A 103 -0.23 -5.65 -14.97
CA GLU A 103 -1.50 -6.33 -15.20
C GLU A 103 -1.85 -7.27 -14.06
N GLU A 104 -0.87 -8.07 -13.63
CA GLU A 104 -1.08 -9.01 -12.54
C GLU A 104 -1.42 -8.27 -11.26
N ASN A 105 -0.70 -7.17 -11.00
CA ASN A 105 -0.94 -6.37 -9.81
C ASN A 105 -2.35 -5.79 -9.82
N ILE A 106 -2.83 -5.44 -11.01
CA ILE A 106 -4.16 -4.87 -11.14
C ILE A 106 -5.22 -5.85 -10.63
N ASP A 107 -4.99 -7.13 -10.89
CA ASP A 107 -5.91 -8.17 -10.44
C ASP A 107 -5.77 -8.38 -8.94
N ARG A 108 -4.58 -8.10 -8.41
CA ARG A 108 -4.31 -8.24 -6.98
C ARG A 108 -5.05 -7.18 -6.19
N LEU A 109 -5.31 -6.03 -6.82
CA LEU A 109 -6.03 -4.95 -6.17
C LEU A 109 -7.51 -5.30 -6.05
N CYS A 110 -8.06 -5.85 -7.14
CA CYS A 110 -9.46 -6.25 -7.16
C CYS A 110 -9.68 -7.47 -6.29
N GLN A 111 -8.67 -8.33 -6.22
CA GLN A 111 -8.76 -9.53 -5.40
C GLN A 111 -8.71 -9.18 -3.93
N ASP A 112 -7.86 -8.22 -3.58
CA ASP A 112 -7.71 -7.79 -2.19
C ASP A 112 -8.78 -6.77 -1.82
N LEU A 113 -9.20 -5.97 -2.80
CA LEU A 113 -10.21 -4.95 -2.57
C LEU A 113 -11.59 -5.56 -2.37
N ARG A 114 -11.82 -6.73 -2.96
CA ARG A 114 -13.10 -7.41 -2.84
C ARG A 114 -13.16 -8.22 -1.54
N ASN A 115 -12.03 -8.83 -1.18
CA ASN A 115 -11.95 -9.63 0.03
C ASN A 115 -12.15 -8.76 1.27
N GLN A 116 -11.83 -7.47 1.14
CA GLN A 116 -11.96 -6.55 2.27
C GLN A 116 -10.99 -6.93 3.38
N LEU A 117 -9.85 -7.48 2.98
CA LEU A 117 -8.83 -7.92 3.93
C LEU A 117 -8.41 -6.77 4.84
N TYR A 118 -8.50 -5.54 4.35
CA TYR A 118 -8.11 -4.38 5.13
C TYR A 118 -9.06 -3.21 4.92
N GLU A 119 -9.36 -2.50 6.01
CA GLU A 119 -10.27 -1.36 5.97
C GLU A 119 -9.87 -0.34 4.89
N SER A 120 -8.60 0.04 4.88
CA SER A 120 -8.11 1.01 3.91
C SER A 120 -7.20 0.33 2.88
N TYR A 121 -6.81 1.07 1.85
CA TYR A 121 -5.96 0.54 0.80
C TYR A 121 -5.09 1.63 0.17
N TYR A 122 -4.13 2.14 0.95
CA TYR A 122 -3.23 3.17 0.46
C TYR A 122 -2.41 2.62 -0.71
N LEU A 123 -2.97 2.71 -1.92
CA LEU A 123 -2.30 2.20 -3.10
C LEU A 123 -1.12 3.08 -3.51
N ASN A 124 -0.12 2.45 -4.13
CA ASN A 124 1.07 3.16 -4.59
C ASN A 124 1.78 2.34 -5.65
N PHE A 125 1.78 2.83 -6.88
CA PHE A 125 2.41 2.14 -7.99
C PHE A 125 3.84 2.60 -8.20
N ILE A 126 4.75 1.64 -8.41
CA ILE A 126 6.16 1.96 -8.63
C ILE A 126 6.38 2.47 -10.06
N SER A 127 5.47 2.14 -10.96
CA SER A 127 5.57 2.57 -12.35
C SER A 127 4.43 3.53 -12.71
N ALA A 128 4.51 4.10 -13.90
CA ALA A 128 3.49 5.04 -14.36
C ALA A 128 2.30 4.32 -14.97
N ILE A 129 1.38 3.87 -14.12
CA ILE A 129 0.18 3.16 -14.58
C ILE A 129 -0.65 4.07 -15.49
N SER A 130 -1.52 3.45 -16.29
CA SER A 130 -2.37 4.20 -17.21
C SER A 130 -3.81 4.30 -16.70
N ARG A 131 -4.55 5.29 -17.19
CA ARG A 131 -5.94 5.49 -16.79
C ARG A 131 -6.75 4.21 -16.94
N SER A 132 -6.44 3.43 -17.98
CA SER A 132 -7.14 2.18 -18.22
C SER A 132 -6.92 1.22 -17.06
N LYS A 133 -5.66 0.87 -16.82
CA LYS A 133 -5.31 -0.03 -15.73
C LYS A 133 -5.75 0.56 -14.40
N LEU A 134 -5.62 1.87 -14.26
CA LEU A 134 -6.01 2.56 -13.03
C LEU A 134 -7.48 2.36 -12.74
N GLU A 135 -8.31 2.50 -13.79
CA GLU A 135 -9.75 2.33 -13.65
C GLU A 135 -10.08 0.97 -13.06
N ASP A 136 -9.30 -0.04 -13.43
CA ASP A 136 -9.49 -1.40 -12.94
C ASP A 136 -9.38 -1.43 -11.41
N ILE A 137 -8.27 -0.89 -10.90
CA ILE A 137 -8.04 -0.86 -9.46
C ILE A 137 -9.06 0.05 -8.77
N ALA A 138 -9.35 1.19 -9.39
CA ALA A 138 -10.31 2.13 -8.83
C ALA A 138 -11.65 1.42 -8.63
N ASN A 139 -12.08 0.70 -9.65
CA ASN A 139 -13.33 -0.03 -9.59
C ASN A 139 -13.18 -1.28 -8.74
N ALA A 140 -11.96 -1.83 -8.70
CA ALA A 140 -11.69 -3.00 -7.90
C ALA A 140 -12.22 -2.81 -6.49
N ALA A 141 -12.16 -1.56 -6.02
CA ALA A 141 -12.62 -1.21 -4.69
C ALA A 141 -14.11 -0.90 -4.70
N LEU A 142 -14.56 -0.24 -5.76
CA LEU A 142 -15.96 0.12 -5.91
C LEU A 142 -16.87 -1.10 -5.77
N ALA A 143 -16.34 -2.26 -6.14
CA ALA A 143 -17.10 -3.50 -6.04
C ALA A 143 -17.31 -3.88 -4.58
N ALA A 144 -16.36 -3.49 -3.74
CA ALA A 144 -16.43 -3.78 -2.31
C ALA A 144 -16.53 -2.50 -1.48
N ASN A 145 -16.75 -1.37 -2.15
CA ASN A 145 -16.86 -0.08 -1.48
C ASN A 145 -15.74 0.11 -0.47
N ALA A 146 -14.57 -0.44 -0.79
CA ALA A 146 -13.42 -0.33 0.09
C ALA A 146 -12.67 0.99 -0.15
N VAL A 147 -12.41 1.71 0.94
CA VAL A 147 -11.70 2.98 0.85
C VAL A 147 -10.32 2.79 0.23
N THR A 148 -10.15 3.30 -0.99
CA THR A 148 -8.88 3.18 -1.70
C THR A 148 -8.29 4.55 -2.03
N GLN A 149 -7.00 4.56 -2.33
CA GLN A 149 -6.31 5.80 -2.68
C GLN A 149 -4.99 5.49 -3.38
N VAL A 150 -4.86 5.94 -4.62
CA VAL A 150 -3.65 5.69 -5.40
C VAL A 150 -2.64 6.81 -5.21
N ALA A 151 -1.52 6.48 -4.58
CA ALA A 151 -0.47 7.45 -4.31
C ALA A 151 0.37 7.72 -5.55
N LYS A 152 1.37 8.59 -5.40
CA LYS A 152 2.25 8.94 -6.52
C LYS A 152 3.33 7.89 -6.71
N VAL A 153 4.01 7.94 -7.86
CA VAL A 153 5.05 6.99 -8.18
C VAL A 153 6.44 7.61 -8.02
N PHE A 154 7.41 6.77 -7.68
CA PHE A 154 8.79 7.22 -7.51
C PHE A 154 9.73 6.50 -8.45
N ASP A 155 9.50 5.21 -8.63
CA ASP A 155 10.34 4.37 -9.50
C ASP A 155 10.04 4.58 -10.98
N GLN A 156 9.19 5.54 -11.30
CA GLN A 156 8.83 5.80 -12.68
C GLN A 156 10.06 6.17 -13.53
N TYR A 157 11.10 6.71 -12.90
CA TYR A 157 12.30 7.10 -13.63
C TYR A 157 13.52 6.28 -13.17
N LEU A 158 13.36 5.49 -12.11
CA LEU A 158 14.46 4.67 -11.60
C LEU A 158 13.97 3.30 -11.15
N ASN A 159 14.90 2.50 -10.63
CA ASN A 159 14.56 1.15 -10.15
C ASN A 159 14.04 0.28 -11.29
#